data_8TAS
#
_entry.id   8TAS
#
_cell.length_a   1.00
_cell.length_b   1.00
_cell.length_c   1.00
_cell.angle_alpha   90.00
_cell.angle_beta   90.00
_cell.angle_gamma   90.00
#
_symmetry.space_group_name_H-M   'P 1'
#
loop_
_entity.id
_entity.type
_entity.pdbx_description
1 polymer 'Polycomb protein SUZ12'
2 polymer 'Histone-lysine N-methyltransferase EZH2'
3 polymer 'Polycomb protein EED'
4 polymer 'Histone H3.2'
5 polymer 'DNA (226-MER)'
6 polymer 'Histone H4'
7 polymer 'Histone H2A'
8 polymer 'Histone H2B 1.1'
9 polymer 'DNA (226-MER)'
10 polymer 'Histone-binding protein RBBP4'
11 polymer 'Zinc finger protein AEBP2'
12 non-polymer S-ADENOSYL-L-HOMOCYSTEINE
#
loop_
_entity_poly.entity_id
_entity_poly.type
_entity_poly.pdbx_seq_one_letter_code
_entity_poly.pdbx_strand_id
1 'polypeptide(L)'
;MVLPVKKPKMEHVQADHELFLQAFEKPTQIYRFLRTRNLIAPIFLHRTLTYMSHRNSRTNIKRKTFKVDDMLSKVEKMKG
EQESHSLSAHLQLTFTGFFHKNDKPSPNSENEQNSVTLEVLLVKVCHKKRKDVSCPIRQVPTGKKQVPLNPDLNQTKPGN
FPSLAVSSNEFEPSNSHMVKSYSLLFRVTRPGRREFNGMINGETNENIDVNEELPARRKRNREDGEKTFVAQMTVFDKNR
RLQLLDGEYEVAMQEMEECPISKKRATWETILDGKRLPPFETFSQGPTLQFTLRWTGETNDKSTAPIAKPLATRNSESLH
QENKPGSVKPTQTIAVKESLTTDLQTRKEKDTPNENRQKLRIFYQFLYNNNTRQQTEARDDLHCPWCTLNCRKLYSLLKH
LKLCHSRFIFNYVYHPKGARIDVSINECYDGSYAGNPQDIHRQPGFAFSRNGPVKRTPITHILVCRPKRTKASMSEFLES
EDGEVEQQRTYSSGHNRLYFHSDTCLPLRPQEMEVDSEDEKDPEWLREKTITQIEEFSDVNEGEKEVMKLWNLHVMKHGF
IADNQMNHACMLFVENYGQKIIKKNLCRNFMLHLVSMHDFNLISIMSIDKAVTKLREMQ
;
D
2 'polypeptide(L)'
;SNAGQTGKKSEKGPVACRKRVKSEYMRLRQLKRFRRADEVKSMFSSNRQKILERTEILNQEWKQRRIQPVHILTSVSSLR
GTRECSVTSDLDFPTQVIPLKTLNAVASVPIMYSWSPLQQNFMVEDETVLHNIPYMGDEVLDQDGTFIEELIKNYDGKVH
GDRECGFINDEIFVELVNALGQYNDDDDDDDGDDPEEREEKQKDLEDHRDDKESRPPRKFPSDKIFEAISSMFPDKGTAE
ELKEKYKELTEQQLPGALPPECTPNIDGPNAKSVQREQSLHSFHTLFCRRCFKYDCFLHRKCNYSFHATPNTYKRKNTET
ALDNKPCGPQCYQHLEGAKEFAAALTAERIKTPPKRPGGRRRGRLPNNSSRPSTPTINVLESKDTDSDREAGTETGGENN
DKEEEEKKDETSSSSEANSRCQTPIKMKPNIEPPENVEWSGAEASMFRVLIGTYYDNFCAIARLIGTKTCRQVYEFRVKE
SSIIAPAPAEDVDTPPRKKKRKHRLWAAHCRKIQLKKDGSSNHVYNYQPCDHPRQPCDSSCPCVIAQNFCEKFCQCSSEC
QNRFPGCRCKAQCNTKQCPCYLAVRECDPDLCLTCGAADHWDSKNVSCKNCSIQRGSKKHLLLAPSDVAGWGIFIKDPVQ
KNEFISEYCGEIISQDEADRRGKVYDKYMCSFLFNLNNDFVVDATRKGNKIRFANHSVNPNCYAKVMMVNGDHRIGIFAK
RAIQTGEELFFDYRYSQADALKYVGIEREMEIP
;
E
3 'polypeptide(L)'
;MSEREVSTAPAGTDMPAAKKQKLSSDENSNPDLSGDENDDAVSIESGTNTERPDTPTNTPNAPGRKSWGKGKWKSKKCKY
SFKCVNSLKEDHNQPLFGVQFNWHSKEGDPLVFATVGSNRVTLYECHSQGEIRLLQSYVDADADENFYTCAWTYDSNTSH
PLLAVAGSRGIIRIINPITMQCIKHYVGHGNAINELKFHPRDPNLLLSVSKDHALRLWNIQTDTLVAIFGGVEGHRDEVL
SADYDLLGEKIMSCGMDHSLKLWRINSKRMMNAIKESYDYNPNKTNRPFISQKIHFPDFSTRDIHRNYVDCVRWLGDLIL
SKSCENAIVCWKPGKMEDDIDKIKPSESNVTILGRFDYSQCDIWYMRFSMDFWQKMLALGNQVGKLYVWDLEVEDPHKAK
CTTLTHHKCGAAIRQTSFSRDSSILIAVCDDASIWRWDRLR
;
G
4 'polypeptide(L)'
;MARTKQTARKSTGGKAPRKQLATKAARKSAPATGGVKKPHRYRPGTVALREIRRYQKSTELLIRKLPFQRLVREIAQDFK
TDLRFQSSAVMALQEASEAYLVALFEDTNLCAIHAKRVTIMPKDIQLARRIRGERA
;
I,W
5 'polydeoxyribonucleotide'
;(DA)(DT)(DC)(DG)(DG)(DG)(DA)(DG)(DC)(DT)(DC)(DC)(DG)(DA)(DC)(DC)(DG)(DA)(DA)(DT)
(DG)(DA)(DC)(DA)(DT)(DG)(DC)(DA)(DT)(DG)(DC)(DA)(DT)(DA)(DC)(DA)(DG)(DG)(DA)(DT)
(DG)(DT)(DA)(DT)(DA)(DT)(DA)(DC)(DC)(DT)(DG)(DA)(DC)(DA)(DC)(DG)(DT)(DG)(DC)(DC)
(DT)(DG)(DG)(DA)(DG)(DA)(DC)(DT)(DA)(DG)(DG)(DG)(DA)(DG)(DT)(DA)(DA)(DC)(DC)(DC)
(DC)(DC)(DT)(DT)(DG)(DG)(DC)(DG)(DG)(DT)(DT)(DA)(DA)(DA)(DA)(DC)(DG)(DC)(DG)(DG)
(DG)(DG)(DG)(DA)(DC)(DA)(DG)(DC)(DG)(DC)(DG)(DT)(DA)(DC)(DG)(DT)(DG)(DC)(DG)(DT)
(DT)(DT)(DA)(DA)(DG)(DC)(DG)(DG)(DT)(DG)(DC)(DT)(DA)(DG)(DA)(DG)(DC)(DT)(DG)(DC)
(DC)(DT)(DA)(DC)(DG)(DA)(DC)(DC)(DA)(DA)(DT)(DG)(DG)(DA)(DG)(DC)(DG)(DG)(DC)(DC)
(DT)(DC)(DG)(DG)(DC)(DA)(DC)(DC)(DG)(DG)(DG)(DA)(DT)(DC)(DC)(DC)(DC)(DC)(DA)(DG)
(DC)(DC)(DG)(DC)(DC)(DG)(DG)(DC)(DA)(DG)(DC)(DG)(DC)(DA)(DG)(DC)(DG)(DC)(DC)(DT)
(DG)(DA)(DC)(DG)(DG)(DG)(DC)(DA)(DC)(DA)(DC)(DA)(DG)(DT)(DC)
;
H
6 'polypeptide(L)'
;MSGRGKGGKGLGKGGAKRHRKVLRDNIQGITKPAIRRLARRGGVKRISGLIYEETRGVLKVFLENVIRDAVTYTEHAKRK
TVTAMDVVYALKRQGRTLYGFGGSSG
;
J,X
7 'polypeptide(L)'
;SNAMSGRGKQGGKTRAKAKTRSSRAGLQFPVGRVHRLLRKGNYAERVGAGAPVYLAAVLEYLTAEILELAGNAARDNKKT
RIIPRHLQLAVRNDEELNKLLGRVTIAQGGVLPNIQSVLLPKCTESSKSAKSK
;
R,U
8 'polypeptide(L)'
;MAKSAPAPKKGSKKAVTKTQKKDGKKRRKTRKESYAIYVYKVLKQVHPDTGISSKAMSIMNSFVNDVFERIAGEASRLAH
YNKRSTITSREIQTAVRLLLPGELAKHAVSEGTKAVTKYTSAK
;
S,V
9 'polydeoxyribonucleotide'
;(DG)(DA)(DC)(DT)(DG)(DT)(DG)(DT)(DG)(DC)(DC)(DC)(DG)(DT)(DC)(DA)(DG)(DA)(DC)(DG)
(DC)(DT)(DG)(DC)(DG)(DC)(DC)(DG)(DC)(DC)(DG)(DG)(DC)(DG)(DG)(DC)(DC)(DG)(DG)(DA)
(DG)(DA)(DA)(DT)(DC)(DC)(DC)(DG)(DG)(DT)(DG)(DC)(DC)(DG)(DA)(DG)(DG)(DC)(DC)(DG)
(DC)(DC)(DC)(DT)(DA)(DT)(DT)(DG)(DG)(DT)(DC)(DG)(DT)(DA)(DG)(DA)(DC)(DA)(DG)(DC)
(DC)(DC)(DC)(DA)(DG)(DC)(DA)(DC)(DC)(DG)(DC)(DC)(DT)(DA)(DA)(DA)(DC)(DG)(DC)(DA)
(DC)(DG)(DT)(DA)(DC)(DG)(DC)(DG)(DC)(DC)(DG)(DT)(DC)(DC)(DC)(DC)(DC)(DG)(DC)(DG)
(DT)(DT)(DT)(DT)(DA)(DA)(DC)(DC)(DG)(DC)(DC)(DA)(DA)(DG)(DG)(DG)(DG)(DA)(DT)(DT)
(DA)(DC)(DC)(DC)(DC)(DC)(DC)(DA)(DG)(DT)(DC)(DC)(DC)(DC)(DA)(DG)(DG)(DC)(DA)(DC)
(DG)(DT)(DG)(DC)(DC)(DA)(DG)(DA)(DT)(DA)(DT)(DA)(DT)(DA)(DC)(DA)(DT)(DC)(DC)(DC)
(DG)(DT)(DA)(DC)(DG)(DC)(DA)(DC)(DG)(DC)(DA)(DC)(DA)(DT)(DC)(DA)(DT)(DT)(DC)(DG)
(DA)(DT)(DC)(DG)(DG)(DA)(DG)(DC)(DT)(DC)(DC)(DC)(DG)(DA)(DT)
;
T
10 'polypeptide(L)'
;MADKEAAFDDAVEERVINEEYKIWKKNTPFLYDLVMTHALEWPSLTAQWLPDVTRPEGKDFSIHRLVLGTHTSDEQNHLV
IASVQLPNDDAQFDASHYDSEKGEFGGFGSVSGKIEIEIKINHEGEVNRARYMPQNPCIIATKTPSSDVLVFDYTKHPSK
PDPSGECNPDLRLRGHQKEGYGLSWNPNLSGHLLSASDDHTICLWDISAVPKEGKVVDAKTIFTGHTAVVEDVSWHLLHE
SLFGSVADDQKLMIWDTRSNNTSKPSHSVDAHTAEVNCLSFNPYSEFILATGSADKTVALWDLRNLKLKLHSFESHKDEI
FQVQWSPHNETILASSGTDRRLNVWDLSKIGEEQSPEDAEDGPPELLFIHGGHTAKISDFSWNPNEPWVICSVSEDNIMQ
VWQMAENIYNDEDPEGSVDPEGQGS
;
O
11 'polypeptide(L)'
;SNAYTRRYSSISSTIMDVDSTISSGRSTPAMMNGQGSTTSSSKNIAYNCCWDQCQACFNSSPDLADHIRSIHVDGQRGGV
FVCLWKGCKVYNTPSTSQSWLQRHMLTHSGDKPFKCVVGGCNASFASQGGLARHVPTHFSQQNSSKVSSQPKAKEESPSK
AGMNKRRKLKNKRRRSLPRPHDFFDAQTLDAIRHRAICFNLSAHIESLGKGHSVVFHSTVIAKRKEDSGKIKLLLHWMPE
DILPDVWVNESERHQLKTKVVHLSKLPKDTALLLDPNIYRTMPQKRLKRTLIRKVFNLYLSKQ
;
Y
#
# COMPACT_ATOMS: atom_id res chain seq x y z
N ALA A 15 37.26 -34.95 -30.38
CA ALA A 15 36.52 -35.88 -31.22
C ALA A 15 36.62 -35.50 -32.69
N ASP A 16 35.75 -36.09 -33.52
CA ASP A 16 35.75 -35.80 -34.94
C ASP A 16 35.31 -34.35 -35.19
N HIS A 17 36.03 -33.66 -36.08
CA HIS A 17 35.66 -32.30 -36.42
C HIS A 17 34.43 -32.23 -37.31
N GLU A 18 34.00 -33.36 -37.89
CA GLU A 18 32.78 -33.37 -38.68
C GLU A 18 31.57 -33.01 -37.81
N LEU A 19 31.49 -33.60 -36.62
CA LEU A 19 30.43 -33.23 -35.69
C LEU A 19 30.73 -31.90 -35.01
N PHE A 20 32.01 -31.54 -34.90
CA PHE A 20 32.36 -30.20 -34.42
C PHE A 20 31.85 -29.14 -35.38
N LEU A 21 32.13 -29.31 -36.67
CA LEU A 21 31.57 -28.41 -37.67
C LEU A 21 30.05 -28.46 -37.64
N GLN A 22 29.49 -29.67 -37.51
CA GLN A 22 28.05 -29.90 -37.65
C GLN A 22 27.25 -28.97 -36.75
N ALA A 23 27.77 -28.66 -35.56
CA ALA A 23 27.08 -27.73 -34.67
C ALA A 23 27.11 -26.30 -35.21
N PHE A 24 28.06 -25.99 -36.09
CA PHE A 24 28.36 -24.60 -36.39
C PHE A 24 27.92 -24.13 -37.77
N GLU A 25 27.53 -25.01 -38.69
CA GLU A 25 27.10 -24.52 -40.00
C GLU A 25 25.84 -23.67 -39.87
N LYS A 26 24.90 -24.09 -39.03
CA LYS A 26 23.63 -23.39 -38.91
C LYS A 26 23.85 -21.92 -38.54
N PRO A 27 24.68 -21.61 -37.53
CA PRO A 27 25.04 -20.19 -37.36
C PRO A 27 25.88 -19.66 -38.51
N THR A 28 26.75 -20.48 -39.09
CA THR A 28 27.63 -20.02 -40.16
C THR A 28 26.84 -19.76 -41.44
N GLN A 29 25.98 -20.70 -41.83
CA GLN A 29 25.21 -20.52 -43.06
C GLN A 29 24.23 -19.36 -42.94
N ILE A 30 23.67 -19.14 -41.75
CA ILE A 30 22.80 -17.99 -41.54
C ILE A 30 23.57 -16.69 -41.78
N TYR A 31 24.78 -16.60 -41.21
CA TYR A 31 25.58 -15.40 -41.40
C TYR A 31 26.06 -15.27 -42.84
N ARG A 32 26.33 -16.39 -43.51
CA ARG A 32 26.62 -16.34 -44.95
C ARG A 32 25.42 -15.82 -45.72
N PHE A 33 24.22 -16.27 -45.36
CA PHE A 33 23.00 -15.75 -45.98
C PHE A 33 22.71 -14.32 -45.56
N LEU A 34 23.09 -13.93 -44.33
CA LEU A 34 22.88 -12.55 -43.90
C LEU A 34 23.78 -11.59 -44.64
N ARG A 35 25.04 -11.97 -44.88
CA ARG A 35 25.97 -11.09 -45.58
C ARG A 35 25.47 -10.79 -46.99
N THR A 36 24.98 -11.82 -47.69
CA THR A 36 24.49 -11.61 -49.05
C THR A 36 23.32 -10.64 -49.07
N ARG A 37 22.41 -10.76 -48.12
CA ARG A 37 21.28 -9.84 -48.04
C ARG A 37 21.73 -8.47 -47.53
N ASN A 38 22.57 -8.45 -46.50
CA ASN A 38 22.99 -7.18 -45.92
C ASN A 38 23.83 -6.35 -46.88
N LEU A 39 24.75 -6.98 -47.60
CA LEU A 39 25.57 -6.24 -48.55
C LEU A 39 24.75 -5.72 -49.73
N ILE A 40 23.55 -6.26 -49.94
CA ILE A 40 22.64 -5.75 -50.96
C ILE A 40 21.58 -4.85 -50.34
N ALA A 41 21.03 -5.24 -49.19
CA ALA A 41 20.03 -4.47 -48.47
C ALA A 41 20.53 -4.23 -47.05
N PRO A 42 21.30 -3.17 -46.84
CA PRO A 42 21.89 -2.92 -45.52
C PRO A 42 20.84 -2.51 -44.49
N ILE A 43 21.20 -2.69 -43.23
CA ILE A 43 20.36 -2.29 -42.11
C ILE A 43 20.87 -0.96 -41.58
N PHE A 44 22.18 -0.75 -41.71
CA PHE A 44 22.82 0.48 -41.24
C PHE A 44 23.95 0.84 -42.20
N LEU A 45 24.35 2.11 -42.15
CA LEU A 45 25.45 2.60 -42.97
C LEU A 45 26.77 2.23 -42.31
N HIS A 46 27.65 1.56 -43.07
CA HIS A 46 28.95 1.19 -42.54
C HIS A 46 29.85 2.40 -42.37
N ARG A 47 29.60 3.46 -43.14
CA ARG A 47 30.44 4.66 -43.06
C ARG A 47 30.04 5.60 -41.92
N THR A 48 28.93 5.33 -41.24
CA THR A 48 28.57 6.07 -40.04
C THR A 48 29.22 5.48 -38.78
N LEU A 49 29.96 4.38 -38.92
CA LEU A 49 30.60 3.74 -37.79
C LEU A 49 31.68 4.64 -37.21
N THR A 50 31.65 4.82 -35.89
CA THR A 50 32.64 5.69 -35.23
C THR A 50 34.03 5.09 -35.29
N TYR A 51 34.16 3.78 -35.13
CA TYR A 51 35.47 3.14 -35.15
C TYR A 51 36.02 2.96 -36.56
N MET A 52 35.26 3.29 -37.59
CA MET A 52 35.75 3.36 -38.97
C MET A 52 35.46 4.73 -39.56
N SER A 53 35.81 5.79 -38.82
CA SER A 53 35.45 7.15 -39.18
C SER A 53 36.21 7.68 -40.39
N HIS A 54 37.21 6.97 -40.89
CA HIS A 54 37.90 7.41 -42.11
C HIS A 54 36.93 7.52 -43.28
N ARG A 55 35.89 6.70 -43.29
CA ARG A 55 34.80 6.87 -44.23
C ARG A 55 33.98 8.10 -43.84
N ASN A 56 33.61 8.90 -44.85
CA ASN A 56 32.86 10.14 -44.63
C ASN A 56 33.58 11.06 -43.65
N SER A 57 34.91 11.14 -43.78
CA SER A 57 35.70 12.00 -42.92
C SER A 57 35.54 13.48 -43.25
N ARG A 58 34.94 13.79 -44.41
CA ARG A 58 34.75 15.18 -44.80
C ARG A 58 33.75 15.87 -43.87
N THR A 59 34.01 17.13 -43.56
CA THR A 59 33.11 17.91 -42.73
C THR A 59 31.85 18.27 -43.50
N ASN A 60 30.76 18.45 -42.77
CA ASN A 60 29.47 18.80 -43.38
C ASN A 60 29.37 20.31 -43.50
N ILE A 61 29.61 20.83 -44.70
CA ILE A 61 29.51 22.26 -44.96
C ILE A 61 28.07 22.60 -45.33
N LYS A 62 27.26 22.94 -44.33
CA LYS A 62 25.86 23.28 -44.59
C LYS A 62 25.70 24.62 -45.29
N ARG A 63 26.73 25.47 -45.27
CA ARG A 63 26.61 26.80 -45.86
C ARG A 63 26.53 26.74 -47.38
N LYS A 64 26.87 25.60 -47.98
CA LYS A 64 26.85 25.46 -49.42
C LYS A 64 25.48 25.82 -49.99
N THR A 65 25.49 26.70 -50.99
CA THR A 65 24.25 27.11 -51.64
C THR A 65 23.71 26.00 -52.53
N PHE A 66 22.40 26.03 -52.76
CA PHE A 66 21.73 25.01 -53.54
C PHE A 66 21.07 25.55 -54.81
N LYS A 67 21.03 26.87 -54.99
CA LYS A 67 20.46 27.43 -56.21
C LYS A 67 21.36 27.18 -57.41
N VAL A 68 22.65 26.90 -57.17
CA VAL A 68 23.58 26.64 -58.26
C VAL A 68 23.28 25.31 -58.94
N ASP A 69 22.46 24.46 -58.33
CA ASP A 69 22.11 23.18 -58.95
C ASP A 69 21.41 23.38 -60.28
N ASP A 70 20.59 24.43 -60.40
CA ASP A 70 19.91 24.70 -61.66
C ASP A 70 20.90 25.03 -62.77
N MET A 71 21.89 25.88 -62.47
CA MET A 71 22.90 26.21 -63.47
C MET A 71 23.79 25.01 -63.78
N LEU A 72 24.23 24.28 -62.75
CA LEU A 72 25.10 23.14 -62.97
C LEU A 72 24.40 22.06 -63.79
N SER A 73 23.13 21.78 -63.47
CA SER A 73 22.39 20.78 -64.20
C SER A 73 21.95 21.28 -65.57
N LYS A 74 21.78 22.60 -65.71
CA LYS A 74 21.48 23.16 -67.03
C LYS A 74 22.62 22.91 -68.00
N VAL A 75 23.86 23.05 -67.53
CA VAL A 75 25.02 22.75 -68.35
C VAL A 75 25.04 21.27 -68.72
N GLU A 76 24.61 20.41 -67.78
CA GLU A 76 24.58 18.98 -68.04
C GLU A 76 23.65 18.66 -69.20
N LYS A 77 22.46 19.28 -69.24
CA LYS A 77 21.53 19.05 -70.33
C LYS A 77 22.06 19.62 -71.64
N MET A 78 22.71 20.78 -71.60
CA MET A 78 23.31 21.32 -72.82
C MET A 78 24.39 20.40 -73.36
N LYS A 79 25.23 19.86 -72.47
CA LYS A 79 26.20 18.85 -72.88
C LYS A 79 25.51 17.55 -73.29
N GLY A 80 24.43 17.21 -72.59
CA GLY A 80 23.76 15.94 -72.81
C GLY A 80 22.50 16.00 -73.66
N GLU A 81 22.41 17.00 -74.52
CA GLU A 81 21.27 17.08 -75.44
C GLU A 81 21.30 15.89 -76.39
N GLN A 82 20.14 15.24 -76.55
CA GLN A 82 20.05 13.98 -77.28
C GLN A 82 19.02 14.06 -78.39
N GLU A 83 19.31 13.38 -79.49
CA GLU A 83 18.38 13.21 -80.59
C GLU A 83 18.74 11.93 -81.33
N SER A 84 17.79 11.41 -82.10
CA SER A 84 17.96 10.14 -82.79
C SER A 84 17.63 10.32 -84.26
N HIS A 85 18.19 9.42 -85.07
CA HIS A 85 17.97 9.47 -86.51
C HIS A 85 16.51 9.14 -86.85
N SER A 86 16.04 9.72 -87.93
CA SER A 86 14.70 9.46 -88.44
C SER A 86 14.72 9.42 -89.96
N HIS A 90 12.64 6.59 -87.73
CA HIS A 90 12.22 5.84 -88.90
C HIS A 90 13.30 4.83 -89.31
N LEU A 91 13.31 3.69 -88.62
CA LEU A 91 14.30 2.65 -88.84
C LEU A 91 14.03 1.93 -90.15
N GLN A 92 15.11 1.49 -90.80
CA GLN A 92 15.03 0.70 -92.02
C GLN A 92 16.11 -0.37 -91.98
N LEU A 93 15.86 -1.44 -92.72
CA LEU A 93 16.79 -2.56 -92.74
C LEU A 93 16.58 -3.39 -93.98
N THR A 94 17.66 -4.06 -94.42
CA THR A 94 17.62 -5.00 -95.53
C THR A 94 17.55 -6.42 -94.99
N PHE A 95 17.32 -7.36 -95.90
CA PHE A 95 17.36 -8.77 -95.54
C PHE A 95 18.57 -9.45 -96.19
N THR A 96 19.16 -10.39 -95.44
CA THR A 96 20.33 -11.11 -95.92
C THR A 96 20.18 -12.57 -95.49
N GLY A 97 20.89 -13.45 -96.21
CA GLY A 97 20.69 -14.88 -96.12
C GLY A 97 20.76 -15.52 -94.74
N PHE A 98 19.77 -16.36 -94.45
CA PHE A 98 19.75 -17.16 -93.23
C PHE A 98 20.75 -18.30 -93.35
N PHE A 99 21.34 -18.69 -92.22
CA PHE A 99 22.33 -19.75 -92.21
C PHE A 99 21.96 -20.80 -91.18
N HIS A 100 21.93 -22.06 -91.62
CA HIS A 100 21.72 -23.19 -90.73
C HIS A 100 22.21 -24.46 -91.43
N LYS A 101 22.49 -25.48 -90.63
CA LYS A 101 22.99 -26.75 -91.14
C LYS A 101 21.94 -27.44 -92.00
N VAL A 116 12.67 -22.20 -95.27
CA VAL A 116 11.47 -21.83 -94.53
C VAL A 116 11.50 -20.34 -94.17
N THR A 117 10.33 -19.72 -94.18
CA THR A 117 10.24 -18.28 -93.98
C THR A 117 10.54 -17.91 -92.53
N LEU A 118 10.80 -16.63 -92.32
CA LEU A 118 11.08 -16.08 -91.00
C LEU A 118 10.15 -14.92 -90.71
N GLU A 119 9.81 -14.73 -89.43
CA GLU A 119 8.92 -13.67 -89.00
C GLU A 119 9.60 -12.84 -87.92
N VAL A 120 9.23 -11.57 -87.86
CA VAL A 120 9.81 -10.62 -86.90
C VAL A 120 8.67 -9.95 -86.15
N LEU A 121 8.89 -9.74 -84.85
CA LEU A 121 7.89 -9.12 -83.98
C LEU A 121 8.54 -8.01 -83.15
N LEU A 122 7.73 -7.01 -82.79
CA LEU A 122 8.15 -5.89 -81.96
C LEU A 122 7.40 -5.94 -80.64
N VAL A 123 8.11 -5.74 -79.54
CA VAL A 123 7.54 -5.85 -78.20
C VAL A 123 7.80 -4.56 -77.44
N LYS A 124 6.87 -4.20 -76.57
CA LYS A 124 6.99 -3.00 -75.74
C LYS A 124 6.97 -3.42 -74.27
N VAL A 125 7.86 -2.82 -73.48
CA VAL A 125 8.00 -3.14 -72.05
C VAL A 125 7.58 -1.92 -71.25
N CYS A 126 6.81 -2.14 -70.19
CA CYS A 126 6.36 -1.07 -69.31
C CYS A 126 6.71 -1.42 -67.87
N HIS A 127 6.93 -0.39 -67.06
CA HIS A 127 7.30 -0.59 -65.67
C HIS A 127 6.09 -1.06 -64.86
N LYS A 128 6.39 -1.66 -63.70
CA LYS A 128 5.35 -2.14 -62.81
C LYS A 128 4.72 -0.99 -62.04
N LYS A 129 3.40 -0.94 -62.04
CA LYS A 129 2.66 0.09 -61.33
C LYS A 129 2.32 -0.38 -59.92
N ARG A 130 1.40 0.34 -59.26
CA ARG A 130 1.09 0.05 -57.86
C ARG A 130 0.32 -1.25 -57.71
N LYS A 131 -0.68 -1.48 -58.56
CA LYS A 131 -1.63 -2.56 -58.33
C LYS A 131 -1.14 -3.91 -58.86
N ASP A 132 -0.37 -3.93 -59.94
CA ASP A 132 0.01 -5.20 -60.56
C ASP A 132 1.07 -5.91 -59.74
N VAL A 133 1.16 -7.22 -59.94
CA VAL A 133 2.19 -8.03 -59.28
C VAL A 133 3.51 -7.96 -60.05
N SER A 134 3.46 -7.70 -61.36
CA SER A 134 4.67 -7.68 -62.18
C SER A 134 4.51 -6.67 -63.30
N CYS A 135 5.64 -6.31 -63.90
CA CYS A 135 5.66 -5.31 -64.97
C CYS A 135 4.96 -5.85 -66.21
N PRO A 136 4.03 -5.09 -66.81
CA PRO A 136 3.33 -5.57 -68.00
C PRO A 136 4.19 -5.48 -69.25
N ILE A 137 3.90 -6.39 -70.19
CA ILE A 137 4.61 -6.46 -71.47
C ILE A 137 3.58 -6.73 -72.57
N ARG A 138 3.69 -5.97 -73.67
CA ARG A 138 2.76 -6.07 -74.78
C ARG A 138 3.51 -6.24 -76.08
N GLN A 139 2.95 -7.04 -76.99
CA GLN A 139 3.60 -7.41 -78.24
C GLN A 139 2.74 -7.02 -79.43
N VAL A 140 3.39 -6.62 -80.50
CA VAL A 140 2.72 -6.30 -81.77
C VAL A 140 3.50 -6.94 -82.92
N PRO A 141 2.83 -7.33 -84.02
CA PRO A 141 3.56 -7.87 -85.17
C PRO A 141 4.09 -6.77 -86.08
N THR A 142 5.39 -6.81 -86.41
CA THR A 142 5.97 -5.75 -87.22
C THR A 142 6.12 -6.13 -88.69
N GLY A 143 6.22 -7.43 -89.00
CA GLY A 143 6.32 -7.83 -90.39
C GLY A 143 6.85 -9.24 -90.51
N LYS A 144 7.21 -9.60 -91.74
CA LYS A 144 7.71 -10.92 -92.07
C LYS A 144 8.48 -10.83 -93.39
N LYS A 145 9.14 -11.94 -93.74
CA LYS A 145 9.90 -12.01 -94.97
C LYS A 145 9.99 -13.48 -95.42
N GLN A 146 9.99 -13.68 -96.74
CA GLN A 146 10.15 -15.00 -97.31
C GLN A 146 11.64 -15.36 -97.37
N VAL A 147 12.15 -15.76 -96.21
CA VAL A 147 13.54 -16.19 -96.08
C VAL A 147 13.67 -17.56 -96.75
N PRO A 148 14.64 -17.75 -97.64
CA PRO A 148 14.82 -19.07 -98.27
C PRO A 148 15.31 -20.10 -97.26
N LEU A 149 15.40 -21.35 -97.73
CA LEU A 149 15.84 -22.44 -96.86
C LEU A 149 17.35 -22.40 -96.68
N ASN A 150 17.81 -21.67 -95.66
CA ASN A 150 19.23 -21.47 -95.39
C ASN A 150 19.98 -20.96 -96.63
N PRO A 151 19.65 -19.76 -97.12
CA PRO A 151 20.34 -19.25 -98.31
C PRO A 151 21.79 -18.86 -98.02
N ASP A 152 22.74 -19.58 -98.63
CA ASP A 152 24.15 -19.34 -98.35
C ASP A 152 24.72 -18.20 -99.18
N LEU A 153 24.75 -18.36 -100.50
CA LEU A 153 25.38 -17.38 -101.38
C LEU A 153 24.75 -17.47 -102.77
N ASN A 154 24.72 -16.33 -103.47
CA ASN A 154 24.21 -16.25 -104.83
C ASN A 154 22.81 -16.86 -104.94
N GLN A 155 21.93 -16.47 -104.03
CA GLN A 155 20.65 -17.15 -103.88
C GLN A 155 19.55 -16.48 -104.69
N THR A 156 19.46 -15.16 -104.65
CA THR A 156 18.38 -14.45 -105.32
C THR A 156 18.84 -13.07 -105.72
N LYS A 157 18.12 -12.47 -106.66
CA LYS A 157 18.40 -11.12 -107.11
C LYS A 157 17.78 -10.11 -106.15
N PRO A 162 18.11 -7.30 -100.94
CA PRO A 162 17.29 -6.70 -101.98
C PRO A 162 15.84 -6.50 -101.55
N SER A 163 15.53 -6.89 -100.32
CA SER A 163 14.19 -6.73 -99.76
C SER A 163 14.27 -5.81 -98.55
N LEU A 164 13.24 -4.98 -98.39
CA LEU A 164 13.24 -3.90 -97.40
C LEU A 164 12.05 -4.05 -96.46
N ALA A 165 12.30 -3.88 -95.17
CA ALA A 165 11.23 -3.77 -94.18
C ALA A 165 11.20 -2.35 -93.66
N VAL A 166 10.03 -1.72 -93.69
CA VAL A 166 9.90 -0.31 -93.34
C VAL A 166 9.37 -0.19 -91.92
N SER A 167 10.06 0.62 -91.11
CA SER A 167 9.64 0.95 -89.76
C SER A 167 9.41 2.45 -89.65
N SER A 168 8.26 2.81 -89.10
CA SER A 168 7.90 4.21 -88.94
C SER A 168 8.36 4.72 -87.58
N ASN A 169 7.89 5.91 -87.19
CA ASN A 169 8.24 6.47 -85.90
C ASN A 169 7.41 5.82 -84.79
N GLU A 170 7.48 4.50 -84.69
CA GLU A 170 6.76 3.79 -83.64
C GLU A 170 7.37 4.08 -82.27
N PHE A 171 8.69 4.18 -82.17
CA PHE A 171 9.33 4.60 -80.94
C PHE A 171 9.01 6.06 -80.66
N GLU A 172 8.83 6.39 -79.38
CA GLU A 172 8.45 7.74 -79.02
C GLU A 172 9.11 8.12 -77.71
N PRO A 173 9.86 9.22 -77.67
CA PRO A 173 10.49 9.63 -76.39
C PRO A 173 9.49 9.88 -75.28
N SER A 174 8.33 10.45 -75.60
CA SER A 174 7.31 10.69 -74.59
C SER A 174 6.78 9.37 -74.03
N ASN A 175 6.52 8.41 -74.91
CA ASN A 175 6.06 7.10 -74.46
C ASN A 175 7.13 6.38 -73.64
N SER A 176 8.38 6.47 -74.09
CA SER A 176 9.48 5.84 -73.37
C SER A 176 9.73 6.47 -72.01
N HIS A 177 9.18 7.66 -71.74
CA HIS A 177 9.26 8.21 -70.40
C HIS A 177 8.30 7.50 -69.46
N MET A 178 7.20 6.97 -70.00
CA MET A 178 6.19 6.28 -69.21
C MET A 178 6.40 4.78 -69.16
N VAL A 179 7.04 4.18 -70.17
CA VAL A 179 7.25 2.75 -70.24
C VAL A 179 8.73 2.46 -70.45
N LYS A 180 9.10 1.21 -70.21
CA LYS A 180 10.48 0.79 -70.39
C LYS A 180 10.85 0.76 -71.88
N SER A 181 12.12 0.54 -72.14
CA SER A 181 12.61 0.53 -73.51
C SER A 181 12.03 -0.65 -74.29
N TYR A 182 11.86 -0.45 -75.59
CA TYR A 182 11.27 -1.46 -76.44
C TYR A 182 12.31 -2.52 -76.82
N SER A 183 11.80 -3.64 -77.34
CA SER A 183 12.64 -4.74 -77.81
C SER A 183 11.95 -5.39 -79.01
N LEU A 184 12.62 -6.38 -79.59
CA LEU A 184 12.11 -7.06 -80.77
C LEU A 184 12.26 -8.58 -80.62
N LEU A 185 11.34 -9.30 -81.24
CA LEU A 185 11.33 -10.76 -81.23
C LEU A 185 11.43 -11.28 -82.65
N PHE A 186 12.06 -12.45 -82.82
CA PHE A 186 12.28 -13.04 -84.13
C PHE A 186 11.79 -14.49 -84.11
N ARG A 187 11.04 -14.86 -85.13
CA ARG A 187 10.43 -16.19 -85.21
C ARG A 187 10.64 -16.75 -86.61
N VAL A 188 10.81 -18.06 -86.71
CA VAL A 188 10.96 -18.70 -88.02
C VAL A 188 9.79 -19.63 -88.28
N PHE A 229 12.02 -21.86 -82.80
CA PHE A 229 12.90 -20.89 -83.43
C PHE A 229 12.65 -19.50 -82.87
N VAL A 230 13.41 -19.10 -81.85
CA VAL A 230 13.13 -17.88 -81.09
C VAL A 230 14.40 -17.05 -80.99
N ALA A 231 14.23 -15.73 -80.94
CA ALA A 231 15.31 -14.79 -80.68
C ALA A 231 14.72 -13.48 -80.17
N GLN A 232 15.57 -12.68 -79.54
CA GLN A 232 15.12 -11.41 -78.98
C GLN A 232 16.24 -10.38 -79.12
N MET A 233 15.84 -9.11 -79.22
CA MET A 233 16.78 -8.01 -79.37
C MET A 233 16.10 -6.73 -78.90
N THR A 234 16.84 -5.93 -78.14
CA THR A 234 16.33 -4.71 -77.55
C THR A 234 16.97 -3.49 -78.22
N VAL A 235 16.21 -2.39 -78.24
CA VAL A 235 16.59 -1.24 -79.06
C VAL A 235 17.10 -0.08 -78.22
N PHE A 236 16.59 0.11 -77.01
CA PHE A 236 16.85 1.33 -76.26
C PHE A 236 17.32 0.97 -74.85
N ASP A 237 18.03 1.90 -74.22
CA ASP A 237 18.58 1.72 -72.89
C ASP A 237 18.15 2.83 -71.96
N LYS A 238 18.36 2.60 -70.66
CA LYS A 238 17.96 3.58 -69.65
C LYS A 238 18.81 4.85 -69.69
N ASN A 239 19.99 4.79 -70.32
CA ASN A 239 20.86 5.96 -70.40
C ASN A 239 20.40 6.99 -71.42
N ARG A 240 19.20 6.81 -71.99
CA ARG A 240 18.65 7.72 -73.01
C ARG A 240 19.53 7.78 -74.25
N ARG A 241 20.25 6.68 -74.53
CA ARG A 241 21.10 6.57 -75.70
C ARG A 241 20.68 5.36 -76.52
N LEU A 242 20.79 5.49 -77.84
CA LEU A 242 20.39 4.41 -78.74
C LEU A 242 21.46 3.34 -78.78
N GLN A 243 21.05 2.08 -78.56
CA GLN A 243 22.00 0.98 -78.55
C GLN A 243 22.49 0.64 -79.95
N LEU A 244 21.58 0.55 -80.91
CA LEU A 244 21.93 0.11 -82.25
C LEU A 244 22.22 1.30 -83.15
N LEU A 245 22.59 0.99 -84.39
CA LEU A 245 22.89 2.02 -85.39
C LEU A 245 22.89 1.35 -86.76
N ASP A 246 23.35 2.08 -87.77
CA ASP A 246 23.23 1.67 -89.16
C ASP A 246 24.22 0.58 -89.55
N GLY A 247 24.84 -0.07 -88.57
CA GLY A 247 25.80 -1.12 -88.84
C GLY A 247 25.14 -2.39 -89.32
N GLU A 248 25.97 -3.41 -89.54
CA GLU A 248 25.51 -4.72 -89.97
C GLU A 248 25.29 -5.61 -88.75
N TYR A 249 24.29 -6.48 -88.82
CA TYR A 249 23.90 -7.28 -87.66
C TYR A 249 23.61 -8.72 -88.04
N GLU A 250 24.13 -9.65 -87.25
CA GLU A 250 23.88 -11.07 -87.45
C GLU A 250 23.48 -11.68 -86.12
N VAL A 251 22.19 -11.97 -85.99
CA VAL A 251 21.61 -12.47 -84.74
C VAL A 251 21.47 -13.98 -84.84
N ALA A 252 21.90 -14.68 -83.79
CA ALA A 252 21.79 -16.12 -83.73
C ALA A 252 20.34 -16.54 -83.44
N MET A 253 20.07 -17.82 -83.59
CA MET A 253 18.73 -18.35 -83.38
C MET A 253 18.80 -19.54 -82.44
N GLN A 254 17.84 -19.60 -81.53
CA GLN A 254 17.58 -20.79 -80.75
C GLN A 254 16.27 -21.40 -81.23
N GLU A 255 15.86 -22.52 -80.63
CA GLU A 255 14.63 -23.20 -81.05
C GLU A 255 13.81 -23.56 -79.82
N MET A 256 12.49 -23.38 -79.94
CA MET A 256 11.54 -23.73 -78.89
C MET A 256 11.89 -23.09 -77.55
N GLN A 285 27.12 -19.91 -84.93
CA GLN A 285 26.67 -21.13 -84.27
C GLN A 285 25.15 -21.25 -84.30
N GLY A 286 24.65 -22.43 -84.67
CA GLY A 286 23.23 -22.66 -84.77
C GLY A 286 22.62 -21.87 -85.91
N PRO A 287 21.29 -21.85 -85.97
CA PRO A 287 20.62 -20.98 -86.95
C PRO A 287 20.93 -19.52 -86.64
N THR A 288 20.99 -18.70 -87.68
CA THR A 288 21.29 -17.29 -87.50
C THR A 288 20.71 -16.51 -88.67
N LEU A 289 20.48 -15.21 -88.43
CA LEU A 289 19.96 -14.30 -89.45
C LEU A 289 20.89 -13.09 -89.58
N GLN A 290 21.02 -12.59 -90.82
CA GLN A 290 21.94 -11.51 -91.15
C GLN A 290 21.14 -10.35 -91.73
N PHE A 291 21.47 -9.13 -91.31
CA PHE A 291 20.83 -7.93 -91.86
C PHE A 291 21.69 -6.73 -91.51
N THR A 292 21.31 -5.57 -92.06
CA THR A 292 21.95 -4.30 -91.75
C THR A 292 20.86 -3.24 -91.60
N LEU A 293 21.17 -2.20 -90.83
CA LEU A 293 20.18 -1.19 -90.47
C LEU A 293 20.51 0.12 -91.18
N ARG A 294 19.48 0.93 -91.45
CA ARG A 294 19.68 2.30 -91.88
C ARG A 294 18.45 3.13 -91.51
N TRP A 295 18.46 4.39 -91.96
CA TRP A 295 17.41 5.35 -91.63
C TRP A 295 17.01 6.08 -92.90
N THR A 296 15.81 5.77 -93.42
CA THR A 296 15.27 6.49 -94.55
C THR A 296 13.74 6.37 -94.61
N LEU A 360 50.02 -7.53 -38.97
CA LEU A 360 50.51 -8.84 -38.53
C LEU A 360 49.42 -9.90 -38.66
N ARG A 361 49.85 -11.17 -38.73
CA ARG A 361 48.92 -12.25 -39.00
C ARG A 361 48.07 -12.57 -37.77
N ILE A 362 46.88 -13.09 -38.02
CA ILE A 362 45.93 -13.45 -36.98
C ILE A 362 45.54 -14.91 -37.18
N PHE A 363 45.23 -15.58 -36.07
CA PHE A 363 44.73 -16.95 -36.11
C PHE A 363 43.39 -17.03 -35.40
N TYR A 364 42.45 -17.76 -36.01
CA TYR A 364 41.10 -17.91 -35.49
C TYR A 364 40.93 -19.33 -34.99
N GLN A 365 40.51 -19.48 -33.73
CA GLN A 365 40.44 -20.76 -33.06
C GLN A 365 38.99 -21.09 -32.75
N PHE A 366 38.61 -22.35 -32.97
CA PHE A 366 37.26 -22.84 -32.73
C PHE A 366 37.32 -23.89 -31.63
N LEU A 367 36.41 -23.78 -30.67
CA LEU A 367 36.45 -24.61 -29.46
C LEU A 367 35.13 -25.33 -29.26
N TYR A 368 35.20 -26.62 -28.92
CA TYR A 368 34.05 -27.39 -28.45
C TYR A 368 34.47 -28.10 -27.17
N ASN A 369 34.37 -27.39 -26.05
CA ASN A 369 34.77 -27.92 -24.74
C ASN A 369 36.21 -28.44 -24.76
N ASN A 370 36.99 -28.01 -25.75
CA ASN A 370 38.37 -28.42 -25.96
C ASN A 370 38.48 -29.90 -26.31
N ASN A 371 37.35 -30.60 -26.36
CA ASN A 371 37.36 -32.00 -26.78
C ASN A 371 37.76 -32.14 -28.24
N THR A 372 37.24 -31.28 -29.10
CA THR A 372 37.64 -31.19 -30.49
C THR A 372 37.92 -29.74 -30.83
N ARG A 373 38.97 -29.51 -31.61
CA ARG A 373 39.47 -28.15 -31.77
C ARG A 373 39.92 -27.95 -33.21
N GLN A 374 39.63 -26.77 -33.75
CA GLN A 374 40.03 -26.38 -35.10
C GLN A 374 40.56 -24.96 -35.07
N GLN A 375 41.54 -24.69 -35.93
CA GLN A 375 42.15 -23.37 -36.01
C GLN A 375 42.34 -23.00 -37.47
N THR A 376 42.33 -21.68 -37.74
CA THR A 376 42.53 -21.16 -39.07
C THR A 376 43.53 -20.02 -39.02
N GLU A 377 43.94 -19.56 -40.20
CA GLU A 377 44.91 -18.49 -40.33
C GLU A 377 44.30 -17.33 -41.12
N ALA A 378 44.74 -16.12 -40.80
CA ALA A 378 44.15 -14.92 -41.41
C ALA A 378 44.45 -14.83 -42.89
N ARG A 379 43.40 -14.63 -43.70
CA ARG A 379 43.55 -14.29 -45.11
C ARG A 379 43.66 -12.77 -45.23
N ASP A 380 44.90 -12.29 -45.09
CA ASP A 380 45.24 -10.87 -44.94
C ASP A 380 44.74 -10.35 -43.60
N ASP A 381 45.45 -9.38 -43.03
CA ASP A 381 45.12 -8.91 -41.69
C ASP A 381 43.98 -7.90 -41.72
N LEU A 382 43.26 -7.84 -40.60
CA LEU A 382 42.19 -6.85 -40.39
C LEU A 382 41.10 -6.98 -41.45
N HIS A 383 40.56 -8.18 -41.58
CA HIS A 383 39.48 -8.46 -42.54
C HIS A 383 38.49 -9.41 -41.90
N CYS A 384 37.21 -9.03 -41.93
CA CYS A 384 36.18 -9.85 -41.30
C CYS A 384 35.99 -11.14 -42.09
N PRO A 385 36.04 -12.31 -41.42
CA PRO A 385 35.83 -13.56 -42.17
C PRO A 385 34.42 -13.73 -42.71
N TRP A 386 33.41 -13.28 -41.97
CA TRP A 386 32.03 -13.49 -42.40
C TRP A 386 31.47 -12.31 -43.19
N CYS A 387 31.58 -11.09 -42.65
CA CYS A 387 31.00 -9.92 -43.31
C CYS A 387 31.93 -9.32 -44.35
N THR A 388 33.16 -9.82 -44.48
CA THR A 388 34.13 -9.37 -45.47
C THR A 388 34.42 -7.86 -45.37
N LEU A 389 34.40 -7.32 -44.15
CA LEU A 389 34.65 -5.90 -43.97
C LEU A 389 36.12 -5.66 -43.65
N ASN A 390 36.73 -4.71 -44.36
CA ASN A 390 38.13 -4.35 -44.11
C ASN A 390 38.19 -3.49 -42.85
N CYS A 391 38.53 -4.11 -41.73
CA CYS A 391 38.51 -3.41 -40.45
C CYS A 391 39.57 -2.32 -40.37
N ARG A 392 40.78 -2.63 -40.86
CA ARG A 392 41.89 -1.68 -40.93
C ARG A 392 42.39 -1.23 -39.57
N LYS A 393 41.77 -1.74 -38.50
CA LYS A 393 42.17 -1.43 -37.14
C LYS A 393 41.88 -2.64 -36.25
N LEU A 394 42.76 -2.85 -35.25
CA LEU A 394 42.55 -3.95 -34.31
C LEU A 394 41.32 -3.70 -33.46
N TYR A 395 41.12 -2.47 -33.00
CA TYR A 395 39.92 -2.15 -32.22
C TYR A 395 38.67 -2.27 -33.07
N SER A 396 38.73 -1.82 -34.33
CA SER A 396 37.58 -1.93 -35.21
C SER A 396 37.22 -3.38 -35.47
N LEU A 397 38.23 -4.25 -35.62
CA LEU A 397 37.95 -5.66 -35.87
C LEU A 397 37.23 -6.30 -34.70
N LEU A 398 37.68 -6.03 -33.47
CA LEU A 398 37.03 -6.60 -32.31
C LEU A 398 35.61 -6.06 -32.14
N LYS A 399 35.44 -4.75 -32.36
CA LYS A 399 34.10 -4.15 -32.23
C LYS A 399 33.15 -4.70 -33.27
N HIS A 400 33.63 -4.90 -34.51
CA HIS A 400 32.79 -5.46 -35.56
C HIS A 400 32.36 -6.87 -35.22
N LEU A 401 33.29 -7.69 -34.72
CA LEU A 401 32.96 -9.07 -34.41
C LEU A 401 31.94 -9.16 -33.28
N LYS A 402 32.11 -8.32 -32.25
CA LYS A 402 31.23 -8.41 -31.08
C LYS A 402 29.80 -8.00 -31.43
N LEU A 403 29.63 -7.06 -32.35
CA LEU A 403 28.32 -6.52 -32.67
C LEU A 403 27.65 -7.24 -33.82
N CYS A 404 28.35 -7.42 -34.94
CA CYS A 404 27.75 -8.02 -36.13
C CYS A 404 27.43 -9.50 -35.94
N HIS A 405 28.09 -10.16 -34.99
CA HIS A 405 27.99 -11.61 -34.85
C HIS A 405 27.69 -12.04 -33.40
N SER A 406 26.67 -11.44 -32.78
CA SER A 406 26.32 -11.77 -31.41
C SER A 406 25.92 -13.24 -31.23
N ARG A 407 25.54 -13.93 -32.31
CA ARG A 407 25.24 -15.35 -32.21
C ARG A 407 26.45 -16.17 -31.80
N PHE A 408 27.65 -15.64 -31.99
CA PHE A 408 28.89 -16.24 -31.52
C PHE A 408 29.47 -15.38 -30.40
N ILE A 409 30.55 -15.88 -29.81
CA ILE A 409 31.31 -15.14 -28.81
C ILE A 409 32.71 -14.92 -29.35
N PHE A 410 33.36 -13.84 -28.89
CA PHE A 410 34.65 -13.44 -29.42
C PHE A 410 35.58 -13.05 -28.29
N ASN A 411 36.78 -13.60 -28.29
CA ASN A 411 37.77 -13.32 -27.26
C ASN A 411 39.14 -13.16 -27.91
N TYR A 412 40.06 -12.59 -27.16
CA TYR A 412 41.43 -12.37 -27.60
C TYR A 412 42.36 -13.23 -26.75
N VAL A 413 43.21 -14.02 -27.41
CA VAL A 413 44.05 -14.99 -26.74
C VAL A 413 45.54 -14.78 -27.05
N TYR A 414 45.87 -13.80 -27.88
CA TYR A 414 47.24 -13.40 -28.18
C TYR A 414 48.00 -14.45 -29.00
N HIS A 415 49.01 -13.98 -29.73
CA HIS A 415 49.84 -14.81 -30.60
C HIS A 415 51.27 -14.35 -30.46
N PRO A 416 52.24 -15.19 -30.81
CA PRO A 416 53.63 -14.70 -30.87
C PRO A 416 53.79 -13.50 -31.79
N LYS A 417 53.02 -13.43 -32.87
CA LYS A 417 52.96 -12.20 -33.65
C LYS A 417 52.18 -11.11 -32.92
N GLY A 418 51.13 -11.49 -32.19
CA GLY A 418 50.41 -10.55 -31.37
C GLY A 418 48.91 -10.71 -31.32
N ALA A 419 48.30 -11.30 -32.36
CA ALA A 419 46.86 -11.40 -32.45
C ALA A 419 46.45 -12.84 -32.74
N ARG A 420 45.55 -13.37 -31.90
CA ARG A 420 44.92 -14.66 -32.13
C ARG A 420 43.52 -14.61 -31.53
N ILE A 421 42.56 -15.21 -32.23
CA ILE A 421 41.14 -15.11 -31.87
C ILE A 421 40.60 -16.50 -31.60
N ASP A 422 39.90 -16.65 -30.47
CA ASP A 422 39.17 -17.86 -30.14
C ASP A 422 37.68 -17.54 -30.05
N VAL A 423 36.86 -18.35 -30.73
CA VAL A 423 35.43 -18.10 -30.83
C VAL A 423 34.67 -19.35 -30.43
N SER A 424 33.39 -19.15 -30.09
CA SER A 424 32.51 -20.24 -29.70
C SER A 424 31.07 -19.78 -29.86
N ILE A 425 30.15 -20.75 -29.82
CA ILE A 425 28.73 -20.45 -29.97
C ILE A 425 28.19 -19.79 -28.70
N ASN A 426 27.35 -18.77 -28.89
CA ASN A 426 26.69 -18.13 -27.77
C ASN A 426 25.63 -19.06 -27.19
N GLU A 427 25.94 -19.68 -26.05
CA GLU A 427 25.02 -20.64 -25.45
C GLU A 427 23.72 -19.98 -25.02
N CYS A 428 23.79 -18.77 -24.48
CA CYS A 428 22.63 -18.02 -24.01
C CYS A 428 22.28 -16.90 -24.97
N TYR A 429 22.42 -17.17 -26.28
CA TYR A 429 22.12 -16.16 -27.29
C TYR A 429 20.67 -15.71 -27.20
N ASP A 430 20.46 -14.40 -27.32
CA ASP A 430 19.14 -13.83 -27.22
C ASP A 430 18.30 -14.00 -28.48
N GLY A 431 18.71 -14.88 -29.39
CA GLY A 431 17.95 -15.11 -30.61
C GLY A 431 16.54 -15.60 -30.36
N SER A 432 15.57 -14.71 -30.59
CA SER A 432 14.16 -15.03 -30.37
C SER A 432 13.34 -13.93 -31.00
N TYR A 433 12.03 -14.15 -31.05
CA TYR A 433 11.12 -13.13 -31.59
C TYR A 433 11.05 -11.94 -30.66
N ALA A 434 11.03 -10.74 -31.25
CA ALA A 434 11.03 -9.50 -30.49
C ALA A 434 9.78 -8.66 -30.72
N GLY A 435 8.87 -9.09 -31.59
CA GLY A 435 7.64 -8.37 -31.85
C GLY A 435 6.59 -8.64 -30.80
N ASN A 436 5.35 -8.76 -31.27
CA ASN A 436 4.24 -9.08 -30.37
C ASN A 436 4.37 -10.51 -29.88
N PRO A 437 4.47 -10.75 -28.58
CA PRO A 437 4.59 -12.14 -28.09
C PRO A 437 3.40 -13.02 -28.46
N GLN A 438 2.23 -12.44 -28.68
CA GLN A 438 1.06 -13.24 -29.02
C GLN A 438 1.18 -13.87 -30.41
N ASP A 439 2.02 -13.31 -31.27
CA ASP A 439 2.12 -13.80 -32.64
C ASP A 439 2.65 -15.22 -32.70
N ILE A 440 3.58 -15.57 -31.81
CA ILE A 440 4.23 -16.87 -31.88
C ILE A 440 3.23 -17.99 -31.68
N HIS A 441 2.37 -17.87 -30.67
CA HIS A 441 1.44 -18.93 -30.32
C HIS A 441 0.24 -19.01 -31.26
N ARG A 442 0.09 -18.06 -32.18
CA ARG A 442 -1.00 -18.12 -33.14
C ARG A 442 -0.79 -19.29 -34.10
N GLN A 443 -1.91 -19.84 -34.58
CA GLN A 443 -1.85 -20.96 -35.51
C GLN A 443 -1.15 -20.53 -36.80
N PRO A 444 -0.44 -21.44 -37.46
CA PRO A 444 0.14 -21.11 -38.77
C PRO A 444 -0.96 -20.73 -39.76
N GLY A 445 -0.65 -19.72 -40.59
CA GLY A 445 -1.66 -19.09 -41.40
C GLY A 445 -2.39 -17.95 -40.73
N PHE A 446 -2.34 -17.88 -39.40
CA PHE A 446 -2.83 -16.74 -38.64
C PHE A 446 -1.72 -16.01 -37.90
N ALA A 447 -0.64 -16.70 -37.54
CA ALA A 447 0.53 -16.03 -37.00
C ALA A 447 1.18 -15.16 -38.08
N PHE A 448 1.72 -14.02 -37.66
CA PHE A 448 2.32 -13.04 -38.57
C PHE A 448 1.35 -12.62 -39.67
N SER A 449 0.08 -12.41 -39.30
CA SER A 449 -0.93 -12.01 -40.28
C SER A 449 -0.56 -10.68 -40.91
N ARG A 450 -0.29 -9.65 -40.09
CA ARG A 450 0.15 -8.35 -40.56
C ARG A 450 -0.87 -7.74 -41.53
N ASN A 451 -2.13 -8.13 -41.39
CA ASN A 451 -3.19 -7.67 -42.28
C ASN A 451 -4.23 -6.81 -41.57
N GLY A 452 -3.98 -6.45 -40.32
CA GLY A 452 -4.92 -5.65 -39.56
C GLY A 452 -4.42 -5.31 -38.17
N PRO A 453 -5.12 -4.41 -37.50
CA PRO A 453 -4.72 -4.01 -36.14
C PRO A 453 -4.78 -5.19 -35.16
N VAL A 454 -3.85 -5.21 -34.21
CA VAL A 454 -3.79 -6.23 -33.17
C VAL A 454 -3.66 -5.53 -31.83
N LYS A 455 -4.51 -5.91 -30.87
CA LYS A 455 -4.47 -5.32 -29.55
C LYS A 455 -3.31 -5.89 -28.74
N ARG A 456 -2.52 -5.02 -28.13
CA ARG A 456 -1.36 -5.42 -27.34
C ARG A 456 -1.12 -4.38 -26.26
N THR A 457 -0.62 -4.85 -25.12
CA THR A 457 -0.34 -3.96 -23.99
C THR A 457 0.74 -2.95 -24.37
N PRO A 458 0.65 -1.71 -23.87
CA PRO A 458 1.68 -0.72 -24.18
C PRO A 458 3.02 -1.11 -23.58
N ILE A 459 4.07 -0.92 -24.37
CA ILE A 459 5.41 -1.35 -24.01
C ILE A 459 6.36 -0.20 -24.27
N THR A 460 7.25 0.06 -23.32
CA THR A 460 8.22 1.14 -23.46
C THR A 460 9.56 0.69 -22.92
N HIS A 461 10.60 0.89 -23.72
CA HIS A 461 11.97 0.58 -23.31
C HIS A 461 12.88 1.75 -23.66
N ILE A 462 13.94 1.91 -22.88
CA ILE A 462 14.98 2.90 -23.14
C ILE A 462 16.32 2.18 -23.06
N LEU A 463 17.14 2.32 -24.10
CA LEU A 463 18.43 1.64 -24.17
C LEU A 463 19.61 2.59 -24.22
N VAL A 464 19.39 3.87 -24.54
CA VAL A 464 20.49 4.82 -24.60
C VAL A 464 20.16 6.08 -23.81
N CYS A 465 20.83 6.28 -22.68
CA CYS A 465 20.77 7.55 -21.97
C CYS A 465 21.78 8.53 -22.57
N ARG A 466 23.02 8.10 -22.69
CA ARG A 466 24.07 8.84 -23.38
C ARG A 466 25.10 7.83 -23.85
N PRO A 467 25.46 7.85 -25.14
CA PRO A 467 26.54 6.98 -25.62
C PRO A 467 27.85 7.36 -24.94
N LYS A 468 28.60 6.35 -24.51
CA LYS A 468 29.84 6.61 -23.77
C LYS A 468 30.87 7.30 -24.66
N ARG A 469 31.00 6.85 -25.92
CA ARG A 469 31.91 7.46 -26.88
C ARG A 469 33.34 7.50 -26.34
N THR A 470 33.73 6.42 -25.65
CA THR A 470 35.06 6.36 -25.07
C THR A 470 36.11 6.14 -26.16
N LYS A 471 37.35 6.54 -25.84
CA LYS A 471 38.45 6.38 -26.78
C LYS A 471 38.74 4.91 -27.02
N ALA A 472 39.07 4.58 -28.27
CA ALA A 472 39.39 3.20 -28.63
C ALA A 472 40.65 2.74 -27.90
N SER A 473 40.61 1.52 -27.37
CA SER A 473 41.73 0.98 -26.62
C SER A 473 41.58 -0.53 -26.52
N MET A 474 42.73 -1.22 -26.50
CA MET A 474 42.71 -2.67 -26.31
C MET A 474 42.21 -3.04 -24.92
N SER A 475 42.55 -2.22 -23.92
CA SER A 475 42.18 -2.50 -22.53
C SER A 475 40.68 -2.39 -22.27
N GLU A 476 39.91 -1.84 -23.21
CA GLU A 476 38.48 -1.71 -23.01
C GLU A 476 37.77 -3.06 -22.89
N PHE A 477 38.39 -4.13 -23.37
CA PHE A 477 37.84 -5.47 -23.29
C PHE A 477 38.58 -6.28 -22.22
N LEU A 478 38.08 -7.49 -21.99
CA LEU A 478 38.68 -8.39 -21.01
C LEU A 478 40.07 -8.85 -21.45
N THR A 490 18.74 -0.86 -21.28
CA THR A 490 17.83 -1.91 -20.80
C THR A 490 16.83 -1.34 -19.80
N TYR A 491 16.56 -0.04 -19.90
CA TYR A 491 15.59 0.63 -19.04
C TYR A 491 14.20 0.28 -19.54
N SER A 492 13.79 -0.95 -19.25
CA SER A 492 12.49 -1.46 -19.68
C SER A 492 11.37 -0.92 -18.79
N SER A 493 10.16 -0.91 -19.33
CA SER A 493 8.98 -0.48 -18.58
C SER A 493 7.76 -1.09 -19.23
N GLY A 494 6.65 -1.08 -18.48
CA GLY A 494 5.43 -1.68 -18.97
C GLY A 494 5.49 -3.20 -18.95
N HIS A 495 4.66 -3.81 -19.78
CA HIS A 495 4.63 -5.26 -19.90
C HIS A 495 5.64 -5.71 -20.95
N ASN A 496 6.20 -6.91 -20.77
CA ASN A 496 7.15 -7.44 -21.73
C ASN A 496 6.67 -8.76 -22.34
N ARG A 497 6.15 -9.65 -21.51
CA ARG A 497 5.85 -11.00 -21.97
C ARG A 497 4.36 -11.30 -21.86
N LEU A 498 3.92 -12.27 -22.65
CA LEU A 498 2.53 -12.67 -22.62
C LEU A 498 2.22 -13.46 -21.35
N TYR A 499 0.98 -13.34 -20.90
CA TYR A 499 0.51 -14.01 -19.69
C TYR A 499 -0.56 -15.03 -20.08
N PHE A 500 -0.60 -16.11 -19.32
CA PHE A 500 -1.47 -17.24 -19.60
C PHE A 500 -2.66 -17.25 -18.65
N HIS A 501 -3.71 -17.93 -19.08
CA HIS A 501 -4.88 -18.10 -18.23
C HIS A 501 -4.53 -18.92 -17.00
N SER A 502 -4.67 -18.31 -15.83
CA SER A 502 -4.31 -18.98 -14.59
C SER A 502 -5.18 -20.21 -14.33
N ASP A 503 -6.44 -20.15 -14.74
CA ASP A 503 -7.34 -21.28 -14.52
C ASP A 503 -6.89 -22.51 -15.31
N THR A 504 -6.53 -22.33 -16.58
CA THR A 504 -6.37 -23.50 -17.45
C THR A 504 -5.07 -23.51 -18.25
N CYS A 505 -4.06 -22.72 -17.88
CA CYS A 505 -2.79 -22.70 -18.59
C CYS A 505 -2.97 -22.33 -20.06
N LEU A 506 -3.99 -21.55 -20.36
CA LEU A 506 -4.25 -21.19 -21.74
C LEU A 506 -3.77 -19.79 -22.04
N PRO A 507 -3.38 -19.53 -23.29
CA PRO A 507 -2.92 -18.19 -23.65
C PRO A 507 -4.03 -17.16 -23.48
N LEU A 508 -3.77 -16.12 -22.71
CA LEU A 508 -4.72 -15.05 -22.48
C LEU A 508 -4.41 -13.89 -23.40
N ARG A 509 -5.39 -13.53 -24.24
CA ARG A 509 -5.21 -12.45 -25.19
C ARG A 509 -5.21 -11.09 -24.47
N PRO A 510 -4.52 -10.11 -25.02
CA PRO A 510 -4.44 -8.80 -24.34
C PRO A 510 -5.77 -8.10 -24.18
N GLN A 511 -6.79 -8.51 -24.94
CA GLN A 511 -8.07 -7.82 -24.92
C GLN A 511 -8.80 -7.96 -23.58
N GLU A 512 -8.35 -8.85 -22.70
CA GLU A 512 -9.00 -9.06 -21.42
C GLU A 512 -8.02 -9.03 -20.25
N MET A 513 -7.22 -7.98 -20.15
CA MET A 513 -6.33 -7.78 -19.01
C MET A 513 -7.09 -7.40 -17.75
N GLU A 514 -8.42 -7.32 -17.84
CA GLU A 514 -9.18 -6.77 -16.73
C GLU A 514 -10.27 -7.69 -16.20
N VAL A 515 -11.00 -8.39 -17.09
CA VAL A 515 -12.04 -9.31 -16.64
C VAL A 515 -11.44 -10.65 -16.21
N ASP A 516 -10.12 -10.77 -16.27
CA ASP A 516 -9.43 -12.04 -16.11
C ASP A 516 -9.13 -12.38 -14.66
N SER A 517 -9.97 -11.88 -13.74
CA SER A 517 -9.79 -12.21 -12.33
C SER A 517 -9.74 -13.72 -12.13
N GLU A 518 -10.53 -14.46 -12.90
CA GLU A 518 -10.61 -15.92 -12.81
C GLU A 518 -10.89 -16.39 -11.39
N ASP A 519 -11.43 -15.50 -10.55
CA ASP A 519 -11.72 -15.83 -9.16
C ASP A 519 -12.79 -14.90 -8.65
N GLU A 520 -13.54 -15.39 -7.67
CA GLU A 520 -14.67 -14.66 -7.11
C GLU A 520 -14.77 -15.01 -5.63
N LYS A 521 -15.87 -14.58 -5.00
CA LYS A 521 -16.11 -14.95 -3.60
C LYS A 521 -16.14 -16.46 -3.43
N ASP A 522 -16.55 -17.19 -4.45
CA ASP A 522 -16.75 -18.62 -4.28
C ASP A 522 -16.56 -19.36 -5.60
N PRO A 523 -15.46 -20.09 -5.76
CA PRO A 523 -15.27 -20.89 -6.97
C PRO A 523 -16.32 -21.99 -7.05
N GLU A 524 -16.66 -22.37 -8.28
CA GLU A 524 -17.83 -23.20 -8.52
C GLU A 524 -17.68 -24.57 -7.87
N TRP A 525 -16.55 -25.24 -8.13
CA TRP A 525 -16.42 -26.65 -7.76
C TRP A 525 -16.60 -26.86 -6.26
N LEU A 526 -16.33 -25.83 -5.46
CA LEU A 526 -16.57 -25.95 -4.03
C LEU A 526 -18.04 -26.18 -3.75
N ARG A 527 -18.91 -25.46 -4.46
CA ARG A 527 -20.35 -25.59 -4.24
C ARG A 527 -20.80 -27.02 -4.47
N GLU A 528 -20.41 -27.60 -5.60
CA GLU A 528 -20.75 -29.00 -5.85
C GLU A 528 -20.04 -29.91 -4.86
N LYS A 529 -18.85 -29.51 -4.42
CA LYS A 529 -18.14 -30.33 -3.45
C LYS A 529 -18.89 -30.40 -2.13
N THR A 530 -19.41 -29.26 -1.65
CA THR A 530 -20.01 -29.25 -0.32
C THR A 530 -21.38 -29.91 -0.32
N ILE A 531 -22.16 -29.70 -1.38
CA ILE A 531 -23.52 -30.26 -1.39
C ILE A 531 -23.45 -31.78 -1.38
N THR A 532 -22.45 -32.36 -2.06
CA THR A 532 -22.25 -33.80 -1.97
C THR A 532 -22.01 -34.23 -0.53
N GLN A 533 -21.19 -33.49 0.20
CA GLN A 533 -21.00 -33.75 1.62
C GLN A 533 -22.27 -33.52 2.41
N ILE A 534 -23.15 -32.65 1.92
CA ILE A 534 -24.41 -32.40 2.61
C ILE A 534 -25.27 -33.66 2.62
N GLU A 535 -25.35 -34.34 1.48
CA GLU A 535 -26.14 -35.56 1.39
C GLU A 535 -25.46 -36.75 2.05
N GLU A 536 -24.20 -36.62 2.45
CA GLU A 536 -23.52 -37.71 3.14
C GLU A 536 -24.19 -38.02 4.48
N PHE A 537 -24.61 -36.99 5.20
CA PHE A 537 -25.15 -37.18 6.54
C PHE A 537 -26.47 -37.95 6.47
N SER A 538 -26.68 -38.84 7.44
CA SER A 538 -27.85 -39.71 7.44
C SER A 538 -28.92 -39.29 8.43
N ASP A 539 -28.52 -38.82 9.61
CA ASP A 539 -29.47 -38.51 10.68
C ASP A 539 -30.23 -37.21 10.44
N VAL A 540 -30.13 -36.62 9.25
CA VAL A 540 -30.83 -35.39 8.92
C VAL A 540 -31.82 -35.68 7.80
N ASN A 541 -33.08 -35.36 8.04
CA ASN A 541 -34.11 -35.56 7.03
C ASN A 541 -33.88 -34.62 5.85
N GLU A 542 -34.40 -35.02 4.69
CA GLU A 542 -34.18 -34.23 3.48
C GLU A 542 -34.77 -32.83 3.60
N GLY A 543 -35.96 -32.72 4.22
CA GLY A 543 -36.54 -31.40 4.44
C GLY A 543 -35.63 -30.52 5.27
N GLU A 544 -35.04 -31.09 6.32
CA GLU A 544 -34.04 -30.35 7.09
C GLU A 544 -32.64 -30.49 6.50
N LYS A 545 -32.48 -31.24 5.42
CA LYS A 545 -31.18 -31.32 4.78
C LYS A 545 -31.01 -30.24 3.71
N GLU A 546 -32.09 -29.93 2.99
CA GLU A 546 -32.02 -28.88 1.98
C GLU A 546 -31.86 -27.51 2.61
N VAL A 547 -32.41 -27.30 3.80
CA VAL A 547 -32.26 -26.01 4.47
C VAL A 547 -30.80 -25.75 4.78
N MET A 548 -30.02 -26.83 4.97
CA MET A 548 -28.58 -26.68 5.11
C MET A 548 -27.97 -26.07 3.86
N LYS A 549 -28.41 -26.55 2.70
CA LYS A 549 -27.77 -26.25 1.43
C LYS A 549 -27.83 -24.77 1.09
N LEU A 550 -29.05 -24.27 0.85
CA LEU A 550 -29.19 -22.92 0.33
C LEU A 550 -28.73 -21.88 1.34
N TRP A 551 -28.76 -22.21 2.62
CA TRP A 551 -28.22 -21.30 3.62
C TRP A 551 -26.72 -21.14 3.46
N ASN A 552 -26.00 -22.25 3.39
CA ASN A 552 -24.55 -22.18 3.28
C ASN A 552 -24.13 -21.64 1.92
N LEU A 553 -24.92 -21.89 0.89
CA LEU A 553 -24.58 -21.42 -0.44
C LEU A 553 -24.58 -19.90 -0.51
N HIS A 554 -25.62 -19.26 0.04
CA HIS A 554 -25.69 -17.81 0.00
C HIS A 554 -24.63 -17.18 0.88
N VAL A 555 -24.26 -17.84 1.98
CA VAL A 555 -23.22 -17.30 2.84
C VAL A 555 -21.90 -17.26 2.09
N MET A 556 -21.52 -18.37 1.46
CA MET A 556 -20.30 -18.37 0.66
C MET A 556 -20.45 -17.52 -0.59
N LYS A 557 -21.68 -17.20 -0.97
CA LYS A 557 -21.87 -16.28 -2.10
C LYS A 557 -21.37 -14.89 -1.76
N HIS A 558 -21.53 -14.46 -0.52
CA HIS A 558 -21.16 -13.12 -0.12
C HIS A 558 -20.00 -13.06 0.86
N GLY A 559 -19.72 -14.14 1.59
CA GLY A 559 -18.59 -14.17 2.48
C GLY A 559 -18.68 -13.19 3.63
N PHE A 560 -19.80 -13.21 4.35
CA PHE A 560 -19.93 -12.37 5.54
C PHE A 560 -18.90 -12.80 6.59
N ILE A 561 -18.51 -11.85 7.43
CA ILE A 561 -17.57 -12.15 8.51
C ILE A 561 -18.08 -11.75 9.88
N ALA A 562 -18.94 -10.74 10.01
CA ALA A 562 -19.22 -10.14 11.31
C ALA A 562 -20.69 -10.29 11.67
N ASP A 563 -20.97 -9.99 12.94
CA ASP A 563 -22.33 -10.15 13.46
C ASP A 563 -23.30 -9.19 12.79
N ASN A 564 -22.83 -7.99 12.44
CA ASN A 564 -23.71 -7.02 11.81
C ASN A 564 -24.28 -7.57 10.51
N GLN A 565 -23.51 -8.40 9.81
CA GLN A 565 -23.92 -8.84 8.48
C GLN A 565 -25.10 -9.80 8.55
N MET A 566 -25.02 -10.82 9.39
CA MET A 566 -26.02 -11.88 9.37
C MET A 566 -27.39 -11.37 9.80
N ASN A 567 -27.42 -10.34 10.64
CA ASN A 567 -28.70 -9.69 10.92
C ASN A 567 -29.27 -9.05 9.67
N HIS A 568 -28.42 -8.41 8.86
CA HIS A 568 -28.87 -7.89 7.57
C HIS A 568 -29.01 -9.01 6.54
N ALA A 569 -28.13 -10.02 6.62
CA ALA A 569 -28.09 -11.04 5.57
C ALA A 569 -29.37 -11.86 5.53
N CYS A 570 -29.92 -12.21 6.70
CA CYS A 570 -31.14 -13.00 6.72
C CYS A 570 -32.28 -12.26 6.05
N MET A 571 -32.38 -10.95 6.29
CA MET A 571 -33.36 -10.15 5.55
C MET A 571 -33.04 -10.14 4.06
N LEU A 572 -31.76 -10.05 3.72
CA LEU A 572 -31.36 -10.18 2.32
C LEU A 572 -31.74 -11.56 1.79
N PHE A 573 -31.49 -12.60 2.57
CA PHE A 573 -31.78 -13.96 2.11
C PHE A 573 -33.26 -14.19 1.95
N VAL A 574 -34.07 -13.76 2.92
CA VAL A 574 -35.48 -14.11 2.93
C VAL A 574 -36.19 -13.51 1.72
N GLU A 575 -35.79 -12.31 1.32
CA GLU A 575 -36.38 -11.74 0.11
C GLU A 575 -35.79 -12.37 -1.14
N ASN A 576 -34.53 -12.83 -1.06
CA ASN A 576 -33.86 -13.38 -2.23
C ASN A 576 -34.55 -14.63 -2.72
N TYR A 577 -34.94 -15.52 -1.80
CA TYR A 577 -35.47 -16.82 -2.18
C TYR A 577 -36.77 -17.17 -1.46
N GLY A 578 -37.45 -16.18 -0.88
CA GLY A 578 -38.66 -16.48 -0.12
C GLY A 578 -39.72 -17.17 -0.97
N GLN A 579 -39.85 -16.76 -2.22
CA GLN A 579 -40.73 -17.49 -3.13
C GLN A 579 -40.25 -18.91 -3.35
N LYS A 580 -38.94 -19.11 -3.51
CA LYS A 580 -38.41 -20.47 -3.63
C LYS A 580 -38.67 -21.28 -2.37
N ILE A 581 -38.73 -20.60 -1.22
CA ILE A 581 -39.04 -21.30 0.03
C ILE A 581 -40.44 -21.87 -0.03
N ILE A 582 -41.36 -21.18 -0.70
CA ILE A 582 -42.74 -21.65 -0.82
C ILE A 582 -42.79 -22.94 -1.62
N LYS A 583 -42.08 -22.98 -2.75
CA LYS A 583 -42.14 -24.14 -3.62
C LYS A 583 -41.60 -25.39 -2.94
N LYS A 584 -40.48 -25.26 -2.23
CA LYS A 584 -39.84 -26.42 -1.63
C LYS A 584 -40.47 -26.83 -0.32
N ASN A 585 -41.43 -26.05 0.20
CA ASN A 585 -42.15 -26.36 1.43
C ASN A 585 -41.19 -26.55 2.61
N LEU A 586 -40.24 -25.63 2.72
CA LEU A 586 -39.32 -25.59 3.86
C LEU A 586 -39.54 -24.35 4.71
N CYS A 587 -40.68 -23.67 4.54
CA CYS A 587 -40.95 -22.45 5.29
C CYS A 587 -40.87 -22.71 6.79
N ARG A 588 -41.54 -23.76 7.25
CA ARG A 588 -41.56 -24.09 8.68
C ARG A 588 -40.21 -24.62 9.15
N ASN A 589 -39.53 -25.42 8.34
CA ASN A 589 -38.18 -25.87 8.69
C ASN A 589 -37.23 -24.68 8.82
N PHE A 590 -37.35 -23.70 7.91
CA PHE A 590 -36.53 -22.50 8.01
C PHE A 590 -36.80 -21.73 9.28
N MET A 591 -38.02 -21.80 9.80
CA MET A 591 -38.34 -21.12 11.05
C MET A 591 -37.50 -21.68 12.19
N LEU A 592 -37.37 -23.01 12.25
CA LEU A 592 -36.54 -23.63 13.28
C LEU A 592 -35.09 -23.19 13.14
N HIS A 593 -34.59 -23.07 11.91
CA HIS A 593 -33.26 -22.52 11.69
C HIS A 593 -33.15 -21.14 12.31
N LEU A 594 -34.14 -20.27 12.06
CA LEU A 594 -34.12 -18.94 12.64
C LEU A 594 -34.21 -19.00 14.15
N VAL A 595 -34.92 -19.99 14.68
CA VAL A 595 -34.98 -20.18 16.12
C VAL A 595 -33.60 -20.48 16.68
N SER A 596 -32.87 -21.38 16.01
CA SER A 596 -31.51 -21.68 16.43
C SER A 596 -30.62 -20.44 16.35
N MET A 597 -30.92 -19.54 15.43
CA MET A 597 -30.11 -18.34 15.27
C MET A 597 -30.15 -17.48 16.53
N HIS A 598 -31.34 -17.27 17.08
CA HIS A 598 -31.44 -16.49 18.31
C HIS A 598 -30.82 -17.23 19.49
N ASP A 599 -30.90 -18.57 19.49
CA ASP A 599 -30.19 -19.36 20.49
C ASP A 599 -28.70 -19.08 20.44
N PHE A 600 -28.18 -18.79 19.25
CA PHE A 600 -26.78 -18.43 19.08
C PHE A 600 -26.55 -16.94 19.32
N ASN A 601 -27.59 -16.22 19.77
CA ASN A 601 -27.51 -14.80 20.08
C ASN A 601 -27.19 -13.99 18.82
N LEU A 602 -27.29 -14.61 17.66
CA LEU A 602 -26.82 -13.96 16.45
C LEU A 602 -27.90 -13.13 15.77
N ILE A 603 -29.14 -13.21 16.22
CA ILE A 603 -30.24 -12.51 15.56
C ILE A 603 -31.08 -11.81 16.61
N SER A 604 -31.80 -10.77 16.17
CA SER A 604 -32.61 -9.96 17.05
C SER A 604 -34.06 -10.45 17.06
N ILE A 605 -34.87 -9.82 17.91
CA ILE A 605 -36.27 -10.22 18.05
C ILE A 605 -37.07 -9.81 16.81
N MET A 606 -36.98 -8.54 16.42
CA MET A 606 -37.80 -8.04 15.32
C MET A 606 -37.40 -8.64 13.99
N SER A 607 -36.16 -9.09 13.85
CA SER A 607 -35.75 -9.71 12.59
C SER A 607 -36.57 -10.96 12.30
N ILE A 608 -37.01 -11.64 13.35
CA ILE A 608 -37.90 -12.78 13.17
C ILE A 608 -39.24 -12.33 12.62
N ASP A 609 -39.72 -11.17 13.06
CA ASP A 609 -41.03 -10.69 12.62
C ASP A 609 -41.02 -10.36 11.14
N LYS A 610 -40.00 -9.62 10.70
CA LYS A 610 -39.94 -9.19 9.29
C LYS A 610 -39.80 -10.39 8.36
N ALA A 611 -39.19 -11.47 8.82
CA ALA A 611 -39.03 -12.65 7.98
C ALA A 611 -40.37 -13.23 7.59
N VAL A 612 -41.30 -13.32 8.54
CA VAL A 612 -42.64 -13.83 8.23
C VAL A 612 -43.35 -12.89 7.27
N THR A 613 -43.14 -11.57 7.43
CA THR A 613 -43.76 -10.61 6.52
C THR A 613 -43.30 -10.84 5.09
N LYS A 614 -42.00 -11.02 4.88
CA LYS A 614 -41.51 -11.39 3.57
C LYS A 614 -41.92 -12.80 3.19
N LEU A 615 -41.99 -13.70 4.18
CA LEU A 615 -42.38 -15.08 3.90
C LEU A 615 -43.80 -15.14 3.34
N ARG A 616 -44.71 -14.35 3.89
CA ARG A 616 -46.09 -14.36 3.44
C ARG A 616 -46.47 -13.05 2.77
N LYS B 19 -18.98 -88.65 2.81
CA LYS B 19 -18.62 -87.31 2.33
C LYS B 19 -19.84 -86.55 1.81
N ARG B 20 -21.03 -87.07 2.14
CA ARG B 20 -22.25 -86.43 1.67
C ARG B 20 -22.45 -85.06 2.33
N VAL B 21 -22.13 -84.95 3.62
CA VAL B 21 -22.27 -83.67 4.30
C VAL B 21 -21.24 -82.67 3.78
N LYS B 22 -20.02 -83.14 3.51
CA LYS B 22 -19.00 -82.28 2.92
C LYS B 22 -19.41 -81.84 1.51
N SER B 23 -19.96 -82.77 0.73
CA SER B 23 -20.40 -82.43 -0.62
C SER B 23 -21.52 -81.39 -0.59
N GLU B 24 -22.51 -81.59 0.30
CA GLU B 24 -23.59 -80.62 0.41
C GLU B 24 -23.08 -79.25 0.82
N TYR B 25 -22.10 -79.20 1.71
CA TYR B 25 -21.50 -77.93 2.09
C TYR B 25 -20.82 -77.29 0.88
N MET B 26 -20.16 -78.10 0.06
CA MET B 26 -19.67 -77.62 -1.23
C MET B 26 -20.81 -77.22 -2.15
N ARG B 27 -21.84 -78.07 -2.23
CA ARG B 27 -22.97 -77.77 -3.12
C ARG B 27 -23.72 -76.53 -2.64
N LEU B 28 -24.02 -76.45 -1.34
CA LEU B 28 -24.78 -75.32 -0.81
C LEU B 28 -24.12 -74.00 -1.17
N ARG B 29 -22.80 -73.94 -1.13
CA ARG B 29 -22.08 -72.78 -1.64
C ARG B 29 -22.25 -72.66 -3.15
N GLN B 30 -22.30 -73.80 -3.85
CA GLN B 30 -22.33 -73.78 -5.30
C GLN B 30 -23.68 -73.34 -5.85
N LEU B 31 -24.75 -73.50 -5.08
CA LEU B 31 -26.07 -73.04 -5.53
C LEU B 31 -26.02 -71.59 -6.00
N LYS B 32 -25.40 -70.73 -5.20
CA LYS B 32 -25.23 -69.34 -5.62
C LYS B 32 -24.24 -69.25 -6.77
N ARG B 33 -23.21 -70.10 -6.75
CA ARG B 33 -22.10 -69.95 -7.69
C ARG B 33 -22.52 -70.23 -9.13
N PHE B 34 -23.21 -71.36 -9.36
CA PHE B 34 -23.61 -71.66 -10.73
C PHE B 34 -24.72 -70.73 -11.20
N ARG B 35 -25.54 -70.24 -10.28
CA ARG B 35 -26.52 -69.22 -10.63
C ARG B 35 -25.82 -67.97 -11.14
N ARG B 36 -24.72 -67.59 -10.49
CA ARG B 36 -23.88 -66.51 -11.00
C ARG B 36 -23.32 -66.87 -12.37
N ALA B 37 -22.89 -68.12 -12.55
CA ALA B 37 -22.42 -68.56 -13.85
C ALA B 37 -23.53 -68.47 -14.89
N ASP B 38 -24.75 -68.83 -14.51
CA ASP B 38 -25.90 -68.63 -15.38
C ASP B 38 -26.15 -67.14 -15.61
N GLU B 39 -26.03 -66.34 -14.55
CA GLU B 39 -26.30 -64.91 -14.67
C GLU B 39 -25.31 -64.21 -15.58
N VAL B 40 -24.02 -64.52 -15.43
CA VAL B 40 -23.00 -63.86 -16.24
C VAL B 40 -23.19 -64.21 -17.72
N LYS B 41 -23.55 -65.46 -17.99
CA LYS B 41 -23.85 -65.85 -19.37
C LYS B 41 -25.08 -65.12 -19.88
N SER B 42 -26.10 -64.97 -19.03
CA SER B 42 -27.34 -64.33 -19.46
C SER B 42 -27.11 -62.87 -19.84
N MET B 43 -26.35 -62.13 -19.02
CA MET B 43 -26.08 -60.74 -19.36
C MET B 43 -25.09 -60.66 -20.52
N PHE B 44 -24.25 -61.69 -20.69
CA PHE B 44 -23.32 -61.70 -21.80
C PHE B 44 -24.04 -61.67 -23.14
N SER B 45 -25.10 -62.45 -23.27
CA SER B 45 -25.91 -62.39 -24.49
C SER B 45 -26.55 -61.03 -24.65
N SER B 46 -27.04 -60.44 -23.56
CA SER B 46 -27.62 -59.10 -23.62
C SER B 46 -26.57 -58.07 -24.04
N ASN B 47 -25.35 -58.19 -23.53
CA ASN B 47 -24.29 -57.31 -23.98
C ASN B 47 -23.99 -57.52 -25.46
N ARG B 48 -23.94 -58.78 -25.89
CA ARG B 48 -23.57 -59.09 -27.27
C ARG B 48 -24.56 -58.49 -28.25
N GLN B 49 -25.87 -58.68 -28.00
CA GLN B 49 -26.86 -58.11 -28.89
C GLN B 49 -26.79 -56.59 -28.90
N LYS B 50 -26.57 -55.98 -27.73
CA LYS B 50 -26.36 -54.54 -27.68
C LYS B 50 -25.12 -54.15 -28.48
N ILE B 51 -24.04 -54.93 -28.36
CA ILE B 51 -22.86 -54.69 -29.17
C ILE B 51 -23.22 -54.77 -30.64
N LEU B 52 -23.97 -55.80 -31.02
CA LEU B 52 -24.42 -55.92 -32.40
C LEU B 52 -25.31 -54.76 -32.79
N GLU B 53 -26.17 -54.33 -31.85
CA GLU B 53 -27.00 -53.15 -32.09
C GLU B 53 -26.13 -51.92 -32.35
N ARG B 54 -25.16 -51.68 -31.46
CA ARG B 54 -24.39 -50.44 -31.52
C ARG B 54 -23.40 -50.45 -32.67
N THR B 55 -22.69 -51.58 -32.85
CA THR B 55 -21.67 -51.65 -33.89
C THR B 55 -22.28 -51.51 -35.28
N GLU B 56 -23.41 -52.17 -35.53
CA GLU B 56 -24.07 -52.05 -36.82
C GLU B 56 -24.55 -50.62 -37.04
N ILE B 57 -25.16 -50.02 -36.03
CA ILE B 57 -25.65 -48.65 -36.17
C ILE B 57 -24.50 -47.71 -36.52
N LEU B 58 -23.39 -47.84 -35.80
CA LEU B 58 -22.23 -47.02 -36.09
C LEU B 58 -21.67 -47.33 -37.47
N ASN B 59 -21.64 -48.62 -37.84
CA ASN B 59 -21.07 -49.01 -39.12
C ASN B 59 -21.86 -48.44 -40.28
N GLN B 60 -23.15 -48.14 -40.07
CA GLN B 60 -23.95 -47.58 -41.15
C GLN B 60 -23.41 -46.23 -41.60
N GLU B 61 -23.07 -45.36 -40.63
CA GLU B 61 -22.51 -44.06 -40.98
C GLU B 61 -21.12 -44.21 -41.57
N TRP B 62 -20.35 -45.18 -41.08
CA TRP B 62 -19.06 -45.49 -41.69
C TRP B 62 -19.21 -45.80 -43.17
N LYS B 63 -20.31 -46.47 -43.54
CA LYS B 63 -20.59 -46.71 -44.94
C LYS B 63 -20.83 -45.40 -45.68
N GLN B 64 -21.56 -44.48 -45.05
CA GLN B 64 -21.94 -43.25 -45.73
C GLN B 64 -20.74 -42.33 -45.93
N ARG B 65 -19.86 -42.22 -44.93
CA ARG B 65 -18.76 -41.27 -44.99
C ARG B 65 -17.71 -41.76 -45.97
N ARG B 66 -17.62 -41.07 -47.11
CA ARG B 66 -16.58 -41.39 -48.08
C ARG B 66 -15.21 -41.00 -47.52
N ILE B 67 -14.23 -41.86 -47.76
CA ILE B 67 -12.91 -41.72 -47.15
C ILE B 67 -11.86 -41.65 -48.25
N GLN B 68 -11.02 -40.63 -48.19
CA GLN B 68 -9.98 -40.45 -49.19
C GLN B 68 -8.90 -41.51 -49.02
N PRO B 69 -8.56 -42.25 -50.07
CA PRO B 69 -7.48 -43.23 -49.96
C PRO B 69 -6.13 -42.56 -49.77
N VAL B 70 -5.19 -43.34 -49.23
CA VAL B 70 -3.86 -42.82 -48.92
C VAL B 70 -3.12 -42.45 -50.21
N HIS B 71 -2.22 -41.48 -50.10
CA HIS B 71 -1.36 -41.07 -51.19
C HIS B 71 0.09 -41.29 -50.81
N ILE B 72 0.91 -41.71 -51.78
CA ILE B 72 2.30 -42.03 -51.48
C ILE B 72 3.15 -40.76 -51.45
N LEU B 73 4.32 -40.87 -50.83
CA LEU B 73 5.23 -39.75 -50.73
C LEU B 73 5.83 -39.42 -52.09
N THR B 74 6.20 -38.15 -52.26
CA THR B 74 6.87 -37.68 -53.46
C THR B 74 8.16 -36.96 -53.07
N SER B 75 9.10 -36.94 -54.01
CA SER B 75 10.40 -36.31 -53.73
C SER B 75 10.25 -34.79 -53.62
N VAL B 76 11.16 -34.18 -52.88
CA VAL B 76 11.17 -32.73 -52.66
C VAL B 76 12.47 -32.20 -53.23
N SER B 77 12.37 -31.26 -54.17
CA SER B 77 13.57 -30.67 -54.75
C SER B 77 14.26 -29.71 -53.81
N SER B 78 13.48 -28.89 -53.08
CA SER B 78 14.07 -27.95 -52.14
C SER B 78 14.58 -28.62 -50.87
N LEU B 79 14.12 -29.84 -50.59
CA LEU B 79 14.53 -30.58 -49.39
C LEU B 79 15.21 -31.88 -49.75
N ARG B 80 16.11 -31.84 -50.74
CA ARG B 80 16.84 -33.04 -51.13
C ARG B 80 17.80 -33.50 -50.04
N GLY B 81 18.14 -32.61 -49.11
CA GLY B 81 19.01 -32.94 -48.00
C GLY B 81 18.35 -33.59 -46.81
N THR B 82 17.06 -33.89 -46.92
CA THR B 82 16.35 -34.53 -45.81
C THR B 82 16.84 -35.96 -45.60
N ARG B 83 16.66 -36.44 -44.38
CA ARG B 83 17.11 -37.79 -44.03
C ARG B 83 16.27 -38.84 -44.75
N GLU B 84 16.87 -40.01 -44.93
CA GLU B 84 16.19 -41.14 -45.54
C GLU B 84 16.36 -42.37 -44.65
N CYS B 85 15.26 -43.05 -44.36
CA CYS B 85 15.25 -44.23 -43.51
C CYS B 85 14.81 -45.43 -44.34
N SER B 86 15.54 -46.53 -44.19
CA SER B 86 15.33 -47.74 -44.97
C SER B 86 14.72 -48.78 -44.04
N VAL B 87 13.38 -48.82 -43.99
CA VAL B 87 12.69 -49.69 -43.04
C VAL B 87 12.94 -51.14 -43.42
N THR B 88 13.64 -51.86 -42.55
CA THR B 88 14.00 -53.25 -42.84
C THR B 88 12.79 -54.16 -42.78
N SER B 89 12.81 -55.18 -43.62
CA SER B 89 11.79 -56.22 -43.60
C SER B 89 12.39 -57.48 -42.99
N ASP B 90 11.80 -57.94 -41.88
CA ASP B 90 12.32 -59.11 -41.20
C ASP B 90 12.18 -60.38 -42.04
N LEU B 91 11.23 -60.39 -42.98
CA LEU B 91 10.98 -61.53 -43.82
C LEU B 91 11.64 -61.34 -45.19
N ASP B 92 11.30 -62.23 -46.12
CA ASP B 92 11.92 -62.24 -47.44
C ASP B 92 11.62 -60.97 -48.23
N PHE B 93 10.64 -60.18 -47.80
CA PHE B 93 10.29 -58.98 -48.56
C PHE B 93 11.46 -58.01 -48.58
N PRO B 94 11.65 -57.29 -49.68
CA PRO B 94 12.79 -56.36 -49.76
C PRO B 94 12.65 -55.22 -48.76
N THR B 95 13.80 -54.76 -48.28
CA THR B 95 13.84 -53.59 -47.41
C THR B 95 13.41 -52.35 -48.18
N GLN B 96 12.56 -51.53 -47.57
CA GLN B 96 11.96 -50.38 -48.23
C GLN B 96 12.45 -49.10 -47.57
N VAL B 97 12.76 -48.09 -48.40
CA VAL B 97 13.32 -46.83 -47.95
C VAL B 97 12.35 -45.72 -48.32
N ILE B 98 12.38 -44.63 -47.55
CA ILE B 98 11.59 -43.44 -47.85
C ILE B 98 12.26 -42.25 -47.20
N PRO B 99 12.25 -41.07 -47.81
CA PRO B 99 12.84 -39.89 -47.16
C PRO B 99 12.01 -39.42 -45.98
N LEU B 100 12.69 -38.77 -45.04
CA LEU B 100 12.04 -38.24 -43.84
C LEU B 100 11.55 -36.82 -44.09
N LYS B 101 10.61 -36.39 -43.25
CA LYS B 101 10.06 -35.04 -43.30
C LYS B 101 10.10 -34.45 -41.90
N THR B 102 10.72 -33.27 -41.78
CA THR B 102 10.79 -32.59 -40.49
C THR B 102 9.39 -32.15 -40.06
N LEU B 103 9.06 -32.39 -38.79
CA LEU B 103 7.76 -31.98 -38.30
C LEU B 103 7.78 -30.52 -37.84
N ASN B 104 6.62 -30.06 -37.38
CA ASN B 104 6.47 -28.67 -36.95
C ASN B 104 7.30 -28.40 -35.71
N ALA B 105 7.68 -27.14 -35.55
CA ALA B 105 8.40 -26.67 -34.37
C ALA B 105 7.45 -25.86 -33.50
N VAL B 106 7.32 -26.26 -32.23
CA VAL B 106 6.43 -25.58 -31.29
C VAL B 106 7.18 -25.36 -29.99
N ALA B 107 6.73 -24.36 -29.24
CA ALA B 107 7.35 -24.03 -27.97
C ALA B 107 6.97 -25.07 -26.92
N SER B 108 7.35 -24.81 -25.67
CA SER B 108 7.05 -25.70 -24.56
C SER B 108 6.61 -24.88 -23.35
N VAL B 109 5.66 -25.43 -22.60
CA VAL B 109 5.20 -24.80 -21.37
C VAL B 109 5.73 -25.58 -20.18
N PRO B 110 6.23 -24.92 -19.13
CA PRO B 110 6.82 -25.66 -18.01
C PRO B 110 5.79 -26.58 -17.36
N ILE B 111 6.30 -27.70 -16.85
CA ILE B 111 5.43 -28.77 -16.36
C ILE B 111 4.74 -28.34 -15.08
N MET B 112 3.46 -28.66 -14.96
CA MET B 112 2.65 -28.31 -13.81
C MET B 112 1.56 -29.37 -13.67
N TYR B 113 0.91 -29.38 -12.52
CA TYR B 113 -0.12 -30.36 -12.25
C TYR B 113 -1.46 -29.67 -12.13
N SER B 114 -2.51 -30.38 -12.52
CA SER B 114 -3.85 -29.80 -12.49
C SER B 114 -4.23 -29.43 -11.07
N TRP B 115 -4.91 -28.30 -10.94
CA TRP B 115 -5.36 -27.83 -9.63
C TRP B 115 -6.46 -26.81 -9.83
N SER B 116 -7.13 -26.48 -8.73
CA SER B 116 -8.34 -25.68 -8.80
C SER B 116 -8.26 -24.48 -7.86
N PRO B 117 -8.92 -23.38 -8.20
CA PRO B 117 -8.86 -22.19 -7.34
C PRO B 117 -9.66 -22.36 -6.06
N LEU B 118 -9.28 -21.60 -5.03
CA LEU B 118 -10.09 -21.41 -3.83
C LEU B 118 -9.49 -20.23 -3.07
N GLN B 119 -10.21 -19.78 -2.04
CA GLN B 119 -9.77 -18.61 -1.28
C GLN B 119 -9.79 -18.78 0.22
N GLN B 120 -10.62 -19.66 0.77
CA GLN B 120 -10.60 -20.00 2.17
C GLN B 120 -9.51 -21.04 2.40
N ASN B 121 -9.61 -21.75 3.51
CA ASN B 121 -8.76 -22.90 3.72
C ASN B 121 -9.62 -24.16 3.82
N PHE B 122 -8.94 -25.30 3.94
CA PHE B 122 -9.61 -26.59 3.88
C PHE B 122 -8.82 -27.59 4.71
N MET B 123 -9.54 -28.39 5.50
CA MET B 123 -8.88 -29.39 6.34
C MET B 123 -9.05 -30.76 5.68
N VAL B 124 -8.16 -31.68 6.03
CA VAL B 124 -8.27 -33.03 5.52
C VAL B 124 -7.69 -34.03 6.51
N HIS B 160 -3.34 -52.15 0.37
CA HIS B 160 -4.47 -51.74 -0.45
C HIS B 160 -4.73 -52.75 -1.57
N GLY B 161 -6.00 -53.05 -1.81
CA GLY B 161 -6.38 -54.01 -2.83
C GLY B 161 -6.15 -55.46 -2.47
N ASP B 162 -5.82 -55.75 -1.22
CA ASP B 162 -5.52 -57.11 -0.82
C ASP B 162 -6.76 -57.83 -0.30
N ARG B 163 -6.72 -59.16 -0.36
CA ARG B 163 -7.75 -60.05 0.17
C ARG B 163 -9.08 -59.88 -0.56
N GLU B 164 -10.00 -60.82 -0.32
CA GLU B 164 -11.33 -60.79 -0.92
C GLU B 164 -12.37 -61.21 0.11
N CYS B 165 -13.35 -60.33 0.33
CA CYS B 165 -14.53 -60.56 1.15
C CYS B 165 -14.20 -60.56 2.65
N GLY B 166 -12.92 -60.56 2.99
CA GLY B 166 -12.46 -60.22 4.33
C GLY B 166 -12.78 -61.21 5.44
N PHE B 167 -13.79 -62.07 5.27
CA PHE B 167 -14.24 -62.90 6.38
C PHE B 167 -15.12 -64.04 5.87
N ILE B 168 -15.43 -64.95 6.78
CA ILE B 168 -16.34 -66.06 6.49
C ILE B 168 -17.75 -65.48 6.36
N ASN B 169 -18.31 -65.56 5.14
CA ASN B 169 -19.59 -64.92 4.88
C ASN B 169 -20.68 -65.48 5.78
N ASP B 170 -21.56 -64.58 6.24
CA ASP B 170 -22.71 -65.02 7.04
C ASP B 170 -23.72 -65.78 6.20
N GLU B 171 -23.56 -65.78 4.87
CA GLU B 171 -24.44 -66.57 4.02
C GLU B 171 -24.31 -68.06 4.33
N ILE B 172 -23.09 -68.52 4.61
CA ILE B 172 -22.88 -69.90 5.02
C ILE B 172 -23.58 -70.18 6.34
N PHE B 173 -23.60 -69.21 7.25
CA PHE B 173 -24.33 -69.36 8.50
C PHE B 173 -25.82 -69.57 8.24
N VAL B 174 -26.39 -68.81 7.31
CA VAL B 174 -27.77 -69.04 6.90
C VAL B 174 -27.91 -70.40 6.23
N GLU B 175 -26.91 -70.80 5.44
CA GLU B 175 -26.90 -72.15 4.89
C GLU B 175 -26.81 -73.18 6.00
N LEU B 176 -26.04 -72.88 7.05
CA LEU B 176 -26.05 -73.73 8.24
C LEU B 176 -27.42 -73.72 8.90
N VAL B 177 -28.07 -72.56 8.93
CA VAL B 177 -29.43 -72.47 9.45
C VAL B 177 -30.36 -73.36 8.64
N ASN B 178 -30.17 -73.44 7.33
CA ASN B 178 -30.93 -74.39 6.52
C ASN B 178 -30.66 -75.81 6.97
N ALA B 179 -29.41 -76.12 7.33
CA ALA B 179 -29.12 -77.42 7.93
C ALA B 179 -29.73 -77.55 9.33
N LEU B 180 -30.13 -76.44 9.94
CA LEU B 180 -30.80 -76.52 11.24
C LEU B 180 -32.30 -76.64 11.08
N GLY B 181 -32.87 -75.93 10.10
CA GLY B 181 -34.30 -75.92 9.90
C GLY B 181 -34.88 -77.21 9.36
N GLN B 182 -34.05 -78.06 8.75
CA GLN B 182 -34.52 -79.36 8.30
C GLN B 182 -34.93 -80.26 9.47
N TYR B 183 -34.41 -80.01 10.67
CA TYR B 183 -34.82 -80.75 11.86
C TYR B 183 -36.26 -80.43 12.22
N SER B 222 -31.70 -88.51 15.70
CA SER B 222 -31.92 -87.14 16.16
C SER B 222 -30.61 -86.46 16.54
N ASP B 223 -29.91 -87.03 17.51
CA ASP B 223 -28.64 -86.47 17.94
C ASP B 223 -27.57 -86.57 16.87
N LYS B 224 -27.68 -87.56 15.96
CA LYS B 224 -26.73 -87.66 14.87
C LYS B 224 -26.81 -86.45 13.96
N ILE B 225 -28.01 -85.88 13.80
CA ILE B 225 -28.16 -84.65 13.03
C ILE B 225 -27.36 -83.52 13.67
N PHE B 226 -27.45 -83.40 14.99
CA PHE B 226 -26.73 -82.34 15.69
C PHE B 226 -25.22 -82.50 15.51
N GLU B 227 -24.72 -83.73 15.58
CA GLU B 227 -23.30 -83.97 15.36
C GLU B 227 -22.93 -83.78 13.89
N ALA B 228 -23.82 -84.18 12.98
CA ALA B 228 -23.55 -84.00 11.55
C ALA B 228 -23.42 -82.53 11.21
N ILE B 229 -24.30 -81.70 11.77
CA ILE B 229 -24.16 -80.25 11.61
C ILE B 229 -22.87 -79.78 12.26
N SER B 230 -22.49 -80.43 13.37
CA SER B 230 -21.29 -80.03 14.09
C SER B 230 -20.03 -80.42 13.35
N SER B 231 -20.13 -81.32 12.37
CA SER B 231 -18.95 -81.94 11.77
C SER B 231 -18.09 -80.96 10.98
N MET B 232 -18.67 -80.10 10.15
CA MET B 232 -17.90 -79.32 9.19
C MET B 232 -17.65 -77.89 9.67
N PHE B 233 -18.66 -77.23 10.23
CA PHE B 233 -18.53 -75.82 10.54
C PHE B 233 -17.68 -75.61 11.78
N PRO B 234 -16.88 -74.54 11.82
CA PRO B 234 -16.17 -74.21 13.06
C PRO B 234 -17.11 -73.98 14.23
N ASP B 235 -18.28 -73.40 13.98
CA ASP B 235 -19.35 -73.32 14.97
C ASP B 235 -20.14 -74.62 14.87
N LYS B 236 -19.71 -75.62 15.63
CA LYS B 236 -20.23 -76.98 15.52
C LYS B 236 -21.68 -77.00 16.00
N GLY B 237 -22.59 -77.09 15.04
CA GLY B 237 -24.01 -76.96 15.33
C GLY B 237 -24.69 -78.18 15.92
N THR B 238 -24.28 -78.57 17.13
CA THR B 238 -25.06 -79.56 17.86
C THR B 238 -26.22 -78.88 18.57
N ALA B 239 -27.20 -79.68 18.99
CA ALA B 239 -28.38 -79.14 19.66
C ALA B 239 -27.98 -78.27 20.85
N GLU B 240 -26.92 -78.67 21.56
CA GLU B 240 -26.39 -77.82 22.62
C GLU B 240 -25.87 -76.51 22.05
N GLU B 241 -25.17 -76.55 20.92
CA GLU B 241 -24.68 -75.34 20.27
C GLU B 241 -25.71 -74.71 19.34
N LEU B 242 -26.77 -75.44 18.98
CA LEU B 242 -27.86 -74.82 18.24
C LEU B 242 -28.49 -73.69 19.03
N LYS B 243 -28.42 -73.76 20.36
CA LYS B 243 -28.88 -72.66 21.20
C LYS B 243 -28.07 -71.41 20.94
N GLU B 244 -26.76 -71.55 20.77
CA GLU B 244 -25.93 -70.41 20.38
C GLU B 244 -26.33 -69.89 19.00
N LYS B 245 -26.66 -70.81 18.08
CA LYS B 245 -27.07 -70.40 16.74
C LYS B 245 -28.31 -69.53 16.79
N TYR B 246 -29.31 -69.93 17.59
CA TYR B 246 -30.52 -69.14 17.71
C TYR B 246 -30.24 -67.78 18.35
N LYS B 247 -29.38 -67.77 19.37
CA LYS B 247 -29.02 -66.50 20.01
C LYS B 247 -28.29 -65.58 19.03
N GLU B 248 -27.37 -66.14 18.24
CA GLU B 248 -26.74 -65.36 17.18
C GLU B 248 -27.74 -64.95 16.11
N LEU B 249 -28.84 -65.70 15.96
CA LEU B 249 -29.88 -65.34 15.01
C LEU B 249 -30.82 -64.27 15.55
N THR B 250 -30.72 -63.94 16.83
CA THR B 250 -31.58 -62.91 17.42
C THR B 250 -31.28 -61.52 16.87
N GLU B 251 -30.13 -61.31 16.24
CA GLU B 251 -29.83 -60.02 15.64
C GLU B 251 -30.82 -59.68 14.53
N GLN B 252 -31.17 -60.68 13.72
CA GLN B 252 -32.22 -60.55 12.70
C GLN B 252 -31.88 -59.51 11.64
N GLN B 253 -31.88 -58.24 12.03
CA GLN B 253 -31.67 -57.16 11.07
C GLN B 253 -30.90 -56.03 11.72
N LEU B 254 -29.98 -55.43 10.96
CA LEU B 254 -29.21 -54.31 11.46
C LEU B 254 -30.10 -53.07 11.55
N PRO B 255 -29.90 -52.22 12.57
CA PRO B 255 -30.72 -51.00 12.67
C PRO B 255 -30.60 -50.08 11.47
N GLY B 256 -29.43 -49.99 10.84
CA GLY B 256 -29.24 -49.17 9.67
C GLY B 256 -28.78 -47.76 10.01
N ALA B 257 -28.31 -47.06 8.97
CA ALA B 257 -27.81 -45.70 9.11
C ALA B 257 -28.96 -44.72 8.92
N LEU B 258 -29.67 -44.47 10.01
CA LEU B 258 -30.81 -43.57 10.02
C LEU B 258 -31.01 -43.07 11.43
N PRO B 259 -31.67 -41.93 11.62
CA PRO B 259 -31.97 -41.44 12.97
C PRO B 259 -32.84 -42.44 13.72
N PRO B 260 -32.34 -43.02 14.80
CA PRO B 260 -33.13 -44.05 15.50
C PRO B 260 -34.47 -43.52 16.00
N GLU B 261 -34.53 -42.26 16.41
CA GLU B 261 -35.78 -41.67 16.86
C GLU B 261 -36.57 -41.12 15.69
N CYS B 262 -37.89 -41.13 15.83
CA CYS B 262 -38.79 -40.58 14.80
C CYS B 262 -38.70 -39.07 14.85
N THR B 263 -37.73 -38.51 14.11
CA THR B 263 -37.49 -37.08 14.07
C THR B 263 -37.51 -36.63 12.61
N PRO B 264 -38.68 -36.57 11.98
CA PRO B 264 -38.75 -36.09 10.60
C PRO B 264 -38.67 -34.56 10.55
N ASN B 265 -38.63 -34.04 9.34
CA ASN B 265 -38.71 -32.60 9.15
C ASN B 265 -40.05 -32.09 9.66
N ILE B 266 -40.02 -30.97 10.39
CA ILE B 266 -41.24 -30.45 10.98
C ILE B 266 -42.24 -30.02 9.91
N ASP B 267 -41.75 -29.64 8.71
CA ASP B 267 -42.64 -29.44 7.58
C ASP B 267 -43.32 -30.73 7.15
N GLY B 268 -42.71 -31.88 7.42
CA GLY B 268 -43.32 -33.14 7.09
C GLY B 268 -44.56 -33.41 7.92
N PRO B 269 -45.56 -34.05 7.32
CA PRO B 269 -46.77 -34.38 8.08
C PRO B 269 -46.54 -35.43 9.17
N ASN B 270 -45.49 -36.22 9.06
CA ASN B 270 -45.21 -37.27 10.04
C ASN B 270 -44.31 -36.79 11.18
N ALA B 271 -44.01 -35.49 11.24
CA ALA B 271 -43.17 -34.95 12.29
C ALA B 271 -43.75 -35.26 13.66
N LYS B 272 -43.05 -36.05 14.46
CA LYS B 272 -43.51 -36.46 15.76
C LYS B 272 -43.40 -35.30 16.75
N SER B 273 -43.88 -35.53 17.96
CA SER B 273 -43.79 -34.51 19.02
C SER B 273 -42.37 -34.46 19.57
N VAL B 274 -41.41 -34.17 18.69
CA VAL B 274 -40.02 -34.09 19.09
C VAL B 274 -39.83 -32.88 20.00
N GLN B 275 -39.13 -33.10 21.11
CA GLN B 275 -38.92 -32.01 22.06
C GLN B 275 -37.99 -30.96 21.46
N ARG B 276 -37.94 -29.81 22.14
CA ARG B 276 -37.24 -28.65 21.60
C ARG B 276 -35.76 -28.93 21.37
N GLU B 277 -35.10 -29.55 22.37
CA GLU B 277 -33.66 -29.77 22.27
C GLU B 277 -33.32 -30.83 21.24
N GLN B 278 -34.12 -31.89 21.13
CA GLN B 278 -33.82 -32.94 20.15
C GLN B 278 -33.92 -32.42 18.73
N SER B 279 -34.91 -31.57 18.46
CA SER B 279 -35.01 -30.94 17.15
C SER B 279 -33.81 -30.04 16.89
N LEU B 280 -33.38 -29.31 17.92
CA LEU B 280 -32.23 -28.42 17.78
C LEU B 280 -30.92 -29.20 17.76
N HIS B 281 -30.95 -30.45 18.24
CA HIS B 281 -29.73 -31.25 18.34
C HIS B 281 -29.07 -31.43 16.98
N SER B 282 -29.88 -31.71 15.95
CA SER B 282 -29.32 -31.88 14.61
C SER B 282 -28.65 -30.59 14.14
N PHE B 283 -29.32 -29.45 14.31
CA PHE B 283 -28.73 -28.19 13.88
C PHE B 283 -27.48 -27.87 14.68
N HIS B 284 -27.51 -28.11 15.99
CA HIS B 284 -26.38 -27.76 16.83
C HIS B 284 -25.12 -28.52 16.42
N THR B 285 -25.27 -29.82 16.16
CA THR B 285 -24.13 -30.62 15.72
C THR B 285 -23.60 -30.13 14.38
N LEU B 286 -24.50 -29.83 13.45
CA LEU B 286 -24.08 -29.40 12.12
C LEU B 286 -23.51 -27.99 12.12
N PHE B 287 -23.98 -27.13 13.02
CA PHE B 287 -23.61 -25.73 12.96
C PHE B 287 -22.22 -25.50 13.54
N CYS B 288 -21.52 -24.52 12.97
CA CYS B 288 -20.20 -24.10 13.43
C CYS B 288 -20.15 -22.58 13.39
N ARG B 289 -20.33 -21.95 14.56
CA ARG B 289 -20.40 -20.50 14.64
C ARG B 289 -19.06 -19.83 14.33
N ARG B 290 -17.97 -20.60 14.30
CA ARG B 290 -16.68 -20.06 13.94
C ARG B 290 -16.77 -19.30 12.62
N CYS B 291 -17.34 -19.94 11.59
CA CYS B 291 -17.70 -19.27 10.35
C CYS B 291 -19.20 -19.08 10.24
N PHE B 292 -19.93 -19.27 11.35
CA PHE B 292 -21.39 -19.21 11.39
C PHE B 292 -22.03 -19.92 10.19
N LYS B 293 -21.53 -21.11 9.88
CA LYS B 293 -22.09 -21.95 8.85
C LYS B 293 -22.29 -23.36 9.38
N TYR B 294 -23.13 -24.11 8.69
CA TYR B 294 -23.35 -25.52 9.01
C TYR B 294 -22.33 -26.39 8.29
N ASP B 295 -21.76 -27.34 9.01
CA ASP B 295 -20.72 -28.24 8.48
C ASP B 295 -19.56 -27.44 7.91
N CYS B 296 -18.90 -26.69 8.79
CA CYS B 296 -17.74 -25.90 8.40
C CYS B 296 -16.56 -26.81 8.12
N PHE B 297 -16.34 -27.14 6.85
CA PHE B 297 -15.29 -28.07 6.46
C PHE B 297 -13.91 -27.39 6.48
N LEU B 298 -13.82 -26.23 7.12
CA LEU B 298 -12.55 -25.55 7.33
C LEU B 298 -12.17 -25.44 8.80
N HIS B 299 -13.05 -25.86 9.72
CA HIS B 299 -12.81 -25.70 11.14
C HIS B 299 -12.69 -27.04 11.86
N PHE B 306 -16.71 -32.86 17.44
CA PHE B 306 -17.43 -32.32 18.59
C PHE B 306 -16.89 -30.95 18.96
N HIS B 307 -16.04 -30.39 18.10
CA HIS B 307 -15.46 -29.08 18.38
C HIS B 307 -16.49 -27.99 18.15
N ALA B 308 -17.48 -27.91 19.03
CA ALA B 308 -18.53 -26.92 18.94
C ALA B 308 -19.02 -26.57 20.34
N THR B 309 -19.62 -25.39 20.46
CA THR B 309 -20.11 -24.93 21.76
C THR B 309 -21.31 -25.76 22.21
N PRO B 310 -21.46 -26.01 23.51
CA PRO B 310 -22.63 -26.77 23.98
C PRO B 310 -23.90 -25.95 24.09
N ASN B 311 -23.82 -24.64 23.88
CA ASN B 311 -24.96 -23.71 23.92
C ASN B 311 -25.83 -23.91 25.17
N THR B 312 -25.24 -24.41 26.25
CA THR B 312 -25.96 -24.62 27.51
C THR B 312 -26.09 -23.35 28.32
N TYR B 313 -25.65 -22.22 27.79
CA TYR B 313 -25.69 -20.93 28.49
C TYR B 313 -27.11 -20.43 28.70
N LYS B 314 -27.24 -19.28 29.37
CA LYS B 314 -28.53 -18.61 29.54
C LYS B 314 -28.33 -17.12 29.30
N ARG B 315 -29.43 -16.44 28.97
CA ARG B 315 -29.37 -15.03 28.63
C ARG B 315 -30.65 -14.35 29.07
N LYS B 316 -30.59 -13.02 29.18
CA LYS B 316 -31.74 -12.23 29.58
C LYS B 316 -32.87 -12.37 28.56
N ASN B 317 -34.10 -12.44 29.06
CA ASN B 317 -35.29 -12.57 28.22
C ASN B 317 -36.31 -11.46 28.42
N THR B 318 -36.09 -10.56 29.36
CA THR B 318 -37.04 -9.49 29.66
C THR B 318 -36.86 -8.27 28.78
N GLU B 319 -36.16 -8.40 27.65
CA GLU B 319 -36.00 -7.27 26.74
C GLU B 319 -37.28 -6.96 25.97
N THR B 320 -38.28 -7.84 26.04
CA THR B 320 -39.53 -7.60 25.33
C THR B 320 -40.25 -6.39 25.93
N ALA B 321 -41.03 -5.70 25.09
CA ALA B 321 -41.69 -4.49 25.52
C ALA B 321 -42.88 -4.78 26.42
N LEU B 322 -43.50 -5.95 26.27
CA LEU B 322 -44.68 -6.34 27.05
C LEU B 322 -45.81 -5.32 26.89
N ASP B 323 -46.13 -4.99 25.64
CA ASP B 323 -47.22 -4.07 25.33
C ASP B 323 -48.49 -4.88 25.09
N ASN B 324 -49.10 -5.32 26.19
CA ASN B 324 -50.32 -6.11 26.12
C ASN B 324 -51.45 -5.28 25.53
N LYS B 325 -52.23 -5.88 24.64
CA LYS B 325 -53.32 -5.17 23.99
C LYS B 325 -54.32 -6.19 23.46
N PRO B 326 -55.61 -5.89 23.50
CA PRO B 326 -56.59 -6.78 22.88
C PRO B 326 -56.60 -6.66 21.37
N CYS B 327 -55.55 -7.13 20.73
CA CYS B 327 -55.38 -6.98 19.29
C CYS B 327 -55.67 -8.27 18.52
N GLY B 328 -56.17 -9.31 19.19
CA GLY B 328 -56.32 -10.60 18.56
C GLY B 328 -57.69 -11.21 18.73
N PRO B 329 -58.76 -10.40 18.63
CA PRO B 329 -60.10 -10.82 19.05
C PRO B 329 -60.19 -11.88 20.14
N GLN B 330 -59.61 -13.06 19.91
CA GLN B 330 -59.44 -14.08 20.95
C GLN B 330 -57.94 -14.26 21.16
N CYS B 331 -57.42 -13.64 22.21
CA CYS B 331 -55.98 -13.56 22.43
C CYS B 331 -55.70 -13.90 23.89
N TYR B 332 -54.46 -13.68 24.32
CA TYR B 332 -54.21 -13.68 25.76
C TYR B 332 -55.00 -12.59 26.45
N GLN B 333 -55.31 -11.52 25.71
CA GLN B 333 -56.23 -10.48 26.17
C GLN B 333 -57.66 -10.89 25.87
N HIS B 334 -58.60 -9.92 25.96
CA HIS B 334 -60.01 -10.10 25.65
C HIS B 334 -60.72 -10.93 26.71
N LEU B 335 -59.97 -11.48 27.66
CA LEU B 335 -60.53 -12.21 28.79
C LEU B 335 -59.79 -11.78 30.04
N GLU B 336 -60.48 -11.05 30.92
CA GLU B 336 -59.84 -10.53 32.12
C GLU B 336 -59.34 -11.66 33.01
N GLY B 337 -60.12 -12.72 33.16
CA GLY B 337 -59.66 -13.87 33.92
C GLY B 337 -58.44 -14.52 33.31
N ALA B 338 -58.46 -14.72 31.99
CA ALA B 338 -57.31 -15.30 31.32
C ALA B 338 -56.11 -14.35 31.33
N LYS B 339 -56.35 -13.06 31.08
CA LYS B 339 -55.26 -12.10 31.06
C LYS B 339 -54.66 -11.92 32.45
N GLU B 340 -55.51 -11.87 33.47
CA GLU B 340 -55.00 -11.81 34.84
C GLU B 340 -54.28 -13.10 35.21
N PHE B 341 -54.79 -14.24 34.75
CA PHE B 341 -54.13 -15.51 35.04
C PHE B 341 -52.73 -15.56 34.42
N ALA B 342 -52.51 -14.81 33.34
CA ALA B 342 -51.17 -14.73 32.77
C ALA B 342 -50.19 -14.11 33.76
N ALA B 343 -50.65 -13.11 34.52
CA ALA B 343 -49.81 -12.51 35.55
C ALA B 343 -49.42 -13.50 36.64
N ALA B 344 -50.27 -14.51 36.90
CA ALA B 344 -49.92 -15.54 37.87
C ALA B 344 -48.78 -16.42 37.37
N LEU B 345 -48.73 -16.70 36.06
CA LEU B 345 -47.67 -17.53 35.51
C LEU B 345 -46.32 -16.82 35.53
N THR B 346 -46.31 -15.50 35.34
CA THR B 346 -45.07 -14.74 35.36
C THR B 346 -44.50 -14.68 36.77
N PRO B 433 -59.04 -23.78 29.75
CA PRO B 433 -59.57 -24.80 28.84
C PRO B 433 -59.79 -24.25 27.43
N PRO B 434 -58.99 -24.69 26.47
CA PRO B 434 -59.18 -24.25 25.09
C PRO B 434 -60.44 -24.82 24.46
N GLU B 435 -60.74 -24.34 23.26
CA GLU B 435 -61.95 -24.74 22.56
C GLU B 435 -61.75 -26.10 21.90
N ASN B 436 -62.69 -26.45 21.01
CA ASN B 436 -62.67 -27.74 20.34
C ASN B 436 -61.49 -27.88 19.38
N VAL B 437 -60.80 -26.79 19.07
CA VAL B 437 -59.66 -26.85 18.16
C VAL B 437 -58.59 -27.76 18.74
N GLU B 438 -57.93 -28.52 17.87
CA GLU B 438 -56.89 -29.45 18.27
C GLU B 438 -55.61 -29.11 17.52
N TRP B 439 -54.50 -29.65 18.02
CA TRP B 439 -53.17 -29.30 17.53
C TRP B 439 -52.44 -30.57 17.12
N SER B 440 -51.75 -30.51 15.98
CA SER B 440 -51.04 -31.67 15.47
C SER B 440 -49.81 -31.96 16.33
N GLY B 441 -49.35 -33.22 16.27
CA GLY B 441 -48.16 -33.58 16.99
C GLY B 441 -46.95 -32.78 16.55
N ALA B 442 -46.88 -32.47 15.25
CA ALA B 442 -45.85 -31.57 14.77
C ALA B 442 -46.00 -30.16 15.34
N GLU B 443 -47.24 -29.67 15.47
CA GLU B 443 -47.46 -28.34 16.04
C GLU B 443 -47.00 -28.29 17.49
N ALA B 444 -47.29 -29.34 18.26
CA ALA B 444 -46.87 -29.36 19.66
C ALA B 444 -45.35 -29.34 19.80
N SER B 445 -44.63 -29.87 18.82
CA SER B 445 -43.17 -29.84 18.86
C SER B 445 -42.67 -28.41 18.79
N MET B 446 -43.12 -27.65 17.80
CA MET B 446 -42.69 -26.27 17.68
C MET B 446 -43.36 -25.38 18.70
N PHE B 447 -44.49 -25.81 19.26
CA PHE B 447 -45.01 -25.16 20.47
C PHE B 447 -44.02 -25.31 21.61
N ARG B 448 -43.44 -26.50 21.76
CA ARG B 448 -42.38 -26.69 22.75
C ARG B 448 -41.15 -25.85 22.42
N VAL B 449 -40.89 -25.65 21.13
CA VAL B 449 -39.73 -24.86 20.73
C VAL B 449 -39.96 -23.38 21.02
N LEU B 450 -41.17 -22.90 20.75
CA LEU B 450 -41.43 -21.46 20.80
C LEU B 450 -41.29 -20.90 22.21
N ILE B 451 -41.71 -21.66 23.22
CA ILE B 451 -41.70 -21.15 24.59
C ILE B 451 -40.28 -20.83 25.04
N GLY B 452 -39.31 -21.63 24.62
CA GLY B 452 -37.93 -21.38 25.00
C GLY B 452 -37.34 -20.10 24.45
N THR B 453 -38.05 -19.41 23.56
CA THR B 453 -37.55 -18.16 22.98
C THR B 453 -38.05 -16.97 23.79
N TYR B 454 -39.37 -16.83 23.93
CA TYR B 454 -39.95 -15.67 24.58
C TYR B 454 -40.47 -15.97 25.97
N TYR B 455 -41.04 -17.17 26.18
CA TYR B 455 -41.57 -17.64 27.45
C TYR B 455 -42.85 -16.91 27.83
N ASP B 456 -43.18 -15.84 27.11
CA ASP B 456 -44.38 -15.06 27.37
C ASP B 456 -45.12 -14.60 26.13
N ASN B 457 -44.45 -14.47 24.98
CA ASN B 457 -45.02 -13.79 23.82
C ASN B 457 -45.92 -14.74 23.04
N PHE B 458 -47.14 -14.89 23.55
CA PHE B 458 -48.15 -15.67 22.85
C PHE B 458 -48.70 -14.93 21.64
N CYS B 459 -48.59 -13.60 21.62
CA CYS B 459 -49.01 -12.84 20.45
C CYS B 459 -48.13 -13.15 19.25
N ALA B 460 -46.81 -13.25 19.48
CA ALA B 460 -45.90 -13.58 18.39
C ALA B 460 -46.14 -14.99 17.85
N ILE B 461 -46.72 -15.86 18.67
CA ILE B 461 -47.04 -17.20 18.19
C ILE B 461 -48.09 -17.13 17.09
N ALA B 462 -49.06 -16.22 17.23
CA ALA B 462 -50.11 -16.08 16.22
C ALA B 462 -49.54 -15.63 14.88
N ARG B 463 -48.61 -14.69 14.87
CA ARG B 463 -48.05 -14.24 13.61
C ARG B 463 -47.07 -15.25 13.03
N LEU B 464 -46.39 -16.02 13.88
CA LEU B 464 -45.44 -17.01 13.39
C LEU B 464 -46.16 -18.15 12.66
N ILE B 465 -47.20 -18.70 13.28
CA ILE B 465 -48.00 -19.75 12.67
C ILE B 465 -49.43 -19.25 12.55
N GLY B 466 -49.95 -19.25 11.33
CA GLY B 466 -51.30 -18.77 11.08
C GLY B 466 -52.39 -19.81 11.29
N THR B 467 -52.02 -21.04 11.61
CA THR B 467 -53.02 -22.09 11.79
C THR B 467 -53.87 -21.85 13.03
N LYS B 468 -53.29 -21.31 14.09
CA LYS B 468 -53.96 -21.17 15.36
C LYS B 468 -53.92 -19.72 15.85
N THR B 469 -55.02 -19.28 16.45
CA THR B 469 -55.11 -17.97 17.05
C THR B 469 -54.46 -18.00 18.44
N CYS B 470 -54.15 -16.81 18.98
CA CYS B 470 -53.48 -16.74 20.27
C CYS B 470 -54.29 -17.41 21.37
N ARG B 471 -55.60 -17.20 21.37
CA ARG B 471 -56.44 -17.96 22.28
C ARG B 471 -56.43 -19.43 21.86
N GLN B 472 -56.51 -20.31 22.86
CA GLN B 472 -56.30 -21.74 22.74
C GLN B 472 -54.85 -22.08 22.44
N VAL B 473 -54.02 -21.08 22.17
CA VAL B 473 -52.57 -21.23 22.20
C VAL B 473 -52.00 -20.68 23.50
N TYR B 474 -52.42 -19.46 23.88
CA TYR B 474 -52.23 -19.02 25.26
C TYR B 474 -52.79 -20.05 26.23
N GLU B 475 -53.99 -20.55 25.95
CA GLU B 475 -54.56 -21.62 26.75
C GLU B 475 -53.77 -22.92 26.60
N PHE B 476 -53.25 -23.18 25.40
CA PHE B 476 -52.38 -24.34 25.22
C PHE B 476 -51.11 -24.21 26.04
N ARG B 477 -50.53 -23.00 26.07
CA ARG B 477 -49.38 -22.76 26.93
C ARG B 477 -49.77 -22.87 28.40
N VAL B 478 -51.01 -22.51 28.74
CA VAL B 478 -51.51 -22.79 30.08
C VAL B 478 -51.49 -24.28 30.35
N LYS B 479 -51.96 -25.07 29.38
CA LYS B 479 -51.87 -26.52 29.50
C LYS B 479 -50.40 -26.96 29.48
N GLU B 480 -49.59 -26.34 28.61
CA GLU B 480 -48.18 -26.68 28.56
C GLU B 480 -47.48 -26.29 29.86
N SER B 481 -47.81 -25.12 30.42
CA SER B 481 -47.22 -24.73 31.69
C SER B 481 -47.62 -25.69 32.81
N SER B 482 -48.84 -26.22 32.75
CA SER B 482 -49.27 -27.21 33.73
C SER B 482 -48.65 -28.58 33.50
N ILE B 483 -48.20 -28.86 32.28
CA ILE B 483 -47.60 -30.16 31.95
C ILE B 483 -46.09 -30.05 32.10
N ILE B 484 -45.49 -29.15 31.32
CA ILE B 484 -44.05 -28.95 31.36
C ILE B 484 -43.69 -28.04 32.53
N ALA B 485 -42.54 -28.32 33.16
CA ALA B 485 -42.08 -27.50 34.27
C ALA B 485 -41.83 -26.07 33.79
N PRO B 486 -42.10 -25.07 34.65
CA PRO B 486 -41.94 -23.68 34.22
C PRO B 486 -40.50 -23.34 33.89
N ALA B 487 -40.32 -22.44 32.95
CA ALA B 487 -39.00 -22.02 32.54
C ALA B 487 -38.33 -21.19 33.65
N PRO B 488 -37.00 -21.20 33.73
CA PRO B 488 -36.33 -20.40 34.77
C PRO B 488 -36.55 -18.90 34.61
N ALA B 489 -36.28 -18.36 33.43
CA ALA B 489 -36.46 -16.92 33.15
C ALA B 489 -35.68 -16.06 34.15
N GLU B 490 -34.39 -16.36 34.27
CA GLU B 490 -33.52 -15.68 35.24
C GLU B 490 -32.65 -14.66 34.52
N ASP B 491 -32.51 -13.49 35.13
CA ASP B 491 -31.71 -12.40 34.58
C ASP B 491 -30.56 -12.08 35.52
N VAL B 492 -29.42 -11.69 34.94
CA VAL B 492 -28.21 -11.42 35.71
C VAL B 492 -27.64 -10.07 35.31
N ASP B 493 -26.81 -9.51 36.20
CA ASP B 493 -26.14 -8.25 35.96
C ASP B 493 -24.63 -8.30 36.19
N THR B 494 -24.12 -9.35 36.83
CA THR B 494 -22.72 -9.56 37.22
C THR B 494 -22.30 -8.54 38.27
N PRO B 495 -21.47 -8.95 39.23
CA PRO B 495 -21.01 -8.01 40.26
C PRO B 495 -20.28 -6.80 39.68
N PRO B 496 -19.45 -6.95 38.64
CA PRO B 496 -18.85 -5.75 38.03
C PRO B 496 -19.86 -4.96 37.23
N ARG B 497 -19.87 -3.65 37.44
CA ARG B 497 -20.69 -2.72 36.67
C ARG B 497 -19.87 -1.93 35.67
N LYS B 498 -18.81 -1.28 36.14
CA LYS B 498 -17.92 -0.51 35.27
C LYS B 498 -16.60 -0.30 36.00
N LYS B 499 -15.63 0.26 35.26
CA LYS B 499 -14.29 0.55 35.78
C LYS B 499 -13.57 -0.72 36.24
N LYS B 500 -12.42 -0.55 36.89
CA LYS B 500 -11.61 -1.64 37.43
C LYS B 500 -11.17 -2.63 36.37
N ARG B 501 -11.17 -2.22 35.10
CA ARG B 501 -10.83 -3.10 33.99
C ARG B 501 -9.96 -2.40 32.96
N LYS B 502 -8.99 -1.61 33.43
CA LYS B 502 -8.12 -0.87 32.52
C LYS B 502 -7.35 -1.80 31.60
N HIS B 503 -7.23 -1.39 30.33
CA HIS B 503 -6.57 -2.22 29.33
C HIS B 503 -5.07 -2.34 29.58
N ARG B 504 -4.49 -1.48 30.41
CA ARG B 504 -3.09 -1.67 30.79
C ARG B 504 -2.92 -2.92 31.64
N LEU B 505 -3.93 -3.25 32.46
CA LEU B 505 -3.92 -4.54 33.15
C LEU B 505 -3.94 -5.68 32.16
N TRP B 506 -4.74 -5.57 31.10
CA TRP B 506 -4.72 -6.55 30.03
C TRP B 506 -3.31 -6.69 29.47
N ALA B 507 -2.68 -5.56 29.13
CA ALA B 507 -1.29 -5.58 28.70
C ALA B 507 -0.39 -6.13 29.79
N ALA B 508 -0.64 -5.75 31.04
CA ALA B 508 0.06 -6.38 32.16
C ALA B 508 -0.25 -7.87 32.24
N HIS B 509 -1.52 -8.23 32.05
CA HIS B 509 -1.88 -9.65 31.98
C HIS B 509 -1.20 -10.31 30.79
N CYS B 510 -1.15 -9.62 29.65
CA CYS B 510 -0.39 -10.12 28.52
C CYS B 510 1.10 -10.15 28.83
N ARG B 511 1.60 -9.14 29.55
CA ARG B 511 3.00 -9.15 29.96
C ARG B 511 3.32 -10.37 30.81
N LYS B 512 2.40 -10.72 31.71
CA LYS B 512 2.60 -11.90 32.55
C LYS B 512 2.72 -13.16 31.69
N ILE B 513 1.86 -13.28 30.68
CA ILE B 513 1.93 -14.42 29.78
C ILE B 513 3.19 -14.36 28.93
N GLN B 514 3.55 -13.15 28.49
CA GLN B 514 4.70 -12.99 27.60
C GLN B 514 5.99 -13.46 28.26
N LEU B 515 6.20 -13.06 29.51
CA LEU B 515 7.44 -13.42 30.20
C LEU B 515 7.45 -14.88 30.61
N LYS B 516 6.27 -15.50 30.75
CA LYS B 516 6.22 -16.89 31.19
C LYS B 516 6.73 -17.83 30.11
N LYS B 517 6.07 -17.85 28.95
CA LYS B 517 6.46 -18.75 27.87
C LYS B 517 6.54 -18.10 26.50
N ASP B 518 5.93 -16.93 26.28
CA ASP B 518 6.01 -16.30 24.97
C ASP B 518 7.38 -15.70 24.68
N GLY B 519 8.29 -15.72 25.66
CA GLY B 519 9.65 -15.25 25.40
C GLY B 519 10.35 -16.08 24.35
N SER B 520 10.03 -17.37 24.25
CA SER B 520 10.63 -18.21 23.22
C SER B 520 10.23 -17.77 21.82
N SER B 521 8.97 -17.40 21.63
CA SER B 521 8.46 -16.90 20.35
C SER B 521 8.67 -17.91 19.22
N ASN B 522 8.53 -19.19 19.54
CA ASN B 522 8.66 -20.26 18.54
C ASN B 522 7.51 -21.23 18.54
N HIS B 523 6.74 -21.32 19.62
CA HIS B 523 5.71 -22.35 19.77
C HIS B 523 4.34 -21.73 19.49
N VAL B 524 4.02 -21.66 18.21
CA VAL B 524 2.79 -20.99 17.77
C VAL B 524 1.67 -22.02 17.76
N TYR B 525 0.80 -21.95 18.76
CA TYR B 525 -0.34 -22.86 18.84
C TYR B 525 -1.55 -22.19 18.22
N ASN B 526 -2.23 -22.93 17.34
CA ASN B 526 -3.45 -22.42 16.75
C ASN B 526 -4.52 -22.28 17.81
N TYR B 527 -5.45 -21.35 17.57
CA TYR B 527 -6.47 -21.07 18.57
C TYR B 527 -7.39 -22.27 18.75
N GLN B 528 -7.79 -22.51 19.98
CA GLN B 528 -8.77 -23.54 20.28
C GLN B 528 -9.83 -22.96 21.22
N PRO B 529 -11.10 -23.23 20.96
CA PRO B 529 -12.15 -22.70 21.84
C PRO B 529 -12.13 -23.37 23.19
N CYS B 530 -11.80 -22.60 24.22
CA CYS B 530 -11.74 -23.12 25.58
C CYS B 530 -13.13 -23.12 26.21
N ASP B 531 -13.37 -24.10 27.07
CA ASP B 531 -14.65 -24.23 27.75
C ASP B 531 -14.44 -23.95 29.23
N HIS B 532 -15.17 -22.95 29.74
CA HIS B 532 -15.15 -22.60 31.16
C HIS B 532 -16.59 -22.45 31.64
N PRO B 533 -17.33 -23.56 31.71
CA PRO B 533 -18.75 -23.47 32.10
C PRO B 533 -18.97 -22.87 33.48
N ARG B 534 -18.11 -23.18 34.45
CA ARG B 534 -18.26 -22.60 35.79
C ARG B 534 -16.95 -21.99 36.26
N GLN B 535 -15.83 -22.63 35.94
CA GLN B 535 -14.55 -22.13 36.39
C GLN B 535 -14.25 -20.79 35.72
N PRO B 536 -13.59 -19.88 36.42
CA PRO B 536 -13.17 -18.63 35.78
C PRO B 536 -12.01 -18.84 34.86
N CYS B 537 -11.48 -17.76 34.30
CA CYS B 537 -10.39 -17.86 33.33
C CYS B 537 -9.07 -18.09 34.06
N ASP B 538 -8.98 -19.20 34.78
CA ASP B 538 -7.81 -19.51 35.57
C ASP B 538 -6.62 -19.86 34.68
N SER B 539 -5.50 -20.17 35.32
CA SER B 539 -4.31 -20.61 34.60
C SER B 539 -4.50 -21.96 33.93
N SER B 540 -5.58 -22.68 34.26
CA SER B 540 -5.92 -23.91 33.58
C SER B 540 -6.63 -23.69 32.25
N CYS B 541 -6.85 -22.43 31.87
CA CYS B 541 -7.51 -22.15 30.59
C CYS B 541 -6.66 -22.69 29.45
N PRO B 542 -7.22 -23.46 28.54
CA PRO B 542 -6.42 -24.05 27.46
C PRO B 542 -5.65 -23.03 26.65
N CYS B 543 -6.23 -21.85 26.41
CA CYS B 543 -5.50 -20.81 25.70
C CYS B 543 -4.28 -20.36 26.50
N VAL B 544 -4.42 -20.25 27.82
CA VAL B 544 -3.28 -19.89 28.65
C VAL B 544 -2.16 -20.92 28.52
N ILE B 545 -2.52 -22.20 28.56
CA ILE B 545 -1.55 -23.25 28.32
C ILE B 545 -1.00 -23.13 26.91
N ALA B 546 -1.87 -22.81 25.95
CA ALA B 546 -1.46 -22.61 24.58
C ALA B 546 -0.91 -21.22 24.32
N GLN B 547 -0.55 -20.48 25.37
CA GLN B 547 0.03 -19.14 25.28
C GLN B 547 -0.68 -18.29 24.22
N ASN B 548 -2.00 -18.28 24.30
CA ASN B 548 -2.82 -17.57 23.35
C ASN B 548 -3.95 -16.84 24.08
N PHE B 549 -4.54 -15.88 23.39
CA PHE B 549 -5.64 -15.13 23.97
C PHE B 549 -6.96 -15.83 23.70
N CYS B 550 -7.88 -15.71 24.65
CA CYS B 550 -9.24 -16.14 24.40
C CYS B 550 -9.88 -15.27 23.32
N GLU B 551 -10.92 -15.80 22.69
CA GLU B 551 -11.61 -15.10 21.61
C GLU B 551 -13.07 -14.91 21.97
N LYS B 552 -13.78 -14.23 21.08
CA LYS B 552 -15.21 -14.05 21.27
C LYS B 552 -15.96 -15.37 21.31
N PHE B 553 -15.43 -16.41 20.66
CA PHE B 553 -16.10 -17.71 20.66
C PHE B 553 -15.80 -18.52 21.91
N CYS B 554 -14.81 -18.12 22.71
CA CYS B 554 -14.44 -18.89 23.87
C CYS B 554 -15.59 -18.94 24.87
N GLN B 555 -15.72 -20.09 25.54
CA GLN B 555 -16.76 -20.23 26.55
C GLN B 555 -16.46 -19.43 27.80
N CYS B 556 -15.26 -18.85 27.90
CA CYS B 556 -14.97 -17.88 28.95
C CYS B 556 -15.98 -16.74 28.88
N SER B 557 -16.29 -16.18 30.05
CA SER B 557 -17.33 -15.17 30.14
C SER B 557 -16.92 -13.90 29.38
N SER B 558 -17.85 -12.95 29.33
CA SER B 558 -17.63 -11.68 28.64
C SER B 558 -16.63 -10.83 29.42
N GLU B 559 -16.27 -11.29 30.62
CA GLU B 559 -15.26 -10.64 31.43
C GLU B 559 -13.92 -11.36 31.38
N CYS B 560 -13.76 -12.31 30.46
CA CYS B 560 -12.52 -13.05 30.35
C CYS B 560 -11.34 -12.10 30.13
N GLN B 561 -10.35 -12.19 31.00
CA GLN B 561 -9.25 -11.24 31.01
C GLN B 561 -8.16 -11.60 30.02
N ASN B 562 -8.48 -12.39 29.00
CA ASN B 562 -7.52 -12.74 27.96
C ASN B 562 -7.91 -12.24 26.58
N ARG B 563 -9.20 -12.00 26.33
CA ARG B 563 -9.65 -11.64 25.00
C ARG B 563 -9.07 -10.31 24.56
N PHE B 564 -8.85 -10.18 23.27
CA PHE B 564 -8.29 -8.95 22.71
C PHE B 564 -9.24 -7.79 22.97
N PRO B 565 -8.74 -6.65 23.39
CA PRO B 565 -9.63 -5.55 23.77
C PRO B 565 -10.29 -4.90 22.58
N GLY B 566 -9.53 -4.68 21.52
CA GLY B 566 -10.03 -3.97 20.37
C GLY B 566 -8.88 -3.39 19.58
N CYS B 567 -9.23 -2.48 18.68
CA CYS B 567 -8.28 -1.92 17.73
C CYS B 567 -8.55 -0.42 17.57
N ARG B 568 -8.73 0.27 18.69
CA ARG B 568 -9.43 1.55 18.76
C ARG B 568 -8.70 2.69 18.08
N CYS B 569 -7.60 2.45 17.38
CA CYS B 569 -6.79 3.53 16.82
C CYS B 569 -7.60 4.41 15.87
N LYS B 570 -7.43 5.72 15.97
CA LYS B 570 -8.33 6.64 15.31
C LYS B 570 -8.13 6.67 13.80
N ALA B 571 -6.89 6.64 13.33
CA ALA B 571 -6.66 6.77 11.90
C ALA B 571 -7.03 5.49 11.15
N GLN B 572 -6.30 4.41 11.41
CA GLN B 572 -6.63 3.11 10.83
C GLN B 572 -5.71 2.05 11.43
N CYS B 573 -6.25 0.85 11.64
CA CYS B 573 -5.46 -0.22 12.22
C CYS B 573 -4.43 -0.66 11.20
N ASN B 574 -3.35 0.10 10.98
CA ASN B 574 -2.39 -0.41 10.02
C ASN B 574 -0.92 -0.21 10.37
N THR B 575 -0.62 0.49 11.45
CA THR B 575 0.74 0.93 11.66
C THR B 575 1.24 0.44 13.00
N LYS B 576 2.52 0.74 13.28
CA LYS B 576 3.20 0.13 14.42
C LYS B 576 2.49 0.43 15.72
N GLN B 577 1.99 1.66 15.89
CA GLN B 577 1.42 2.05 17.17
C GLN B 577 0.21 1.18 17.52
N CYS B 578 -0.56 0.78 16.51
CA CYS B 578 -1.82 0.10 16.76
C CYS B 578 -1.55 -1.29 17.33
N PRO B 579 -2.30 -1.73 18.33
CA PRO B 579 -2.05 -3.08 18.87
C PRO B 579 -2.29 -4.18 17.86
N CYS B 580 -3.23 -4.00 16.94
CA CYS B 580 -3.49 -5.01 15.94
C CYS B 580 -2.27 -5.29 15.08
N TYR B 581 -1.68 -4.23 14.50
CA TYR B 581 -0.56 -4.44 13.60
C TYR B 581 0.66 -4.98 14.32
N LEU B 582 0.90 -4.56 15.55
CA LEU B 582 2.03 -5.12 16.28
C LEU B 582 1.76 -6.56 16.70
N ALA B 583 0.55 -6.83 17.17
CA ALA B 583 0.20 -8.18 17.57
C ALA B 583 -0.09 -9.05 16.36
N VAL B 584 -0.42 -10.32 16.63
CA VAL B 584 -0.83 -11.22 15.56
C VAL B 584 -2.22 -10.88 15.04
N ARG B 585 -3.02 -10.20 15.84
CA ARG B 585 -4.43 -10.03 15.52
C ARG B 585 -4.67 -9.10 14.35
N GLU B 586 -5.20 -9.64 13.26
CA GLU B 586 -5.91 -8.82 12.31
C GLU B 586 -7.11 -8.17 12.99
N CYS B 587 -7.36 -6.92 12.67
CA CYS B 587 -8.33 -6.14 13.42
C CYS B 587 -9.72 -6.72 13.19
N ASP B 588 -10.45 -6.97 14.27
CA ASP B 588 -11.75 -7.60 14.13
C ASP B 588 -12.73 -6.66 13.45
N PRO B 589 -13.67 -7.17 12.67
CA PRO B 589 -14.72 -6.31 12.11
C PRO B 589 -15.52 -5.58 13.17
N ASP B 590 -15.72 -6.21 14.33
CA ASP B 590 -16.51 -5.62 15.41
C ASP B 590 -15.66 -4.85 16.41
N LEU B 591 -14.35 -4.75 16.20
CA LEU B 591 -13.49 -4.17 17.22
C LEU B 591 -12.75 -2.93 16.73
N CYS B 592 -12.14 -2.99 15.54
CA CYS B 592 -11.46 -1.83 14.98
C CYS B 592 -12.51 -0.81 14.52
N LEU B 593 -13.24 -0.29 15.50
CA LEU B 593 -14.42 0.53 15.23
C LEU B 593 -14.04 1.83 14.53
N THR B 594 -12.88 2.40 14.85
CA THR B 594 -12.49 3.66 14.24
C THR B 594 -12.00 3.48 12.81
N CYS B 595 -11.35 2.37 12.50
CA CYS B 595 -10.86 2.13 11.15
C CYS B 595 -11.94 1.61 10.21
N GLY B 596 -13.21 1.75 10.59
CA GLY B 596 -14.30 1.36 9.72
C GLY B 596 -14.36 -0.12 9.42
N ALA B 597 -14.01 -0.97 10.39
CA ALA B 597 -13.99 -2.40 10.15
C ALA B 597 -15.40 -2.92 9.85
N ALA B 598 -16.36 -2.63 10.72
CA ALA B 598 -17.72 -3.08 10.47
C ALA B 598 -18.43 -2.23 9.43
N ASP B 599 -18.02 -0.97 9.29
CA ASP B 599 -18.71 -0.05 8.41
C ASP B 599 -18.50 -0.42 6.95
N HIS B 600 -19.57 -0.40 6.18
CA HIS B 600 -19.58 -0.65 4.73
C HIS B 600 -18.64 -1.81 4.35
N TRP B 601 -18.85 -2.95 5.01
CA TRP B 601 -18.09 -4.15 4.67
C TRP B 601 -18.26 -4.52 3.20
N ASP B 602 -19.42 -4.20 2.62
CA ASP B 602 -19.62 -4.40 1.19
C ASP B 602 -18.69 -3.50 0.36
N SER B 603 -18.50 -2.26 0.79
CA SER B 603 -17.65 -1.34 0.05
C SER B 603 -16.21 -1.83 0.09
N LYS B 604 -15.59 -1.92 -1.08
CA LYS B 604 -14.24 -2.46 -1.17
C LYS B 604 -13.24 -1.57 -0.45
N ASN B 605 -13.35 -0.26 -0.64
CA ASN B 605 -12.40 0.67 -0.05
C ASN B 605 -12.78 0.96 1.40
N VAL B 606 -11.76 1.12 2.24
CA VAL B 606 -11.95 1.37 3.66
C VAL B 606 -10.69 2.04 4.18
N SER B 607 -10.80 2.71 5.32
CA SER B 607 -9.63 3.37 5.92
C SER B 607 -8.58 2.36 6.34
N CYS B 608 -9.01 1.22 6.88
CA CYS B 608 -8.07 0.26 7.44
C CYS B 608 -7.21 -0.38 6.36
N LYS B 609 -6.01 -0.80 6.76
CA LYS B 609 -5.17 -1.66 5.96
C LYS B 609 -4.85 -2.96 6.67
N ASN B 610 -5.64 -3.36 7.66
CA ASN B 610 -5.46 -4.65 8.31
C ASN B 610 -6.81 -5.35 8.40
N CYS B 611 -7.65 -5.19 7.37
CA CYS B 611 -8.86 -5.99 7.26
C CYS B 611 -9.12 -6.46 5.84
N SER B 612 -8.19 -6.27 4.91
CA SER B 612 -8.37 -6.77 3.55
C SER B 612 -8.49 -8.29 3.55
N ILE B 613 -7.67 -8.96 4.35
CA ILE B 613 -7.78 -10.41 4.49
C ILE B 613 -9.13 -10.79 5.06
N GLN B 614 -9.66 -9.99 5.98
CA GLN B 614 -11.04 -10.21 6.43
C GLN B 614 -12.00 -10.09 5.26
N ARG B 615 -11.84 -9.05 4.45
CA ARG B 615 -12.70 -8.88 3.28
C ARG B 615 -12.27 -9.75 2.12
N GLY B 616 -11.06 -10.28 2.15
CA GLY B 616 -10.58 -11.08 1.04
C GLY B 616 -10.16 -10.27 -0.16
N SER B 617 -10.05 -8.95 -0.03
CA SER B 617 -9.74 -8.07 -1.14
C SER B 617 -8.28 -8.27 -1.54
N LYS B 618 -8.07 -9.10 -2.55
CA LYS B 618 -6.74 -9.38 -3.05
C LYS B 618 -6.34 -8.37 -4.14
N LYS B 619 -5.22 -8.66 -4.78
CA LYS B 619 -4.81 -7.96 -6.00
C LYS B 619 -5.11 -8.82 -7.21
N HIS B 620 -4.92 -8.26 -8.39
CA HIS B 620 -5.15 -9.00 -9.63
C HIS B 620 -3.81 -9.51 -10.13
N LEU B 621 -3.43 -10.69 -9.68
CA LEU B 621 -2.17 -11.30 -10.07
C LEU B 621 -2.28 -11.88 -11.47
N LEU B 622 -1.11 -12.14 -12.07
CA LEU B 622 -1.04 -12.65 -13.42
C LEU B 622 -0.20 -13.92 -13.44
N LEU B 623 -0.53 -14.80 -14.37
CA LEU B 623 0.21 -16.05 -14.56
C LEU B 623 0.93 -16.00 -15.91
N ALA B 624 2.23 -16.26 -15.87
CA ALA B 624 3.04 -16.36 -17.07
C ALA B 624 4.30 -17.12 -16.71
N PRO B 625 4.93 -17.79 -17.67
CA PRO B 625 6.14 -18.57 -17.36
C PRO B 625 7.25 -17.67 -16.85
N SER B 626 7.59 -17.86 -15.58
CA SER B 626 8.59 -17.02 -14.94
C SER B 626 9.94 -17.15 -15.62
N ASP B 627 10.62 -16.02 -15.77
CA ASP B 627 11.91 -16.02 -16.45
C ASP B 627 12.96 -16.80 -15.67
N VAL B 628 12.89 -16.74 -14.33
CA VAL B 628 13.85 -17.47 -13.52
C VAL B 628 13.68 -18.97 -13.72
N ALA B 629 12.49 -19.48 -13.44
CA ALA B 629 12.25 -20.92 -13.56
C ALA B 629 10.76 -21.21 -13.68
N GLY B 630 10.35 -21.81 -14.79
CA GLY B 630 9.01 -22.30 -14.98
C GLY B 630 7.95 -21.22 -14.81
N TRP B 631 6.87 -21.57 -14.13
CA TRP B 631 5.79 -20.63 -13.90
C TRP B 631 6.16 -19.64 -12.79
N GLY B 632 5.52 -18.48 -12.83
CA GLY B 632 5.65 -17.48 -11.80
C GLY B 632 4.34 -16.75 -11.59
N ILE B 633 4.38 -15.58 -10.94
CA ILE B 633 3.19 -14.78 -10.70
C ILE B 633 3.53 -13.32 -10.97
N PHE B 634 2.82 -12.70 -11.90
CA PHE B 634 3.03 -11.31 -12.27
C PHE B 634 1.90 -10.43 -11.74
N ILE B 635 2.13 -9.13 -11.82
CA ILE B 635 1.18 -8.14 -11.34
C ILE B 635 0.88 -7.15 -12.47
N LYS B 636 -0.40 -6.82 -12.64
CA LYS B 636 -0.82 -5.95 -13.73
C LYS B 636 -0.65 -4.48 -13.43
N ASP B 637 -0.42 -4.12 -12.17
CA ASP B 637 -0.51 -2.73 -11.74
C ASP B 637 0.56 -2.46 -10.69
N PRO B 638 0.92 -1.18 -10.50
CA PRO B 638 1.84 -0.84 -9.40
C PRO B 638 1.19 -1.09 -8.05
N VAL B 639 2.02 -1.42 -7.06
CA VAL B 639 1.56 -1.62 -5.69
C VAL B 639 2.65 -1.12 -4.76
N GLN B 640 2.23 -0.58 -3.61
CA GLN B 640 3.16 0.01 -2.66
C GLN B 640 3.62 -1.03 -1.64
N LYS B 641 4.56 -0.60 -0.79
CA LYS B 641 5.08 -1.48 0.24
C LYS B 641 4.13 -1.56 1.42
N ASN B 642 4.32 -2.61 2.22
CA ASN B 642 3.62 -2.77 3.50
C ASN B 642 2.11 -2.70 3.33
N GLU B 643 1.61 -3.33 2.28
CA GLU B 643 0.18 -3.39 2.02
C GLU B 643 -0.20 -4.76 1.48
N PHE B 644 -1.49 -5.04 1.53
CA PHE B 644 -1.98 -6.40 1.33
C PHE B 644 -1.74 -6.87 -0.09
N ILE B 645 -1.27 -8.11 -0.23
CA ILE B 645 -1.28 -8.83 -1.49
C ILE B 645 -2.11 -10.09 -1.29
N SER B 646 -2.33 -10.82 -2.36
CA SER B 646 -3.19 -12.00 -2.31
C SER B 646 -2.68 -12.98 -1.27
N GLU B 647 -3.62 -13.62 -0.59
CA GLU B 647 -3.29 -14.55 0.49
C GLU B 647 -2.96 -15.92 -0.05
N TYR B 648 -1.87 -16.49 0.46
CA TYR B 648 -1.45 -17.85 0.15
C TYR B 648 -2.39 -18.88 0.80
N CYS B 649 -3.55 -19.04 0.20
CA CYS B 649 -4.51 -20.01 0.71
C CYS B 649 -4.13 -21.42 0.28
N GLY B 650 -4.69 -22.40 0.98
CA GLY B 650 -4.41 -23.77 0.67
C GLY B 650 -5.19 -24.78 1.49
N GLU B 651 -4.51 -25.83 1.92
CA GLU B 651 -5.13 -26.98 2.57
C GLU B 651 -4.54 -27.17 3.96
N ILE B 652 -5.39 -27.43 4.95
CA ILE B 652 -4.90 -27.68 6.31
C ILE B 652 -4.47 -29.14 6.42
N ILE B 653 -3.26 -29.36 6.91
CA ILE B 653 -2.72 -30.71 7.06
C ILE B 653 -1.70 -30.72 8.18
N SER B 654 -1.61 -31.87 8.86
CA SER B 654 -0.71 -32.01 9.99
C SER B 654 0.73 -32.26 9.53
N GLN B 655 1.64 -32.19 10.50
CA GLN B 655 3.06 -32.34 10.19
C GLN B 655 3.37 -33.73 9.64
N ASP B 656 2.84 -34.77 10.29
CA ASP B 656 3.21 -36.14 9.92
C ASP B 656 2.84 -36.43 8.47
N GLU B 657 1.61 -36.09 8.08
CA GLU B 657 1.22 -36.27 6.69
C GLU B 657 2.02 -35.35 5.79
N ALA B 658 2.36 -34.16 6.28
CA ALA B 658 3.15 -33.22 5.47
C ALA B 658 4.51 -33.78 5.13
N ASP B 659 5.17 -34.45 6.07
CA ASP B 659 6.43 -35.10 5.76
C ASP B 659 6.25 -36.29 4.83
N ARG B 660 5.20 -37.08 5.04
CA ARG B 660 4.95 -38.21 4.15
C ARG B 660 4.67 -37.74 2.73
N ARG B 661 3.72 -36.81 2.57
CA ARG B 661 3.49 -36.22 1.27
C ARG B 661 4.71 -35.44 0.80
N GLY B 662 5.33 -34.68 1.71
CA GLY B 662 6.54 -33.97 1.37
C GLY B 662 7.65 -34.87 0.89
N LYS B 663 7.79 -36.04 1.53
CA LYS B 663 8.75 -37.03 1.06
C LYS B 663 8.50 -37.35 -0.41
N VAL B 664 7.23 -37.48 -0.78
CA VAL B 664 6.90 -37.65 -2.20
C VAL B 664 7.31 -36.41 -2.98
N TYR B 665 6.96 -35.22 -2.47
CA TYR B 665 7.33 -34.00 -3.18
C TYR B 665 8.84 -33.77 -3.13
N ASP B 666 9.47 -34.18 -2.03
CA ASP B 666 10.92 -34.09 -1.94
C ASP B 666 11.58 -34.96 -3.00
N LYS B 667 11.00 -36.15 -3.24
CA LYS B 667 11.45 -36.96 -4.35
C LYS B 667 11.20 -36.27 -5.69
N TYR B 668 10.08 -35.56 -5.81
CA TYR B 668 9.75 -34.83 -7.02
C TYR B 668 10.19 -33.37 -6.94
N MET B 669 10.94 -33.00 -5.90
CA MET B 669 11.59 -31.70 -5.79
C MET B 669 10.59 -30.57 -5.55
N CYS B 670 9.29 -30.85 -5.65
CA CYS B 670 8.25 -29.87 -5.40
C CYS B 670 8.21 -29.49 -3.93
N SER B 671 7.86 -28.23 -3.67
CA SER B 671 7.81 -27.75 -2.29
C SER B 671 6.59 -26.88 -2.02
N PHE B 672 5.40 -27.32 -2.45
CA PHE B 672 4.21 -26.53 -2.18
C PHE B 672 3.72 -26.78 -0.77
N LEU B 673 4.63 -26.65 0.20
CA LEU B 673 4.33 -26.79 1.62
C LEU B 673 4.69 -25.48 2.31
N PHE B 674 3.91 -25.09 3.30
CA PHE B 674 4.19 -23.87 4.04
C PHE B 674 4.00 -24.10 5.52
N ASN B 675 4.99 -23.69 6.30
CA ASN B 675 5.00 -23.90 7.74
C ASN B 675 4.06 -22.89 8.39
N LEU B 676 2.77 -23.25 8.42
CA LEU B 676 1.77 -22.37 9.00
C LEU B 676 2.07 -22.10 10.47
N ASN B 677 2.01 -23.12 11.30
CA ASN B 677 2.43 -23.01 12.68
C ASN B 677 3.07 -24.34 13.08
N ASN B 678 3.50 -24.44 14.34
CA ASN B 678 4.09 -25.68 14.81
C ASN B 678 3.06 -26.80 14.87
N ASP B 679 1.77 -26.47 14.81
CA ASP B 679 0.73 -27.48 14.97
C ASP B 679 0.04 -27.89 13.68
N PHE B 680 0.06 -27.04 12.65
CA PHE B 680 -0.54 -27.40 11.38
C PHE B 680 0.27 -26.81 10.25
N VAL B 681 0.15 -27.43 9.08
CA VAL B 681 0.87 -27.03 7.89
C VAL B 681 -0.15 -26.83 6.78
N VAL B 682 0.16 -25.92 5.86
CA VAL B 682 -0.67 -25.69 4.70
C VAL B 682 0.13 -26.06 3.46
N ASP B 683 -0.52 -26.83 2.57
CA ASP B 683 0.14 -27.35 1.37
C ASP B 683 -0.65 -26.93 0.14
N ALA B 684 0.08 -26.65 -0.93
CA ALA B 684 -0.50 -26.01 -2.09
C ALA B 684 -0.36 -26.79 -3.39
N THR B 685 0.04 -28.05 -3.34
CA THR B 685 0.21 -28.79 -4.59
C THR B 685 -1.15 -29.11 -5.22
N ARG B 686 -1.97 -29.87 -4.51
CA ARG B 686 -3.24 -30.32 -5.07
C ARG B 686 -4.25 -29.18 -5.18
N LYS B 687 -4.38 -28.37 -4.13
CA LYS B 687 -5.42 -27.36 -4.04
C LYS B 687 -4.79 -26.05 -3.59
N GLY B 688 -5.17 -24.96 -4.23
CA GLY B 688 -4.59 -23.68 -3.87
C GLY B 688 -5.13 -22.56 -4.73
N ASN B 689 -4.40 -21.46 -4.72
CA ASN B 689 -4.67 -20.33 -5.60
C ASN B 689 -3.42 -20.00 -6.40
N LYS B 690 -3.48 -18.86 -7.11
CA LYS B 690 -2.47 -18.57 -8.10
C LYS B 690 -1.09 -18.35 -7.49
N ILE B 691 -1.02 -17.63 -6.37
CA ILE B 691 0.27 -17.14 -5.89
C ILE B 691 1.21 -18.26 -5.46
N ARG B 692 0.73 -19.49 -5.43
CA ARG B 692 1.60 -20.60 -5.05
C ARG B 692 2.74 -20.78 -6.03
N PHE B 693 2.63 -20.21 -7.23
CA PHE B 693 3.68 -20.30 -8.21
C PHE B 693 4.72 -19.21 -8.07
N ALA B 694 4.62 -18.37 -7.05
CA ALA B 694 5.62 -17.33 -6.83
C ALA B 694 6.98 -17.96 -6.59
N ASN B 695 8.00 -17.38 -7.21
CA ASN B 695 9.34 -17.91 -7.08
C ASN B 695 10.04 -17.30 -5.86
N HIS B 696 11.13 -17.94 -5.45
CA HIS B 696 11.88 -17.48 -4.30
C HIS B 696 13.01 -16.56 -4.73
N SER B 697 13.33 -15.60 -3.86
CA SER B 697 14.51 -14.78 -4.02
C SER B 697 15.10 -14.51 -2.64
N VAL B 698 16.40 -14.28 -2.60
CA VAL B 698 17.05 -13.95 -1.34
C VAL B 698 16.80 -12.51 -0.92
N ASN B 699 16.60 -11.61 -1.88
CA ASN B 699 16.23 -10.22 -1.60
C ASN B 699 15.00 -9.84 -2.42
N PRO B 700 13.87 -10.50 -2.20
CA PRO B 700 12.71 -10.28 -3.05
C PRO B 700 12.02 -8.96 -2.74
N ASN B 701 11.27 -8.48 -3.73
CA ASN B 701 10.47 -7.29 -3.55
C ASN B 701 9.26 -7.52 -2.64
N CYS B 702 8.94 -8.77 -2.36
CA CYS B 702 7.76 -9.11 -1.57
C CYS B 702 8.14 -10.12 -0.49
N TYR B 703 7.43 -10.08 0.62
CA TYR B 703 7.74 -10.92 1.77
C TYR B 703 6.52 -11.73 2.17
N ALA B 704 6.68 -12.54 3.21
CA ALA B 704 5.60 -13.37 3.73
C ALA B 704 5.59 -13.30 5.24
N LYS B 705 4.42 -13.01 5.81
CA LYS B 705 4.23 -12.99 7.26
C LYS B 705 2.92 -13.66 7.61
N VAL B 706 2.99 -14.66 8.49
CA VAL B 706 1.77 -15.24 9.03
C VAL B 706 0.98 -14.17 9.75
N MET B 707 -0.32 -14.14 9.48
CA MET B 707 -1.20 -13.29 10.24
C MET B 707 -2.14 -14.19 11.04
N MET B 708 -2.95 -13.58 11.87
CA MET B 708 -3.88 -14.30 12.73
C MET B 708 -5.19 -13.53 12.71
N VAL B 709 -6.23 -14.14 12.14
CA VAL B 709 -7.50 -13.46 11.92
C VAL B 709 -8.65 -14.37 12.30
N ASN B 710 -9.61 -13.83 13.04
CA ASN B 710 -10.91 -14.47 13.26
C ASN B 710 -10.79 -15.89 13.77
N GLY B 711 -9.73 -16.20 14.50
CA GLY B 711 -9.57 -17.54 15.03
C GLY B 711 -8.90 -18.52 14.12
N ASP B 712 -8.55 -18.13 12.89
CA ASP B 712 -7.87 -18.99 11.94
C ASP B 712 -6.57 -18.33 11.52
N HIS B 713 -5.44 -18.97 11.83
CA HIS B 713 -4.17 -18.47 11.35
C HIS B 713 -4.13 -18.57 9.84
N ARG B 714 -3.66 -17.51 9.19
CA ARG B 714 -3.42 -17.53 7.76
C ARG B 714 -2.10 -16.84 7.50
N ILE B 715 -1.66 -16.83 6.24
CA ILE B 715 -0.38 -16.21 5.92
C ILE B 715 -0.59 -15.11 4.91
N GLY B 716 -0.44 -13.87 5.35
CA GLY B 716 -0.54 -12.75 4.43
C GLY B 716 0.77 -12.51 3.71
N ILE B 717 0.66 -11.94 2.51
CA ILE B 717 1.80 -11.67 1.65
C ILE B 717 1.80 -10.18 1.35
N PHE B 718 2.96 -9.55 1.45
CA PHE B 718 3.04 -8.11 1.25
C PHE B 718 4.37 -7.77 0.58
N ALA B 719 4.33 -6.72 -0.24
CA ALA B 719 5.52 -6.27 -0.94
C ALA B 719 6.43 -5.48 -0.01
N LYS B 720 7.72 -5.80 -0.04
CA LYS B 720 8.69 -5.08 0.79
C LYS B 720 8.82 -3.62 0.37
N ARG B 721 8.74 -3.34 -0.92
CA ARG B 721 9.06 -2.03 -1.45
C ARG B 721 8.00 -1.62 -2.46
N ALA B 722 8.14 -0.40 -2.98
CA ALA B 722 7.25 0.09 -4.01
C ALA B 722 7.44 -0.70 -5.30
N ILE B 723 6.33 -1.06 -5.93
CA ILE B 723 6.32 -1.89 -7.12
C ILE B 723 5.57 -1.15 -8.22
N GLN B 724 5.99 -1.33 -9.46
CA GLN B 724 5.31 -0.78 -10.61
C GLN B 724 4.65 -1.89 -11.41
N THR B 725 4.10 -1.52 -12.55
CA THR B 725 3.38 -2.46 -13.41
C THR B 725 4.30 -3.55 -13.93
N GLY B 726 3.80 -4.78 -13.92
CA GLY B 726 4.44 -5.86 -14.64
C GLY B 726 5.60 -6.54 -13.96
N GLU B 727 5.92 -6.16 -12.72
CA GLU B 727 7.03 -6.81 -12.03
C GLU B 727 6.64 -8.21 -11.57
N GLU B 728 7.56 -9.15 -11.74
CA GLU B 728 7.34 -10.51 -11.25
C GLU B 728 7.50 -10.54 -9.74
N LEU B 729 6.67 -11.36 -9.09
CA LEU B 729 6.69 -11.46 -7.63
C LEU B 729 7.67 -12.52 -7.17
N PHE B 730 8.37 -12.20 -6.08
CA PHE B 730 9.24 -13.16 -5.41
C PHE B 730 9.07 -13.00 -3.91
N PHE B 731 9.32 -14.08 -3.17
CA PHE B 731 9.37 -13.98 -1.73
C PHE B 731 10.30 -15.06 -1.18
N ASP B 732 10.88 -14.76 -0.02
CA ASP B 732 11.83 -15.66 0.62
C ASP B 732 11.10 -16.87 1.19
N TYR B 733 11.60 -18.07 0.87
CA TYR B 733 11.02 -19.28 1.43
C TYR B 733 11.42 -19.51 2.88
N ARG B 734 12.51 -18.88 3.32
CA ARG B 734 13.07 -19.09 4.66
C ARG B 734 13.43 -20.55 4.88
N TYR B 735 14.18 -21.10 3.93
CA TYR B 735 14.78 -22.41 4.08
C TYR B 735 16.25 -22.28 4.47
N SER B 736 16.84 -23.41 4.85
CA SER B 736 18.27 -23.44 5.14
C SER B 736 19.06 -23.17 3.86
N GLN B 737 20.26 -22.61 4.05
CA GLN B 737 21.11 -22.31 2.90
C GLN B 737 21.45 -23.57 2.13
N ALA B 738 21.69 -24.68 2.83
CA ALA B 738 21.88 -25.96 2.14
C ALA B 738 20.62 -26.34 1.37
N ASP B 739 19.45 -26.17 1.99
CA ASP B 739 18.20 -26.41 1.28
C ASP B 739 17.95 -25.36 0.21
N ALA B 740 18.50 -24.15 0.39
CA ALA B 740 18.32 -23.10 -0.61
C ALA B 740 18.96 -23.50 -1.93
N LEU B 741 20.23 -23.89 -1.89
CA LEU B 741 20.86 -24.41 -3.10
C LEU B 741 20.26 -25.74 -3.51
N LYS B 742 19.72 -26.48 -2.53
CA LYS B 742 19.05 -27.75 -2.83
C LYS B 742 17.78 -27.53 -3.64
N TYR B 743 17.11 -26.40 -3.41
CA TYR B 743 15.82 -26.15 -4.04
C TYR B 743 15.78 -24.87 -4.87
N VAL B 744 16.32 -23.77 -4.37
CA VAL B 744 16.08 -22.46 -4.96
C VAL B 744 17.38 -21.76 -5.30
N GLY B 745 18.40 -22.53 -5.67
CA GLY B 745 19.73 -22.02 -5.88
C GLY B 745 19.87 -20.95 -6.95
N ILE B 746 18.79 -20.55 -7.60
CA ILE B 746 18.82 -19.55 -8.66
C ILE B 746 18.31 -18.23 -8.08
N GLU B 747 19.05 -17.16 -8.31
CA GLU B 747 18.69 -15.83 -7.82
C GLU B 747 18.65 -14.77 -8.92
N ARG B 748 19.49 -14.91 -9.95
CA ARG B 748 19.41 -14.08 -11.16
C ARG B 748 19.75 -12.61 -10.90
N GLU B 749 20.79 -12.33 -10.11
CA GLU B 749 21.18 -10.93 -9.89
C GLU B 749 22.62 -10.91 -9.34
N MET B 750 23.53 -10.33 -10.11
CA MET B 750 24.91 -10.20 -9.66
C MET B 750 25.12 -8.87 -8.94
N GLU B 751 26.37 -8.63 -8.55
CA GLU B 751 26.76 -7.34 -8.02
C GLU B 751 27.17 -6.40 -9.15
N ILE B 752 26.79 -5.14 -9.03
CA ILE B 752 27.08 -4.13 -10.05
C ILE B 752 28.57 -3.83 -10.10
N PRO B 753 29.23 -3.48 -8.98
CA PRO B 753 30.66 -3.18 -9.13
C PRO B 753 31.52 -4.42 -9.36
N TYR C 80 -8.36 -67.37 -32.82
CA TYR C 80 -7.68 -68.63 -32.55
C TYR C 80 -6.86 -69.05 -33.77
N SER C 81 -7.45 -68.89 -34.94
CA SER C 81 -6.80 -69.26 -36.20
C SER C 81 -6.00 -68.07 -36.71
N PHE C 82 -4.68 -68.11 -36.54
CA PHE C 82 -3.82 -67.01 -36.93
C PHE C 82 -2.42 -67.55 -37.24
N LYS C 83 -1.67 -66.77 -38.00
CA LYS C 83 -0.26 -67.10 -38.25
C LYS C 83 0.47 -65.83 -38.64
N CYS C 84 1.74 -65.75 -38.27
CA CYS C 84 2.57 -64.58 -38.58
C CYS C 84 2.95 -64.64 -40.05
N VAL C 85 2.29 -63.82 -40.87
CA VAL C 85 2.53 -63.82 -42.30
C VAL C 85 3.57 -62.79 -42.74
N ASN C 86 3.62 -61.64 -42.08
CA ASN C 86 4.59 -60.61 -42.43
C ASN C 86 5.31 -60.15 -41.18
N SER C 87 6.56 -59.72 -41.36
CA SER C 87 7.31 -59.12 -40.27
C SER C 87 8.20 -58.03 -40.83
N LEU C 88 8.22 -56.89 -40.13
CA LEU C 88 9.00 -55.73 -40.54
C LEU C 88 9.75 -55.20 -39.32
N LYS C 89 10.69 -54.31 -39.57
CA LYS C 89 11.45 -53.70 -38.49
C LYS C 89 11.95 -52.33 -38.91
N GLU C 90 11.70 -51.32 -38.08
CA GLU C 90 12.22 -49.99 -38.33
C GLU C 90 13.74 -49.98 -38.20
N ASP C 91 14.40 -49.30 -39.13
CA ASP C 91 15.85 -49.18 -39.09
C ASP C 91 16.32 -48.22 -38.00
N HIS C 92 15.42 -47.45 -37.40
CA HIS C 92 15.79 -46.50 -36.36
C HIS C 92 16.14 -47.19 -35.05
N ASN C 93 15.71 -48.45 -34.86
CA ASN C 93 16.08 -49.29 -33.72
C ASN C 93 15.56 -48.65 -32.43
N GLN C 94 14.75 -47.61 -32.54
CA GLN C 94 14.20 -46.99 -31.36
C GLN C 94 13.01 -47.80 -30.84
N PRO C 95 12.74 -47.73 -29.54
CA PRO C 95 11.52 -48.35 -29.03
C PRO C 95 10.29 -47.73 -29.68
N LEU C 96 9.31 -48.57 -29.99
CA LEU C 96 8.13 -48.14 -30.70
C LEU C 96 6.97 -47.96 -29.73
N PHE C 97 5.90 -47.34 -30.22
CA PHE C 97 4.79 -46.93 -29.38
C PHE C 97 3.50 -47.22 -30.15
N GLY C 98 2.39 -46.65 -29.67
CA GLY C 98 1.06 -46.91 -30.18
C GLY C 98 0.93 -47.03 -31.68
N VAL C 99 0.19 -48.03 -32.12
CA VAL C 99 -0.09 -48.27 -33.53
C VAL C 99 -1.60 -48.38 -33.71
N GLN C 100 -2.11 -47.79 -34.79
CA GLN C 100 -3.54 -47.71 -34.98
C GLN C 100 -3.89 -48.03 -36.43
N PHE C 101 -5.13 -48.46 -36.63
CA PHE C 101 -5.63 -48.84 -37.94
C PHE C 101 -6.73 -47.88 -38.36
N ASN C 102 -6.81 -47.60 -39.66
CA ASN C 102 -7.78 -46.65 -40.21
C ASN C 102 -9.16 -47.31 -40.23
N TRP C 103 -9.80 -47.33 -39.07
CA TRP C 103 -11.17 -47.83 -39.01
C TRP C 103 -12.12 -46.91 -39.77
N HIS C 104 -11.86 -45.61 -39.75
CA HIS C 104 -12.62 -44.65 -40.54
C HIS C 104 -12.17 -44.76 -41.99
N SER C 105 -12.72 -45.77 -42.67
CA SER C 105 -12.36 -46.05 -44.05
C SER C 105 -13.62 -46.31 -44.87
N LYS C 106 -13.44 -46.83 -46.08
CA LYS C 106 -14.53 -47.28 -46.91
C LYS C 106 -14.16 -48.63 -47.52
N GLU C 107 -15.19 -49.36 -47.96
CA GLU C 107 -14.92 -50.64 -48.59
C GLU C 107 -14.10 -50.44 -49.86
N GLY C 108 -13.02 -51.21 -49.98
CA GLY C 108 -12.08 -51.03 -51.07
C GLY C 108 -10.99 -50.03 -50.82
N ASP C 109 -11.03 -49.30 -49.70
CA ASP C 109 -9.96 -48.37 -49.38
C ASP C 109 -8.70 -49.15 -49.01
N PRO C 110 -7.53 -48.53 -49.19
CA PRO C 110 -6.28 -49.19 -48.79
C PRO C 110 -6.28 -49.52 -47.30
N LEU C 111 -5.76 -50.70 -46.97
CA LEU C 111 -5.75 -51.20 -45.59
C LEU C 111 -4.52 -50.66 -44.86
N VAL C 112 -4.62 -49.38 -44.49
CA VAL C 112 -3.47 -48.63 -43.97
C VAL C 112 -3.55 -48.57 -42.45
N PHE C 113 -2.43 -48.84 -41.79
CA PHE C 113 -2.27 -48.65 -40.36
C PHE C 113 -1.07 -47.75 -40.12
N ALA C 114 -1.04 -47.14 -38.92
CA ALA C 114 -0.04 -46.14 -38.60
C ALA C 114 0.78 -46.60 -37.41
N THR C 115 1.96 -46.00 -37.27
CA THR C 115 2.90 -46.34 -36.22
C THR C 115 3.68 -45.10 -35.81
N VAL C 116 3.93 -44.97 -34.52
CA VAL C 116 4.71 -43.86 -33.98
C VAL C 116 5.86 -44.42 -33.14
N GLY C 117 7.06 -43.92 -33.40
CA GLY C 117 8.23 -44.23 -32.60
C GLY C 117 8.51 -43.14 -31.60
N SER C 118 9.80 -42.94 -31.32
CA SER C 118 10.22 -41.87 -30.43
C SER C 118 9.84 -40.51 -31.00
N ASN C 119 10.43 -40.15 -32.14
CA ASN C 119 10.10 -38.92 -32.83
C ASN C 119 9.58 -39.15 -34.25
N ARG C 120 9.54 -40.40 -34.69
CA ARG C 120 9.07 -40.72 -36.03
C ARG C 120 7.60 -41.10 -36.02
N VAL C 121 6.90 -40.69 -37.06
CA VAL C 121 5.51 -41.09 -37.30
C VAL C 121 5.42 -41.69 -38.69
N THR C 122 4.77 -42.84 -38.79
CA THR C 122 4.79 -43.59 -40.04
C THR C 122 3.50 -44.38 -40.19
N LEU C 123 3.21 -44.74 -41.43
CA LEU C 123 2.03 -45.53 -41.76
C LEU C 123 2.43 -46.63 -42.73
N TYR C 124 1.65 -47.71 -42.72
CA TYR C 124 1.88 -48.82 -43.62
C TYR C 124 0.53 -49.38 -44.05
N GLU C 125 0.53 -50.04 -45.20
CA GLU C 125 -0.65 -50.71 -45.72
C GLU C 125 -0.37 -52.20 -45.85
N CYS C 126 -1.25 -53.01 -45.26
CA CYS C 126 -1.15 -54.45 -45.43
C CYS C 126 -1.62 -54.83 -46.83
N HIS C 127 -0.95 -55.80 -47.43
CA HIS C 127 -1.27 -56.26 -48.77
C HIS C 127 -1.30 -57.78 -48.80
N SER C 128 -1.69 -58.31 -49.96
CA SER C 128 -1.77 -59.76 -50.13
C SER C 128 -0.37 -60.37 -50.08
N GLN C 129 -0.34 -61.69 -49.82
CA GLN C 129 0.89 -62.46 -49.71
C GLN C 129 1.80 -61.96 -48.60
N GLY C 130 1.24 -61.26 -47.61
CA GLY C 130 2.04 -60.69 -46.55
C GLY C 130 2.78 -59.42 -46.93
N GLU C 131 2.53 -58.88 -48.12
CA GLU C 131 3.22 -57.66 -48.52
C GLU C 131 2.76 -56.48 -47.67
N ILE C 132 3.72 -55.64 -47.27
CA ILE C 132 3.41 -54.38 -46.62
C ILE C 132 4.30 -53.30 -47.22
N ARG C 133 3.75 -52.54 -48.16
CA ARG C 133 4.52 -51.44 -48.74
C ARG C 133 4.64 -50.31 -47.74
N LEU C 134 5.82 -49.69 -47.71
CA LEU C 134 6.05 -48.54 -46.83
C LEU C 134 5.32 -47.32 -47.37
N LEU C 135 4.78 -46.51 -46.47
CA LEU C 135 4.08 -45.29 -46.81
C LEU C 135 4.80 -44.10 -46.18
N GLN C 136 4.16 -42.93 -46.28
CA GLN C 136 4.78 -41.69 -45.84
C GLN C 136 5.16 -41.75 -44.36
N SER C 137 6.36 -41.28 -44.05
CA SER C 137 6.87 -41.27 -42.69
C SER C 137 7.53 -39.93 -42.42
N TYR C 138 7.10 -39.26 -41.35
CA TYR C 138 7.66 -37.98 -40.96
C TYR C 138 8.48 -38.14 -39.69
N VAL C 139 9.27 -37.11 -39.36
CA VAL C 139 10.16 -37.15 -38.21
C VAL C 139 10.03 -35.84 -37.43
N ASP C 140 9.97 -35.96 -36.10
CA ASP C 140 10.00 -34.81 -35.21
C ASP C 140 11.46 -34.43 -34.98
N ALA C 141 12.00 -33.64 -35.90
CA ALA C 141 13.40 -33.24 -35.83
C ALA C 141 13.65 -32.13 -34.82
N ASP C 142 12.60 -31.51 -34.28
CA ASP C 142 12.75 -30.41 -33.34
C ASP C 142 12.55 -30.83 -31.89
N ALA C 143 11.43 -31.47 -31.57
CA ALA C 143 11.13 -31.86 -30.20
C ALA C 143 11.85 -33.16 -29.89
N ASP C 144 12.86 -33.10 -29.02
CA ASP C 144 13.61 -34.28 -28.60
C ASP C 144 12.85 -34.99 -27.48
N GLU C 145 11.74 -35.61 -27.88
CA GLU C 145 10.86 -36.29 -26.94
C GLU C 145 10.28 -37.53 -27.61
N ASN C 146 9.79 -38.45 -26.78
CA ASN C 146 9.32 -39.74 -27.23
C ASN C 146 7.80 -39.69 -27.41
N PHE C 147 7.34 -39.88 -28.64
CA PHE C 147 5.91 -39.96 -28.90
C PHE C 147 5.32 -41.14 -28.15
N TYR C 148 4.13 -40.95 -27.60
CA TYR C 148 3.54 -41.98 -26.75
C TYR C 148 2.21 -42.50 -27.27
N THR C 149 1.34 -41.63 -27.78
CA THR C 149 0.03 -42.05 -28.25
C THR C 149 -0.27 -41.40 -29.59
N CYS C 150 -1.10 -42.08 -30.38
CA CYS C 150 -1.54 -41.57 -31.66
C CYS C 150 -2.89 -42.20 -31.99
N ALA C 151 -3.66 -41.51 -32.83
CA ALA C 151 -4.97 -41.99 -33.21
C ALA C 151 -5.41 -41.32 -34.50
N TRP C 152 -6.07 -42.09 -35.36
CA TRP C 152 -6.53 -41.58 -36.64
C TRP C 152 -7.56 -40.48 -36.42
N THR C 153 -7.71 -39.63 -37.43
CA THR C 153 -8.65 -38.51 -37.36
C THR C 153 -9.35 -38.38 -38.71
N TYR C 154 -10.57 -37.88 -38.67
CA TYR C 154 -11.34 -37.61 -39.87
C TYR C 154 -11.81 -36.16 -39.88
N ASP C 155 -11.84 -35.58 -41.07
CA ASP C 155 -12.41 -34.25 -41.27
C ASP C 155 -13.63 -34.40 -42.17
N SER C 156 -14.77 -33.92 -41.69
CA SER C 156 -15.97 -33.95 -42.52
C SER C 156 -15.91 -32.91 -43.62
N ASN C 157 -15.21 -31.79 -43.38
CA ASN C 157 -15.18 -30.71 -44.36
C ASN C 157 -14.52 -31.15 -45.67
N THR C 158 -13.32 -31.71 -45.58
CA THR C 158 -12.58 -32.12 -46.76
C THR C 158 -12.67 -33.61 -47.03
N SER C 159 -13.37 -34.37 -46.19
CA SER C 159 -13.44 -35.83 -46.27
C SER C 159 -12.06 -36.48 -46.21
N HIS C 160 -11.05 -35.76 -45.75
CA HIS C 160 -9.66 -36.19 -45.63
C HIS C 160 -9.43 -36.83 -44.27
N PRO C 161 -8.84 -38.01 -44.24
CA PRO C 161 -8.40 -38.59 -42.96
C PRO C 161 -7.22 -37.82 -42.40
N LEU C 162 -7.14 -37.81 -41.07
CA LEU C 162 -6.03 -37.18 -40.36
C LEU C 162 -5.56 -38.13 -39.27
N LEU C 163 -4.65 -37.64 -38.44
CA LEU C 163 -4.15 -38.43 -37.32
C LEU C 163 -3.42 -37.52 -36.35
N ALA C 164 -3.77 -37.60 -35.08
CA ALA C 164 -3.13 -36.79 -34.05
C ALA C 164 -2.16 -37.63 -33.23
N VAL C 165 -1.05 -37.01 -32.83
CA VAL C 165 0.00 -37.68 -32.07
C VAL C 165 0.41 -36.79 -30.90
N ALA C 166 0.97 -37.42 -29.88
CA ALA C 166 1.52 -36.72 -28.72
C ALA C 166 2.54 -37.63 -28.05
N GLY C 167 3.28 -37.07 -27.12
CA GLY C 167 4.31 -37.83 -26.46
C GLY C 167 4.81 -37.25 -25.15
N SER C 168 6.14 -37.28 -24.97
CA SER C 168 6.73 -36.86 -23.71
C SER C 168 6.48 -35.38 -23.42
N ARG C 169 6.50 -34.54 -24.44
CA ARG C 169 6.25 -33.12 -24.22
C ARG C 169 4.78 -32.81 -24.07
N GLY C 170 3.90 -33.72 -24.45
CA GLY C 170 2.48 -33.50 -24.27
C GLY C 170 1.87 -32.48 -25.19
N ILE C 171 2.46 -32.25 -26.36
CA ILE C 171 1.87 -31.34 -27.34
C ILE C 171 1.30 -32.14 -28.49
N ILE C 172 0.10 -31.77 -28.92
CA ILE C 172 -0.66 -32.53 -29.90
C ILE C 172 -0.30 -32.07 -31.30
N ARG C 173 0.14 -32.99 -32.13
CA ARG C 173 0.33 -32.75 -33.56
C ARG C 173 -0.62 -33.64 -34.34
N ILE C 174 -1.46 -33.02 -35.17
CA ILE C 174 -2.47 -33.72 -35.96
C ILE C 174 -2.15 -33.46 -37.42
N ILE C 175 -1.65 -34.48 -38.10
CA ILE C 175 -1.18 -34.33 -39.48
C ILE C 175 -2.23 -34.84 -40.44
N ASN C 176 -2.47 -34.08 -41.50
CA ASN C 176 -3.31 -34.54 -42.60
C ASN C 176 -2.41 -35.02 -43.71
N PRO C 177 -2.41 -36.31 -44.03
CA PRO C 177 -1.52 -36.80 -45.10
C PRO C 177 -1.75 -36.10 -46.43
N ILE C 178 -2.98 -35.70 -46.73
CA ILE C 178 -3.27 -35.09 -48.03
C ILE C 178 -2.57 -33.74 -48.17
N THR C 179 -2.55 -32.95 -47.09
CA THR C 179 -1.93 -31.63 -47.13
C THR C 179 -0.43 -31.66 -46.85
N MET C 180 0.16 -32.84 -46.63
CA MET C 180 1.59 -33.05 -46.42
C MET C 180 2.07 -32.66 -45.03
N GLN C 181 1.28 -31.92 -44.25
CA GLN C 181 1.79 -31.32 -43.03
C GLN C 181 0.71 -31.29 -41.96
N CYS C 182 1.08 -30.70 -40.82
CA CYS C 182 0.17 -30.46 -39.70
C CYS C 182 0.01 -28.97 -39.53
N ILE C 183 -1.22 -28.52 -39.35
CA ILE C 183 -1.51 -27.10 -39.12
C ILE C 183 -2.11 -26.82 -37.75
N LYS C 184 -2.90 -27.74 -37.20
CA LYS C 184 -3.53 -27.55 -35.90
C LYS C 184 -2.56 -27.97 -34.81
N HIS C 185 -2.17 -27.02 -33.96
CA HIS C 185 -1.25 -27.24 -32.87
C HIS C 185 -1.99 -27.05 -31.56
N TYR C 186 -1.77 -27.96 -30.61
CA TYR C 186 -2.48 -27.92 -29.34
C TYR C 186 -1.49 -28.04 -28.20
N VAL C 187 -1.43 -26.99 -27.39
CA VAL C 187 -0.57 -26.93 -26.22
C VAL C 187 -1.41 -26.40 -25.06
N GLY C 188 -0.96 -26.69 -23.85
CA GLY C 188 -1.72 -26.31 -22.67
C GLY C 188 -1.66 -27.41 -21.64
N HIS C 189 -1.47 -28.64 -22.09
CA HIS C 189 -1.25 -29.73 -21.17
C HIS C 189 0.13 -29.60 -20.54
N GLY C 190 0.34 -30.34 -19.46
CA GLY C 190 1.55 -30.20 -18.67
C GLY C 190 2.59 -31.23 -19.03
N ASN C 191 2.69 -32.28 -18.22
CA ASN C 191 3.65 -33.35 -18.46
C ASN C 191 3.19 -34.25 -19.59
N ALA C 192 3.85 -35.40 -19.74
CA ALA C 192 3.68 -36.23 -20.93
C ALA C 192 2.24 -36.69 -21.10
N ILE C 193 1.74 -36.56 -22.33
CA ILE C 193 0.43 -37.09 -22.68
C ILE C 193 0.53 -38.60 -22.90
N ASN C 194 -0.36 -39.34 -22.26
CA ASN C 194 -0.36 -40.80 -22.34
C ASN C 194 -1.68 -41.37 -22.82
N GLU C 195 -2.44 -40.63 -23.64
CA GLU C 195 -3.70 -41.12 -24.19
C GLU C 195 -4.15 -40.21 -25.32
N LEU C 196 -4.43 -40.81 -26.48
CA LEU C 196 -5.02 -40.10 -27.61
C LEU C 196 -6.07 -41.01 -28.24
N LYS C 197 -7.32 -40.53 -28.26
CA LYS C 197 -8.46 -41.37 -28.58
C LYS C 197 -9.68 -40.49 -28.76
N PHE C 198 -10.34 -40.60 -29.91
CA PHE C 198 -11.37 -39.65 -30.32
C PHE C 198 -12.78 -40.17 -30.01
N HIS C 199 -13.73 -39.24 -30.00
CA HIS C 199 -15.12 -39.61 -29.79
C HIS C 199 -15.64 -40.41 -30.98
N PRO C 200 -16.39 -41.48 -30.72
CA PRO C 200 -16.87 -42.32 -31.84
C PRO C 200 -17.75 -41.58 -32.83
N ARG C 201 -18.48 -40.57 -32.38
CA ARG C 201 -19.42 -39.86 -33.24
C ARG C 201 -18.80 -38.62 -33.87
N ASP C 202 -18.35 -37.67 -33.05
CA ASP C 202 -17.80 -36.43 -33.57
C ASP C 202 -16.29 -36.57 -33.74
N PRO C 203 -15.76 -36.51 -34.97
CA PRO C 203 -14.30 -36.44 -35.14
C PRO C 203 -13.70 -35.14 -34.66
N ASN C 204 -14.51 -34.10 -34.44
CA ASN C 204 -14.00 -32.82 -33.96
C ASN C 204 -13.65 -32.85 -32.49
N LEU C 205 -13.93 -33.95 -31.79
CA LEU C 205 -13.75 -34.05 -30.35
C LEU C 205 -12.64 -35.03 -30.03
N LEU C 206 -11.69 -34.61 -29.20
CA LEU C 206 -10.57 -35.45 -28.78
C LEU C 206 -10.24 -35.11 -27.34
N LEU C 207 -10.42 -36.07 -26.43
CA LEU C 207 -10.01 -35.86 -25.05
C LEU C 207 -8.65 -36.49 -24.83
N SER C 208 -7.72 -35.70 -24.30
CA SER C 208 -6.35 -36.14 -24.06
C SER C 208 -6.11 -36.33 -22.57
N VAL C 209 -5.29 -37.32 -22.25
CA VAL C 209 -4.90 -37.62 -20.87
C VAL C 209 -3.38 -37.55 -20.79
N SER C 210 -2.88 -36.85 -19.77
CA SER C 210 -1.46 -36.65 -19.61
C SER C 210 -1.07 -36.90 -18.16
N LYS C 211 0.21 -36.69 -17.87
CA LYS C 211 0.71 -36.91 -16.52
C LYS C 211 0.23 -35.85 -15.54
N ASP C 212 -0.28 -34.72 -16.03
CA ASP C 212 -0.83 -33.71 -15.14
C ASP C 212 -2.21 -34.07 -14.59
N HIS C 213 -2.65 -35.31 -14.80
CA HIS C 213 -3.96 -35.81 -14.38
C HIS C 213 -5.11 -35.12 -15.10
N ALA C 214 -4.86 -34.53 -16.26
CA ALA C 214 -5.86 -33.73 -16.95
C ALA C 214 -6.61 -34.55 -18.00
N LEU C 215 -7.93 -34.40 -18.02
CA LEU C 215 -8.78 -35.01 -19.04
C LEU C 215 -9.29 -33.93 -19.98
N ARG C 216 -8.43 -32.99 -20.33
CA ARG C 216 -8.84 -31.90 -21.20
C ARG C 216 -9.17 -32.41 -22.59
N LEU C 217 -10.25 -31.88 -23.16
CA LEU C 217 -10.69 -32.27 -24.49
C LEU C 217 -10.61 -31.05 -25.40
N TRP C 218 -10.23 -31.28 -26.65
CA TRP C 218 -10.05 -30.22 -27.63
C TRP C 218 -11.10 -30.37 -28.71
N ASN C 219 -11.75 -29.27 -29.06
CA ASN C 219 -12.62 -29.24 -30.25
C ASN C 219 -11.73 -28.85 -31.42
N ILE C 220 -11.25 -29.85 -32.15
CA ILE C 220 -10.24 -29.61 -33.19
C ILE C 220 -10.81 -28.69 -34.27
N GLN C 221 -12.04 -28.96 -34.71
CA GLN C 221 -12.60 -28.18 -35.81
C GLN C 221 -12.73 -26.72 -35.44
N THR C 222 -13.04 -26.43 -34.18
CA THR C 222 -13.14 -25.06 -33.70
C THR C 222 -11.87 -24.57 -33.01
N ASP C 223 -10.97 -25.47 -32.65
CA ASP C 223 -9.74 -25.14 -31.92
C ASP C 223 -10.07 -24.37 -30.64
N THR C 224 -10.89 -25.00 -29.81
CA THR C 224 -11.22 -24.48 -28.50
C THR C 224 -11.05 -25.59 -27.46
N LEU C 225 -10.73 -25.18 -26.24
CA LEU C 225 -10.72 -26.13 -25.14
C LEU C 225 -12.15 -26.49 -24.78
N VAL C 226 -12.35 -27.75 -24.42
CA VAL C 226 -13.66 -28.24 -24.03
C VAL C 226 -13.60 -28.61 -22.56
N ALA C 227 -14.76 -28.94 -21.99
CA ALA C 227 -14.88 -29.15 -20.56
C ALA C 227 -13.88 -30.19 -20.07
N ILE C 228 -13.22 -29.87 -18.97
CA ILE C 228 -12.18 -30.72 -18.40
C ILE C 228 -12.77 -31.53 -17.25
N PHE C 229 -12.49 -32.82 -17.25
CA PHE C 229 -12.92 -33.72 -16.18
C PHE C 229 -11.87 -33.78 -15.09
N GLY C 230 -12.22 -34.47 -14.01
CA GLY C 230 -11.27 -34.78 -12.96
C GLY C 230 -10.87 -33.58 -12.13
N GLY C 231 -9.62 -33.18 -12.25
CA GLY C 231 -9.19 -32.00 -11.53
C GLY C 231 -9.09 -32.25 -10.03
N VAL C 232 -9.70 -31.35 -9.26
CA VAL C 232 -9.45 -31.31 -7.82
C VAL C 232 -9.91 -32.60 -7.15
N GLU C 233 -11.07 -33.12 -7.54
CA GLU C 233 -11.56 -34.35 -6.95
C GLU C 233 -11.21 -35.57 -7.79
N GLY C 234 -10.44 -35.42 -8.85
CA GLY C 234 -10.18 -36.52 -9.77
C GLY C 234 -9.09 -37.45 -9.26
N HIS C 235 -8.15 -37.79 -10.13
CA HIS C 235 -7.08 -38.72 -9.78
C HIS C 235 -5.93 -37.95 -9.15
N ARG C 236 -5.63 -38.29 -7.90
CA ARG C 236 -4.44 -37.78 -7.24
C ARG C 236 -3.16 -38.32 -7.88
N ASP C 237 -3.28 -39.32 -8.74
CA ASP C 237 -2.15 -39.91 -9.45
C ASP C 237 -2.34 -39.74 -10.95
N GLU C 238 -1.32 -40.13 -11.70
CA GLU C 238 -1.37 -40.01 -13.15
C GLU C 238 -2.42 -40.96 -13.74
N VAL C 239 -3.04 -40.52 -14.82
CA VAL C 239 -4.00 -41.33 -15.57
C VAL C 239 -3.39 -41.63 -16.94
N LEU C 240 -3.63 -42.83 -17.43
CA LEU C 240 -3.14 -43.24 -18.74
C LEU C 240 -4.23 -43.84 -19.62
N SER C 241 -5.22 -44.49 -19.03
CA SER C 241 -6.19 -45.27 -19.79
C SER C 241 -7.54 -44.56 -19.78
N ALA C 242 -8.15 -44.45 -20.95
CA ALA C 242 -9.47 -43.88 -21.10
C ALA C 242 -10.13 -44.49 -22.32
N ASP C 243 -11.46 -44.61 -22.29
CA ASP C 243 -12.18 -45.23 -23.38
C ASP C 243 -13.57 -44.61 -23.52
N TYR C 244 -13.95 -44.35 -24.76
CA TYR C 244 -15.35 -44.05 -25.08
C TYR C 244 -16.10 -45.37 -25.22
N ASP C 245 -17.36 -45.36 -24.82
CA ASP C 245 -18.19 -46.51 -25.14
C ASP C 245 -18.56 -46.50 -26.62
N LEU C 246 -19.37 -47.47 -27.02
CA LEU C 246 -19.69 -47.63 -28.43
C LEU C 246 -20.44 -46.42 -28.97
N LEU C 247 -21.33 -45.83 -28.18
CA LEU C 247 -22.10 -44.68 -28.62
C LEU C 247 -21.50 -43.36 -28.21
N GLY C 248 -20.38 -43.36 -27.50
CA GLY C 248 -19.88 -42.13 -26.92
C GLY C 248 -20.83 -41.60 -25.87
N GLU C 249 -21.34 -42.52 -25.05
CA GLU C 249 -22.27 -42.20 -23.97
C GLU C 249 -21.55 -41.81 -22.70
N LYS C 250 -20.51 -42.55 -22.33
CA LYS C 250 -19.76 -42.32 -21.11
C LYS C 250 -18.28 -42.57 -21.39
N ILE C 251 -17.44 -41.98 -20.56
CA ILE C 251 -16.00 -42.12 -20.69
C ILE C 251 -15.48 -42.79 -19.44
N MET C 252 -14.97 -44.01 -19.59
CA MET C 252 -14.33 -44.73 -18.50
C MET C 252 -12.84 -44.45 -18.53
N SER C 253 -12.25 -44.31 -17.34
CA SER C 253 -10.83 -43.98 -17.28
C SER C 253 -10.24 -44.46 -15.96
N CYS C 254 -8.93 -44.63 -15.95
CA CYS C 254 -8.20 -45.00 -14.75
C CYS C 254 -6.71 -44.79 -15.00
N GLY C 255 -5.97 -44.70 -13.90
CA GLY C 255 -4.53 -44.58 -13.97
C GLY C 255 -3.83 -45.40 -12.91
N MET C 256 -2.58 -45.05 -12.61
CA MET C 256 -1.79 -45.75 -11.60
C MET C 256 -2.47 -45.65 -10.25
N ASP C 257 -3.36 -44.66 -10.11
CA ASP C 257 -4.07 -44.44 -8.86
C ASP C 257 -4.81 -45.70 -8.41
N HIS C 258 -5.22 -46.53 -9.36
CA HIS C 258 -6.12 -47.68 -9.21
C HIS C 258 -7.55 -47.19 -9.01
N SER C 259 -7.84 -45.92 -9.26
CA SER C 259 -9.19 -45.39 -9.13
C SER C 259 -9.93 -45.60 -10.44
N LEU C 260 -11.11 -46.20 -10.37
CA LEU C 260 -11.87 -46.56 -11.57
C LEU C 260 -13.04 -45.61 -11.72
N LYS C 261 -12.77 -44.49 -12.38
CA LYS C 261 -13.73 -43.41 -12.51
C LYS C 261 -14.22 -43.26 -13.95
N LEU C 262 -15.49 -42.91 -14.07
CA LEU C 262 -16.08 -42.63 -15.38
C LEU C 262 -16.94 -41.38 -15.27
N TRP C 263 -17.06 -40.68 -16.40
CA TRP C 263 -17.87 -39.48 -16.47
C TRP C 263 -18.86 -39.61 -17.62
N ARG C 264 -20.11 -39.20 -17.37
CA ARG C 264 -21.15 -39.33 -18.38
C ARG C 264 -21.07 -38.19 -19.39
N ILE C 265 -20.96 -38.55 -20.67
CA ILE C 265 -21.06 -37.55 -21.72
C ILE C 265 -22.48 -37.01 -21.78
N ASN C 266 -23.48 -37.85 -21.49
CA ASN C 266 -24.86 -37.46 -21.67
C ASN C 266 -25.34 -36.50 -20.59
N SER C 267 -24.40 -35.92 -19.83
CA SER C 267 -24.75 -34.90 -18.86
C SER C 267 -25.26 -33.67 -19.58
N LYS C 268 -26.50 -33.26 -19.27
CA LYS C 268 -27.18 -32.22 -20.03
C LYS C 268 -26.37 -30.94 -20.10
N ARG C 269 -25.59 -30.66 -19.05
CA ARG C 269 -24.82 -29.43 -19.01
C ARG C 269 -23.78 -29.37 -20.11
N MET C 270 -23.09 -30.49 -20.36
CA MET C 270 -21.91 -30.40 -21.22
C MET C 270 -22.29 -30.29 -22.69
N MET C 271 -23.37 -30.97 -23.12
CA MET C 271 -23.82 -30.76 -24.48
C MET C 271 -24.10 -29.30 -24.75
N ASN C 272 -24.64 -28.60 -23.75
CA ASN C 272 -24.85 -27.16 -23.86
C ASN C 272 -23.54 -26.46 -24.17
N ALA C 273 -22.49 -26.80 -23.41
CA ALA C 273 -21.16 -26.31 -23.74
C ALA C 273 -20.69 -26.83 -25.08
N ILE C 274 -20.99 -28.09 -25.37
CA ILE C 274 -20.60 -28.68 -26.66
C ILE C 274 -21.24 -27.90 -27.80
N LYS C 275 -22.51 -27.54 -27.66
CA LYS C 275 -23.20 -26.83 -28.73
C LYS C 275 -22.54 -25.49 -29.00
N GLU C 276 -22.37 -24.68 -27.96
CA GLU C 276 -21.70 -23.40 -28.13
C GLU C 276 -20.22 -23.56 -28.46
N SER C 277 -19.63 -24.70 -28.10
CA SER C 277 -18.25 -24.96 -28.49
C SER C 277 -18.10 -25.03 -29.99
N TYR C 278 -19.04 -25.67 -30.67
CA TYR C 278 -18.93 -25.86 -32.11
C TYR C 278 -19.09 -24.56 -32.89
N ASP C 279 -19.60 -23.50 -32.25
CA ASP C 279 -19.86 -22.25 -32.96
C ASP C 279 -19.26 -21.04 -32.27
N TYR C 280 -18.40 -21.24 -31.27
CA TYR C 280 -17.76 -20.11 -30.63
C TYR C 280 -16.73 -19.47 -31.54
N ASN C 281 -16.56 -18.15 -31.40
CA ASN C 281 -15.55 -17.41 -32.10
C ASN C 281 -15.08 -16.29 -31.19
N PRO C 282 -13.81 -16.26 -30.82
CA PRO C 282 -13.30 -15.15 -29.99
C PRO C 282 -13.40 -13.80 -30.67
N ASN C 283 -13.49 -13.76 -32.00
CA ASN C 283 -13.66 -12.49 -32.69
C ASN C 283 -15.05 -11.92 -32.54
N LYS C 284 -16.05 -12.77 -32.30
CA LYS C 284 -17.41 -12.28 -32.12
C LYS C 284 -17.54 -11.42 -30.87
N THR C 285 -16.93 -11.84 -29.76
CA THR C 285 -17.02 -11.11 -28.51
C THR C 285 -15.70 -11.23 -27.76
N ASN C 286 -15.42 -10.21 -26.94
CA ASN C 286 -14.18 -10.23 -26.16
C ASN C 286 -14.19 -11.38 -25.16
N ARG C 287 -15.37 -11.73 -24.64
CA ARG C 287 -15.51 -12.75 -23.61
C ARG C 287 -14.87 -14.06 -24.07
N PRO C 288 -13.77 -14.47 -23.45
CA PRO C 288 -13.11 -15.71 -23.88
C PRO C 288 -13.95 -16.93 -23.54
N PHE C 289 -13.68 -18.02 -24.26
CA PHE C 289 -14.42 -19.25 -24.04
C PHE C 289 -14.25 -19.73 -22.61
N ILE C 290 -15.31 -20.31 -22.08
CA ILE C 290 -15.32 -20.81 -20.70
C ILE C 290 -15.53 -22.31 -20.77
N SER C 291 -14.43 -23.06 -20.76
CA SER C 291 -14.53 -24.50 -20.62
C SER C 291 -14.98 -24.86 -19.21
N GLN C 292 -15.78 -25.91 -19.11
CA GLN C 292 -16.26 -26.35 -17.81
C GLN C 292 -15.23 -27.26 -17.16
N LYS C 293 -15.20 -27.26 -15.83
CA LYS C 293 -14.34 -28.15 -15.07
C LYS C 293 -15.22 -29.09 -14.26
N ILE C 294 -14.90 -30.38 -14.30
CA ILE C 294 -15.74 -31.43 -13.74
C ILE C 294 -14.90 -32.26 -12.79
N HIS C 295 -15.43 -32.50 -11.59
CA HIS C 295 -14.70 -33.18 -10.53
C HIS C 295 -15.57 -34.22 -9.84
N PHE C 296 -16.41 -34.91 -10.60
CA PHE C 296 -17.31 -35.86 -9.98
C PHE C 296 -17.62 -37.00 -10.94
N PRO C 297 -17.03 -38.18 -10.74
CA PRO C 297 -17.31 -39.30 -11.62
C PRO C 297 -18.67 -39.91 -11.32
N ASP C 298 -19.17 -40.66 -12.30
CA ASP C 298 -20.39 -41.43 -12.09
C ASP C 298 -20.18 -42.58 -11.12
N PHE C 299 -18.92 -42.97 -10.92
CA PHE C 299 -18.57 -44.07 -10.03
C PHE C 299 -17.05 -44.11 -9.92
N SER C 300 -16.59 -44.60 -8.78
CA SER C 300 -15.16 -44.81 -8.57
C SER C 300 -14.96 -46.01 -7.66
N THR C 301 -13.82 -46.68 -7.83
CA THR C 301 -13.44 -47.76 -6.94
C THR C 301 -11.95 -48.00 -7.09
N ARG C 302 -11.38 -48.69 -6.09
CA ARG C 302 -9.98 -49.09 -6.12
C ARG C 302 -9.75 -50.50 -5.64
N ASP C 303 -10.81 -51.30 -5.45
CA ASP C 303 -10.66 -52.67 -4.98
C ASP C 303 -10.37 -53.66 -6.10
N ILE C 304 -10.39 -53.20 -7.36
CA ILE C 304 -10.17 -54.11 -8.47
C ILE C 304 -8.75 -54.65 -8.45
N HIS C 305 -7.76 -53.76 -8.34
CA HIS C 305 -6.37 -54.16 -8.47
C HIS C 305 -5.56 -53.61 -7.30
N ARG C 306 -4.70 -54.47 -6.75
CA ARG C 306 -3.68 -54.04 -5.82
C ARG C 306 -2.37 -53.70 -6.52
N ASN C 307 -2.29 -53.93 -7.83
CA ASN C 307 -1.12 -53.59 -8.62
C ASN C 307 -1.53 -52.61 -9.72
N TYR C 308 -0.53 -52.06 -10.40
CA TYR C 308 -0.74 -50.96 -11.33
C TYR C 308 -1.59 -51.38 -12.52
N VAL C 309 -2.84 -50.89 -12.55
CA VAL C 309 -3.68 -51.09 -13.73
C VAL C 309 -3.14 -50.27 -14.89
N ASP C 310 -3.04 -50.91 -16.06
CA ASP C 310 -2.46 -50.25 -17.23
C ASP C 310 -3.37 -50.24 -18.44
N CYS C 311 -4.44 -51.04 -18.46
CA CYS C 311 -5.36 -51.07 -19.60
C CYS C 311 -6.78 -51.33 -19.11
N VAL C 312 -7.72 -50.54 -19.64
CA VAL C 312 -9.14 -50.78 -19.47
C VAL C 312 -9.83 -50.41 -20.77
N ARG C 313 -10.90 -51.13 -21.09
CA ARG C 313 -11.68 -50.86 -22.29
C ARG C 313 -13.16 -51.05 -22.02
N TRP C 314 -13.97 -50.33 -22.80
CA TRP C 314 -15.42 -50.48 -22.75
C TRP C 314 -15.83 -51.81 -23.35
N LEU C 315 -16.29 -52.73 -22.52
CA LEU C 315 -16.88 -53.98 -23.01
C LEU C 315 -18.41 -53.87 -22.99
N GLY C 316 -18.93 -53.03 -23.89
CA GLY C 316 -20.35 -52.79 -23.94
C GLY C 316 -20.86 -52.21 -22.64
N ASP C 317 -21.60 -53.00 -21.87
CA ASP C 317 -22.01 -52.59 -20.55
C ASP C 317 -21.01 -52.99 -19.47
N LEU C 318 -20.02 -53.80 -19.81
CA LEU C 318 -19.01 -54.24 -18.86
C LEU C 318 -17.72 -53.43 -19.03
N ILE C 319 -16.85 -53.56 -18.04
CA ILE C 319 -15.57 -52.86 -18.04
C ILE C 319 -14.46 -53.88 -17.88
N LEU C 320 -13.60 -53.98 -18.90
CA LEU C 320 -12.42 -54.83 -18.84
C LEU C 320 -11.27 -54.06 -18.22
N SER C 321 -10.29 -54.79 -17.70
CA SER C 321 -9.14 -54.16 -17.08
C SER C 321 -7.91 -55.05 -17.23
N LYS C 322 -6.74 -54.41 -17.26
CA LYS C 322 -5.46 -55.10 -17.27
C LYS C 322 -4.53 -54.42 -16.27
N SER C 323 -3.67 -55.21 -15.65
CA SER C 323 -2.77 -54.70 -14.63
C SER C 323 -1.45 -55.45 -14.69
N CYS C 324 -0.50 -55.00 -13.87
CA CYS C 324 0.81 -55.64 -13.81
C CYS C 324 0.75 -57.05 -13.25
N GLU C 325 -0.32 -57.39 -12.52
CA GLU C 325 -0.46 -58.67 -11.84
C GLU C 325 -0.71 -59.85 -12.78
N ASN C 326 -0.62 -59.65 -14.10
CA ASN C 326 -0.80 -60.73 -15.09
C ASN C 326 -2.18 -61.36 -14.99
N ALA C 327 -3.18 -60.56 -14.64
CA ALA C 327 -4.55 -61.03 -14.53
C ALA C 327 -5.46 -60.13 -15.37
N ILE C 328 -6.43 -60.75 -16.04
CA ILE C 328 -7.41 -60.03 -16.85
C ILE C 328 -8.73 -60.08 -16.11
N VAL C 329 -9.26 -58.92 -15.76
CA VAL C 329 -10.49 -58.80 -14.98
C VAL C 329 -11.44 -57.87 -15.72
N CYS C 330 -12.54 -58.42 -16.23
CA CYS C 330 -13.67 -57.60 -16.62
C CYS C 330 -14.64 -57.50 -15.47
N TRP C 331 -15.41 -56.41 -15.45
CA TRP C 331 -16.29 -56.15 -14.33
C TRP C 331 -17.37 -55.17 -14.74
N LYS C 332 -18.41 -55.11 -13.92
CA LYS C 332 -19.50 -54.17 -14.06
C LYS C 332 -19.76 -53.52 -12.72
N PRO C 333 -20.26 -52.29 -12.71
CA PRO C 333 -20.47 -51.59 -11.43
C PRO C 333 -21.58 -52.23 -10.61
N GLY C 334 -21.42 -52.09 -9.29
CA GLY C 334 -22.45 -52.51 -8.36
C GLY C 334 -22.74 -53.99 -8.46
N LYS C 335 -24.03 -54.32 -8.44
CA LYS C 335 -24.46 -55.70 -8.59
C LYS C 335 -24.70 -56.00 -10.07
N MET C 336 -25.15 -57.23 -10.34
CA MET C 336 -25.44 -57.62 -11.72
C MET C 336 -26.57 -56.77 -12.29
N GLU C 337 -27.63 -56.55 -11.51
CA GLU C 337 -28.79 -55.82 -11.97
C GLU C 337 -28.56 -54.32 -12.06
N ASP C 338 -27.46 -53.81 -11.52
CA ASP C 338 -27.22 -52.37 -11.48
C ASP C 338 -26.75 -51.88 -12.85
N ASP C 339 -27.54 -51.00 -13.45
CA ASP C 339 -27.19 -50.43 -14.75
C ASP C 339 -26.17 -49.31 -14.57
N ILE C 340 -25.31 -49.15 -15.58
CA ILE C 340 -24.29 -48.11 -15.52
C ILE C 340 -24.91 -46.73 -15.58
N ASP C 341 -25.89 -46.52 -16.46
CA ASP C 341 -26.51 -45.21 -16.59
C ASP C 341 -27.43 -44.89 -15.41
N LYS C 342 -28.00 -45.89 -14.77
CA LYS C 342 -28.85 -45.67 -13.61
C LYS C 342 -28.06 -45.46 -12.33
N ILE C 343 -26.75 -45.72 -12.35
CA ILE C 343 -25.97 -45.69 -11.12
C ILE C 343 -25.69 -44.24 -10.72
N LYS C 344 -25.34 -44.04 -9.46
CA LYS C 344 -25.00 -42.76 -8.87
C LYS C 344 -23.51 -42.68 -8.56
N PRO C 345 -22.97 -41.46 -8.48
CA PRO C 345 -21.57 -41.32 -8.06
C PRO C 345 -21.29 -41.92 -6.69
N SER C 346 -22.25 -41.89 -5.79
CA SER C 346 -22.06 -42.40 -4.43
C SER C 346 -21.90 -43.91 -4.38
N GLU C 347 -22.19 -44.63 -5.46
CA GLU C 347 -22.08 -46.08 -5.46
C GLU C 347 -20.63 -46.50 -5.25
N SER C 348 -20.46 -47.62 -4.54
CA SER C 348 -19.14 -48.19 -4.31
C SER C 348 -19.05 -49.69 -4.58
N ASN C 349 -20.16 -50.40 -4.76
CA ASN C 349 -20.11 -51.82 -5.04
C ASN C 349 -19.58 -52.08 -6.46
N VAL C 350 -18.94 -53.23 -6.63
CA VAL C 350 -18.44 -53.67 -7.92
C VAL C 350 -18.77 -55.14 -8.09
N THR C 351 -19.05 -55.54 -9.33
CA THR C 351 -19.27 -56.95 -9.69
C THR C 351 -18.10 -57.39 -10.56
N ILE C 352 -17.25 -58.26 -10.00
CA ILE C 352 -16.09 -58.77 -10.72
C ILE C 352 -16.47 -60.03 -11.48
N LEU C 353 -16.10 -60.09 -12.75
CA LEU C 353 -16.47 -61.22 -13.59
C LEU C 353 -15.38 -61.75 -14.50
N GLY C 354 -14.25 -61.07 -14.65
CA GLY C 354 -13.21 -61.48 -15.59
C GLY C 354 -12.13 -62.30 -14.92
N ARG C 355 -11.71 -63.38 -15.61
CA ARG C 355 -10.73 -64.30 -15.04
C ARG C 355 -9.71 -64.79 -16.07
N PHE C 356 -9.47 -64.05 -17.14
CA PHE C 356 -8.55 -64.51 -18.18
C PHE C 356 -7.10 -64.18 -17.85
N ASP C 357 -6.61 -64.68 -16.72
CA ASP C 357 -5.27 -64.33 -16.26
C ASP C 357 -4.21 -64.82 -17.24
N TYR C 358 -3.03 -64.22 -17.14
CA TYR C 358 -1.89 -64.52 -18.00
C TYR C 358 -0.64 -64.50 -17.12
N SER C 359 0.53 -64.43 -17.75
CA SER C 359 1.77 -64.42 -16.99
C SER C 359 2.85 -63.71 -17.78
N GLN C 360 4.03 -63.64 -17.17
CA GLN C 360 5.30 -63.14 -17.72
C GLN C 360 5.16 -61.77 -18.39
N CYS C 361 4.15 -60.99 -18.03
CA CYS C 361 3.98 -59.63 -18.52
C CYS C 361 3.78 -58.66 -17.36
N ASP C 362 4.68 -58.74 -16.37
CA ASP C 362 4.50 -57.98 -15.13
C ASP C 362 4.72 -56.49 -15.30
N ILE C 363 5.33 -56.04 -16.40
CA ILE C 363 5.60 -54.62 -16.57
C ILE C 363 4.36 -53.90 -17.07
N TRP C 364 4.24 -52.64 -16.67
CA TRP C 364 3.12 -51.80 -17.09
C TRP C 364 3.44 -51.13 -18.42
N TYR C 365 2.65 -50.12 -18.79
CA TYR C 365 2.73 -49.38 -20.05
C TYR C 365 2.28 -50.23 -21.22
N MET C 366 1.91 -51.48 -21.00
CA MET C 366 1.38 -52.31 -22.08
C MET C 366 0.05 -51.74 -22.55
N ARG C 367 -0.31 -52.05 -23.80
CA ARG C 367 -1.60 -51.65 -24.36
C ARG C 367 -2.08 -52.72 -25.32
N PHE C 368 -3.32 -53.16 -25.15
CA PHE C 368 -3.94 -54.14 -26.02
C PHE C 368 -4.99 -53.46 -26.90
N SER C 369 -5.61 -54.25 -27.77
CA SER C 369 -6.55 -53.71 -28.75
C SER C 369 -7.67 -54.71 -28.99
N MET C 370 -8.72 -54.22 -29.64
CA MET C 370 -9.91 -55.00 -29.92
C MET C 370 -10.28 -54.91 -31.40
N ASP C 371 -11.05 -55.87 -31.88
CA ASP C 371 -11.52 -55.84 -33.26
C ASP C 371 -12.65 -54.80 -33.40
N PHE C 372 -13.00 -54.51 -34.64
CA PHE C 372 -14.01 -53.49 -34.90
C PHE C 372 -15.37 -53.89 -34.33
N TRP C 373 -15.71 -55.17 -34.44
CA TRP C 373 -17.03 -55.65 -34.03
C TRP C 373 -17.09 -56.10 -32.57
N GLN C 374 -16.01 -55.90 -31.81
CA GLN C 374 -15.96 -56.29 -30.40
C GLN C 374 -16.20 -57.79 -30.26
N LYS C 375 -15.42 -58.54 -31.03
CA LYS C 375 -15.56 -60.00 -31.03
C LYS C 375 -14.26 -60.70 -30.68
N MET C 376 -13.15 -60.22 -31.24
CA MET C 376 -11.88 -60.92 -31.20
C MET C 376 -10.86 -60.14 -30.37
N LEU C 377 -10.29 -60.81 -29.37
CA LEU C 377 -9.38 -60.18 -28.42
C LEU C 377 -8.01 -60.82 -28.53
N ALA C 378 -6.97 -59.99 -28.60
CA ALA C 378 -5.60 -60.47 -28.65
C ALA C 378 -4.73 -59.62 -27.74
N LEU C 379 -3.86 -60.29 -27.00
CA LEU C 379 -2.97 -59.63 -26.06
C LEU C 379 -1.53 -60.08 -26.31
N GLY C 380 -0.61 -59.12 -26.29
CA GLY C 380 0.80 -59.40 -26.44
C GLY C 380 1.43 -59.80 -25.11
N ASN C 381 2.75 -59.75 -25.07
CA ASN C 381 3.45 -60.08 -23.83
C ASN C 381 4.83 -59.42 -23.84
N GLN C 382 5.40 -59.29 -22.64
CA GLN C 382 6.77 -58.81 -22.52
C GLN C 382 7.74 -59.76 -23.21
N VAL C 383 7.42 -61.05 -23.25
CA VAL C 383 8.29 -62.04 -23.85
C VAL C 383 7.91 -62.31 -25.31
N GLY C 384 7.11 -61.43 -25.91
CA GLY C 384 6.75 -61.55 -27.30
C GLY C 384 5.65 -62.55 -27.60
N LYS C 385 5.11 -63.22 -26.58
CA LYS C 385 4.04 -64.18 -26.81
C LYS C 385 2.72 -63.46 -27.07
N LEU C 386 1.76 -64.22 -27.61
CA LEU C 386 0.44 -63.72 -27.91
C LEU C 386 -0.58 -64.37 -27.00
N TYR C 387 -1.55 -63.58 -26.54
CA TYR C 387 -2.59 -64.05 -25.64
C TYR C 387 -3.94 -63.67 -26.27
N VAL C 388 -4.53 -64.62 -27.00
CA VAL C 388 -5.68 -64.35 -27.84
C VAL C 388 -6.92 -64.95 -27.19
N TRP C 389 -8.04 -64.23 -27.28
CA TRP C 389 -9.32 -64.70 -26.79
C TRP C 389 -10.43 -64.22 -27.70
N ASP C 390 -11.63 -64.73 -27.44
CA ASP C 390 -12.83 -64.34 -28.17
C ASP C 390 -13.92 -63.91 -27.20
N LEU C 391 -14.92 -63.20 -27.74
CA LEU C 391 -16.09 -62.80 -26.98
C LEU C 391 -17.33 -63.58 -27.38
N GLU C 392 -17.15 -64.83 -27.79
CA GLU C 392 -18.27 -65.72 -28.07
C GLU C 392 -18.78 -66.29 -26.75
N VAL C 393 -19.59 -67.34 -26.83
CA VAL C 393 -20.04 -68.03 -25.62
C VAL C 393 -18.88 -68.44 -24.72
N GLU C 394 -17.67 -68.50 -25.25
CA GLU C 394 -16.48 -68.66 -24.42
C GLU C 394 -16.40 -67.52 -23.42
N ASP C 395 -16.37 -67.87 -22.14
CA ASP C 395 -16.42 -66.92 -21.04
C ASP C 395 -15.37 -67.31 -20.02
N PRO C 396 -14.98 -66.38 -19.13
CA PRO C 396 -13.92 -66.69 -18.16
C PRO C 396 -14.32 -67.73 -17.12
N HIS C 397 -15.53 -68.31 -17.27
CA HIS C 397 -15.91 -69.43 -16.43
C HIS C 397 -14.92 -70.59 -16.56
N LYS C 398 -14.34 -70.76 -17.75
CA LYS C 398 -13.27 -71.73 -17.96
C LYS C 398 -12.08 -71.16 -18.69
N ALA C 399 -12.23 -70.07 -19.44
CA ALA C 399 -11.12 -69.34 -20.05
C ALA C 399 -10.30 -70.23 -20.98
N LYS C 400 -10.94 -70.70 -22.05
CA LYS C 400 -10.28 -71.51 -23.06
C LYS C 400 -9.42 -70.60 -23.93
N CYS C 401 -8.18 -70.41 -23.50
CA CYS C 401 -7.29 -69.46 -24.14
C CYS C 401 -6.71 -70.05 -25.43
N THR C 402 -6.11 -69.15 -26.23
CA THR C 402 -5.38 -69.53 -27.44
C THR C 402 -4.09 -68.71 -27.44
N THR C 403 -3.05 -69.26 -26.84
CA THR C 403 -1.80 -68.54 -26.59
C THR C 403 -0.83 -68.77 -27.74
N LEU C 404 -0.93 -67.91 -28.75
CA LEU C 404 0.00 -67.96 -29.86
C LEU C 404 1.38 -67.47 -29.43
N THR C 405 2.39 -67.88 -30.16
CA THR C 405 3.77 -67.50 -29.84
C THR C 405 4.64 -67.66 -31.07
N HIS C 406 5.48 -66.65 -31.32
CA HIS C 406 6.44 -66.68 -32.41
C HIS C 406 7.85 -66.66 -31.82
N HIS C 407 8.70 -67.58 -32.30
CA HIS C 407 10.03 -67.72 -31.73
C HIS C 407 10.86 -66.45 -31.94
N LYS C 408 10.82 -65.88 -33.15
CA LYS C 408 11.56 -64.66 -33.42
C LYS C 408 11.02 -63.48 -32.63
N CYS C 409 9.69 -63.37 -32.54
CA CYS C 409 9.06 -62.26 -31.82
C CYS C 409 9.03 -62.60 -30.34
N GLY C 410 10.09 -62.23 -29.63
CA GLY C 410 10.19 -62.55 -28.22
C GLY C 410 10.80 -61.47 -27.34
N ALA C 411 11.15 -60.31 -27.91
CA ALA C 411 11.89 -59.32 -27.14
C ALA C 411 10.97 -58.55 -26.19
N ALA C 412 10.07 -57.74 -26.75
CA ALA C 412 9.06 -57.05 -25.94
C ALA C 412 7.95 -56.50 -26.81
N ILE C 413 6.73 -57.02 -26.64
CA ILE C 413 5.59 -56.51 -27.39
C ILE C 413 5.14 -55.21 -26.70
N ARG C 414 5.26 -54.10 -27.42
CA ARG C 414 4.83 -52.82 -26.86
C ARG C 414 3.35 -52.57 -27.11
N GLN C 415 2.92 -52.66 -28.36
CA GLN C 415 1.56 -52.27 -28.71
C GLN C 415 0.98 -53.32 -29.66
N THR C 416 -0.34 -53.52 -29.55
CA THR C 416 -1.08 -54.40 -30.42
C THR C 416 -2.25 -53.64 -31.00
N SER C 417 -2.64 -53.98 -32.23
CA SER C 417 -3.75 -53.31 -32.88
C SER C 417 -4.41 -54.25 -33.88
N PHE C 418 -5.73 -54.37 -33.77
CA PHE C 418 -6.51 -55.10 -34.74
C PHE C 418 -6.75 -54.23 -35.97
N SER C 419 -6.92 -54.87 -37.11
CA SER C 419 -7.42 -54.17 -38.28
C SER C 419 -8.94 -54.07 -38.21
N ARG C 420 -9.55 -53.53 -39.25
CA ARG C 420 -11.00 -53.45 -39.29
C ARG C 420 -11.59 -54.76 -39.78
N ASP C 421 -11.16 -55.86 -39.16
CA ASP C 421 -11.59 -57.21 -39.53
C ASP C 421 -10.98 -58.18 -38.54
N SER C 422 -11.43 -59.43 -38.62
CA SER C 422 -10.88 -60.50 -37.80
C SER C 422 -9.74 -61.25 -38.48
N SER C 423 -9.33 -60.82 -39.66
CA SER C 423 -8.33 -61.56 -40.43
C SER C 423 -6.92 -61.02 -40.23
N ILE C 424 -6.73 -59.70 -40.29
CA ILE C 424 -5.41 -59.10 -40.25
C ILE C 424 -5.20 -58.45 -38.89
N LEU C 425 -4.03 -58.69 -38.30
CA LEU C 425 -3.62 -58.07 -37.06
C LEU C 425 -2.17 -57.63 -37.18
N ILE C 426 -1.84 -56.50 -36.56
CA ILE C 426 -0.50 -55.95 -36.60
C ILE C 426 0.05 -55.94 -35.18
N ALA C 427 1.18 -56.62 -34.98
CA ALA C 427 1.84 -56.68 -33.70
C ALA C 427 3.21 -56.00 -33.79
N VAL C 428 3.51 -55.17 -32.80
CA VAL C 428 4.73 -54.36 -32.79
C VAL C 428 5.54 -54.73 -31.55
N CYS C 429 6.80 -55.09 -31.78
CA CYS C 429 7.73 -55.34 -30.70
C CYS C 429 8.49 -54.07 -30.34
N ASP C 430 9.02 -54.03 -29.12
CA ASP C 430 9.75 -52.84 -28.68
C ASP C 430 11.00 -52.59 -29.51
N ASP C 431 11.61 -53.66 -30.03
CA ASP C 431 12.88 -53.53 -30.73
C ASP C 431 12.65 -53.08 -32.19
N ALA C 432 11.86 -52.02 -32.31
CA ALA C 432 11.58 -51.35 -33.60
C ALA C 432 11.06 -52.32 -34.66
N SER C 433 10.59 -53.50 -34.26
CA SER C 433 10.19 -54.54 -35.19
C SER C 433 8.68 -54.71 -35.17
N ILE C 434 8.14 -55.04 -36.35
CA ILE C 434 6.70 -55.18 -36.55
C ILE C 434 6.42 -56.59 -37.04
N TRP C 435 5.45 -57.25 -36.41
CA TRP C 435 5.08 -58.62 -36.77
C TRP C 435 3.61 -58.63 -37.17
N ARG C 436 3.33 -59.12 -38.37
CA ARG C 436 1.97 -59.18 -38.89
C ARG C 436 1.47 -60.62 -38.86
N TRP C 437 0.29 -60.81 -38.29
CA TRP C 437 -0.35 -62.11 -38.21
C TRP C 437 -1.69 -62.04 -38.93
N ASP C 438 -2.00 -63.09 -39.68
CA ASP C 438 -3.23 -63.15 -40.46
C ASP C 438 -4.01 -64.41 -40.14
N ARG C 439 -5.33 -64.32 -40.26
CA ARG C 439 -6.19 -65.43 -39.90
C ARG C 439 -6.30 -66.43 -41.04
N LEU C 440 -6.34 -67.72 -40.68
CA LEU C 440 -6.65 -68.78 -41.65
C LEU C 440 -8.16 -68.93 -41.68
N ARG C 441 -8.82 -67.89 -42.17
CA ARG C 441 -10.28 -67.87 -42.22
C ARG C 441 -10.83 -68.92 -43.19
N THR D 23 13.26 -37.13 9.82
CA THR D 23 12.44 -37.30 8.64
C THR D 23 11.39 -36.20 8.53
N LYS D 24 11.86 -34.96 8.39
CA LYS D 24 10.99 -33.79 8.30
C LYS D 24 11.12 -33.15 6.92
N ALA D 25 9.99 -32.92 6.27
CA ALA D 25 10.00 -32.24 4.98
C ALA D 25 10.31 -30.76 5.14
N ALA D 26 10.87 -30.18 4.08
CA ALA D 26 11.27 -28.76 4.10
C ALA D 26 10.02 -27.90 4.02
N ARG D 27 9.66 -27.28 5.14
CA ARG D 27 8.44 -26.48 5.23
C ARG D 27 8.76 -25.01 5.02
N LYS D 28 8.09 -24.39 4.04
CA LYS D 28 8.25 -22.96 3.82
C LYS D 28 7.70 -22.19 5.00
N SER D 29 8.56 -21.47 5.71
CA SER D 29 8.17 -20.82 6.95
C SER D 29 8.11 -19.30 6.78
N ALA D 30 7.62 -18.63 7.82
CA ALA D 30 7.58 -17.19 7.90
C ALA D 30 7.92 -16.78 9.32
N PRO D 31 8.51 -15.60 9.52
CA PRO D 31 8.95 -15.22 10.87
C PRO D 31 7.75 -14.88 11.75
N ALA D 32 7.70 -15.47 12.93
CA ALA D 32 6.58 -15.25 13.83
C ALA D 32 6.90 -14.12 14.81
N THR D 33 5.86 -13.38 15.19
CA THR D 33 5.99 -12.25 16.10
C THR D 33 4.89 -12.31 17.15
N GLY D 34 5.16 -11.72 18.31
CA GLY D 34 4.27 -11.81 19.45
C GLY D 34 4.07 -10.53 20.24
N GLY D 35 4.15 -9.38 19.59
CA GLY D 35 4.06 -8.12 20.31
C GLY D 35 2.69 -7.87 20.89
N VAL D 36 2.65 -7.08 21.96
CA VAL D 36 1.41 -6.68 22.61
C VAL D 36 1.50 -5.19 22.95
N LYS D 37 0.39 -4.65 23.45
CA LYS D 37 0.30 -3.23 23.75
C LYS D 37 1.24 -2.87 24.89
N LYS D 38 2.17 -1.96 24.62
CA LYS D 38 3.13 -1.54 25.64
C LYS D 38 2.46 -0.61 26.64
N PRO D 39 2.58 -0.85 27.94
CA PRO D 39 2.01 0.08 28.92
C PRO D 39 2.67 1.45 28.82
N HIS D 40 1.89 2.48 29.14
CA HIS D 40 2.27 3.87 28.93
C HIS D 40 2.52 4.56 30.27
N ARG D 41 3.73 5.09 30.44
CA ARG D 41 4.14 5.74 31.68
C ARG D 41 4.49 7.20 31.41
N TYR D 42 3.84 8.10 32.13
CA TYR D 42 4.18 9.51 32.01
C TYR D 42 5.56 9.77 32.59
N ARG D 43 6.34 10.60 31.91
CA ARG D 43 7.66 10.93 32.42
C ARG D 43 7.54 11.63 33.77
N PRO D 44 8.44 11.35 34.71
CA PRO D 44 8.31 11.94 36.05
C PRO D 44 8.34 13.46 35.99
N GLY D 45 7.51 14.09 36.82
CA GLY D 45 7.43 15.53 36.84
C GLY D 45 6.35 16.07 35.92
N THR D 46 5.93 15.27 34.95
CA THR D 46 4.89 15.73 34.03
C THR D 46 3.49 15.46 34.58
N VAL D 47 3.37 14.56 35.55
CA VAL D 47 2.14 14.49 36.33
C VAL D 47 2.01 15.70 37.24
N ALA D 48 3.15 16.19 37.75
CA ALA D 48 3.12 17.30 38.69
C ALA D 48 2.46 18.52 38.07
N LEU D 49 2.94 18.95 36.90
CA LEU D 49 2.34 20.10 36.25
C LEU D 49 0.84 19.88 36.04
N ARG D 50 0.46 18.64 35.72
CA ARG D 50 -0.95 18.30 35.64
C ARG D 50 -1.61 18.38 37.01
N GLU D 51 -0.86 18.05 38.06
CA GLU D 51 -1.43 18.15 39.40
C GLU D 51 -1.58 19.59 39.85
N ILE D 52 -0.55 20.41 39.61
CA ILE D 52 -0.54 21.77 40.16
C ILE D 52 -1.76 22.53 39.69
N ARG D 53 -1.99 22.52 38.38
CA ARG D 53 -3.02 23.39 37.82
C ARG D 53 -4.42 22.95 38.26
N ARG D 54 -4.61 21.66 38.48
CA ARG D 54 -5.93 21.23 38.94
C ARG D 54 -6.15 21.59 40.40
N TYR D 55 -5.08 21.86 41.15
CA TYR D 55 -5.24 22.31 42.53
C TYR D 55 -5.29 23.83 42.62
N GLN D 56 -4.43 24.53 41.89
CA GLN D 56 -4.52 25.98 41.82
C GLN D 56 -5.85 26.42 41.24
N LYS D 57 -6.54 25.55 40.52
CA LYS D 57 -7.91 25.79 40.10
C LYS D 57 -8.93 25.15 41.04
N SER D 58 -8.48 24.59 42.15
CA SER D 58 -9.35 23.93 43.11
C SER D 58 -9.35 24.72 44.41
N THR D 59 -10.52 24.86 45.01
CA THR D 59 -10.68 25.64 46.22
C THR D 59 -10.81 24.80 47.48
N GLU D 60 -10.86 23.48 47.38
CA GLU D 60 -11.17 22.69 48.56
C GLU D 60 -9.96 22.50 49.46
N LEU D 61 -10.27 22.07 50.68
CA LEU D 61 -9.27 21.80 51.70
C LEU D 61 -8.37 20.65 51.25
N LEU D 62 -7.09 20.73 51.64
CA LEU D 62 -6.12 19.74 51.24
C LEU D 62 -5.74 18.78 52.35
N ILE D 63 -6.21 19.00 53.56
CA ILE D 63 -6.00 18.08 54.66
C ILE D 63 -7.35 17.48 55.04
N ARG D 64 -7.36 16.16 55.21
CA ARG D 64 -8.59 15.46 55.54
C ARG D 64 -9.33 16.15 56.68
N LYS D 65 -10.66 16.17 56.58
CA LYS D 65 -11.46 17.01 57.46
C LYS D 65 -11.31 16.62 58.93
N LEU D 66 -11.37 15.33 59.23
CA LEU D 66 -11.42 14.90 60.62
C LEU D 66 -10.08 14.93 61.35
N PRO D 67 -8.95 14.55 60.73
CA PRO D 67 -7.70 14.49 61.48
C PRO D 67 -7.43 15.68 62.38
N PHE D 68 -7.80 16.89 61.97
CA PHE D 68 -7.67 18.01 62.90
C PHE D 68 -8.56 17.85 64.11
N GLN D 69 -9.82 17.46 63.93
CA GLN D 69 -10.70 17.41 65.08
C GLN D 69 -10.16 16.47 66.16
N ARG D 70 -9.30 15.53 65.78
CA ARG D 70 -8.57 14.73 66.73
C ARG D 70 -7.13 15.17 66.90
N LEU D 71 -6.65 16.11 66.10
CA LEU D 71 -5.32 16.66 66.34
C LEU D 71 -5.38 17.84 67.29
N VAL D 72 -6.26 18.80 67.02
CA VAL D 72 -6.28 19.99 67.86
C VAL D 72 -6.84 19.67 69.25
N ARG D 73 -7.87 18.82 69.32
CA ARG D 73 -8.38 18.43 70.64
C ARG D 73 -7.30 17.81 71.50
N GLU D 74 -6.13 17.52 70.91
CA GLU D 74 -4.99 17.00 71.65
C GLU D 74 -3.98 18.07 72.01
N ILE D 75 -3.59 18.94 71.08
CA ILE D 75 -2.68 20.02 71.43
C ILE D 75 -3.33 20.92 72.47
N ALA D 76 -4.58 21.31 72.25
CA ALA D 76 -5.27 22.14 73.21
C ALA D 76 -5.38 21.46 74.57
N GLN D 77 -5.50 20.14 74.57
CA GLN D 77 -5.61 19.41 75.83
C GLN D 77 -4.46 19.70 76.77
N ASP D 78 -3.27 19.97 76.23
CA ASP D 78 -2.13 20.27 77.09
C ASP D 78 -2.17 21.68 77.66
N PHE D 79 -2.88 22.60 77.02
CA PHE D 79 -2.95 23.96 77.55
C PHE D 79 -4.00 24.11 78.61
N LYS D 80 -5.10 23.36 78.52
CA LYS D 80 -6.05 23.28 79.60
C LYS D 80 -6.88 22.02 79.37
N THR D 81 -7.55 21.57 80.42
CA THR D 81 -8.21 20.27 80.43
C THR D 81 -9.71 20.40 80.19
N ASP D 82 -10.27 19.40 79.51
CA ASP D 82 -11.71 19.32 79.22
C ASP D 82 -12.19 20.46 78.32
N LEU D 83 -11.62 20.57 77.12
CA LEU D 83 -12.00 21.62 76.17
C LEU D 83 -13.02 21.10 75.19
N ARG D 84 -14.26 21.58 75.30
CA ARG D 84 -15.29 21.23 74.32
C ARG D 84 -15.28 22.26 73.20
N PHE D 85 -14.80 21.85 72.02
CA PHE D 85 -14.73 22.78 70.91
C PHE D 85 -16.11 23.09 70.36
N GLN D 86 -16.17 24.12 69.52
CA GLN D 86 -17.35 24.45 68.75
C GLN D 86 -17.08 24.09 67.30
N SER D 87 -18.00 23.34 66.70
CA SER D 87 -17.72 22.65 65.45
C SER D 87 -17.30 23.59 64.33
N SER D 88 -17.66 24.87 64.40
CA SER D 88 -17.23 25.79 63.36
C SER D 88 -15.78 26.21 63.56
N ALA D 89 -15.35 26.36 64.81
CA ALA D 89 -14.01 26.87 65.07
C ALA D 89 -12.95 25.91 64.56
N VAL D 90 -13.20 24.61 64.68
CA VAL D 90 -12.26 23.63 64.16
C VAL D 90 -12.01 23.85 62.68
N MET D 91 -13.04 24.27 61.95
CA MET D 91 -12.85 24.65 60.56
C MET D 91 -11.96 25.89 60.46
N ALA D 92 -12.09 26.80 61.42
CA ALA D 92 -11.35 28.05 61.35
C ALA D 92 -9.84 27.81 61.41
N LEU D 93 -9.40 26.93 62.32
CA LEU D 93 -8.01 26.52 62.30
C LEU D 93 -7.69 25.86 60.97
N GLN D 94 -8.59 24.99 60.53
CA GLN D 94 -8.33 24.15 59.38
C GLN D 94 -8.10 24.98 58.13
N GLU D 95 -8.62 26.22 58.12
CA GLU D 95 -8.29 27.09 57.01
C GLU D 95 -6.93 27.75 57.21
N ALA D 96 -6.59 28.12 58.44
CA ALA D 96 -5.34 28.84 58.64
C ALA D 96 -4.13 27.94 58.40
N SER D 97 -4.16 26.72 58.94
CA SER D 97 -3.03 25.81 58.76
C SER D 97 -2.74 25.59 57.28
N GLU D 98 -3.79 25.37 56.50
CA GLU D 98 -3.62 25.32 55.06
C GLU D 98 -3.15 26.66 54.53
N ALA D 99 -3.70 27.75 55.04
CA ALA D 99 -3.31 29.07 54.55
C ALA D 99 -1.88 29.41 54.96
N TYR D 100 -1.46 28.96 56.13
CA TYR D 100 -0.09 29.22 56.55
C TYR D 100 0.89 28.38 55.75
N LEU D 101 0.57 27.10 55.55
CA LEU D 101 1.49 26.22 54.85
C LEU D 101 1.62 26.58 53.39
N VAL D 102 0.48 26.80 52.71
CA VAL D 102 0.51 27.02 51.27
C VAL D 102 1.43 28.18 50.93
N ALA D 103 1.32 29.28 51.68
CA ALA D 103 2.19 30.42 51.42
C ALA D 103 3.65 30.05 51.63
N LEU D 104 3.93 29.25 52.65
CA LEU D 104 5.31 28.90 52.95
C LEU D 104 5.95 28.09 51.82
N PHE D 105 5.21 27.11 51.28
CA PHE D 105 5.73 26.34 50.16
C PHE D 105 5.95 27.23 48.94
N GLU D 106 5.02 28.15 48.68
CA GLU D 106 5.19 29.06 47.55
C GLU D 106 6.49 29.82 47.66
N ASP D 107 6.79 30.35 48.84
CA ASP D 107 8.08 31.01 49.04
C ASP D 107 9.21 30.01 49.13
N THR D 108 8.92 28.78 49.57
CA THR D 108 9.95 27.75 49.59
C THR D 108 10.50 27.50 48.19
N ASN D 109 9.61 27.40 47.21
CA ASN D 109 10.04 27.19 45.84
C ASN D 109 11.00 28.27 45.40
N LEU D 110 10.74 29.51 45.81
CA LEU D 110 11.59 30.63 45.44
C LEU D 110 13.02 30.42 45.90
N CYS D 111 13.20 29.84 47.09
CA CYS D 111 14.55 29.51 47.54
C CYS D 111 15.10 28.32 46.76
N ALA D 112 14.25 27.33 46.49
CA ALA D 112 14.70 26.16 45.74
C ALA D 112 15.17 26.55 44.35
N ILE D 113 14.33 27.28 43.61
CA ILE D 113 14.73 27.74 42.28
C ILE D 113 15.96 28.62 42.37
N HIS D 114 16.11 29.33 43.49
CA HIS D 114 17.28 30.16 43.64
C HIS D 114 18.52 29.31 43.83
N ALA D 115 18.36 28.06 44.22
CA ALA D 115 19.50 27.15 44.33
C ALA D 115 19.82 26.49 43.01
N LYS D 116 19.06 26.79 41.97
CA LYS D 116 19.18 26.21 40.63
C LYS D 116 18.71 24.76 40.61
N ARG D 117 18.38 24.21 41.77
CA ARG D 117 17.73 22.92 41.85
C ARG D 117 16.25 23.13 41.53
N VAL D 118 15.46 22.05 41.57
CA VAL D 118 14.04 22.22 41.33
C VAL D 118 13.22 21.51 42.38
N THR D 119 13.86 20.71 43.22
CA THR D 119 13.16 20.06 44.32
C THR D 119 13.44 20.80 45.62
N ILE D 120 12.40 20.98 46.44
CA ILE D 120 12.58 21.61 47.73
C ILE D 120 13.23 20.64 48.69
N MET D 121 13.96 21.18 49.66
CA MET D 121 14.64 20.36 50.66
C MET D 121 14.41 20.98 52.03
N PRO D 122 14.45 20.17 53.09
CA PRO D 122 14.19 20.72 54.43
C PRO D 122 15.16 21.81 54.84
N LYS D 123 16.28 21.97 54.15
CA LYS D 123 17.15 23.10 54.44
C LYS D 123 16.66 24.38 53.77
N ASP D 124 15.60 24.30 52.97
CA ASP D 124 15.03 25.51 52.39
C ASP D 124 13.84 26.03 53.18
N ILE D 125 13.03 25.13 53.75
CA ILE D 125 11.99 25.60 54.66
C ILE D 125 12.61 26.33 55.84
N GLN D 126 13.72 25.83 56.37
CA GLN D 126 14.34 26.49 57.51
C GLN D 126 14.99 27.80 57.10
N LEU D 127 15.47 27.92 55.86
CA LEU D 127 15.94 29.22 55.39
C LEU D 127 14.78 30.18 55.18
N ALA D 128 13.74 29.73 54.48
CA ALA D 128 12.63 30.62 54.16
C ALA D 128 11.81 30.96 55.39
N ARG D 129 12.05 30.30 56.51
CA ARG D 129 11.38 30.69 57.74
C ARG D 129 12.20 31.64 58.59
N ARG D 130 13.49 31.81 58.30
CA ARG D 130 14.27 32.80 59.02
C ARG D 130 14.23 34.16 58.33
N ILE D 131 14.07 34.15 57.01
CA ILE D 131 13.94 35.42 56.30
C ILE D 131 12.68 36.16 56.74
N ARG D 132 11.54 35.45 56.80
CA ARG D 132 10.32 36.08 57.26
C ARG D 132 10.42 36.57 58.69
N GLY D 133 11.21 35.89 59.52
CA GLY D 133 11.32 36.26 60.92
C GLY D 133 10.56 35.37 61.87
N GLU D 134 9.92 34.30 61.40
CA GLU D 134 9.25 33.39 62.32
C GLU D 134 10.22 32.53 63.09
N ARG D 135 11.48 32.42 62.64
CA ARG D 135 12.41 31.46 63.23
C ARG D 135 12.73 31.82 64.68
N ALA D 136 12.89 33.10 64.97
CA ALA D 136 13.28 33.54 66.31
C ALA D 136 12.22 33.18 67.35
N LYS F 21 -6.33 0.64 64.81
CA LYS F 21 -4.90 0.88 64.90
C LYS F 21 -4.59 2.38 64.79
N VAL F 22 -5.42 3.19 65.45
CA VAL F 22 -5.27 4.65 65.38
C VAL F 22 -4.63 5.22 66.63
N LEU F 23 -4.46 4.42 67.68
CA LEU F 23 -3.93 4.92 68.94
C LEU F 23 -2.44 5.22 68.83
N ARG F 24 -2.11 6.45 68.44
CA ARG F 24 -0.73 6.91 68.39
C ARG F 24 -0.75 8.44 68.47
N ASP F 25 0.44 9.03 68.52
CA ASP F 25 0.52 10.48 68.43
C ASP F 25 -0.09 10.91 67.10
N ASN F 26 -1.18 11.65 67.17
CA ASN F 26 -2.00 11.89 65.98
C ASN F 26 -1.32 12.81 64.98
N ILE F 27 -0.17 13.39 65.32
CA ILE F 27 0.52 14.24 64.37
C ILE F 27 0.78 13.50 63.07
N GLN F 28 0.96 12.18 63.13
CA GLN F 28 1.07 11.42 61.91
C GLN F 28 -0.26 11.33 61.17
N GLY F 29 -1.35 11.75 61.81
CA GLY F 29 -2.63 11.83 61.13
C GLY F 29 -2.67 12.86 60.02
N ILE F 30 -1.66 13.72 59.94
CA ILE F 30 -1.47 14.60 58.79
C ILE F 30 -0.61 13.81 57.82
N THR F 31 -1.24 12.98 57.01
CA THR F 31 -0.54 11.96 56.25
C THR F 31 0.32 12.59 55.16
N LYS F 32 1.31 11.82 54.71
CA LYS F 32 2.25 12.28 53.68
C LYS F 32 1.58 12.72 52.40
N PRO F 33 0.64 11.96 51.81
CA PRO F 33 -0.01 12.46 50.59
C PRO F 33 -0.72 13.78 50.81
N ALA F 34 -1.28 14.02 51.99
CA ALA F 34 -1.89 15.32 52.26
C ALA F 34 -0.85 16.42 52.16
N ILE F 35 0.34 16.17 52.69
CA ILE F 35 1.42 17.16 52.58
C ILE F 35 1.73 17.42 51.12
N ARG F 36 1.73 16.37 50.30
CA ARG F 36 2.07 16.52 48.89
C ARG F 36 1.08 17.44 48.18
N ARG F 37 -0.21 17.29 48.49
CA ARG F 37 -1.22 18.11 47.84
C ARG F 37 -0.94 19.59 48.04
N LEU F 38 -0.62 19.98 49.27
CA LEU F 38 -0.39 21.39 49.56
C LEU F 38 0.72 21.95 48.70
N ALA F 39 1.85 21.24 48.65
CA ALA F 39 2.98 21.74 47.87
C ALA F 39 2.62 21.91 46.42
N ARG F 40 1.79 21.02 45.89
CA ARG F 40 1.27 21.23 44.55
C ARG F 40 0.52 22.55 44.46
N ARG F 41 -0.44 22.76 45.38
CA ARG F 41 -1.15 24.03 45.40
C ARG F 41 -0.20 25.20 45.58
N GLY F 42 0.93 24.94 46.25
CA GLY F 42 1.91 25.98 46.43
C GLY F 42 2.81 26.12 45.23
N GLY F 43 2.60 25.31 44.22
CA GLY F 43 3.48 25.36 43.08
C GLY F 43 4.80 24.66 43.26
N VAL F 44 4.87 23.64 44.11
CA VAL F 44 6.09 22.87 44.27
C VAL F 44 6.07 21.71 43.28
N LYS F 45 7.18 21.52 42.56
CA LYS F 45 7.24 20.50 41.53
C LYS F 45 7.68 19.15 42.08
N ARG F 46 8.88 19.08 42.65
CA ARG F 46 9.42 17.84 43.17
C ARG F 46 9.65 17.99 44.67
N ILE F 47 9.06 17.10 45.46
CA ILE F 47 9.09 17.17 46.91
C ILE F 47 10.08 16.14 47.42
N SER F 48 11.06 16.58 48.20
CA SER F 48 12.03 15.65 48.75
C SER F 48 11.35 14.68 49.72
N GLY F 49 12.06 13.60 50.03
CA GLY F 49 11.53 12.61 50.94
C GLY F 49 11.58 13.03 52.39
N LEU F 50 12.47 13.95 52.75
CA LEU F 50 12.61 14.36 54.14
C LEU F 50 11.66 15.49 54.52
N ILE F 51 11.10 16.19 53.54
CA ILE F 51 10.18 17.29 53.83
C ILE F 51 9.00 16.80 54.66
N TYR F 52 8.62 15.55 54.47
CA TYR F 52 7.49 14.98 55.18
C TYR F 52 7.72 14.93 56.68
N GLU F 53 8.95 15.07 57.15
CA GLU F 53 9.20 15.07 58.58
C GLU F 53 9.26 16.48 59.16
N GLU F 54 9.88 17.42 58.45
CA GLU F 54 10.05 18.75 58.99
C GLU F 54 8.75 19.54 58.96
N THR F 55 7.91 19.29 57.95
CA THR F 55 6.62 19.97 57.89
C THR F 55 5.78 19.66 59.12
N ARG F 56 5.76 18.40 59.54
CA ARG F 56 5.03 18.08 60.76
C ARG F 56 5.63 18.79 61.96
N GLY F 57 6.84 19.32 61.82
CA GLY F 57 7.34 20.23 62.84
C GLY F 57 6.71 21.61 62.73
N VAL F 58 6.76 22.20 61.54
CA VAL F 58 6.28 23.56 61.37
C VAL F 58 4.82 23.68 61.79
N LEU F 59 3.99 22.79 61.27
CA LEU F 59 2.59 22.84 61.67
C LEU F 59 2.44 22.59 63.16
N LYS F 60 3.36 21.86 63.78
CA LYS F 60 3.26 21.67 65.22
C LYS F 60 3.67 22.93 65.96
N VAL F 61 4.55 23.75 65.38
CA VAL F 61 4.85 25.05 65.96
C VAL F 61 3.65 25.97 65.84
N PHE F 62 3.08 26.06 64.64
CA PHE F 62 2.05 27.06 64.38
C PHE F 62 0.85 26.86 65.27
N LEU F 63 0.27 25.66 65.27
CA LEU F 63 -0.88 25.42 66.12
C LEU F 63 -0.55 25.53 67.59
N GLU F 64 0.73 25.41 67.96
CA GLU F 64 1.09 25.57 69.36
C GLU F 64 0.74 26.98 69.82
N ASN F 65 0.93 27.97 68.95
CA ASN F 65 0.62 29.35 69.31
C ASN F 65 -0.86 29.64 69.22
N VAL F 66 -1.45 29.45 68.04
CA VAL F 66 -2.80 29.95 67.79
C VAL F 66 -3.79 29.37 68.79
N ILE F 67 -3.65 28.09 69.13
CA ILE F 67 -4.50 27.58 70.20
C ILE F 67 -4.12 28.19 71.55
N ARG F 68 -2.84 28.51 71.79
CA ARG F 68 -2.45 29.12 73.07
C ARG F 68 -3.20 30.42 73.32
N ASP F 69 -3.30 31.27 72.31
CA ASP F 69 -4.15 32.45 72.44
C ASP F 69 -5.61 32.05 72.56
N ALA F 70 -6.03 31.07 71.77
CA ALA F 70 -7.45 30.78 71.65
C ALA F 70 -8.05 30.35 72.97
N VAL F 71 -7.34 29.54 73.74
CA VAL F 71 -7.89 29.11 75.02
C VAL F 71 -7.97 30.28 75.99
N THR F 72 -7.04 31.24 75.90
CA THR F 72 -6.93 32.28 76.92
C THR F 72 -8.19 33.13 76.98
N TYR F 73 -8.68 33.57 75.83
CA TYR F 73 -9.96 34.28 75.83
C TYR F 73 -11.03 33.43 76.49
N THR F 74 -11.18 32.19 76.04
CA THR F 74 -12.25 31.33 76.52
C THR F 74 -12.15 31.11 78.01
N GLU F 75 -10.94 30.81 78.49
CA GLU F 75 -10.71 30.72 79.92
C GLU F 75 -11.05 32.03 80.60
N HIS F 76 -10.86 33.15 79.90
CA HIS F 76 -11.22 34.43 80.48
C HIS F 76 -12.73 34.61 80.52
N ALA F 77 -13.39 34.30 79.40
CA ALA F 77 -14.80 34.64 79.26
C ALA F 77 -15.72 33.61 79.90
N LYS F 78 -15.22 32.80 80.83
CA LYS F 78 -16.03 31.84 81.58
C LYS F 78 -16.68 30.82 80.64
N ARG F 79 -16.18 30.71 79.42
CA ARG F 79 -16.73 29.80 78.44
C ARG F 79 -15.86 28.55 78.36
N LYS F 80 -16.47 27.39 78.52
CA LYS F 80 -15.77 26.13 78.34
C LYS F 80 -15.77 25.69 76.90
N THR F 81 -16.31 26.50 75.99
CA THR F 81 -16.37 26.18 74.58
C THR F 81 -15.52 27.18 73.79
N VAL F 82 -14.42 26.71 73.22
CA VAL F 82 -13.68 27.55 72.29
C VAL F 82 -14.55 27.77 71.06
N THR F 83 -14.83 29.02 70.73
CA THR F 83 -15.78 29.33 69.67
C THR F 83 -15.09 29.96 68.48
N ALA F 84 -15.85 30.06 67.38
CA ALA F 84 -15.30 30.53 66.12
C ALA F 84 -14.72 31.93 66.26
N MET F 85 -15.39 32.79 67.04
CA MET F 85 -14.85 34.12 67.29
C MET F 85 -13.48 34.04 67.96
N ASP F 86 -13.33 33.18 68.96
CA ASP F 86 -12.11 33.13 69.75
C ASP F 86 -10.99 32.40 69.04
N VAL F 87 -11.11 32.21 67.74
CA VAL F 87 -9.99 31.84 66.89
C VAL F 87 -9.78 32.83 65.75
N VAL F 88 -10.83 33.52 65.31
CA VAL F 88 -10.62 34.65 64.42
C VAL F 88 -9.81 35.72 65.10
N TYR F 89 -10.14 36.03 66.35
CA TYR F 89 -9.36 36.99 67.10
C TYR F 89 -7.93 36.53 67.25
N ALA F 90 -7.71 35.30 67.70
CA ALA F 90 -6.34 34.85 67.94
C ALA F 90 -5.51 34.89 66.68
N LEU F 91 -6.13 34.64 65.53
CA LEU F 91 -5.40 34.79 64.28
C LEU F 91 -5.12 36.25 63.98
N LYS F 92 -5.95 37.16 64.50
CA LYS F 92 -5.73 38.58 64.21
C LYS F 92 -4.46 39.08 64.86
N ARG F 93 -4.12 38.56 66.04
CA ARG F 93 -2.94 39.03 66.76
C ARG F 93 -1.67 38.71 65.97
N GLN F 94 -1.58 37.51 65.40
CA GLN F 94 -0.40 37.17 64.61
C GLN F 94 -0.29 37.97 63.32
N GLY F 95 -1.19 38.91 63.06
CA GLY F 95 -1.11 39.62 61.80
C GLY F 95 -1.58 38.80 60.62
N ARG F 96 -2.39 37.78 60.86
CA ARG F 96 -3.04 37.01 59.80
C ARG F 96 -4.52 36.98 60.11
N THR F 97 -5.22 38.04 59.69
CA THR F 97 -6.66 38.07 59.84
C THR F 97 -7.30 37.00 58.97
N LEU F 98 -8.43 36.49 59.40
CA LEU F 98 -9.10 35.40 58.68
C LEU F 98 -10.52 35.83 58.37
N TYR F 99 -10.73 36.36 57.17
CA TYR F 99 -12.05 36.81 56.78
C TYR F 99 -13.00 35.64 56.66
N GLY F 100 -14.24 35.85 57.03
CA GLY F 100 -15.25 34.90 56.64
C GLY F 100 -15.99 34.28 57.80
N PHE F 101 -15.30 33.99 58.88
CA PHE F 101 -15.94 33.26 59.95
C PHE F 101 -16.57 34.18 60.99
N GLY F 102 -16.49 35.48 60.80
CA GLY F 102 -17.13 36.40 61.72
C GLY F 102 -16.64 37.81 61.56
N GLY F 103 -16.79 38.61 62.61
CA GLY F 103 -16.39 40.01 62.56
C GLY F 103 -17.56 40.96 62.40
N ALA G 16 -43.08 66.91 62.06
CA ALA G 16 -41.69 66.55 61.81
C ALA G 16 -41.61 65.31 60.92
N LYS G 17 -40.98 65.48 59.75
CA LYS G 17 -40.79 64.39 58.80
C LYS G 17 -39.31 64.03 58.77
N ALA G 18 -39.02 62.74 58.81
CA ALA G 18 -37.65 62.28 58.98
C ALA G 18 -37.12 61.67 57.68
N LYS G 19 -35.86 61.98 57.39
CA LYS G 19 -35.11 61.31 56.34
C LYS G 19 -33.72 61.00 56.87
N THR G 20 -33.22 59.83 56.51
CA THR G 20 -31.94 59.38 57.05
C THR G 20 -30.81 60.28 56.54
N ARG G 21 -29.78 60.46 57.37
CA ARG G 21 -28.58 61.10 56.87
C ARG G 21 -28.02 60.34 55.68
N SER G 22 -28.31 59.04 55.60
CA SER G 22 -27.84 58.24 54.49
C SER G 22 -28.37 58.78 53.16
N SER G 23 -29.61 59.25 53.15
CA SER G 23 -30.15 59.87 51.95
C SER G 23 -29.51 61.22 51.68
N ARG G 24 -29.27 61.99 52.75
CA ARG G 24 -28.83 63.36 52.57
C ARG G 24 -27.45 63.45 51.97
N ALA G 25 -26.58 62.48 52.25
CA ALA G 25 -25.23 62.49 51.71
C ALA G 25 -25.08 61.65 50.45
N GLY G 26 -26.18 61.18 49.87
CA GLY G 26 -26.11 60.36 48.67
C GLY G 26 -25.33 59.09 48.89
N LEU G 27 -25.63 58.38 49.98
CA LEU G 27 -24.81 57.26 50.41
C LEU G 27 -25.68 56.08 50.82
N GLN G 28 -25.12 54.88 50.68
CA GLN G 28 -25.82 53.66 51.05
C GLN G 28 -25.34 53.06 52.36
N PHE G 29 -24.05 53.04 52.65
CA PHE G 29 -23.63 52.59 53.96
C PHE G 29 -24.18 53.54 55.02
N PRO G 30 -24.52 53.01 56.17
CA PRO G 30 -25.36 53.73 57.12
C PRO G 30 -24.60 54.74 57.97
N VAL G 31 -24.49 55.96 57.45
CA VAL G 31 -23.91 57.06 58.21
C VAL G 31 -24.54 57.15 59.58
N GLY G 32 -25.77 56.67 59.74
CA GLY G 32 -26.31 56.53 61.06
C GLY G 32 -25.53 55.52 61.87
N ARG G 33 -25.51 54.28 61.40
CA ARG G 33 -24.90 53.21 62.18
C ARG G 33 -23.40 53.42 62.35
N VAL G 34 -22.71 53.79 61.28
CA VAL G 34 -21.28 54.03 61.40
C VAL G 34 -21.01 55.10 62.44
N HIS G 35 -21.93 56.07 62.56
CA HIS G 35 -21.75 57.09 63.58
C HIS G 35 -21.77 56.49 64.97
N ARG G 36 -22.66 55.54 65.22
CA ARG G 36 -22.73 54.97 66.56
C ARG G 36 -21.44 54.24 66.90
N LEU G 37 -20.93 53.43 65.97
CA LEU G 37 -19.73 52.65 66.27
C LEU G 37 -18.53 53.54 66.52
N LEU G 38 -18.58 54.80 66.14
CA LEU G 38 -17.52 55.70 66.59
C LEU G 38 -17.77 56.15 68.03
N ARG G 39 -18.98 56.63 68.32
CA ARG G 39 -19.28 57.11 69.66
C ARG G 39 -19.01 56.04 70.70
N LYS G 40 -19.44 54.82 70.42
CA LYS G 40 -19.36 53.71 71.34
C LYS G 40 -18.13 52.84 71.10
N GLY G 41 -17.40 53.08 70.02
CA GLY G 41 -16.19 52.33 69.77
C GLY G 41 -14.97 52.83 70.49
N ASN G 42 -15.13 53.85 71.32
CA ASN G 42 -14.08 54.33 72.20
C ASN G 42 -12.89 54.87 71.42
N TYR G 43 -13.14 55.47 70.27
CA TYR G 43 -12.08 56.04 69.46
C TYR G 43 -11.77 57.49 69.81
N ALA G 44 -12.67 58.16 70.53
CA ALA G 44 -12.42 59.50 71.05
C ALA G 44 -13.62 59.86 71.92
N GLU G 45 -13.44 60.89 72.73
CA GLU G 45 -14.55 61.34 73.56
C GLU G 45 -15.69 61.86 72.70
N ARG G 46 -15.38 62.67 71.71
CA ARG G 46 -16.39 63.30 70.88
C ARG G 46 -16.03 63.15 69.41
N VAL G 47 -17.04 62.85 68.60
CA VAL G 47 -16.85 62.54 67.19
C VAL G 47 -17.51 63.63 66.37
N GLY G 48 -16.81 64.13 65.38
CA GLY G 48 -17.35 65.23 64.59
C GLY G 48 -18.62 64.84 63.88
N ALA G 49 -19.52 65.81 63.74
CA ALA G 49 -20.79 65.53 63.07
C ALA G 49 -20.56 65.19 61.60
N GLY G 50 -19.56 65.80 60.97
CA GLY G 50 -19.17 65.47 59.63
C GLY G 50 -18.20 64.32 59.53
N ALA G 51 -17.93 63.63 60.64
CA ALA G 51 -16.98 62.52 60.61
C ALA G 51 -17.58 61.24 60.07
N PRO G 52 -18.69 60.73 60.60
CA PRO G 52 -19.22 59.47 60.08
C PRO G 52 -19.56 59.51 58.60
N VAL G 53 -20.08 60.62 58.08
CA VAL G 53 -20.44 60.68 56.67
C VAL G 53 -19.22 60.43 55.80
N TYR G 54 -18.12 61.11 56.10
CA TYR G 54 -16.91 60.92 55.34
C TYR G 54 -16.41 59.50 55.47
N LEU G 55 -16.68 58.86 56.61
CA LEU G 55 -16.28 57.47 56.74
C LEU G 55 -17.20 56.57 55.94
N ALA G 56 -18.45 57.00 55.71
CA ALA G 56 -19.35 56.15 54.94
C ALA G 56 -18.91 56.05 53.49
N ALA G 57 -18.60 57.17 52.86
CA ALA G 57 -18.21 57.14 51.45
C ALA G 57 -16.90 56.39 51.24
N VAL G 58 -15.92 56.61 52.11
CA VAL G 58 -14.64 55.99 51.88
C VAL G 58 -14.75 54.48 51.99
N LEU G 59 -15.75 53.99 52.73
CA LEU G 59 -16.08 52.58 52.64
C LEU G 59 -16.76 52.27 51.30
N GLU G 60 -17.67 53.15 50.86
CA GLU G 60 -18.34 52.96 49.57
C GLU G 60 -17.34 52.72 48.47
N TYR G 61 -16.33 53.57 48.38
CA TYR G 61 -15.35 53.35 47.33
C TYR G 61 -14.51 52.12 47.63
N LEU G 62 -14.47 51.69 48.88
CA LEU G 62 -13.69 50.51 49.21
C LEU G 62 -14.54 49.26 49.32
N THR G 63 -15.84 49.35 49.08
CA THR G 63 -16.62 48.14 48.85
C THR G 63 -17.00 48.02 47.37
N ALA G 64 -17.31 49.14 46.73
CA ALA G 64 -17.66 49.10 45.33
C ALA G 64 -16.47 48.67 44.49
N GLU G 65 -15.26 48.92 44.95
CA GLU G 65 -14.09 48.63 44.12
C GLU G 65 -13.85 47.14 44.00
N ILE G 66 -13.95 46.39 45.09
CA ILE G 66 -13.68 44.96 45.03
C ILE G 66 -14.76 44.26 44.21
N LEU G 67 -16.03 44.54 44.51
CA LEU G 67 -17.10 43.79 43.86
C LEU G 67 -17.08 43.98 42.35
N GLU G 68 -16.93 45.23 41.90
CA GLU G 68 -16.92 45.47 40.46
C GLU G 68 -15.74 44.74 39.82
N LEU G 69 -14.69 44.51 40.59
CA LEU G 69 -13.66 43.56 40.17
C LEU G 69 -14.13 42.14 40.39
N ALA G 70 -14.87 41.90 41.47
CA ALA G 70 -15.32 40.54 41.77
C ALA G 70 -16.37 40.08 40.80
N GLY G 71 -17.33 40.94 40.47
CA GLY G 71 -18.35 40.55 39.50
C GLY G 71 -17.77 40.23 38.15
N ASN G 72 -16.68 40.90 37.77
CA ASN G 72 -16.03 40.60 36.50
C ASN G 72 -15.53 39.17 36.46
N ALA G 73 -14.88 38.71 37.53
CA ALA G 73 -14.45 37.33 37.56
C ALA G 73 -15.64 36.37 37.57
N ALA G 74 -16.82 36.83 37.97
CA ALA G 74 -17.99 35.97 37.85
C ALA G 74 -18.30 35.65 36.39
N ARG G 75 -18.19 36.66 35.52
CA ARG G 75 -18.44 36.43 34.11
C ARG G 75 -17.41 35.48 33.52
N ASP G 76 -16.15 35.62 33.93
CA ASP G 76 -15.12 34.68 33.48
C ASP G 76 -15.46 33.24 33.80
N ASN G 77 -16.26 33.00 34.83
CA ASN G 77 -16.75 31.66 35.14
C ASN G 77 -18.18 31.45 34.65
N LYS G 78 -18.77 32.46 34.01
CA LYS G 78 -20.15 32.38 33.51
C LYS G 78 -21.13 32.03 34.62
N LYS G 79 -20.86 32.53 35.82
CA LYS G 79 -21.69 32.25 36.98
C LYS G 79 -22.35 33.54 37.46
N THR G 80 -23.67 33.51 37.58
CA THR G 80 -24.34 34.65 38.17
C THR G 80 -23.92 34.80 39.62
N ARG G 81 -24.00 33.73 40.40
CA ARG G 81 -23.62 33.78 41.79
C ARG G 81 -22.15 34.14 41.91
N ILE G 82 -21.86 35.04 42.85
CA ILE G 82 -20.48 35.46 43.11
C ILE G 82 -19.98 34.66 44.30
N ILE G 83 -18.72 34.23 44.22
CA ILE G 83 -18.26 33.08 44.99
C ILE G 83 -16.98 33.47 45.71
N PRO G 84 -16.78 32.96 46.94
CA PRO G 84 -15.52 33.26 47.63
C PRO G 84 -14.29 33.00 46.80
N ARG G 85 -14.38 32.09 45.84
CA ARG G 85 -13.28 31.90 44.90
C ARG G 85 -13.03 33.15 44.09
N HIS G 86 -14.09 33.84 43.65
CA HIS G 86 -13.90 34.99 42.79
C HIS G 86 -13.29 36.17 43.53
N LEU G 87 -13.74 36.43 44.75
CA LEU G 87 -13.20 37.54 45.52
C LEU G 87 -11.71 37.39 45.70
N GLN G 88 -11.26 36.22 46.17
CA GLN G 88 -9.83 35.97 46.27
C GLN G 88 -9.16 36.15 44.92
N LEU G 89 -9.81 35.71 43.85
CA LEU G 89 -9.28 35.95 42.52
C LEU G 89 -9.30 37.43 42.18
N ALA G 90 -10.35 38.14 42.59
CA ALA G 90 -10.45 39.55 42.23
C ALA G 90 -9.51 40.42 43.05
N VAL G 91 -9.29 40.07 44.32
CA VAL G 91 -8.51 40.93 45.20
C VAL G 91 -7.01 40.83 44.95
N ARG G 92 -6.54 39.80 44.27
CA ARG G 92 -5.11 39.60 44.13
C ARG G 92 -4.54 40.01 42.79
N ASN G 93 -5.28 39.84 41.69
CA ASN G 93 -4.76 40.27 40.41
C ASN G 93 -4.50 41.77 40.39
N ASP G 94 -5.40 42.54 41.00
CA ASP G 94 -5.30 44.00 40.99
C ASP G 94 -4.13 44.41 41.86
N GLU G 95 -3.00 44.73 41.23
CA GLU G 95 -1.79 45.00 41.98
C GLU G 95 -1.97 46.12 42.99
N GLU G 96 -2.81 47.11 42.70
CA GLU G 96 -2.94 48.25 43.58
C GLU G 96 -3.79 47.93 44.80
N LEU G 97 -4.82 47.09 44.66
CA LEU G 97 -5.62 46.68 45.81
C LEU G 97 -4.92 45.62 46.64
N ASN G 98 -3.90 44.99 46.08
CA ASN G 98 -3.17 43.95 46.81
C ASN G 98 -2.53 44.50 48.05
N LYS G 99 -1.91 45.68 47.95
CA LYS G 99 -1.13 46.24 49.04
C LYS G 99 -2.00 46.74 50.19
N LEU G 100 -3.32 46.77 50.02
CA LEU G 100 -4.21 46.96 51.17
C LEU G 100 -4.49 45.66 51.90
N LEU G 101 -4.39 44.52 51.22
CA LEU G 101 -4.71 43.23 51.84
C LEU G 101 -3.58 42.24 51.67
N GLY G 102 -2.33 42.69 51.88
CA GLY G 102 -1.20 41.82 51.67
C GLY G 102 -1.14 40.65 52.62
N ARG G 103 -1.68 40.82 53.82
CA ARG G 103 -1.55 39.81 54.87
C ARG G 103 -2.91 39.40 55.40
N VAL G 104 -3.82 39.06 54.49
CA VAL G 104 -5.14 38.55 54.86
C VAL G 104 -5.45 37.35 53.98
N THR G 105 -6.03 36.32 54.57
CA THR G 105 -6.36 35.10 53.85
C THR G 105 -7.86 34.86 53.90
N ILE G 106 -8.45 34.61 52.74
CA ILE G 106 -9.90 34.57 52.57
C ILE G 106 -10.34 33.12 52.47
N ALA G 107 -11.41 32.77 53.20
CA ALA G 107 -11.80 31.37 53.35
C ALA G 107 -12.12 30.75 51.99
N GLN G 108 -11.59 29.55 51.75
CA GLN G 108 -11.74 28.82 50.49
C GLN G 108 -11.26 29.62 49.29
N GLY G 109 -10.29 30.50 49.50
CA GLY G 109 -9.88 31.39 48.43
C GLY G 109 -9.05 30.70 47.37
N GLY G 110 -8.34 29.65 47.74
CA GLY G 110 -7.47 29.10 46.73
C GLY G 110 -6.29 30.03 46.52
N VAL G 111 -5.58 29.79 45.42
CA VAL G 111 -4.38 30.53 45.08
C VAL G 111 -4.47 30.95 43.62
N LEU G 112 -3.90 32.11 43.32
CA LEU G 112 -3.75 32.50 41.94
C LEU G 112 -2.93 31.46 41.19
N PRO G 113 -3.43 30.95 40.07
CA PRO G 113 -2.64 29.97 39.31
C PRO G 113 -1.39 30.62 38.74
N ASN G 114 -0.23 30.18 39.24
CA ASN G 114 1.04 30.65 38.71
C ASN G 114 2.05 29.52 38.82
N ILE G 115 2.98 29.45 37.87
CA ILE G 115 4.01 28.42 37.84
C ILE G 115 5.29 29.03 37.31
N GLN G 116 6.38 28.85 38.03
CA GLN G 116 7.66 29.38 37.59
C GLN G 116 8.04 28.80 36.25
N SER G 117 8.68 29.62 35.42
CA SER G 117 8.96 29.21 34.04
C SER G 117 9.90 28.02 33.97
N VAL G 118 10.72 27.81 35.01
CA VAL G 118 11.70 26.73 34.94
C VAL G 118 11.04 25.37 35.06
N LEU G 119 9.98 25.25 35.88
CA LEU G 119 9.36 23.95 36.08
C LEU G 119 8.73 23.42 34.81
N LEU G 120 8.29 24.31 33.92
CA LEU G 120 7.75 23.89 32.63
C LEU G 120 8.90 23.46 31.70
N PRO G 121 8.72 22.37 30.96
CA PRO G 121 9.81 21.86 30.13
C PRO G 121 10.20 22.86 29.04
N LYS G 122 11.49 22.83 28.68
CA LYS G 122 12.01 23.76 27.70
C LYS G 122 11.38 23.59 26.33
N CYS G 123 10.94 22.38 25.99
CA CYS G 123 10.30 22.14 24.70
C CYS G 123 9.03 21.33 24.87
N ARG H 28 -35.70 33.46 69.87
CA ARG H 28 -36.24 34.43 68.93
C ARG H 28 -36.08 35.85 69.44
N LYS H 29 -34.83 36.25 69.69
CA LYS H 29 -34.53 37.58 70.20
C LYS H 29 -33.07 37.93 69.97
N THR H 30 -32.61 39.01 70.59
CA THR H 30 -31.21 39.41 70.58
C THR H 30 -30.72 39.58 69.13
N ARG H 31 -31.22 40.64 68.49
CA ARG H 31 -30.91 40.89 67.09
C ARG H 31 -29.41 41.00 66.86
N LYS H 32 -28.86 40.02 66.16
CA LYS H 32 -27.50 40.14 65.66
C LYS H 32 -27.45 41.21 64.57
N GLU H 33 -26.36 41.98 64.56
CA GLU H 33 -26.21 43.08 63.63
C GLU H 33 -25.09 42.78 62.65
N SER H 34 -25.31 43.15 61.40
CA SER H 34 -24.37 42.86 60.32
C SER H 34 -24.58 43.87 59.21
N TYR H 35 -23.61 43.90 58.28
CA TYR H 35 -23.76 44.70 57.08
C TYR H 35 -24.27 43.86 55.92
N ALA H 36 -25.10 42.85 56.20
CA ALA H 36 -25.64 42.02 55.15
C ALA H 36 -26.45 42.84 54.15
N ILE H 37 -27.34 43.69 54.65
CA ILE H 37 -28.25 44.41 53.77
C ILE H 37 -27.51 45.50 52.99
N TYR H 38 -26.54 46.16 53.63
CA TYR H 38 -25.89 47.30 52.98
C TYR H 38 -24.94 46.87 51.88
N VAL H 39 -24.16 45.81 52.10
CA VAL H 39 -23.37 45.30 50.99
C VAL H 39 -24.28 44.79 49.90
N TYR H 40 -25.49 44.39 50.26
CA TYR H 40 -26.41 43.85 49.28
C TYR H 40 -26.84 44.93 48.28
N LYS H 41 -27.15 46.13 48.78
CA LYS H 41 -27.59 47.19 47.87
C LYS H 41 -26.49 47.56 46.89
N VAL H 42 -25.30 47.88 47.39
CA VAL H 42 -24.27 48.47 46.55
C VAL H 42 -23.76 47.46 45.54
N LEU H 43 -24.07 46.19 45.75
CA LEU H 43 -23.91 45.20 44.69
C LEU H 43 -24.85 45.50 43.53
N LYS H 44 -26.10 45.87 43.84
CA LYS H 44 -27.15 45.96 42.85
C LYS H 44 -27.07 47.26 42.06
N GLN H 45 -25.92 47.92 42.09
CA GLN H 45 -25.75 49.16 41.34
C GLN H 45 -24.55 49.12 40.41
N VAL H 46 -23.55 48.29 40.68
CA VAL H 46 -22.48 48.11 39.71
C VAL H 46 -22.63 46.76 39.00
N HIS H 47 -23.57 45.94 39.44
CA HIS H 47 -23.93 44.69 38.75
C HIS H 47 -25.40 44.40 38.98
N PRO H 48 -26.29 44.98 38.15
CA PRO H 48 -27.73 44.79 38.42
C PRO H 48 -28.17 43.34 38.32
N ASP H 49 -27.33 42.46 37.78
CA ASP H 49 -27.74 41.07 37.59
C ASP H 49 -27.17 40.16 38.68
N THR H 50 -25.95 40.42 39.12
CA THR H 50 -25.21 39.44 39.89
C THR H 50 -25.90 39.15 41.23
N GLY H 51 -25.88 37.87 41.60
CA GLY H 51 -26.33 37.46 42.91
C GLY H 51 -25.13 37.05 43.74
N ILE H 52 -25.22 37.30 45.04
CA ILE H 52 -24.08 37.19 45.95
C ILE H 52 -24.30 36.02 46.88
N SER H 53 -23.28 35.18 47.03
CA SER H 53 -23.39 34.00 47.87
C SER H 53 -23.57 34.41 49.33
N SER H 54 -23.92 33.45 50.18
CA SER H 54 -24.05 33.77 51.59
C SER H 54 -22.69 33.97 52.24
N LYS H 55 -21.78 33.03 52.03
CA LYS H 55 -20.46 33.15 52.63
C LYS H 55 -19.66 34.28 52.00
N ALA H 56 -19.77 34.45 50.68
CA ALA H 56 -19.11 35.57 50.03
C ALA H 56 -19.72 36.91 50.41
N MET H 57 -20.65 36.92 51.36
CA MET H 57 -21.14 38.13 52.00
C MET H 57 -20.77 38.18 53.47
N SER H 58 -20.53 37.02 54.09
CA SER H 58 -19.87 37.05 55.39
C SER H 58 -18.50 37.69 55.27
N ILE H 59 -17.79 37.43 54.17
CA ILE H 59 -16.50 38.07 53.95
C ILE H 59 -16.67 39.58 53.97
N MET H 60 -17.61 40.08 53.17
CA MET H 60 -17.88 41.51 53.16
C MET H 60 -18.29 42.00 54.54
N ASN H 61 -19.13 41.26 55.25
CA ASN H 61 -19.49 41.68 56.59
C ASN H 61 -18.29 41.65 57.51
N SER H 62 -17.19 41.03 57.09
CA SER H 62 -15.95 41.13 57.84
C SER H 62 -14.99 42.14 57.25
N PHE H 63 -14.96 42.28 55.93
CA PHE H 63 -14.01 43.19 55.32
C PHE H 63 -14.39 44.63 55.55
N VAL H 64 -15.68 44.91 55.67
CA VAL H 64 -16.08 46.27 55.98
C VAL H 64 -15.79 46.59 57.45
N ASN H 65 -16.17 45.69 58.36
CA ASN H 65 -15.79 45.87 59.75
C ASN H 65 -14.29 45.89 59.92
N ASP H 66 -13.56 45.29 58.99
CA ASP H 66 -12.10 45.36 59.05
C ASP H 66 -11.60 46.75 58.74
N VAL H 67 -11.82 47.21 57.51
CA VAL H 67 -11.31 48.51 57.10
C VAL H 67 -11.85 49.60 57.99
N PHE H 68 -13.09 49.46 58.45
CA PHE H 68 -13.63 50.43 59.37
C PHE H 68 -12.76 50.56 60.60
N GLU H 69 -12.48 49.44 61.26
CA GLU H 69 -11.67 49.51 62.46
C GLU H 69 -10.26 49.98 62.17
N ARG H 70 -9.65 49.54 61.08
CA ARG H 70 -8.30 50.00 60.78
C ARG H 70 -8.27 51.49 60.49
N ILE H 71 -9.42 52.11 60.22
CA ILE H 71 -9.48 53.55 60.00
C ILE H 71 -9.76 54.28 61.30
N ALA H 72 -10.91 54.02 61.91
CA ALA H 72 -11.23 54.70 63.15
C ALA H 72 -10.13 54.49 64.17
N GLY H 73 -9.71 53.24 64.37
CA GLY H 73 -8.64 52.97 65.31
C GLY H 73 -7.34 53.62 64.94
N GLU H 74 -7.23 54.12 63.72
CA GLU H 74 -6.08 54.91 63.31
C GLU H 74 -6.36 56.40 63.42
N ALA H 75 -7.63 56.80 63.27
CA ALA H 75 -7.98 58.17 63.59
C ALA H 75 -7.78 58.45 65.06
N SER H 76 -8.12 57.50 65.93
CA SER H 76 -7.99 57.70 67.35
C SER H 76 -6.55 57.94 67.76
N ARG H 77 -5.59 57.59 66.91
CA ARG H 77 -4.21 57.94 67.21
C ARG H 77 -3.94 59.40 66.90
N LEU H 78 -4.52 59.91 65.80
CA LEU H 78 -4.26 61.28 65.40
C LEU H 78 -4.92 62.27 66.34
N ALA H 79 -6.07 61.93 66.89
CA ALA H 79 -6.72 62.79 67.87
C ALA H 79 -6.22 62.43 69.27
N HIS H 80 -5.05 61.81 69.34
CA HIS H 80 -4.41 61.54 70.61
C HIS H 80 -3.01 62.11 70.58
N TYR H 81 -2.36 62.05 69.43
CA TYR H 81 -1.10 62.75 69.25
C TYR H 81 -1.32 64.25 69.20
N ASN H 82 -2.24 64.70 68.39
CA ASN H 82 -2.34 66.14 68.25
C ASN H 82 -3.07 66.80 69.39
N LYS H 83 -3.33 66.08 70.47
CA LYS H 83 -3.94 66.62 71.70
C LYS H 83 -5.36 67.11 71.47
N ARG H 84 -5.83 67.06 70.23
CA ARG H 84 -7.21 67.40 69.95
C ARG H 84 -8.10 66.26 70.39
N SER H 85 -9.14 66.60 71.15
CA SER H 85 -9.99 65.60 71.78
C SER H 85 -11.19 65.21 70.93
N THR H 86 -11.09 65.32 69.61
CA THR H 86 -12.19 64.93 68.73
C THR H 86 -11.66 64.43 67.39
N ILE H 87 -12.50 63.67 66.70
CA ILE H 87 -12.22 63.23 65.34
C ILE H 87 -13.12 64.01 64.39
N THR H 88 -12.51 64.80 63.51
CA THR H 88 -13.24 65.54 62.51
C THR H 88 -12.78 65.09 61.13
N SER H 89 -13.44 65.63 60.11
CA SER H 89 -13.27 65.10 58.76
C SER H 89 -11.83 65.13 58.32
N ARG H 90 -11.05 66.11 58.77
CA ARG H 90 -9.63 66.13 58.44
C ARG H 90 -8.96 64.83 58.85
N GLU H 91 -9.25 64.36 60.06
CA GLU H 91 -8.57 63.18 60.58
C GLU H 91 -8.83 61.97 59.69
N ILE H 92 -10.08 61.74 59.31
CA ILE H 92 -10.35 60.62 58.43
C ILE H 92 -9.91 60.95 57.01
N GLN H 93 -9.49 62.19 56.77
CA GLN H 93 -9.03 62.57 55.44
C GLN H 93 -7.53 62.43 55.27
N THR H 94 -6.78 62.27 56.35
CA THR H 94 -5.39 61.85 56.23
C THR H 94 -5.23 60.37 56.50
N ALA H 95 -5.89 59.85 57.54
CA ALA H 95 -5.85 58.42 57.82
C ALA H 95 -6.21 57.64 56.57
N VAL H 96 -7.26 58.08 55.87
CA VAL H 96 -7.60 57.46 54.59
C VAL H 96 -6.53 57.74 53.56
N ARG H 97 -5.81 58.85 53.68
CA ARG H 97 -4.70 59.08 52.78
C ARG H 97 -3.49 58.25 53.18
N LEU H 98 -3.41 57.79 54.43
CA LEU H 98 -2.23 57.02 54.85
C LEU H 98 -2.40 55.54 54.56
N LEU H 99 -3.42 54.91 55.14
CA LEU H 99 -3.57 53.45 55.06
C LEU H 99 -3.66 52.99 53.62
N LEU H 100 -4.52 53.61 52.84
CA LEU H 100 -4.76 53.14 51.50
C LEU H 100 -3.51 53.36 50.65
N PRO H 101 -3.16 52.41 49.82
CA PRO H 101 -1.89 52.50 49.10
C PRO H 101 -1.97 53.36 47.86
N GLY H 102 -1.23 54.46 47.81
CA GLY H 102 -1.03 55.19 46.58
C GLY H 102 -2.27 55.72 45.91
N GLU H 103 -2.68 55.09 44.79
CA GLU H 103 -3.69 55.67 43.91
C GLU H 103 -5.07 55.72 44.55
N LEU H 104 -5.46 54.69 45.30
CA LEU H 104 -6.79 54.69 45.90
C LEU H 104 -6.99 55.88 46.82
N ALA H 105 -5.90 56.49 47.29
CA ALA H 105 -6.04 57.70 48.09
C ALA H 105 -6.69 58.81 47.28
N LYS H 106 -6.31 58.95 46.00
CA LYS H 106 -6.82 60.02 45.18
C LYS H 106 -8.32 59.91 44.97
N HIS H 107 -8.82 58.71 44.67
CA HIS H 107 -10.26 58.54 44.48
C HIS H 107 -10.99 58.54 45.81
N ALA H 108 -10.39 57.94 46.84
CA ALA H 108 -11.12 57.75 48.09
C ALA H 108 -11.54 59.08 48.70
N VAL H 109 -10.59 59.99 48.89
CA VAL H 109 -10.95 61.26 49.51
C VAL H 109 -11.92 62.03 48.62
N SER H 110 -11.94 61.74 47.33
CA SER H 110 -12.93 62.37 46.46
C SER H 110 -14.33 61.96 46.87
N GLU H 111 -14.53 60.70 47.24
CA GLU H 111 -15.87 60.23 47.59
C GLU H 111 -16.38 60.89 48.86
N GLY H 112 -15.50 61.21 49.79
CA GLY H 112 -15.97 61.91 50.96
C GLY H 112 -16.21 63.38 50.68
N THR H 113 -15.21 64.03 50.07
CA THR H 113 -15.28 65.47 49.89
C THR H 113 -16.59 65.87 49.21
N LYS H 114 -16.97 65.17 48.15
CA LYS H 114 -18.26 65.45 47.54
C LYS H 114 -19.38 65.01 48.48
N ALA H 115 -19.14 63.98 49.28
CA ALA H 115 -20.17 63.55 50.21
C ALA H 115 -20.42 64.59 51.28
N VAL H 116 -19.35 65.11 51.88
CA VAL H 116 -19.53 66.11 52.93
C VAL H 116 -20.17 67.37 52.35
N THR H 117 -19.68 67.82 51.19
CA THR H 117 -20.24 69.01 50.58
C THR H 117 -21.72 68.84 50.33
N LYS H 118 -22.10 67.70 49.73
CA LYS H 118 -23.52 67.44 49.48
C LYS H 118 -24.27 67.34 50.80
N TYR H 119 -23.63 66.74 51.81
CA TYR H 119 -24.23 66.74 53.14
C TYR H 119 -24.36 68.16 53.67
N THR H 120 -23.30 68.96 53.53
CA THR H 120 -23.36 70.32 54.03
C THR H 120 -24.26 71.20 53.16
N SER H 121 -24.34 70.91 51.86
CA SER H 121 -25.23 71.67 51.00
C SER H 121 -26.69 71.45 51.34
N ALA H 122 -27.02 70.42 52.13
CA ALA H 122 -28.39 70.26 52.61
C ALA H 122 -28.44 69.91 54.09
N LYS H 123 -27.41 70.25 54.86
CA LYS H 123 -27.38 69.94 56.29
C LYS H 123 -28.52 70.62 57.02
N ALA J 16 -6.43 63.60 105.75
CA ALA J 16 -5.07 64.11 105.84
C ALA J 16 -4.06 62.97 105.83
N LYS J 17 -2.77 63.33 105.90
CA LYS J 17 -1.68 62.36 105.91
C LYS J 17 -1.75 61.45 104.68
N ALA J 18 -1.86 62.05 103.51
CA ALA J 18 -1.96 61.28 102.27
C ALA J 18 -0.68 60.49 102.02
N LYS J 19 -0.84 59.31 101.44
CA LYS J 19 0.29 58.45 101.11
C LYS J 19 0.13 57.91 99.71
N THR J 20 1.26 57.62 99.07
CA THR J 20 1.27 57.22 97.67
C THR J 20 0.67 55.83 97.52
N ARG J 21 -0.22 55.68 96.53
CA ARG J 21 -0.70 54.35 96.18
C ARG J 21 0.43 53.46 95.71
N SER J 22 1.45 54.04 95.10
CA SER J 22 2.64 53.28 94.74
C SER J 22 3.29 52.70 95.99
N SER J 23 3.41 53.53 97.03
CA SER J 23 3.90 53.01 98.30
C SER J 23 2.90 52.07 98.93
N ARG J 24 1.60 52.34 98.76
CA ARG J 24 0.58 51.51 99.37
C ARG J 24 0.72 50.06 98.95
N ALA J 25 0.93 49.82 97.67
CA ALA J 25 1.18 48.48 97.18
C ALA J 25 2.68 48.15 97.14
N GLY J 26 3.53 49.09 97.54
CA GLY J 26 4.95 48.86 97.46
C GLY J 26 5.49 48.79 96.05
N LEU J 27 4.99 49.64 95.17
CA LEU J 27 5.38 49.64 93.76
C LEU J 27 6.27 50.84 93.47
N GLN J 28 7.42 50.58 92.86
CA GLN J 28 8.30 51.69 92.51
C GLN J 28 7.67 52.58 91.46
N PHE J 29 7.01 51.99 90.46
CA PHE J 29 6.43 52.78 89.39
C PHE J 29 5.26 53.60 89.91
N PRO J 30 4.87 54.66 89.19
CA PRO J 30 3.76 55.50 89.67
C PRO J 30 2.43 54.80 89.43
N VAL J 31 1.73 54.51 90.51
CA VAL J 31 0.39 53.96 90.37
C VAL J 31 -0.56 55.02 89.83
N GLY J 32 -0.39 56.27 90.25
CA GLY J 32 -1.29 57.31 89.85
C GLY J 32 -1.27 57.62 88.36
N ARG J 33 -0.08 57.88 87.82
CA ARG J 33 0.01 58.34 86.43
C ARG J 33 -0.56 57.31 85.48
N VAL J 34 -0.27 56.03 85.72
CA VAL J 34 -0.81 54.99 84.88
C VAL J 34 -2.33 55.02 84.90
N HIS J 35 -2.91 55.18 86.09
CA HIS J 35 -4.36 55.32 86.15
C HIS J 35 -4.83 56.57 85.41
N ARG J 36 -3.95 57.55 85.22
CA ARG J 36 -4.34 58.74 84.48
C ARG J 36 -4.30 58.49 82.98
N LEU J 37 -3.43 57.60 82.53
CA LEU J 37 -3.42 57.31 81.11
C LEU J 37 -4.43 56.23 80.76
N LEU J 38 -5.08 55.62 81.75
CA LEU J 38 -6.16 54.69 81.44
C LEU J 38 -7.50 55.39 81.28
N ARG J 39 -7.61 56.67 81.62
CA ARG J 39 -8.78 57.45 81.26
C ARG J 39 -8.49 58.30 80.03
N LYS J 40 -7.47 59.15 80.11
CA LYS J 40 -7.19 60.10 79.05
C LYS J 40 -6.86 59.43 77.73
N GLY J 41 -6.37 58.21 77.75
CA GLY J 41 -6.13 57.57 76.47
C GLY J 41 -7.38 57.04 75.79
N ASN J 42 -8.50 57.04 76.49
CA ASN J 42 -9.72 56.43 76.01
C ASN J 42 -9.49 54.98 75.62
N TYR J 43 -8.84 54.26 76.53
CA TYR J 43 -8.76 52.81 76.40
C TYR J 43 -10.06 52.13 76.83
N ALA J 44 -10.82 52.74 77.72
CA ALA J 44 -12.15 52.25 78.04
C ALA J 44 -12.88 53.37 78.76
N GLU J 45 -14.20 53.26 78.79
CA GLU J 45 -14.97 54.32 79.44
C GLU J 45 -14.73 54.35 80.93
N ARG J 46 -14.64 53.18 81.57
CA ARG J 46 -14.43 53.09 83.00
C ARG J 46 -13.26 52.17 83.28
N VAL J 47 -12.48 52.51 84.30
CA VAL J 47 -11.32 51.71 84.68
C VAL J 47 -11.49 51.31 86.12
N GLY J 48 -11.30 50.02 86.40
CA GLY J 48 -11.46 49.52 87.74
C GLY J 48 -10.33 49.99 88.63
N ALA J 49 -10.58 49.94 89.94
CA ALA J 49 -9.55 50.34 90.90
C ALA J 49 -8.40 49.35 90.92
N GLY J 50 -8.56 48.20 90.26
CA GLY J 50 -7.53 47.17 90.32
C GLY J 50 -6.56 47.16 89.16
N ALA J 51 -7.00 47.55 87.97
CA ALA J 51 -6.12 47.44 86.81
C ALA J 51 -4.86 48.29 86.91
N PRO J 52 -4.93 49.60 87.17
CA PRO J 52 -3.71 50.40 87.05
C PRO J 52 -2.61 49.94 87.99
N VAL J 53 -2.97 49.42 89.17
CA VAL J 53 -1.96 48.87 90.06
C VAL J 53 -1.24 47.72 89.37
N TYR J 54 -1.99 46.85 88.71
CA TYR J 54 -1.40 45.70 88.07
C TYR J 54 -0.47 46.10 86.93
N LEU J 55 -0.85 47.12 86.18
CA LEU J 55 -0.06 47.51 85.02
C LEU J 55 1.22 48.22 85.41
N ALA J 56 1.26 48.82 86.59
CA ALA J 56 2.52 49.35 87.09
C ALA J 56 3.46 48.21 87.43
N ALA J 57 2.98 47.22 88.19
CA ALA J 57 3.86 46.17 88.68
C ALA J 57 4.49 45.41 87.53
N VAL J 58 3.71 45.08 86.50
CA VAL J 58 4.28 44.39 85.36
C VAL J 58 5.35 45.25 84.72
N LEU J 59 5.02 46.51 84.46
CA LEU J 59 6.03 47.44 83.99
C LEU J 59 7.20 47.52 84.95
N GLU J 60 6.93 47.46 86.25
CA GLU J 60 8.01 47.38 87.21
C GLU J 60 8.86 46.14 86.94
N TYR J 61 8.21 45.00 86.70
CA TYR J 61 8.95 43.78 86.46
C TYR J 61 9.62 43.81 85.10
N LEU J 62 8.90 44.30 84.09
CA LEU J 62 9.37 44.16 82.71
C LEU J 62 10.53 45.09 82.44
N THR J 63 10.51 46.30 83.00
CA THR J 63 11.67 47.16 82.88
C THR J 63 12.74 46.84 83.91
N ALA J 64 12.47 45.93 84.83
CA ALA J 64 13.50 45.49 85.76
C ALA J 64 14.47 44.52 85.09
N GLU J 65 13.97 43.66 84.22
CA GLU J 65 14.84 42.64 83.65
C GLU J 65 15.57 43.13 82.40
N ILE J 66 15.01 44.08 81.66
CA ILE J 66 15.76 44.65 80.57
C ILE J 66 16.93 45.47 81.10
N LEU J 67 16.73 46.15 82.23
CA LEU J 67 17.80 46.96 82.81
C LEU J 67 18.84 46.08 83.48
N GLU J 68 18.40 45.21 84.39
CA GLU J 68 19.32 44.38 85.15
C GLU J 68 20.28 43.63 84.24
N LEU J 69 19.76 43.03 83.17
CA LEU J 69 20.62 42.31 82.26
C LEU J 69 21.60 43.25 81.55
N ALA J 70 21.14 44.45 81.19
CA ALA J 70 22.05 45.41 80.59
C ALA J 70 23.16 45.77 81.56
N GLY J 71 22.82 45.99 82.82
CA GLY J 71 23.82 46.39 83.79
C GLY J 71 24.93 45.36 83.93
N ASN J 72 24.60 44.08 83.79
CA ASN J 72 25.62 43.04 83.82
C ASN J 72 26.59 43.20 82.64
N ALA J 73 26.06 43.42 81.45
CA ALA J 73 26.91 43.45 80.26
C ALA J 73 27.88 44.62 80.28
N ALA J 74 27.41 45.80 80.68
CA ALA J 74 28.29 46.96 80.72
C ALA J 74 29.41 46.77 81.73
N ARG J 75 29.07 46.26 82.92
CA ARG J 75 30.10 45.90 83.87
C ARG J 75 31.01 44.84 83.29
N ASP J 76 30.45 43.93 82.52
CA ASP J 76 31.24 42.95 81.80
C ASP J 76 31.85 43.51 80.53
N ASN J 77 31.81 44.83 80.37
CA ASN J 77 32.69 45.55 79.45
C ASN J 77 33.31 46.73 80.17
N LYS J 78 33.54 46.57 81.47
CA LYS J 78 34.30 47.47 82.33
C LYS J 78 33.77 48.90 82.35
N LYS J 79 32.59 49.14 81.80
CA LYS J 79 31.98 50.46 81.82
C LYS J 79 30.81 50.46 82.78
N THR J 80 30.76 51.47 83.65
CA THR J 80 29.75 51.50 84.68
C THR J 80 28.50 52.27 84.30
N ARG J 81 28.46 52.89 83.12
CA ARG J 81 27.29 53.66 82.71
C ARG J 81 26.68 53.02 81.46
N ILE J 82 25.37 52.78 81.50
CA ILE J 82 24.69 52.12 80.39
C ILE J 82 24.59 53.06 79.20
N ILE J 83 25.03 52.59 78.04
CA ILE J 83 24.93 53.33 76.78
C ILE J 83 24.24 52.39 75.80
N PRO J 84 23.48 52.91 74.83
CA PRO J 84 22.63 52.01 74.02
C PRO J 84 23.33 50.76 73.50
N ARG J 85 24.60 50.86 73.11
CA ARG J 85 25.31 49.65 72.71
C ARG J 85 25.35 48.63 73.84
N HIS J 86 25.39 49.10 75.08
CA HIS J 86 25.25 48.19 76.20
C HIS J 86 23.81 47.74 76.41
N LEU J 87 22.86 48.40 75.77
CA LEU J 87 21.45 48.11 76.01
C LEU J 87 20.85 47.17 74.98
N GLN J 88 21.40 47.15 73.77
CA GLN J 88 20.92 46.20 72.78
C GLN J 88 21.34 44.79 73.12
N LEU J 89 22.53 44.60 73.69
CA LEU J 89 23.00 43.26 74.01
C LEU J 89 22.10 42.58 75.02
N ALA J 90 21.41 43.34 75.85
CA ALA J 90 20.56 42.73 76.86
C ALA J 90 19.20 42.33 76.32
N VAL J 91 18.88 42.71 75.08
CA VAL J 91 17.60 42.31 74.52
C VAL J 91 17.77 41.31 73.38
N ARG J 92 18.80 41.48 72.57
CA ARG J 92 19.06 40.50 71.52
C ARG J 92 19.58 39.19 72.10
N ASN J 93 20.40 39.24 73.13
CA ASN J 93 20.95 38.02 73.69
C ASN J 93 20.02 37.33 74.68
N ASP J 94 18.97 37.99 75.13
CA ASP J 94 18.03 37.41 76.07
C ASP J 94 16.86 36.84 75.29
N GLU J 95 16.79 35.52 75.16
CA GLU J 95 15.87 34.91 74.22
C GLU J 95 14.42 35.23 74.52
N GLU J 96 14.05 35.36 75.79
CA GLU J 96 12.66 35.65 76.13
C GLU J 96 12.24 37.05 75.71
N LEU J 97 13.12 38.03 75.88
CA LEU J 97 12.79 39.40 75.47
C LEU J 97 12.88 39.58 73.96
N ASN J 98 13.78 38.87 73.29
CA ASN J 98 13.97 39.10 71.86
C ASN J 98 12.68 38.93 71.09
N LYS J 99 11.77 38.09 71.57
CA LYS J 99 10.46 37.93 70.96
C LYS J 99 9.52 39.08 71.26
N LEU J 100 9.89 39.98 72.17
CA LEU J 100 9.06 41.13 72.49
C LEU J 100 9.50 42.37 71.75
N LEU J 101 10.81 42.56 71.59
CA LEU J 101 11.39 43.65 70.81
C LEU J 101 11.79 43.17 69.43
N GLY J 102 11.03 42.24 68.86
CA GLY J 102 11.41 41.69 67.57
C GLY J 102 11.31 42.66 66.41
N ARG J 103 10.49 43.71 66.55
CA ARG J 103 10.28 44.65 65.47
C ARG J 103 11.15 45.90 65.59
N VAL J 104 11.40 46.36 66.82
CA VAL J 104 12.04 47.66 67.02
C VAL J 104 13.47 47.65 66.51
N THR J 105 14.04 48.84 66.38
CA THR J 105 15.44 49.00 66.00
C THR J 105 16.04 50.09 66.86
N ILE J 106 16.64 49.70 67.98
CA ILE J 106 17.10 50.65 68.99
C ILE J 106 18.13 51.58 68.36
N ALA J 107 17.91 52.88 68.49
CA ALA J 107 18.79 53.86 67.87
C ALA J 107 20.19 53.76 68.43
N GLN J 108 21.18 54.01 67.57
CA GLN J 108 22.59 53.95 67.95
C GLN J 108 22.97 52.58 68.48
N GLY J 109 22.23 51.55 68.11
CA GLY J 109 22.32 50.30 68.83
C GLY J 109 23.47 49.37 68.50
N GLY J 110 24.10 49.54 67.34
CA GLY J 110 25.03 48.49 66.99
C GLY J 110 24.27 47.22 66.64
N VAL J 111 25.04 46.18 66.31
CA VAL J 111 24.48 44.88 65.99
C VAL J 111 25.31 43.79 66.66
N LEU J 112 24.72 42.61 66.75
CA LEU J 112 25.38 41.51 67.44
C LEU J 112 26.57 41.03 66.63
N PRO J 113 27.70 40.74 67.28
CA PRO J 113 28.85 40.20 66.56
C PRO J 113 28.55 38.78 66.10
N ASN J 114 28.49 38.59 64.78
CA ASN J 114 28.13 37.29 64.23
C ASN J 114 28.68 37.18 62.82
N ILE J 115 29.51 36.16 62.59
CA ILE J 115 30.01 35.84 61.26
C ILE J 115 29.64 34.40 60.97
N GLN J 116 29.02 34.16 59.83
CA GLN J 116 28.60 32.80 59.48
C GLN J 116 29.82 31.91 59.31
N SER J 117 29.63 30.62 59.57
CA SER J 117 30.74 29.67 59.54
C SER J 117 31.34 29.57 58.14
N VAL J 118 30.51 29.55 57.11
CA VAL J 118 31.01 29.48 55.74
C VAL J 118 31.88 30.70 55.43
N LEU J 119 31.69 31.80 56.14
CA LEU J 119 32.43 33.02 55.86
C LEU J 119 33.87 32.95 56.32
N LEU J 120 34.21 32.02 57.21
CA LEU J 120 35.55 31.94 57.74
C LEU J 120 36.54 31.53 56.64
N PRO J 121 37.82 31.88 56.79
CA PRO J 121 38.81 31.45 55.81
C PRO J 121 38.93 29.95 55.77
N LYS J 122 39.68 29.46 54.77
CA LYS J 122 39.75 28.02 54.52
C LYS J 122 40.33 27.27 55.71
N CYS J 123 41.33 27.83 56.38
CA CYS J 123 41.89 27.19 57.56
C CYS J 123 41.06 27.51 58.79
N LYS K 29 8.23 77.37 81.02
CA LYS K 29 7.17 76.37 81.02
C LYS K 29 7.59 75.12 80.27
N THR K 30 6.76 74.70 79.32
CA THR K 30 7.00 73.51 78.50
C THR K 30 7.17 72.24 79.33
N ARG K 31 6.35 72.06 80.36
CA ARG K 31 6.40 70.85 81.17
C ARG K 31 6.07 69.63 80.33
N LYS K 32 7.07 68.79 80.09
CA LYS K 32 6.89 67.54 79.34
C LYS K 32 7.03 66.42 80.35
N GLU K 33 6.13 65.45 80.28
CA GLU K 33 6.07 64.41 81.31
C GLU K 33 6.63 63.11 80.77
N SER K 34 7.29 62.35 81.65
CA SER K 34 7.97 61.13 81.23
C SER K 34 8.21 60.25 82.45
N TYR K 35 8.96 59.17 82.25
CA TYR K 35 9.32 58.22 83.29
C TYR K 35 10.80 58.29 83.61
N ALA K 36 11.39 59.48 83.56
CA ALA K 36 12.83 59.61 83.75
C ALA K 36 13.26 59.27 85.18
N ILE K 37 12.39 59.51 86.16
CA ILE K 37 12.79 59.23 87.53
C ILE K 37 12.56 57.77 87.86
N TYR K 38 11.37 57.26 87.54
CA TYR K 38 11.00 55.92 87.99
C TYR K 38 11.94 54.86 87.46
N VAL K 39 12.30 54.94 86.18
CA VAL K 39 13.26 54.00 85.63
C VAL K 39 14.58 54.11 86.38
N TYR K 40 14.99 55.32 86.71
CA TYR K 40 16.28 55.49 87.35
C TYR K 40 16.29 54.85 88.73
N LYS K 41 15.16 54.93 89.44
CA LYS K 41 15.04 54.27 90.73
C LYS K 41 15.10 52.76 90.59
N VAL K 42 14.26 52.19 89.73
CA VAL K 42 14.20 50.73 89.63
C VAL K 42 15.54 50.18 89.18
N LEU K 43 16.37 51.04 88.59
CA LEU K 43 17.76 50.67 88.41
C LEU K 43 18.46 50.52 89.75
N LYS K 44 18.20 51.45 90.68
CA LYS K 44 18.93 51.47 91.94
C LYS K 44 18.59 50.27 92.81
N GLN K 45 17.31 49.87 92.86
CA GLN K 45 16.95 48.68 93.61
C GLN K 45 17.70 47.46 93.10
N VAL K 46 18.14 47.48 91.85
CA VAL K 46 18.79 46.33 91.25
C VAL K 46 20.28 46.60 91.05
N HIS K 47 20.66 47.86 90.97
CA HIS K 47 22.07 48.24 90.87
C HIS K 47 22.23 49.62 91.49
N PRO K 48 22.83 49.71 92.67
CA PRO K 48 22.98 51.01 93.32
C PRO K 48 24.13 51.85 92.79
N ASP K 49 25.01 51.29 91.96
CA ASP K 49 26.18 52.02 91.50
C ASP K 49 26.10 52.44 90.04
N THR K 50 25.44 51.64 89.20
CA THR K 50 25.47 51.87 87.76
C THR K 50 24.58 53.06 87.38
N GLY K 51 25.20 54.07 86.76
CA GLY K 51 24.47 55.20 86.25
C GLY K 51 24.07 54.94 84.81
N ILE K 52 23.03 55.65 84.38
CA ILE K 52 22.41 55.42 83.08
C ILE K 52 22.42 56.71 82.29
N SER K 53 23.15 56.72 81.18
CA SER K 53 23.31 57.95 80.42
C SER K 53 22.03 58.27 79.69
N SER K 54 21.88 59.54 79.32
CA SER K 54 20.57 60.03 78.89
C SER K 54 20.07 59.30 77.64
N LYS K 55 20.95 59.07 76.66
CA LYS K 55 20.53 58.34 75.47
C LYS K 55 19.95 56.99 75.84
N ALA K 56 20.70 56.20 76.59
CA ALA K 56 20.18 54.94 77.11
C ALA K 56 19.17 55.17 78.21
N MET K 57 18.74 56.41 78.41
CA MET K 57 17.57 56.70 79.20
C MET K 57 16.42 57.24 78.38
N SER K 58 16.70 57.87 77.24
CA SER K 58 15.63 58.17 76.31
C SER K 58 15.01 56.90 75.75
N ILE K 59 15.81 55.86 75.55
CA ILE K 59 15.25 54.59 75.06
C ILE K 59 14.25 54.04 76.06
N MET K 60 14.65 53.93 77.33
CA MET K 60 13.73 53.44 78.33
C MET K 60 12.57 54.38 78.54
N ASN K 61 12.70 55.64 78.14
CA ASN K 61 11.51 56.47 78.03
C ASN K 61 10.61 55.96 76.92
N SER K 62 11.21 55.56 75.80
CA SER K 62 10.43 55.01 74.71
C SER K 62 9.93 53.62 75.04
N PHE K 63 10.77 52.81 75.67
CA PHE K 63 10.43 51.40 75.83
C PHE K 63 9.20 51.21 76.71
N VAL K 64 9.15 51.92 77.84
CA VAL K 64 7.99 51.76 78.70
C VAL K 64 6.75 52.26 78.00
N ASN K 65 6.84 53.43 77.35
CA ASN K 65 5.68 53.97 76.67
C ASN K 65 5.21 53.05 75.55
N ASP K 66 6.11 52.25 75.00
CA ASP K 66 5.71 51.27 74.01
C ASP K 66 4.92 50.15 74.66
N VAL K 67 5.53 49.48 75.64
CA VAL K 67 4.88 48.35 76.27
C VAL K 67 3.60 48.77 76.96
N PHE K 68 3.55 49.98 77.50
CA PHE K 68 2.32 50.42 78.15
C PHE K 68 1.18 50.51 77.16
N GLU K 69 1.44 51.06 75.97
CA GLU K 69 0.38 51.11 74.97
C GLU K 69 0.04 49.72 74.48
N ARG K 70 1.05 48.89 74.21
CA ARG K 70 0.80 47.57 73.67
C ARG K 70 -0.06 46.73 74.63
N ILE K 71 0.25 46.77 75.92
CA ILE K 71 -0.52 45.99 76.88
C ILE K 71 -1.91 46.58 77.06
N ALA K 72 -2.02 47.90 77.08
CA ALA K 72 -3.33 48.50 77.22
C ALA K 72 -4.20 48.22 76.01
N GLY K 73 -3.59 48.00 74.85
CA GLY K 73 -4.36 47.72 73.66
C GLY K 73 -5.25 46.52 73.87
N GLU K 74 -4.65 45.34 73.99
CA GLU K 74 -5.45 44.14 74.20
C GLU K 74 -6.15 44.16 75.55
N ALA K 75 -5.73 45.06 76.43
CA ALA K 75 -6.50 45.27 77.64
C ALA K 75 -7.88 45.77 77.31
N SER K 76 -7.97 46.72 76.38
CA SER K 76 -9.27 47.30 76.05
C SER K 76 -10.12 46.31 75.28
N ARG K 77 -9.55 45.66 74.27
CA ARG K 77 -10.38 44.94 73.32
C ARG K 77 -11.12 43.78 73.98
N LEU K 78 -10.53 43.12 74.98
CA LEU K 78 -11.29 42.12 75.69
C LEU K 78 -12.51 42.72 76.35
N ALA K 79 -12.37 43.88 76.97
CA ALA K 79 -13.55 44.52 77.54
C ALA K 79 -14.58 44.80 76.47
N HIS K 80 -14.11 45.20 75.30
CA HIS K 80 -14.98 45.34 74.14
C HIS K 80 -15.48 43.99 73.63
N TYR K 81 -14.60 43.00 73.55
CA TYR K 81 -14.94 41.71 72.96
C TYR K 81 -16.07 41.04 73.74
N ASN K 82 -15.89 40.92 75.04
CA ASN K 82 -16.92 40.29 75.86
C ASN K 82 -18.11 41.18 76.07
N LYS K 83 -18.16 42.35 75.44
CA LYS K 83 -19.22 43.34 75.64
C LYS K 83 -19.22 43.90 77.06
N ARG K 84 -18.13 43.73 77.79
CA ARG K 84 -18.00 44.44 79.05
C ARG K 84 -17.69 45.91 78.80
N SER K 85 -17.64 46.69 79.89
CA SER K 85 -17.39 48.10 79.77
C SER K 85 -16.15 48.59 80.49
N THR K 86 -15.60 47.82 81.43
CA THR K 86 -14.54 48.31 82.31
C THR K 86 -13.33 47.40 82.26
N ILE K 87 -12.17 47.99 82.01
CA ILE K 87 -10.92 47.32 82.33
C ILE K 87 -10.85 47.11 83.82
N THR K 88 -10.43 45.93 84.26
CA THR K 88 -10.16 45.73 85.68
C THR K 88 -8.90 44.90 85.84
N SER K 89 -8.68 44.36 87.04
CA SER K 89 -7.50 43.52 87.25
C SER K 89 -7.50 42.33 86.28
N ARG K 90 -8.66 41.72 86.07
CA ARG K 90 -8.69 40.49 85.29
C ARG K 90 -8.34 40.74 83.84
N GLU K 91 -9.10 41.60 83.16
CA GLU K 91 -8.84 41.89 81.75
C GLU K 91 -7.46 42.47 81.49
N ILE K 92 -6.67 42.71 82.53
CA ILE K 92 -5.24 42.96 82.32
C ILE K 92 -4.48 41.65 82.33
N GLN K 93 -4.80 40.75 83.26
CA GLN K 93 -4.06 39.51 83.37
C GLN K 93 -4.14 38.71 82.08
N THR K 94 -5.34 38.55 81.54
CA THR K 94 -5.47 37.85 80.27
C THR K 94 -4.98 38.68 79.12
N ALA K 95 -4.35 39.83 79.38
CA ALA K 95 -3.65 40.52 78.32
C ALA K 95 -2.16 40.27 78.38
N VAL K 96 -1.64 39.98 79.58
CA VAL K 96 -0.20 39.76 79.71
C VAL K 96 0.22 38.45 79.06
N ARG K 97 -0.57 37.39 79.25
CA ARG K 97 -0.22 36.10 78.68
C ARG K 97 -0.20 36.15 77.16
N LEU K 98 -1.02 37.00 76.56
CA LEU K 98 -0.99 37.12 75.11
C LEU K 98 0.28 37.80 74.65
N LEU K 99 0.64 38.91 75.27
CA LEU K 99 1.68 39.77 74.72
C LEU K 99 3.08 39.31 75.11
N LEU K 100 3.39 39.30 76.38
CA LEU K 100 4.74 38.93 76.80
C LEU K 100 4.95 37.43 76.60
N PRO K 101 5.98 37.02 75.89
CA PRO K 101 6.14 35.60 75.58
C PRO K 101 6.77 34.83 76.73
N GLY K 102 6.90 33.54 76.52
CA GLY K 102 7.72 32.68 77.35
C GLY K 102 7.33 32.72 78.81
N GLU K 103 8.30 32.46 79.69
CA GLU K 103 8.01 32.41 81.10
C GLU K 103 7.84 33.79 81.72
N LEU K 104 8.17 34.86 80.97
CA LEU K 104 7.84 36.19 81.46
C LEU K 104 6.38 36.26 81.84
N ALA K 105 5.52 35.67 81.03
CA ALA K 105 4.10 35.63 81.37
C ALA K 105 3.89 34.98 82.72
N LYS K 106 4.72 34.00 83.08
CA LYS K 106 4.54 33.33 84.36
C LYS K 106 5.26 34.06 85.48
N HIS K 107 6.35 34.76 85.17
CA HIS K 107 6.98 35.58 86.18
C HIS K 107 6.13 36.80 86.49
N ALA K 108 5.71 37.54 85.45
CA ALA K 108 5.10 38.84 85.66
C ALA K 108 3.81 38.73 86.45
N VAL K 109 2.96 37.77 86.08
CA VAL K 109 1.66 37.68 86.74
C VAL K 109 1.85 37.43 88.23
N SER K 110 2.88 36.67 88.60
CA SER K 110 3.21 36.51 90.01
C SER K 110 3.54 37.86 90.63
N GLU K 111 4.29 38.70 89.90
CA GLU K 111 4.50 40.06 90.33
C GLU K 111 3.26 40.92 90.15
N GLY K 112 2.17 40.35 89.67
CA GLY K 112 0.94 41.11 89.62
C GLY K 112 -0.03 40.70 90.71
N THR K 113 -0.21 39.40 90.90
CA THR K 113 -1.17 38.94 91.89
C THR K 113 -0.77 39.38 93.30
N LYS K 114 0.52 39.27 93.62
CA LYS K 114 0.96 39.74 94.92
C LYS K 114 0.84 41.26 95.02
N ALA K 115 0.78 41.94 93.88
CA ALA K 115 0.68 43.41 93.90
C ALA K 115 -0.70 43.85 94.35
N VAL K 116 -1.75 43.22 93.81
CA VAL K 116 -3.10 43.64 94.18
C VAL K 116 -3.43 43.21 95.60
N THR K 117 -3.01 42.01 96.00
CA THR K 117 -3.36 41.53 97.33
C THR K 117 -2.68 42.37 98.41
N LYS K 118 -1.41 42.72 98.18
CA LYS K 118 -0.76 43.70 99.04
C LYS K 118 -1.52 45.02 99.02
N TYR K 119 -1.93 45.45 97.83
CA TYR K 119 -2.72 46.67 97.72
C TYR K 119 -4.03 46.54 98.49
N THR K 120 -4.73 45.42 98.31
CA THR K 120 -5.98 45.26 99.03
C THR K 120 -5.74 44.84 100.48
N SER K 121 -4.51 44.41 100.79
CA SER K 121 -4.16 44.21 102.19
C SER K 121 -4.14 45.53 102.94
N ALA K 122 -3.64 46.59 102.34
CA ALA K 122 -3.59 47.92 102.93
C ALA K 122 -4.66 48.81 102.30
N LYS K 123 -5.82 48.23 102.00
CA LYS K 123 -6.92 48.99 101.42
C LYS K 123 -7.89 49.45 102.49
N LYS L 38 57.52 41.70 45.99
CA LYS L 38 58.42 41.94 47.11
C LYS L 38 57.73 42.60 48.31
N PRO L 39 56.99 43.70 48.10
CA PRO L 39 56.28 44.30 49.23
C PRO L 39 55.24 43.34 49.79
N HIS L 40 55.06 43.40 51.11
CA HIS L 40 54.07 42.54 51.75
C HIS L 40 52.67 42.89 51.32
N ARG L 41 51.85 41.87 51.09
CA ARG L 41 50.44 42.04 50.77
C ARG L 41 49.64 40.99 51.51
N TYR L 42 48.52 41.39 52.07
CA TYR L 42 47.59 40.40 52.60
C TYR L 42 46.94 39.64 51.45
N ARG L 43 46.53 38.41 51.75
CA ARG L 43 45.77 37.64 50.78
C ARG L 43 44.41 38.28 50.56
N PRO L 44 43.76 38.02 49.43
CA PRO L 44 42.40 38.53 49.23
C PRO L 44 41.45 38.01 50.28
N GLY L 45 40.55 38.88 50.73
CA GLY L 45 39.49 38.51 51.65
C GLY L 45 39.80 38.72 53.11
N THR L 46 41.07 38.58 53.52
CA THR L 46 41.37 38.64 54.94
C THR L 46 41.21 40.05 55.49
N VAL L 47 41.42 41.07 54.66
CA VAL L 47 41.22 42.43 55.13
C VAL L 47 39.75 42.66 55.44
N ALA L 48 38.86 42.07 54.65
CA ALA L 48 37.43 42.20 54.89
C ALA L 48 37.06 41.65 56.27
N LEU L 49 37.52 40.43 56.59
CA LEU L 49 37.17 39.83 57.86
C LEU L 49 37.59 40.70 59.03
N ARG L 50 38.71 41.41 58.90
CA ARG L 50 39.09 42.35 59.93
C ARG L 50 37.98 43.38 60.16
N GLU L 51 37.44 43.91 59.07
CA GLU L 51 36.39 44.91 59.19
C GLU L 51 35.11 44.31 59.76
N ILE L 52 34.75 43.11 59.31
CA ILE L 52 33.53 42.47 59.78
C ILE L 52 33.55 42.33 61.29
N ARG L 53 34.74 42.14 61.86
CA ARG L 53 34.91 42.13 63.30
C ARG L 53 35.09 43.53 63.85
N ARG L 54 35.32 44.52 62.99
CA ARG L 54 35.48 45.89 63.47
C ARG L 54 34.16 46.64 63.44
N TYR L 55 33.53 46.69 62.27
CA TYR L 55 32.30 47.45 62.12
C TYR L 55 31.14 46.86 62.91
N GLN L 56 31.09 45.53 63.04
CA GLN L 56 30.08 44.91 63.89
C GLN L 56 30.31 45.21 65.36
N LYS L 57 31.53 45.61 65.73
CA LYS L 57 31.79 45.95 67.12
C LYS L 57 31.30 47.37 67.43
N SER L 58 31.69 48.33 66.60
CA SER L 58 31.35 49.71 66.87
C SER L 58 29.88 49.96 66.61
N THR L 59 29.42 51.18 66.92
CA THR L 59 28.02 51.50 66.75
C THR L 59 27.78 52.90 66.19
N GLU L 60 28.76 53.52 65.54
CA GLU L 60 28.53 54.80 64.92
C GLU L 60 27.76 54.63 63.62
N LEU L 61 27.36 55.75 63.03
CA LEU L 61 26.71 55.72 61.74
C LEU L 61 27.71 55.38 60.64
N LEU L 62 27.18 55.01 59.48
CA LEU L 62 28.00 54.56 58.37
C LEU L 62 27.91 55.43 57.14
N ILE L 63 26.70 55.74 56.69
CA ILE L 63 26.53 56.64 55.55
C ILE L 63 27.05 58.02 55.93
N ARG L 64 27.79 58.65 55.02
CA ARG L 64 28.24 60.01 55.26
C ARG L 64 27.06 60.90 55.60
N LYS L 65 27.22 61.71 56.65
CA LYS L 65 26.09 62.49 57.15
C LYS L 65 25.58 63.48 56.11
N LEU L 66 26.43 64.42 55.71
CA LEU L 66 25.94 65.54 54.93
C LEU L 66 25.23 65.13 53.64
N PRO L 67 25.76 64.23 52.80
CA PRO L 67 24.97 63.83 51.63
C PRO L 67 23.66 63.15 51.98
N PHE L 68 23.60 62.40 53.07
CA PHE L 68 22.37 61.69 53.37
C PHE L 68 21.24 62.63 53.71
N GLN L 69 21.53 63.73 54.39
CA GLN L 69 20.50 64.75 54.55
C GLN L 69 20.13 65.34 53.20
N ARG L 70 21.13 65.70 52.40
CA ARG L 70 20.86 66.33 51.12
C ARG L 70 20.11 65.40 50.18
N LEU L 71 20.09 64.09 50.48
CA LEU L 71 19.18 63.21 49.77
C LEU L 71 17.75 63.37 50.27
N VAL L 72 17.58 63.48 51.59
CA VAL L 72 16.23 63.48 52.13
C VAL L 72 15.47 64.72 51.70
N ARG L 73 16.16 65.86 51.61
CA ARG L 73 15.50 67.04 51.05
C ARG L 73 15.09 66.79 49.62
N GLU L 74 15.99 66.22 48.83
CA GLU L 74 15.71 66.01 47.41
C GLU L 74 14.51 65.10 47.23
N ILE L 75 14.51 63.94 47.90
CA ILE L 75 13.42 63.00 47.73
C ILE L 75 12.13 63.56 48.31
N ALA L 76 12.22 64.29 49.42
CA ALA L 76 11.00 64.83 50.02
C ALA L 76 10.52 66.08 49.31
N GLN L 77 11.25 66.55 48.31
CA GLN L 77 10.95 67.85 47.71
C GLN L 77 9.59 67.86 47.03
N ASP L 78 9.17 66.73 46.46
CA ASP L 78 7.94 66.71 45.69
C ASP L 78 6.72 66.25 46.50
N PHE L 79 6.91 65.77 47.72
CA PHE L 79 5.74 65.50 48.55
C PHE L 79 5.12 66.80 49.03
N LYS L 80 5.93 67.82 49.28
CA LYS L 80 5.45 69.12 49.73
C LYS L 80 6.50 70.16 49.39
N THR L 81 6.06 71.40 49.32
CA THR L 81 6.95 72.52 49.05
C THR L 81 7.73 72.91 50.29
N ASP L 82 8.91 73.49 50.07
CA ASP L 82 9.70 74.20 51.08
C ASP L 82 9.71 73.56 52.46
N LEU L 83 9.89 72.24 52.52
CA LEU L 83 9.88 71.57 53.81
C LEU L 83 11.15 71.85 54.60
N ARG L 84 10.98 72.08 55.90
CA ARG L 84 12.08 72.29 56.82
C ARG L 84 12.16 71.12 57.78
N PHE L 85 13.17 70.27 57.66
CA PHE L 85 13.31 69.14 58.57
C PHE L 85 13.93 69.61 59.86
N GLN L 86 13.28 69.32 60.97
CA GLN L 86 13.94 69.45 62.25
C GLN L 86 15.17 68.56 62.24
N SER L 87 16.34 69.15 62.52
CA SER L 87 17.60 68.42 62.33
C SER L 87 17.71 67.24 63.27
N SER L 88 16.87 67.18 64.30
CA SER L 88 16.81 65.97 65.10
C SER L 88 16.20 64.83 64.29
N ALA L 89 15.32 65.16 63.35
CA ALA L 89 14.62 64.15 62.58
C ALA L 89 15.21 63.93 61.19
N VAL L 90 16.40 64.41 60.90
CA VAL L 90 17.12 63.93 59.72
C VAL L 90 18.00 62.75 60.08
N MET L 91 18.65 62.80 61.23
CA MET L 91 19.33 61.60 61.72
C MET L 91 18.33 60.51 62.06
N ALA L 92 17.15 60.88 62.53
CA ALA L 92 16.19 59.86 62.96
C ALA L 92 15.80 58.95 61.81
N LEU L 93 15.95 59.42 60.58
CA LEU L 93 15.85 58.50 59.46
C LEU L 93 17.10 57.66 59.35
N GLN L 94 18.27 58.28 59.57
CA GLN L 94 19.54 57.59 59.36
C GLN L 94 19.67 56.40 60.29
N GLU L 95 19.31 56.56 61.54
CA GLU L 95 19.29 55.46 62.49
C GLU L 95 18.07 54.59 62.33
N ALA L 96 17.26 54.82 61.30
CA ALA L 96 16.11 54.01 61.01
C ALA L 96 16.07 53.48 59.60
N SER L 97 16.85 54.04 58.68
CA SER L 97 17.01 53.38 57.39
C SER L 97 18.22 52.46 57.38
N GLU L 98 19.29 52.85 58.07
CA GLU L 98 20.47 51.99 58.13
C GLU L 98 20.21 50.74 58.95
N ALA L 99 19.40 50.85 59.99
CA ALA L 99 19.06 49.58 60.63
C ALA L 99 18.08 48.77 59.80
N TYR L 100 17.82 49.18 58.57
CA TYR L 100 17.01 48.42 57.63
C TYR L 100 17.86 47.83 56.49
N LEU L 101 18.80 48.61 55.95
CA LEU L 101 19.74 48.03 54.99
C LEU L 101 20.53 46.89 55.60
N VAL L 102 21.06 47.10 56.81
CA VAL L 102 21.79 46.04 57.49
C VAL L 102 20.88 44.86 57.72
N ALA L 103 19.61 45.12 58.03
CA ALA L 103 18.65 44.03 58.13
C ALA L 103 18.41 43.40 56.77
N LEU L 104 18.89 44.02 55.70
CA LEU L 104 18.77 43.40 54.38
C LEU L 104 20.05 42.65 54.03
N PHE L 105 21.19 43.33 54.03
CA PHE L 105 22.45 42.68 53.65
C PHE L 105 22.71 41.46 54.51
N GLU L 106 22.34 41.52 55.78
CA GLU L 106 22.35 40.31 56.59
C GLU L 106 21.49 39.23 55.93
N ASP L 107 20.29 39.59 55.48
CA ASP L 107 19.34 38.58 55.06
C ASP L 107 19.64 38.02 53.68
N THR L 108 20.23 38.81 52.79
CA THR L 108 20.69 38.19 51.55
C THR L 108 21.86 37.27 51.80
N ASN L 109 22.66 37.56 52.84
CA ASN L 109 23.88 36.81 53.04
C ASN L 109 23.60 35.34 53.32
N LEU L 110 22.46 35.03 53.93
CA LEU L 110 22.04 33.63 53.99
C LEU L 110 21.79 33.10 52.59
N CYS L 111 21.04 33.85 51.78
CA CYS L 111 20.65 33.35 50.48
C CYS L 111 21.86 33.10 49.60
N ALA L 112 22.78 34.06 49.55
CA ALA L 112 24.01 33.82 48.80
C ALA L 112 24.78 32.64 49.37
N ILE L 113 24.71 32.45 50.69
CA ILE L 113 25.24 31.23 51.28
C ILE L 113 24.39 30.04 50.87
N HIS L 114 23.08 30.21 50.86
CA HIS L 114 22.20 29.10 50.51
C HIS L 114 22.36 28.70 49.05
N ALA L 115 23.01 29.53 48.24
CA ALA L 115 23.27 29.18 46.86
C ALA L 115 24.72 28.77 46.66
N LYS L 116 25.33 28.20 47.69
CA LYS L 116 26.66 27.62 47.62
C LYS L 116 27.74 28.66 47.32
N ARG L 117 27.34 29.92 47.21
CA ARG L 117 28.29 30.98 46.91
C ARG L 117 28.69 31.71 48.19
N VAL L 118 29.54 32.72 48.03
CA VAL L 118 29.91 33.59 49.13
C VAL L 118 29.55 35.04 48.85
N THR L 119 29.71 35.51 47.61
CA THR L 119 29.41 36.90 47.26
C THR L 119 27.91 37.08 47.16
N ILE L 120 27.42 38.26 47.55
CA ILE L 120 26.03 38.60 47.27
C ILE L 120 25.94 39.19 45.88
N MET L 121 24.86 38.89 45.17
CA MET L 121 24.68 39.38 43.81
C MET L 121 23.28 39.97 43.66
N PRO L 122 23.03 40.81 42.67
CA PRO L 122 21.71 41.45 42.57
C PRO L 122 20.58 40.45 42.54
N LYS L 123 20.77 39.31 41.89
CA LYS L 123 19.74 38.28 41.87
C LYS L 123 19.40 37.82 43.29
N ASP L 124 20.30 38.03 44.24
CA ASP L 124 20.03 37.61 45.61
C ASP L 124 18.97 38.48 46.26
N ILE L 125 19.10 39.81 46.13
CA ILE L 125 18.21 40.71 46.84
C ILE L 125 16.78 40.52 46.37
N GLN L 126 16.58 40.41 45.05
CA GLN L 126 15.22 40.24 44.53
C GLN L 126 14.50 39.11 45.23
N LEU L 127 15.22 38.02 45.51
CA LEU L 127 14.68 37.02 46.41
C LEU L 127 14.44 37.59 47.80
N ALA L 128 15.47 38.21 48.38
CA ALA L 128 15.44 38.53 49.79
C ALA L 128 14.28 39.47 50.12
N ARG L 129 14.01 40.43 49.27
CA ARG L 129 12.88 41.30 49.52
C ARG L 129 11.57 40.60 49.18
N ARG L 130 11.63 39.53 48.40
CA ARG L 130 10.41 38.87 47.96
C ARG L 130 9.77 38.04 49.08
N ILE L 131 10.56 37.32 49.87
CA ILE L 131 9.97 36.54 50.95
C ILE L 131 9.29 37.44 51.96
N ARG L 132 9.94 38.54 52.32
CA ARG L 132 9.34 39.48 53.26
C ARG L 132 8.05 40.05 52.71
N GLY L 133 8.01 40.35 51.42
CA GLY L 133 6.86 40.99 50.81
C GLY L 133 7.01 42.48 50.61
N GLU L 134 8.22 42.96 50.32
CA GLU L 134 8.45 44.39 50.16
C GLU L 134 8.60 44.81 48.70
N ARG L 135 8.62 43.87 47.76
CA ARG L 135 8.63 44.20 46.34
C ARG L 135 7.46 43.63 45.57
N ALA L 136 7.12 42.37 45.79
CA ALA L 136 6.02 41.74 45.06
C ALA L 136 4.68 42.26 45.55
N LYS M 17 20.18 82.52 50.08
CA LYS M 17 19.18 82.75 49.04
C LYS M 17 17.77 82.49 49.56
N ARG M 18 16.76 82.84 48.75
CA ARG M 18 15.36 82.63 49.11
C ARG M 18 14.64 81.76 48.09
N HIS M 19 15.38 80.94 47.34
CA HIS M 19 14.79 80.07 46.34
C HIS M 19 15.75 78.93 46.03
N ARG M 20 15.24 77.96 45.27
CA ARG M 20 16.01 76.79 44.82
C ARG M 20 16.41 75.89 45.98
N LYS M 21 16.87 74.67 45.67
CA LYS M 21 17.22 73.70 46.69
C LYS M 21 18.06 72.60 46.06
N VAL M 22 18.58 71.72 46.92
CA VAL M 22 19.41 70.60 46.49
C VAL M 22 18.53 69.49 45.92
N LEU M 23 18.37 69.47 44.60
CA LEU M 23 17.44 68.55 43.96
C LEU M 23 18.04 67.89 42.72
N ARG M 24 19.30 67.50 42.78
CA ARG M 24 19.92 66.79 41.67
C ARG M 24 21.06 65.94 42.20
N ASP M 25 21.14 64.71 41.68
CA ASP M 25 22.33 63.87 41.83
C ASP M 25 22.57 63.39 43.26
N ASN M 26 21.75 63.84 44.22
CA ASN M 26 21.99 63.44 45.60
C ASN M 26 21.90 61.95 45.80
N ILE M 27 21.12 61.26 44.97
CA ILE M 27 21.04 59.81 45.09
C ILE M 27 22.41 59.18 44.89
N GLN M 28 23.31 59.88 44.19
CA GLN M 28 24.70 59.46 44.15
C GLN M 28 25.44 59.78 45.43
N GLY M 29 24.76 60.31 46.45
CA GLY M 29 25.43 60.59 47.71
C GLY M 29 25.97 59.35 48.37
N ILE M 30 25.33 58.21 48.14
CA ILE M 30 25.77 56.96 48.74
C ILE M 30 26.87 56.36 47.88
N THR M 31 28.11 56.75 48.13
CA THR M 31 29.21 56.32 47.29
C THR M 31 29.55 54.86 47.54
N LYS M 32 30.39 54.31 46.67
CA LYS M 32 30.72 52.89 46.70
C LYS M 32 31.31 52.47 48.04
N PRO M 33 32.32 53.14 48.57
CA PRO M 33 32.78 52.77 49.92
C PRO M 33 31.73 53.02 50.97
N ALA M 34 30.85 53.99 50.77
CA ALA M 34 29.85 54.30 51.78
C ALA M 34 28.93 53.11 52.01
N ILE M 35 28.43 52.49 50.95
CA ILE M 35 27.63 51.29 51.12
C ILE M 35 28.49 50.14 51.59
N ARG M 36 29.76 50.11 51.19
CA ARG M 36 30.63 48.99 51.51
C ARG M 36 30.70 48.77 53.01
N ARG M 37 30.82 49.86 53.76
CA ARG M 37 30.85 49.76 55.21
C ARG M 37 29.57 49.12 55.72
N LEU M 38 28.43 49.51 55.15
CA LEU M 38 27.17 48.89 55.54
C LEU M 38 27.21 47.39 55.34
N ALA M 39 27.54 46.96 54.13
CA ALA M 39 27.60 45.53 53.86
C ALA M 39 28.56 44.84 54.79
N ARG M 40 29.64 45.52 55.18
CA ARG M 40 30.56 44.94 56.14
C ARG M 40 29.89 44.74 57.49
N ARG M 41 29.08 45.71 57.92
CA ARG M 41 28.38 45.52 59.19
C ARG M 41 27.44 44.34 59.13
N GLY M 42 26.86 44.08 57.97
CA GLY M 42 25.97 42.93 57.86
C GLY M 42 26.73 41.62 57.96
N GLY M 43 27.98 41.63 57.55
CA GLY M 43 28.72 40.39 57.47
C GLY M 43 28.72 39.76 56.09
N VAL M 44 29.15 40.52 55.09
CA VAL M 44 29.33 40.01 53.74
C VAL M 44 30.82 40.10 53.39
N LYS M 45 31.43 38.95 53.12
CA LYS M 45 32.87 38.91 52.88
C LYS M 45 33.25 39.47 51.53
N ARG M 46 32.50 39.15 50.49
CA ARG M 46 32.86 39.55 49.14
C ARG M 46 31.66 40.20 48.47
N ILE M 47 31.87 41.33 47.83
CA ILE M 47 30.80 42.17 47.32
C ILE M 47 30.90 42.20 45.80
N SER M 48 29.75 42.13 45.13
CA SER M 48 29.71 42.11 43.68
C SER M 48 29.83 43.52 43.12
N GLY M 49 30.16 43.60 41.83
CA GLY M 49 30.30 44.90 41.21
C GLY M 49 28.98 45.58 40.90
N LEU M 50 27.87 44.86 40.96
CA LEU M 50 26.59 45.39 40.51
C LEU M 50 25.62 45.61 41.65
N ILE M 51 25.98 45.28 42.89
CA ILE M 51 25.05 45.48 43.98
C ILE M 51 24.77 46.95 44.20
N TYR M 52 25.75 47.83 43.92
CA TYR M 52 25.65 49.22 44.32
C TYR M 52 24.46 49.90 43.67
N GLU M 53 24.29 49.69 42.37
CA GLU M 53 23.19 50.35 41.67
C GLU M 53 21.84 49.74 42.02
N GLU M 54 21.83 48.62 42.75
CA GLU M 54 20.56 47.98 43.06
C GLU M 54 19.99 48.50 44.37
N THR M 55 20.80 48.50 45.43
CA THR M 55 20.32 49.03 46.70
C THR M 55 19.94 50.49 46.59
N ARG M 56 20.70 51.26 45.79
CA ARG M 56 20.33 52.65 45.59
C ARG M 56 18.90 52.76 45.07
N GLY M 57 18.44 51.74 44.35
CA GLY M 57 17.01 51.62 44.11
C GLY M 57 16.24 51.25 45.35
N VAL M 58 16.72 50.22 46.07
CA VAL M 58 15.99 49.77 47.25
C VAL M 58 15.99 50.84 48.32
N LEU M 59 17.14 51.46 48.56
CA LEU M 59 17.25 52.42 49.64
C LEU M 59 16.31 53.59 49.43
N LYS M 60 16.24 54.09 48.19
CA LYS M 60 15.36 55.21 47.91
C LYS M 60 13.90 54.81 48.01
N VAL M 61 13.55 53.60 47.59
CA VAL M 61 12.15 53.17 47.63
C VAL M 61 11.63 53.15 49.06
N PHE M 62 12.43 52.59 49.97
CA PHE M 62 12.02 52.60 51.38
C PHE M 62 11.88 54.02 51.90
N LEU M 63 12.84 54.88 51.58
CA LEU M 63 12.78 56.25 52.07
C LEU M 63 11.52 56.96 51.59
N GLU M 64 11.02 56.58 50.42
CA GLU M 64 9.76 57.17 49.96
C GLU M 64 8.63 56.83 50.92
N ASN M 65 8.51 55.56 51.29
CA ASN M 65 7.37 55.15 52.09
C ASN M 65 7.50 55.55 53.56
N VAL M 66 8.59 56.19 53.94
CA VAL M 66 8.65 56.74 55.29
C VAL M 66 8.42 58.24 55.29
N ILE M 67 9.09 58.98 54.42
CA ILE M 67 8.83 60.41 54.35
C ILE M 67 7.38 60.69 53.95
N ARG M 68 6.88 59.99 52.93
CA ARG M 68 5.52 60.23 52.47
C ARG M 68 4.50 59.99 53.57
N ASP M 69 4.79 59.09 54.49
CA ASP M 69 3.98 59.01 55.69
C ASP M 69 4.41 60.07 56.69
N ALA M 70 5.71 60.40 56.71
CA ALA M 70 6.17 61.41 57.64
C ALA M 70 5.57 62.77 57.32
N VAL M 71 5.63 63.16 56.05
CA VAL M 71 5.13 64.48 55.67
C VAL M 71 3.64 64.58 55.93
N THR M 72 2.90 63.51 55.65
CA THR M 72 1.45 63.55 55.77
C THR M 72 1.02 63.87 57.20
N TYR M 73 1.85 63.53 58.18
CA TYR M 73 1.56 63.99 59.54
C TYR M 73 1.70 65.50 59.64
N THR M 74 2.82 66.04 59.16
CA THR M 74 3.07 67.47 59.28
C THR M 74 2.04 68.30 58.55
N GLU M 75 1.69 67.89 57.32
CA GLU M 75 0.68 68.64 56.57
C GLU M 75 -0.62 68.71 57.34
N HIS M 76 -0.98 67.62 58.02
CA HIS M 76 -2.21 67.61 58.80
C HIS M 76 -2.15 68.62 59.94
N ALA M 77 -1.09 68.58 60.72
CA ALA M 77 -1.05 69.49 61.85
C ALA M 77 -0.63 70.86 61.47
N LYS M 78 -0.69 71.16 60.18
CA LYS M 78 -0.47 72.50 59.63
C LYS M 78 0.93 73.02 59.90
N ARG M 79 1.85 72.16 60.28
CA ARG M 79 3.23 72.60 60.47
C ARG M 79 3.89 72.80 59.12
N LYS M 80 5.14 73.25 59.14
CA LYS M 80 5.99 73.21 57.97
C LYS M 80 7.31 72.51 58.27
N THR M 81 7.42 71.86 59.42
CA THR M 81 8.62 71.14 59.82
C THR M 81 8.25 69.71 60.16
N VAL M 82 9.09 68.77 59.77
CA VAL M 82 8.93 67.40 60.22
C VAL M 82 9.71 67.25 61.52
N THR M 83 9.04 66.83 62.57
CA THR M 83 9.72 66.65 63.84
C THR M 83 9.97 65.17 64.10
N ALA M 84 11.03 64.89 64.84
CA ALA M 84 11.34 63.50 65.15
C ALA M 84 10.15 62.82 65.80
N MET M 85 9.36 63.58 66.55
CA MET M 85 8.12 63.05 67.12
C MET M 85 7.13 62.65 66.04
N ASP M 86 7.48 62.80 64.76
CA ASP M 86 6.65 62.34 63.67
C ASP M 86 7.32 61.26 62.83
N VAL M 87 8.60 61.43 62.49
CA VAL M 87 9.29 60.35 61.80
C VAL M 87 9.26 59.09 62.65
N VAL M 88 9.23 59.24 63.96
CA VAL M 88 8.98 58.08 64.81
C VAL M 88 7.56 57.56 64.61
N TYR M 89 6.58 58.46 64.50
CA TYR M 89 5.19 58.04 64.35
C TYR M 89 4.88 57.54 62.96
N ALA M 90 5.61 57.97 61.94
CA ALA M 90 5.47 57.35 60.64
C ALA M 90 6.07 55.95 60.65
N LEU M 91 7.25 55.80 61.25
CA LEU M 91 7.91 54.51 61.28
C LEU M 91 7.08 53.49 62.06
N LYS M 92 6.46 53.92 63.15
CA LYS M 92 5.69 52.99 63.96
C LYS M 92 4.63 52.28 63.12
N ARG M 93 4.13 52.92 62.09
CA ARG M 93 3.16 52.28 61.21
C ARG M 93 3.76 51.06 60.54
N GLN M 94 5.00 51.17 60.05
CA GLN M 94 5.60 50.13 59.25
C GLN M 94 6.36 49.12 60.11
N GLY M 95 5.97 48.94 61.36
CA GLY M 95 6.61 47.96 62.21
C GLY M 95 7.89 48.46 62.83
N ARG M 96 8.65 49.26 62.10
CA ARG M 96 9.96 49.65 62.59
C ARG M 96 9.86 50.77 63.61
N THR M 97 9.17 50.55 64.71
CA THR M 97 9.17 51.52 65.78
C THR M 97 10.61 51.84 66.17
N LEU M 98 10.84 53.06 66.63
CA LEU M 98 12.21 53.54 66.75
C LEU M 98 12.39 54.13 68.13
N TYR M 99 12.84 53.32 69.07
CA TYR M 99 13.05 53.81 70.42
C TYR M 99 14.11 54.88 70.41
N GLY M 100 14.07 55.74 71.43
CA GLY M 100 15.14 56.68 71.64
C GLY M 100 14.97 58.03 70.98
N PHE M 101 13.78 58.38 70.55
CA PHE M 101 13.52 59.74 70.08
C PHE M 101 12.22 60.26 70.67
N GLY M 102 11.40 59.36 71.17
CA GLY M 102 10.12 59.81 71.69
C GLY M 102 9.35 58.69 72.33
N GLY M 103 8.16 59.05 72.79
CA GLY M 103 7.31 58.14 73.55
C GLY M 103 6.66 58.89 74.69
N LYS N 4 2.13 -23.15 -50.33
CA LYS N 4 2.73 -22.58 -51.54
C LYS N 4 4.11 -22.01 -51.24
N GLU N 5 4.93 -21.88 -52.29
CA GLU N 5 6.27 -21.34 -52.11
C GLU N 5 6.24 -19.88 -51.70
N ALA N 6 5.26 -19.12 -52.18
CA ALA N 6 5.14 -17.72 -51.77
C ALA N 6 4.88 -17.61 -50.28
N ALA N 7 3.98 -18.46 -49.76
CA ALA N 7 3.75 -18.47 -48.31
C ALA N 7 4.95 -19.03 -47.56
N PHE N 8 5.62 -20.03 -48.11
CA PHE N 8 6.79 -20.60 -47.44
C PHE N 8 7.90 -19.57 -47.30
N ASP N 9 8.20 -18.84 -48.37
CA ASP N 9 9.27 -17.85 -48.31
C ASP N 9 8.90 -16.68 -47.41
N ASP N 10 7.60 -16.37 -47.29
CA ASP N 10 7.18 -15.33 -46.35
C ASP N 10 7.49 -15.73 -44.91
N ALA N 11 7.27 -17.00 -44.57
CA ALA N 11 7.61 -17.49 -43.24
C ALA N 11 9.11 -17.42 -42.99
N VAL N 12 9.91 -17.72 -44.02
CA VAL N 12 11.36 -17.60 -43.90
C VAL N 12 11.75 -16.15 -43.65
N GLU N 13 11.07 -15.23 -44.34
CA GLU N 13 11.35 -13.80 -44.16
C GLU N 13 11.09 -13.36 -42.72
N GLU N 14 10.09 -13.96 -42.06
CA GLU N 14 9.79 -13.57 -40.69
C GLU N 14 10.98 -13.83 -39.77
N ARG N 15 11.66 -14.97 -39.95
CA ARG N 15 12.90 -15.20 -39.23
C ARG N 15 13.95 -14.17 -39.62
N VAL N 16 14.03 -13.86 -40.92
CA VAL N 16 15.00 -12.88 -41.39
C VAL N 16 14.68 -11.50 -40.83
N ILE N 17 13.40 -11.11 -40.86
CA ILE N 17 13.00 -9.81 -40.33
C ILE N 17 13.33 -9.73 -38.84
N ASN N 18 13.09 -10.81 -38.11
CA ASN N 18 13.45 -10.85 -36.69
C ASN N 18 14.96 -10.68 -36.52
N GLU N 19 15.74 -11.32 -37.39
CA GLU N 19 17.20 -11.17 -37.33
C GLU N 19 17.63 -9.75 -37.68
N GLU N 20 16.91 -9.08 -38.59
CA GLU N 20 17.24 -7.70 -38.92
C GLU N 20 17.09 -6.80 -37.71
N TYR N 21 16.03 -6.98 -36.93
CA TYR N 21 15.84 -6.18 -35.72
C TYR N 21 16.94 -6.48 -34.71
N LYS N 22 17.35 -7.75 -34.59
CA LYS N 22 18.40 -8.10 -33.64
C LYS N 22 19.72 -7.43 -34.00
N ILE N 23 20.05 -7.40 -35.29
CA ILE N 23 21.30 -6.79 -35.72
C ILE N 23 21.29 -5.29 -35.44
N TRP N 24 20.17 -4.63 -35.77
CA TRP N 24 20.08 -3.19 -35.55
C TRP N 24 20.13 -2.84 -34.07
N LYS N 25 19.37 -3.56 -33.25
CA LYS N 25 19.25 -3.21 -31.84
C LYS N 25 20.59 -3.32 -31.12
N LYS N 26 21.37 -4.36 -31.45
CA LYS N 26 22.70 -4.51 -30.86
C LYS N 26 23.61 -3.36 -31.28
N ASN N 27 23.55 -2.96 -32.54
CA ASN N 27 24.43 -1.90 -33.04
C ASN N 27 23.86 -0.51 -32.80
N THR N 28 22.61 -0.42 -32.35
CA THR N 28 21.96 0.88 -32.13
C THR N 28 22.65 1.75 -31.10
N PRO N 29 23.03 1.27 -29.91
CA PRO N 29 23.63 2.18 -28.92
C PRO N 29 24.92 2.82 -29.36
N PHE N 30 25.65 2.20 -30.30
CA PHE N 30 26.93 2.71 -30.76
C PHE N 30 26.84 3.47 -32.08
N LEU N 31 25.65 3.58 -32.67
CA LEU N 31 25.43 4.40 -33.85
C LEU N 31 24.39 5.50 -33.63
N TYR N 32 23.50 5.33 -32.65
CA TYR N 32 22.48 6.32 -32.34
C TYR N 32 22.74 6.88 -30.94
N ASP N 33 22.61 8.20 -30.81
CA ASP N 33 22.85 8.87 -29.54
C ASP N 33 21.61 8.91 -28.64
N LEU N 34 20.47 8.45 -29.12
CA LEU N 34 19.25 8.44 -28.33
C LEU N 34 18.37 7.28 -28.75
N VAL N 35 17.85 6.55 -27.76
CA VAL N 35 16.95 5.43 -28.00
C VAL N 35 15.71 5.60 -27.15
N MET N 36 14.54 5.57 -27.79
CA MET N 36 13.27 5.77 -27.09
C MET N 36 12.17 5.08 -27.91
N THR N 37 11.73 3.91 -27.43
CA THR N 37 10.72 3.11 -28.12
C THR N 37 9.48 2.95 -27.24
N HIS N 38 8.31 3.14 -27.87
CA HIS N 38 7.02 3.00 -27.20
C HIS N 38 6.08 2.20 -28.08
N ALA N 39 5.36 1.25 -27.48
CA ALA N 39 4.41 0.42 -28.21
C ALA N 39 3.00 0.89 -27.89
N LEU N 40 2.21 1.14 -28.94
CA LEU N 40 0.82 1.56 -28.75
C LEU N 40 -0.10 0.35 -28.69
N GLU N 41 -1.28 0.54 -28.11
CA GLU N 41 -2.28 -0.52 -28.09
C GLU N 41 -2.99 -0.66 -29.43
N TRP N 42 -3.13 0.42 -30.19
CA TRP N 42 -3.80 0.40 -31.48
C TRP N 42 -3.03 1.25 -32.47
N PRO N 43 -3.03 0.89 -33.74
CA PRO N 43 -2.27 1.66 -34.74
C PRO N 43 -2.84 3.06 -34.94
N SER N 44 -1.93 3.99 -35.23
CA SER N 44 -2.29 5.35 -35.63
C SER N 44 -1.61 5.64 -36.96
N LEU N 45 -2.42 5.96 -37.98
CA LEU N 45 -1.86 6.16 -39.32
C LEU N 45 -0.94 7.36 -39.39
N THR N 46 -1.30 8.46 -38.71
CA THR N 46 -0.53 9.69 -38.75
C THR N 46 -0.21 10.16 -37.34
N ALA N 47 0.94 10.81 -37.20
CA ALA N 47 1.36 11.41 -35.94
C ALA N 47 2.12 12.69 -36.23
N GLN N 48 2.05 13.63 -35.29
CA GLN N 48 2.72 14.91 -35.46
C GLN N 48 2.99 15.54 -34.11
N TRP N 49 4.15 16.18 -34.00
CA TRP N 49 4.51 16.91 -32.79
C TRP N 49 3.78 18.24 -32.73
N LEU N 50 3.28 18.59 -31.54
CA LEU N 50 2.69 19.91 -31.36
C LEU N 50 3.77 20.97 -31.39
N PRO N 51 3.51 22.12 -32.03
CA PRO N 51 4.58 23.11 -32.22
C PRO N 51 5.16 23.68 -30.94
N ASP N 52 4.37 23.79 -29.88
CA ASP N 52 4.82 24.40 -28.63
C ASP N 52 5.41 23.35 -27.71
N VAL N 53 6.64 23.59 -27.26
CA VAL N 53 7.36 22.65 -26.40
C VAL N 53 7.93 23.42 -25.22
N THR N 54 7.84 22.81 -24.04
CA THR N 54 8.34 23.41 -22.81
C THR N 54 9.43 22.53 -22.22
N ARG N 55 10.53 23.16 -21.82
CA ARG N 55 11.64 22.47 -21.17
C ARG N 55 11.65 22.79 -19.69
N PRO N 56 11.43 21.82 -18.81
CA PRO N 56 11.43 22.12 -17.37
C PRO N 56 12.81 22.58 -16.89
N GLU N 57 12.80 23.51 -15.95
CA GLU N 57 14.05 24.04 -15.41
C GLU N 57 14.71 23.00 -14.51
N GLY N 58 16.02 22.83 -14.68
CA GLY N 58 16.78 21.88 -13.89
C GLY N 58 16.48 20.43 -14.16
N LYS N 59 15.67 20.12 -15.17
CA LYS N 59 15.30 18.76 -15.50
C LYS N 59 15.65 18.50 -16.96
N ASP N 60 16.43 17.44 -17.20
CA ASP N 60 16.85 17.14 -18.57
C ASP N 60 15.67 16.68 -19.42
N PHE N 61 14.73 15.94 -18.83
CA PHE N 61 13.62 15.40 -19.61
C PHE N 61 12.68 16.51 -20.04
N SER N 62 12.82 16.94 -21.30
CA SER N 62 11.98 18.01 -21.82
C SER N 62 10.56 17.51 -22.05
N ILE N 63 9.59 18.37 -21.76
CA ILE N 63 8.18 18.01 -21.87
C ILE N 63 7.78 18.17 -23.34
N HIS N 64 7.60 17.05 -24.02
CA HIS N 64 7.13 17.02 -25.41
C HIS N 64 5.85 16.20 -25.48
N ARG N 65 5.02 16.49 -26.48
CA ARG N 65 3.77 15.78 -26.66
C ARG N 65 3.45 15.62 -28.13
N LEU N 66 2.70 14.55 -28.44
CA LEU N 66 2.43 14.14 -29.81
C LEU N 66 0.93 14.05 -30.05
N VAL N 67 0.52 14.28 -31.28
CA VAL N 67 -0.87 14.12 -31.71
C VAL N 67 -0.95 12.91 -32.62
N LEU N 68 -1.88 12.01 -32.31
CA LEU N 68 -2.01 10.76 -33.05
C LEU N 68 -3.49 10.41 -33.23
N GLY N 69 -3.74 9.46 -34.11
CA GLY N 69 -5.06 8.92 -34.34
C GLY N 69 -5.19 7.52 -33.79
N THR N 70 -6.15 6.76 -34.33
CA THR N 70 -6.33 5.38 -33.93
C THR N 70 -6.93 4.59 -35.08
N HIS N 71 -6.43 3.36 -35.25
CA HIS N 71 -6.99 2.40 -36.18
C HIS N 71 -7.27 1.11 -35.42
N THR N 72 -8.33 0.41 -35.82
CA THR N 72 -8.74 -0.79 -35.12
C THR N 72 -9.46 -1.72 -36.08
N SER N 73 -9.64 -2.97 -35.65
CA SER N 73 -10.33 -3.95 -36.48
C SER N 73 -11.83 -3.67 -36.56
N ASP N 74 -12.51 -3.68 -35.42
CA ASP N 74 -13.95 -3.41 -35.40
C ASP N 74 -14.34 -2.60 -34.18
N GLU N 75 -13.35 -2.17 -33.40
CA GLU N 75 -13.60 -1.51 -32.12
C GLU N 75 -13.78 -0.01 -32.34
N GLN N 76 -13.75 0.76 -31.26
CA GLN N 76 -13.89 2.20 -31.35
C GLN N 76 -12.52 2.86 -31.48
N ASN N 77 -12.39 3.79 -32.41
CA ASN N 77 -11.16 4.55 -32.61
C ASN N 77 -11.24 5.89 -31.89
N HIS N 78 -10.08 6.39 -31.46
CA HIS N 78 -10.02 7.60 -30.67
C HIS N 78 -8.94 8.54 -31.21
N LEU N 79 -9.19 9.84 -31.05
CA LEU N 79 -8.19 10.84 -31.36
C LEU N 79 -7.33 11.07 -30.11
N VAL N 80 -6.06 10.70 -30.20
CA VAL N 80 -5.21 10.56 -29.02
C VAL N 80 -4.05 11.54 -29.09
N ILE N 81 -3.78 12.20 -27.96
CA ILE N 81 -2.61 13.04 -27.77
C ILE N 81 -1.81 12.47 -26.61
N ALA N 82 -0.53 12.19 -26.84
CA ALA N 82 0.34 11.60 -25.84
C ALA N 82 1.56 12.48 -25.63
N SER N 83 2.06 12.50 -24.39
CA SER N 83 3.20 13.32 -24.02
C SER N 83 4.37 12.43 -23.63
N VAL N 84 5.57 12.90 -23.95
CA VAL N 84 6.80 12.14 -23.73
C VAL N 84 7.87 13.08 -23.18
N GLN N 85 8.67 12.57 -22.25
CA GLN N 85 9.77 13.32 -21.65
C GLN N 85 11.08 12.81 -22.25
N LEU N 86 11.85 13.73 -22.83
CA LEU N 86 13.10 13.35 -23.48
C LEU N 86 14.26 14.16 -22.89
N PRO N 87 15.40 13.51 -22.63
CA PRO N 87 16.49 14.19 -21.94
C PRO N 87 17.15 15.28 -22.79
N ASN N 88 17.05 16.52 -22.32
CA ASN N 88 17.73 17.62 -23.01
C ASN N 88 19.22 17.62 -22.72
N ASP N 89 19.63 17.05 -21.59
CA ASP N 89 21.03 16.98 -21.20
C ASP N 89 21.47 15.52 -21.17
N ASP N 90 22.61 15.22 -21.78
CA ASP N 90 23.10 13.85 -21.84
C ASP N 90 23.99 13.49 -20.67
N ALA N 91 24.59 14.48 -19.99
CA ALA N 91 25.52 14.20 -18.91
C ALA N 91 24.85 13.55 -17.71
N GLN N 92 23.52 13.64 -17.60
CA GLN N 92 22.79 13.06 -16.48
C GLN N 92 22.41 11.62 -16.83
N PHE N 93 23.08 10.67 -16.20
CA PHE N 93 22.77 9.25 -16.39
C PHE N 93 21.56 8.87 -15.54
N GLY N 106 15.61 5.75 -13.60
CA GLY N 106 16.03 4.67 -14.48
C GLY N 106 17.45 4.84 -14.98
N GLY N 107 17.63 4.65 -16.29
CA GLY N 107 18.94 4.78 -16.88
C GLY N 107 19.36 6.21 -17.15
N PHE N 108 18.37 7.10 -17.32
CA PHE N 108 18.63 8.52 -17.53
C PHE N 108 17.90 9.39 -16.53
N GLY N 109 16.67 9.03 -16.15
CA GLY N 109 15.91 9.82 -15.21
C GLY N 109 15.31 9.01 -14.09
N SER N 110 14.11 9.39 -13.65
CA SER N 110 13.44 8.65 -12.58
C SER N 110 12.93 7.31 -13.10
N VAL N 111 12.62 6.42 -12.16
CA VAL N 111 12.12 5.09 -12.50
C VAL N 111 10.60 5.16 -12.67
N SER N 112 10.04 6.37 -12.60
CA SER N 112 8.61 6.56 -12.73
C SER N 112 8.13 6.57 -14.17
N GLY N 113 9.04 6.52 -15.14
CA GLY N 113 8.67 6.59 -16.54
C GLY N 113 8.68 8.01 -17.07
N LYS N 114 8.79 8.11 -18.41
CA LYS N 114 8.87 9.42 -19.05
C LYS N 114 7.98 9.53 -20.29
N ILE N 115 6.94 8.71 -20.38
CA ILE N 115 6.00 8.78 -21.50
C ILE N 115 4.64 8.30 -21.01
N GLU N 116 3.58 8.93 -21.50
CA GLU N 116 2.25 8.67 -20.98
C GLU N 116 1.21 9.11 -22.00
N ILE N 117 -0.05 8.85 -21.68
CA ILE N 117 -1.19 9.17 -22.53
C ILE N 117 -2.12 10.08 -21.73
N GLU N 118 -2.66 11.11 -22.38
CA GLU N 118 -3.49 12.10 -21.69
C GLU N 118 -4.82 12.40 -22.36
N ILE N 119 -4.91 12.28 -23.69
CA ILE N 119 -6.08 12.74 -24.43
C ILE N 119 -6.61 11.60 -25.29
N LYS N 120 -7.93 11.42 -25.26
CA LYS N 120 -8.63 10.52 -26.17
C LYS N 120 -9.99 11.10 -26.51
N ILE N 121 -10.31 11.15 -27.80
CA ILE N 121 -11.58 11.67 -28.29
C ILE N 121 -12.09 10.72 -29.36
N ASN N 122 -13.37 10.36 -29.27
CA ASN N 122 -13.94 9.35 -30.17
C ASN N 122 -13.72 9.72 -31.63
N HIS N 123 -13.31 8.72 -32.42
CA HIS N 123 -12.93 8.91 -33.81
C HIS N 123 -13.72 7.97 -34.70
N GLU N 124 -13.96 8.40 -35.93
CA GLU N 124 -14.70 7.62 -36.92
C GLU N 124 -13.70 7.02 -37.91
N GLY N 125 -13.77 5.70 -38.07
CA GLY N 125 -12.86 5.04 -38.99
C GLY N 125 -11.41 5.17 -38.54
N GLU N 126 -10.55 5.55 -39.48
CA GLU N 126 -9.13 5.70 -39.21
C GLU N 126 -8.66 7.05 -39.74
N VAL N 127 -7.65 7.61 -39.09
CA VAL N 127 -7.15 8.93 -39.45
C VAL N 127 -6.33 8.85 -40.72
N ASN N 128 -6.94 9.21 -41.85
CA ASN N 128 -6.20 9.27 -43.10
C ASN N 128 -5.11 10.33 -43.04
N ARG N 129 -5.41 11.50 -42.48
CA ARG N 129 -4.45 12.57 -42.34
C ARG N 129 -4.96 13.55 -41.29
N ALA N 130 -4.05 14.03 -40.44
CA ALA N 130 -4.41 14.98 -39.40
C ALA N 130 -3.27 15.98 -39.21
N ARG N 131 -3.62 17.27 -39.20
CA ARG N 131 -2.65 18.33 -39.00
C ARG N 131 -3.32 19.47 -38.24
N TYR N 132 -2.51 20.30 -37.60
CA TYR N 132 -3.01 21.41 -36.82
C TYR N 132 -2.82 22.72 -37.58
N MET N 133 -3.69 23.68 -37.28
CA MET N 133 -3.61 25.00 -37.85
C MET N 133 -2.37 25.71 -37.35
N PRO N 134 -1.50 26.23 -38.22
CA PRO N 134 -0.31 26.95 -37.73
C PRO N 134 -0.66 28.20 -36.94
N GLN N 135 -1.75 28.89 -37.31
CA GLN N 135 -2.17 30.08 -36.58
C GLN N 135 -2.96 29.73 -35.32
N ASN N 136 -3.38 28.47 -35.18
CA ASN N 136 -4.11 28.01 -33.99
C ASN N 136 -3.91 26.51 -33.85
N PRO N 137 -2.81 26.11 -33.19
CA PRO N 137 -2.53 24.66 -33.08
C PRO N 137 -3.58 23.90 -32.30
N CYS N 138 -4.41 24.57 -31.50
CA CYS N 138 -5.44 23.88 -30.74
C CYS N 138 -6.49 23.24 -31.65
N ILE N 139 -6.63 23.76 -32.86
CA ILE N 139 -7.63 23.26 -33.82
C ILE N 139 -6.92 22.40 -34.85
N ILE N 140 -7.43 21.20 -35.08
CA ILE N 140 -6.86 20.26 -36.03
C ILE N 140 -7.96 19.76 -36.96
N ALA N 141 -7.57 19.29 -38.13
CA ALA N 141 -8.48 18.69 -39.09
C ALA N 141 -8.04 17.25 -39.36
N THR N 142 -9.00 16.32 -39.33
CA THR N 142 -8.72 14.90 -39.43
C THR N 142 -9.40 14.33 -40.67
N LYS N 143 -8.62 13.69 -41.54
CA LYS N 143 -9.16 13.00 -42.69
C LYS N 143 -9.63 11.60 -42.28
N THR N 144 -10.75 11.18 -42.83
CA THR N 144 -11.40 9.93 -42.43
C THR N 144 -11.81 9.17 -43.68
N PRO N 145 -12.07 7.87 -43.55
CA PRO N 145 -12.70 7.15 -44.67
C PRO N 145 -14.05 7.72 -45.05
N SER N 146 -14.76 8.35 -44.11
CA SER N 146 -15.95 9.11 -44.45
C SER N 146 -15.56 10.41 -45.14
N SER N 147 -16.48 10.94 -45.94
CA SER N 147 -16.18 12.09 -46.79
C SER N 147 -15.95 13.37 -45.98
N ASP N 148 -16.45 13.45 -44.76
CA ASP N 148 -16.34 14.67 -43.97
C ASP N 148 -15.01 14.70 -43.25
N VAL N 149 -14.29 15.82 -43.36
CA VAL N 149 -13.01 16.00 -42.68
C VAL N 149 -13.30 16.46 -41.25
N LEU N 150 -13.11 15.57 -40.28
CA LEU N 150 -13.43 15.87 -38.89
C LEU N 150 -12.47 16.92 -38.36
N VAL N 151 -13.01 17.92 -37.66
CA VAL N 151 -12.22 18.99 -37.05
C VAL N 151 -12.46 18.97 -35.55
N PHE N 152 -11.37 18.98 -34.79
CA PHE N 152 -11.44 18.95 -33.33
C PHE N 152 -10.60 20.07 -32.73
N ASP N 153 -11.00 20.50 -31.54
CA ASP N 153 -10.23 21.41 -30.71
C ASP N 153 -10.10 20.74 -29.34
N TYR N 154 -8.92 20.16 -29.07
CA TYR N 154 -8.71 19.39 -27.86
C TYR N 154 -8.86 20.22 -26.59
N THR N 155 -8.68 21.55 -26.67
CA THR N 155 -8.95 22.39 -25.51
C THR N 155 -10.43 22.41 -25.16
N LYS N 156 -11.31 22.49 -26.16
CA LYS N 156 -12.74 22.49 -25.92
C LYS N 156 -13.24 21.11 -25.49
N HIS N 157 -12.80 20.06 -26.17
CA HIS N 157 -13.29 18.73 -25.89
C HIS N 157 -12.63 18.17 -24.63
N PRO N 158 -13.31 17.29 -23.89
CA PRO N 158 -12.71 16.71 -22.69
C PRO N 158 -11.55 15.80 -23.04
N SER N 159 -10.57 15.74 -22.13
CA SER N 159 -9.42 14.87 -22.33
C SER N 159 -9.81 13.40 -22.25
N LYS N 160 -10.58 13.03 -21.24
CA LYS N 160 -10.98 11.64 -21.07
C LYS N 160 -11.95 11.24 -22.19
N PRO N 161 -11.74 10.08 -22.80
CA PRO N 161 -12.67 9.64 -23.86
C PRO N 161 -14.07 9.41 -23.32
N ASP N 162 -15.06 9.72 -24.16
CA ASP N 162 -16.45 9.59 -23.78
C ASP N 162 -16.96 8.21 -24.14
N PRO N 163 -17.36 7.38 -23.17
CA PRO N 163 -17.85 6.03 -23.50
C PRO N 163 -19.22 6.01 -24.15
N SER N 164 -19.88 7.16 -24.32
CA SER N 164 -21.19 7.18 -24.95
C SER N 164 -21.10 6.79 -26.43
N GLY N 165 -19.91 6.87 -27.02
CA GLY N 165 -19.72 6.56 -28.41
C GLY N 165 -19.99 7.70 -29.37
N GLU N 166 -20.68 8.75 -28.91
CA GLU N 166 -20.93 9.90 -29.76
C GLU N 166 -19.63 10.68 -29.95
N CYS N 167 -19.46 11.18 -31.18
CA CYS N 167 -18.30 11.99 -31.51
C CYS N 167 -18.75 13.42 -31.76
N ASN N 168 -17.84 14.37 -31.52
CA ASN N 168 -18.10 15.79 -31.73
C ASN N 168 -16.97 16.39 -32.57
N PRO N 169 -16.93 16.08 -33.88
CA PRO N 169 -16.03 16.78 -34.80
C PRO N 169 -16.59 18.14 -35.21
N ASP N 170 -16.58 19.08 -34.26
CA ASP N 170 -17.19 20.38 -34.47
C ASP N 170 -16.53 21.12 -35.62
N LEU N 171 -17.34 21.77 -36.45
CA LEU N 171 -16.87 22.51 -37.62
C LEU N 171 -16.14 21.61 -38.61
N ARG N 172 -16.68 20.43 -38.89
CA ARG N 172 -16.04 19.56 -39.87
C ARG N 172 -16.19 20.16 -41.27
N LEU N 173 -15.44 19.58 -42.20
CA LEU N 173 -15.38 20.05 -43.58
C LEU N 173 -16.07 19.08 -44.52
N ARG N 174 -16.96 19.60 -45.36
CA ARG N 174 -17.60 18.87 -46.42
C ARG N 174 -17.17 19.46 -47.77
N GLY N 175 -17.34 18.68 -48.83
CA GLY N 175 -16.96 19.12 -50.16
C GLY N 175 -16.36 18.00 -50.98
N HIS N 176 -15.69 17.07 -50.32
CA HIS N 176 -15.23 15.87 -50.99
C HIS N 176 -16.33 14.82 -50.98
N GLN N 177 -16.60 14.24 -52.15
CA GLN N 177 -17.64 13.20 -52.25
C GLN N 177 -17.22 11.90 -51.61
N LYS N 178 -15.96 11.50 -51.76
CA LYS N 178 -15.42 10.32 -51.10
C LYS N 178 -14.12 10.69 -50.38
N GLU N 179 -13.53 9.69 -49.73
CA GLU N 179 -12.34 9.91 -48.92
C GLU N 179 -11.11 10.10 -49.81
N GLY N 180 -9.98 10.34 -49.15
CA GLY N 180 -8.73 10.50 -49.86
C GLY N 180 -7.62 10.85 -48.88
N TYR N 181 -6.46 11.14 -49.44
CA TYR N 181 -5.28 11.53 -48.65
C TYR N 181 -4.80 12.89 -49.11
N GLY N 182 -4.21 13.63 -48.18
CA GLY N 182 -3.71 14.96 -48.49
C GLY N 182 -4.31 15.98 -47.56
N LEU N 183 -3.43 16.73 -46.89
CA LEU N 183 -3.86 17.75 -45.94
C LEU N 183 -2.74 18.77 -45.81
N SER N 184 -3.09 20.05 -45.92
CA SER N 184 -2.09 21.11 -45.85
C SER N 184 -2.76 22.41 -45.45
N TRP N 185 -2.40 22.95 -44.29
CA TRP N 185 -2.90 24.24 -43.86
C TRP N 185 -2.16 25.37 -44.59
N ASN N 186 -2.83 26.49 -44.76
CA ASN N 186 -2.17 27.67 -45.31
C ASN N 186 -1.28 28.30 -44.23
N PRO N 187 0.02 28.48 -44.49
CA PRO N 187 0.87 29.11 -43.47
C PRO N 187 0.55 30.57 -43.25
N ASN N 188 0.03 31.27 -44.25
CA ASN N 188 -0.29 32.69 -44.14
C ASN N 188 -1.78 32.94 -43.91
N LEU N 189 -2.64 32.39 -44.76
CA LEU N 189 -4.08 32.58 -44.62
C LEU N 189 -4.58 31.75 -43.46
N SER N 190 -5.17 32.41 -42.47
CA SER N 190 -5.71 31.70 -41.31
C SER N 190 -6.98 30.96 -41.69
N GLY N 191 -7.04 29.68 -41.33
CA GLY N 191 -8.21 28.88 -41.59
C GLY N 191 -8.35 28.35 -43.00
N HIS N 192 -7.30 28.43 -43.80
CA HIS N 192 -7.33 27.92 -45.17
C HIS N 192 -6.55 26.62 -45.26
N LEU N 193 -7.18 25.61 -45.85
CA LEU N 193 -6.57 24.28 -45.94
C LEU N 193 -6.95 23.63 -47.26
N LEU N 194 -6.00 22.91 -47.83
CA LEU N 194 -6.20 22.14 -49.05
C LEU N 194 -6.29 20.66 -48.72
N SER N 195 -7.24 19.97 -49.35
CA SER N 195 -7.39 18.54 -49.16
C SER N 195 -7.62 17.88 -50.51
N ALA N 196 -7.26 16.60 -50.59
CA ALA N 196 -7.40 15.81 -51.81
C ALA N 196 -8.22 14.57 -51.49
N SER N 197 -8.80 13.99 -52.54
CA SER N 197 -9.66 12.83 -52.37
C SER N 197 -9.61 12.00 -53.64
N ASP N 198 -10.36 10.91 -53.63
CA ASP N 198 -10.43 10.00 -54.78
C ASP N 198 -11.34 10.59 -55.85
N ASP N 199 -11.97 11.72 -55.54
CA ASP N 199 -12.87 12.41 -56.46
C ASP N 199 -12.14 13.09 -57.61
N HIS N 200 -10.81 12.96 -57.68
CA HIS N 200 -9.98 13.66 -58.64
C HIS N 200 -10.12 15.19 -58.51
N THR N 201 -10.54 15.64 -57.33
CA THR N 201 -10.79 17.06 -57.10
C THR N 201 -10.12 17.50 -55.80
N ILE N 202 -9.88 18.81 -55.71
CA ILE N 202 -9.25 19.43 -54.56
C ILE N 202 -10.24 20.40 -53.94
N CYS N 203 -10.45 20.29 -52.62
CA CYS N 203 -11.41 21.12 -51.93
C CYS N 203 -10.71 22.05 -50.96
N LEU N 204 -11.24 23.27 -50.85
CA LEU N 204 -10.68 24.32 -50.03
C LEU N 204 -11.74 24.81 -49.05
N TRP N 205 -11.29 25.21 -47.86
CA TRP N 205 -12.18 25.75 -46.85
C TRP N 205 -11.56 26.99 -46.23
N ASP N 206 -12.41 27.84 -45.67
CA ASP N 206 -12.01 29.06 -44.97
C ASP N 206 -12.62 28.98 -43.57
N ILE N 207 -11.85 28.46 -42.61
CA ILE N 207 -12.33 28.31 -41.24
C ILE N 207 -12.59 29.66 -40.61
N SER N 208 -11.78 30.67 -40.95
CA SER N 208 -11.93 31.99 -40.35
C SER N 208 -13.29 32.62 -40.65
N ALA N 209 -13.89 32.25 -41.79
CA ALA N 209 -15.16 32.84 -42.19
C ALA N 209 -16.36 31.98 -41.83
N VAL N 210 -16.17 30.88 -41.11
CA VAL N 210 -17.27 29.96 -40.80
C VAL N 210 -18.14 30.52 -39.70
N PRO N 211 -19.43 30.76 -39.95
CA PRO N 211 -20.34 31.12 -38.86
C PRO N 211 -20.89 29.90 -38.16
N LYS N 212 -21.83 30.09 -37.23
CA LYS N 212 -22.54 28.95 -36.64
C LYS N 212 -23.53 28.42 -37.69
N GLU N 213 -22.96 27.88 -38.76
CA GLU N 213 -23.74 27.51 -39.94
C GLU N 213 -24.42 26.15 -39.79
N GLY N 214 -23.97 25.30 -38.88
CA GLY N 214 -24.52 23.95 -38.80
C GLY N 214 -23.53 22.84 -38.56
N LYS N 215 -22.31 23.21 -38.15
CA LYS N 215 -21.29 22.30 -37.65
C LYS N 215 -20.69 21.42 -38.74
N VAL N 216 -21.06 21.66 -39.99
CA VAL N 216 -20.52 20.96 -41.15
C VAL N 216 -20.29 22.02 -42.23
N VAL N 217 -19.04 22.28 -42.57
CA VAL N 217 -18.66 23.36 -43.49
C VAL N 217 -18.46 22.77 -44.88
N ASP N 218 -19.06 23.42 -45.87
CA ASP N 218 -18.87 23.02 -47.26
C ASP N 218 -17.57 23.59 -47.81
N ALA N 219 -17.15 23.04 -48.95
CA ALA N 219 -15.89 23.45 -49.56
C ALA N 219 -15.98 24.85 -50.13
N LYS N 220 -14.96 25.66 -49.85
CA LYS N 220 -14.92 27.03 -50.37
C LYS N 220 -14.61 27.06 -51.86
N THR N 221 -13.65 26.26 -52.31
CA THR N 221 -13.30 26.21 -53.72
C THR N 221 -12.93 24.76 -54.08
N ILE N 222 -13.41 24.33 -55.25
CA ILE N 222 -13.16 22.97 -55.73
C ILE N 222 -12.39 23.07 -57.04
N PHE N 223 -11.28 22.33 -57.12
CA PHE N 223 -10.42 22.31 -58.28
C PHE N 223 -10.55 20.95 -58.96
N THR N 224 -10.43 20.93 -60.29
CA THR N 224 -10.61 19.71 -61.07
C THR N 224 -9.47 19.56 -62.08
N GLY N 225 -8.24 19.71 -61.60
CA GLY N 225 -7.09 19.68 -62.50
C GLY N 225 -6.66 18.30 -62.93
N HIS N 226 -6.31 17.43 -61.98
CA HIS N 226 -5.80 16.12 -62.31
C HIS N 226 -6.88 15.26 -62.95
N THR N 227 -6.45 14.36 -63.84
CA THR N 227 -7.33 13.38 -64.46
C THR N 227 -7.39 12.07 -63.68
N ALA N 228 -6.67 11.97 -62.56
CA ALA N 228 -6.63 10.77 -61.76
C ALA N 228 -6.87 11.13 -60.31
N VAL N 229 -6.80 10.12 -59.44
CA VAL N 229 -7.03 10.30 -58.02
C VAL N 229 -5.94 11.19 -57.43
N VAL N 230 -6.33 12.38 -56.97
CA VAL N 230 -5.38 13.29 -56.35
C VAL N 230 -5.11 12.86 -54.91
N GLU N 231 -3.82 12.78 -54.55
CA GLU N 231 -3.42 12.25 -53.26
C GLU N 231 -2.58 13.21 -52.43
N ASP N 232 -2.05 14.29 -53.02
CA ASP N 232 -1.31 15.28 -52.27
C ASP N 232 -1.65 16.67 -52.78
N VAL N 233 -1.56 17.65 -51.87
CA VAL N 233 -1.74 19.06 -52.20
C VAL N 233 -1.17 19.88 -51.04
N SER N 234 -0.48 20.98 -51.36
CA SER N 234 0.18 21.77 -50.34
C SER N 234 0.28 23.23 -50.75
N TRP N 235 0.08 24.13 -49.79
CA TRP N 235 0.33 25.54 -50.03
C TRP N 235 1.83 25.82 -50.04
N HIS N 236 2.19 27.00 -50.55
CA HIS N 236 3.56 27.46 -50.48
C HIS N 236 3.89 27.91 -49.08
N LEU N 237 5.00 27.40 -48.53
CA LEU N 237 5.35 27.67 -47.14
C LEU N 237 5.65 29.15 -46.92
N LEU N 238 5.89 29.92 -47.97
CA LEU N 238 6.12 31.35 -47.88
C LEU N 238 5.07 32.19 -48.58
N HIS N 239 4.30 31.60 -49.49
CA HIS N 239 3.29 32.32 -50.27
C HIS N 239 1.92 31.71 -50.03
N GLU N 240 0.95 32.56 -49.71
CA GLU N 240 -0.42 32.09 -49.55
C GLU N 240 -1.09 31.83 -50.89
N SER N 241 -0.69 32.54 -51.94
CA SER N 241 -1.32 32.40 -53.25
C SER N 241 -0.89 31.14 -53.96
N LEU N 242 0.39 30.75 -53.83
CA LEU N 242 0.93 29.63 -54.57
C LEU N 242 0.64 28.32 -53.84
N PHE N 243 0.20 27.32 -54.60
CA PHE N 243 0.02 25.98 -54.06
C PHE N 243 0.08 24.99 -55.22
N GLY N 244 0.28 23.72 -54.88
CA GLY N 244 0.41 22.69 -55.88
C GLY N 244 -0.11 21.37 -55.37
N SER N 245 -0.41 20.45 -56.30
CA SER N 245 -0.97 19.17 -55.97
C SER N 245 -0.32 18.07 -56.81
N VAL N 246 -0.38 16.84 -56.28
CA VAL N 246 0.17 15.67 -56.94
C VAL N 246 -0.90 14.58 -56.93
N ALA N 247 -0.86 13.70 -57.94
CA ALA N 247 -1.81 12.62 -58.05
C ALA N 247 -1.10 11.36 -58.52
N ASP N 248 -1.89 10.29 -58.70
CA ASP N 248 -1.38 9.02 -59.18
C ASP N 248 -1.15 9.06 -60.68
N ASP N 249 -1.39 10.22 -61.30
CA ASP N 249 -1.11 10.43 -62.71
C ASP N 249 0.39 10.61 -62.94
N GLN N 250 1.18 10.44 -61.87
CA GLN N 250 2.64 10.59 -61.87
C GLN N 250 3.08 11.97 -62.31
N LYS N 251 2.23 12.98 -62.17
CA LYS N 251 2.49 14.32 -62.67
C LYS N 251 1.97 15.35 -61.67
N LEU N 252 2.89 16.01 -60.98
CA LEU N 252 2.54 17.04 -60.01
C LEU N 252 2.02 18.27 -60.73
N MET N 253 1.06 18.94 -60.12
CA MET N 253 0.32 20.02 -60.75
C MET N 253 0.46 21.29 -59.92
N ILE N 254 0.86 22.39 -60.57
CA ILE N 254 1.13 23.66 -59.90
C ILE N 254 -0.05 24.60 -60.12
N TRP N 255 -0.50 25.23 -59.04
CA TRP N 255 -1.65 26.11 -59.07
C TRP N 255 -1.29 27.50 -58.58
N ASP N 256 -2.23 28.43 -58.78
CA ASP N 256 -2.17 29.77 -58.22
C ASP N 256 -3.59 30.24 -57.97
N THR N 257 -3.77 31.05 -56.93
CA THR N 257 -5.10 31.54 -56.60
C THR N 257 -5.59 32.50 -57.67
N ARG N 258 -6.92 32.70 -57.71
CA ARG N 258 -7.63 33.58 -58.63
C ARG N 258 -7.30 33.30 -60.10
N SER N 259 -6.70 32.16 -60.41
CA SER N 259 -6.30 31.85 -61.78
C SER N 259 -7.46 31.34 -62.60
N ASN N 260 -8.56 32.10 -62.63
CA ASN N 260 -9.73 31.79 -63.44
C ASN N 260 -10.24 30.36 -63.19
N ASN N 261 -10.21 29.54 -64.23
CA ASN N 261 -10.71 28.17 -64.13
C ASN N 261 -9.90 27.37 -63.13
N THR N 262 -10.59 26.59 -62.31
CA THR N 262 -9.97 25.69 -61.34
C THR N 262 -9.61 24.34 -61.94
N SER N 263 -9.63 24.21 -63.27
CA SER N 263 -9.28 22.98 -63.95
C SER N 263 -8.00 23.10 -64.78
N LYS N 264 -7.53 24.31 -65.04
CA LYS N 264 -6.32 24.54 -65.79
C LYS N 264 -5.21 25.01 -64.86
N PRO N 265 -4.02 24.43 -64.91
CA PRO N 265 -2.97 24.80 -63.95
C PRO N 265 -2.19 26.01 -64.43
N SER N 266 -1.44 26.59 -63.49
CA SER N 266 -0.42 27.57 -63.86
C SER N 266 0.79 26.87 -64.48
N HIS N 267 1.21 25.75 -63.90
CA HIS N 267 2.33 24.97 -64.43
C HIS N 267 2.08 23.51 -64.09
N SER N 268 2.75 22.62 -64.83
CA SER N 268 2.63 21.19 -64.60
C SER N 268 3.79 20.48 -65.29
N VAL N 269 4.17 19.33 -64.72
CA VAL N 269 5.26 18.52 -65.25
C VAL N 269 5.16 17.13 -64.65
N ASP N 270 5.56 16.12 -65.41
CA ASP N 270 5.59 14.75 -64.92
C ASP N 270 6.72 14.59 -63.91
N ALA N 271 6.47 13.81 -62.85
CA ALA N 271 7.46 13.67 -61.79
C ALA N 271 8.37 12.47 -62.01
N HIS N 272 7.80 11.27 -62.08
CA HIS N 272 8.61 10.07 -62.20
C HIS N 272 7.90 9.05 -63.09
N THR N 273 8.49 7.87 -63.17
CA THR N 273 7.98 6.78 -63.99
C THR N 273 6.90 5.96 -63.30
N ALA N 274 6.65 6.21 -62.01
CA ALA N 274 5.60 5.53 -61.28
C ALA N 274 4.83 6.56 -60.46
N GLU N 275 3.94 6.06 -59.60
CA GLU N 275 3.04 6.93 -58.85
C GLU N 275 3.82 7.85 -57.93
N VAL N 276 3.33 9.07 -57.80
CA VAL N 276 3.92 10.07 -56.90
C VAL N 276 2.81 10.59 -56.00
N ASN N 277 3.03 10.50 -54.68
CA ASN N 277 1.99 10.87 -53.73
C ASN N 277 2.54 11.59 -52.50
N CYS N 278 3.62 12.35 -52.66
CA CYS N 278 4.21 13.08 -51.54
C CYS N 278 4.85 14.36 -52.06
N LEU N 279 4.63 15.46 -51.35
CA LEU N 279 5.15 16.77 -51.72
C LEU N 279 5.69 17.46 -50.47
N SER N 280 6.68 18.34 -50.66
CA SER N 280 7.26 19.07 -49.54
C SER N 280 8.01 20.28 -50.06
N PHE N 281 7.60 21.47 -49.62
CA PHE N 281 8.29 22.70 -49.97
C PHE N 281 9.42 22.99 -48.98
N ASN N 282 10.47 23.64 -49.48
CA ASN N 282 11.56 24.06 -48.62
C ASN N 282 11.12 25.25 -47.78
N PRO N 283 11.19 25.17 -46.45
CA PRO N 283 10.77 26.30 -45.61
C PRO N 283 11.73 27.47 -45.63
N TYR N 284 12.95 27.29 -46.13
CA TYR N 284 13.96 28.34 -46.07
C TYR N 284 14.28 28.88 -47.46
N SER N 285 14.48 27.98 -48.42
CA SER N 285 14.64 28.38 -49.81
C SER N 285 13.28 28.47 -50.47
N GLU N 286 12.98 29.64 -51.04
CA GLU N 286 11.68 29.84 -51.68
C GLU N 286 11.54 29.02 -52.95
N PHE N 287 12.66 28.61 -53.54
CA PHE N 287 12.65 27.99 -54.87
C PHE N 287 12.59 26.47 -54.85
N ILE N 288 12.96 25.82 -53.75
CA ILE N 288 13.26 24.39 -53.76
C ILE N 288 11.99 23.58 -53.48
N LEU N 289 11.73 22.62 -54.38
CA LEU N 289 10.71 21.58 -54.19
C LEU N 289 11.37 20.21 -54.29
N ALA N 290 11.15 19.38 -53.28
CA ALA N 290 11.60 17.99 -53.31
C ALA N 290 10.42 17.05 -53.29
N THR N 291 10.45 16.06 -54.17
CA THR N 291 9.34 15.11 -54.34
C THR N 291 9.89 13.69 -54.37
N GLY N 292 9.30 12.81 -53.58
CA GLY N 292 9.56 11.39 -53.69
C GLY N 292 8.68 10.76 -54.75
N SER N 293 8.74 9.42 -54.81
CA SER N 293 7.93 8.68 -55.77
C SER N 293 7.81 7.24 -55.31
N ALA N 294 6.85 6.54 -55.94
CA ALA N 294 6.68 5.12 -55.65
C ALA N 294 7.76 4.27 -56.31
N ASP N 295 8.43 4.77 -57.34
CA ASP N 295 9.46 4.01 -58.03
C ASP N 295 10.81 4.16 -57.34
N LYS N 296 10.82 3.96 -56.02
CA LYS N 296 12.03 4.00 -55.19
C LYS N 296 12.85 5.27 -55.38
N THR N 297 12.25 6.34 -55.92
CA THR N 297 12.99 7.54 -56.28
C THR N 297 12.45 8.74 -55.52
N VAL N 298 13.38 9.60 -55.11
CA VAL N 298 13.08 10.93 -54.60
C VAL N 298 13.86 11.92 -55.43
N ALA N 299 13.18 12.97 -55.87
CA ALA N 299 13.80 13.96 -56.76
C ALA N 299 13.44 15.35 -56.27
N LEU N 300 13.95 16.36 -56.98
CA LEU N 300 13.64 17.74 -56.63
C LEU N 300 13.66 18.58 -57.90
N TRP N 301 12.94 19.70 -57.83
CA TRP N 301 12.84 20.65 -58.93
C TRP N 301 12.94 22.07 -58.39
N ASP N 302 12.72 23.03 -59.29
CA ASP N 302 12.79 24.45 -58.97
C ASP N 302 11.52 25.14 -59.44
N LEU N 303 11.16 26.23 -58.75
CA LEU N 303 10.02 27.02 -59.19
C LEU N 303 10.26 27.64 -60.55
N ARG N 304 11.50 28.09 -60.79
CA ARG N 304 11.85 28.66 -62.10
C ARG N 304 12.02 27.57 -63.15
N ASN N 305 12.66 26.46 -62.78
CA ASN N 305 12.99 25.39 -63.71
C ASN N 305 12.11 24.18 -63.41
N LEU N 306 11.09 23.94 -64.24
CA LEU N 306 10.25 22.76 -64.11
C LEU N 306 10.61 21.67 -65.11
N LYS N 307 11.11 22.04 -66.28
CA LYS N 307 11.40 21.05 -67.32
C LYS N 307 12.61 20.20 -66.96
N LEU N 308 13.44 20.67 -66.03
CA LEU N 308 14.73 20.04 -65.75
C LEU N 308 14.74 19.60 -64.29
N LYS N 309 15.09 18.33 -64.06
CA LYS N 309 15.20 17.81 -62.71
C LYS N 309 16.59 18.12 -62.14
N LEU N 310 16.61 18.72 -60.95
CA LEU N 310 17.89 19.11 -60.34
C LEU N 310 18.73 17.89 -59.98
N HIS N 311 18.13 16.94 -59.26
CA HIS N 311 18.83 15.75 -58.81
C HIS N 311 17.81 14.69 -58.44
N SER N 312 18.28 13.45 -58.31
CA SER N 312 17.42 12.33 -57.97
C SER N 312 18.09 11.47 -56.90
N PHE N 313 17.26 10.79 -56.10
CA PHE N 313 17.74 9.89 -55.06
C PHE N 313 17.14 8.51 -55.29
N GLU N 314 17.99 7.48 -55.15
CA GLU N 314 17.59 6.13 -55.55
C GLU N 314 17.96 5.07 -54.49
N SER N 315 18.53 5.48 -53.35
CA SER N 315 18.93 4.51 -52.34
C SER N 315 17.76 3.78 -51.71
N HIS N 316 16.53 4.25 -51.93
CA HIS N 316 15.36 3.54 -51.42
C HIS N 316 15.18 2.22 -52.17
N LYS N 317 14.47 1.30 -51.52
CA LYS N 317 14.29 -0.04 -52.07
C LYS N 317 12.87 -0.32 -52.53
N ASP N 318 11.89 0.49 -52.14
CA ASP N 318 10.49 0.23 -52.45
C ASP N 318 9.75 1.57 -52.41
N GLU N 319 8.42 1.51 -52.38
CA GLU N 319 7.58 2.70 -52.47
C GLU N 319 7.82 3.66 -51.30
N ILE N 320 7.74 4.96 -51.59
CA ILE N 320 7.85 6.02 -50.59
C ILE N 320 6.67 6.96 -50.78
N PHE N 321 6.08 7.40 -49.66
CA PHE N 321 5.07 8.46 -49.72
C PHE N 321 5.18 9.49 -48.61
N GLN N 322 6.31 9.60 -47.93
CA GLN N 322 6.50 10.55 -46.85
C GLN N 322 7.79 11.35 -47.08
N VAL N 323 7.66 12.66 -47.24
CA VAL N 323 8.79 13.56 -47.40
C VAL N 323 8.52 14.84 -46.60
N GLN N 324 9.56 15.36 -45.96
CA GLN N 324 9.46 16.61 -45.22
C GLN N 324 10.85 17.21 -45.08
N TRP N 325 10.89 18.50 -44.77
CA TRP N 325 12.15 19.24 -44.71
C TRP N 325 12.58 19.49 -43.27
N SER N 326 13.84 19.20 -42.98
CA SER N 326 14.34 19.23 -41.62
C SER N 326 14.28 20.65 -41.05
N PRO N 327 14.01 20.79 -39.75
CA PRO N 327 13.94 22.13 -39.17
C PRO N 327 15.32 22.66 -38.85
N HIS N 328 15.48 23.99 -39.02
CA HIS N 328 16.74 24.68 -38.74
C HIS N 328 17.88 24.15 -39.61
N ASN N 329 17.55 23.29 -40.58
CA ASN N 329 18.53 22.68 -41.47
C ASN N 329 17.95 22.71 -42.89
N GLU N 330 18.44 23.64 -43.70
CA GLU N 330 17.96 23.76 -45.07
C GLU N 330 18.57 22.70 -45.98
N THR N 331 19.69 22.10 -45.56
CA THR N 331 20.44 21.17 -46.39
C THR N 331 20.05 19.72 -46.17
N ILE N 332 19.03 19.44 -45.35
CA ILE N 332 18.70 18.08 -44.96
C ILE N 332 17.29 17.74 -45.46
N LEU N 333 17.18 16.63 -46.18
CA LEU N 333 15.89 16.07 -46.57
C LEU N 333 15.89 14.59 -46.22
N ALA N 334 14.76 14.11 -45.70
CA ALA N 334 14.63 12.72 -45.30
C ALA N 334 13.31 12.17 -45.83
N SER N 335 13.28 10.85 -46.02
CA SER N 335 12.08 10.19 -46.50
C SER N 335 12.12 8.74 -46.04
N SER N 336 10.92 8.20 -45.78
CA SER N 336 10.75 6.82 -45.37
C SER N 336 9.58 6.22 -46.13
N GLY N 337 9.66 4.93 -46.41
CA GLY N 337 8.64 4.31 -47.24
C GLY N 337 8.37 2.89 -46.80
N THR N 338 7.73 2.16 -47.71
CA THR N 338 7.30 0.79 -47.42
C THR N 338 8.46 -0.20 -47.37
N ASP N 339 9.66 0.22 -47.76
CA ASP N 339 10.82 -0.66 -47.68
C ASP N 339 11.39 -0.78 -46.27
N ARG N 340 10.70 -0.22 -45.27
CA ARG N 340 11.17 -0.18 -43.88
C ARG N 340 12.55 0.49 -43.78
N ARG N 341 12.81 1.44 -44.68
CA ARG N 341 14.08 2.15 -44.67
C ARG N 341 13.81 3.65 -44.68
N LEU N 342 14.58 4.37 -43.88
CA LEU N 342 14.54 5.83 -43.86
C LEU N 342 15.90 6.35 -44.29
N ASN N 343 15.91 7.19 -45.32
CA ASN N 343 17.14 7.68 -45.91
C ASN N 343 17.24 9.19 -45.71
N VAL N 344 18.38 9.64 -45.22
CA VAL N 344 18.67 11.05 -45.04
C VAL N 344 19.68 11.47 -46.10
N TRP N 345 19.46 12.62 -46.71
CA TRP N 345 20.27 13.09 -47.83
C TRP N 345 20.86 14.47 -47.51
N ASP N 346 22.13 14.64 -47.86
CA ASP N 346 22.83 15.92 -47.69
C ASP N 346 22.87 16.61 -49.05
N LEU N 347 22.16 17.74 -49.16
CA LEU N 347 22.13 18.46 -50.42
C LEU N 347 23.46 19.13 -50.74
N SER N 348 24.22 19.55 -49.74
CA SER N 348 25.52 20.14 -49.98
C SER N 348 26.56 19.13 -50.42
N LYS N 349 26.27 17.84 -50.27
CA LYS N 349 27.21 16.78 -50.61
C LYS N 349 26.89 16.10 -51.94
N ILE N 350 26.01 16.68 -52.75
CA ILE N 350 25.61 16.09 -54.02
C ILE N 350 26.80 16.09 -54.98
N GLY N 351 27.20 14.89 -55.41
CA GLY N 351 28.27 14.77 -56.38
C GLY N 351 29.66 14.99 -55.84
N GLU N 352 29.82 15.12 -54.53
CA GLU N 352 31.13 15.36 -53.94
C GLU N 352 31.99 14.10 -54.02
N GLU N 353 33.28 14.28 -54.24
CA GLU N 353 34.19 13.14 -54.31
C GLU N 353 34.27 12.45 -52.96
N GLN N 354 34.46 11.12 -52.99
CA GLN N 354 34.49 10.33 -51.78
C GLN N 354 35.37 9.11 -52.00
N SER N 355 35.80 8.51 -50.89
CA SER N 355 36.63 7.32 -50.95
C SER N 355 35.83 6.13 -51.47
N PRO N 356 36.52 5.11 -52.02
CA PRO N 356 35.80 3.92 -52.47
C PRO N 356 35.03 3.23 -51.36
N GLU N 357 35.52 3.27 -50.12
CA GLU N 357 34.76 2.73 -49.00
C GLU N 357 33.51 3.54 -48.71
N ASP N 358 33.50 4.83 -49.06
CA ASP N 358 32.28 5.62 -49.00
C ASP N 358 31.33 5.29 -50.14
N ALA N 359 31.87 5.08 -51.34
CA ALA N 359 31.03 4.73 -52.49
C ALA N 359 30.36 3.37 -52.32
N GLU N 360 31.07 2.41 -51.74
CA GLU N 360 30.49 1.09 -51.53
C GLU N 360 29.35 1.10 -50.52
N ASP N 361 29.25 2.15 -49.71
CA ASP N 361 28.16 2.25 -48.74
C ASP N 361 26.99 3.07 -49.29
N GLY N 362 27.28 4.16 -49.99
CA GLY N 362 26.24 4.98 -50.57
C GLY N 362 26.78 6.20 -51.29
N PRO N 363 25.90 6.95 -51.95
CA PRO N 363 26.32 8.17 -52.65
C PRO N 363 26.73 9.24 -51.67
N PRO N 364 27.57 10.19 -52.09
CA PRO N 364 27.99 11.26 -51.16
C PRO N 364 26.83 12.08 -50.64
N GLU N 365 25.81 12.32 -51.47
CA GLU N 365 24.65 13.08 -51.03
C GLU N 365 23.85 12.36 -49.96
N LEU N 366 23.96 11.04 -49.87
CA LEU N 366 23.26 10.27 -48.84
C LEU N 366 23.90 10.57 -47.49
N LEU N 367 23.08 10.99 -46.52
CA LEU N 367 23.61 11.39 -45.23
C LEU N 367 23.53 10.25 -44.23
N PHE N 368 22.33 9.70 -44.02
CA PHE N 368 22.15 8.67 -43.00
C PHE N 368 21.02 7.74 -43.44
N ILE N 369 21.09 6.50 -42.97
CA ILE N 369 20.07 5.49 -43.24
C ILE N 369 19.66 4.86 -41.91
N HIS N 370 18.35 4.77 -41.70
CA HIS N 370 17.80 4.15 -40.50
C HIS N 370 16.68 3.19 -40.88
N GLY N 371 16.77 1.97 -40.35
CA GLY N 371 15.79 0.95 -40.64
C GLY N 371 15.45 0.08 -39.45
N GLY N 372 15.61 0.62 -38.24
CA GLY N 372 15.46 -0.16 -37.03
C GLY N 372 14.03 -0.36 -36.57
N HIS N 373 13.31 -1.24 -37.25
CA HIS N 373 11.91 -1.50 -36.94
C HIS N 373 11.45 -2.75 -37.70
N THR N 374 10.70 -3.60 -37.01
CA THR N 374 10.24 -4.85 -37.61
C THR N 374 9.20 -4.57 -38.70
N ALA N 375 8.11 -3.91 -38.33
CA ALA N 375 7.03 -3.65 -39.27
C ALA N 375 7.25 -2.36 -40.04
N LYS N 376 6.45 -2.18 -41.08
CA LYS N 376 6.63 -1.06 -41.99
C LYS N 376 6.29 0.26 -41.30
N ILE N 377 7.01 1.32 -41.67
CA ILE N 377 6.74 2.67 -41.21
C ILE N 377 6.04 3.44 -42.32
N SER N 378 4.93 4.09 -41.97
CA SER N 378 4.20 4.96 -42.90
C SER N 378 4.21 6.42 -42.49
N ASP N 379 4.95 6.79 -41.44
CA ASP N 379 4.96 8.16 -40.96
C ASP N 379 6.20 8.38 -40.08
N PHE N 380 6.86 9.52 -40.29
CA PHE N 380 7.99 9.92 -39.46
C PHE N 380 7.97 11.43 -39.32
N SER N 381 8.32 11.92 -38.14
CA SER N 381 8.15 13.33 -37.84
C SER N 381 9.13 13.78 -36.77
N TRP N 382 9.80 14.90 -37.01
CA TRP N 382 10.57 15.60 -36.00
C TRP N 382 9.73 16.71 -35.37
N ASN N 383 10.37 17.55 -34.56
CA ASN N 383 9.72 18.67 -33.92
C ASN N 383 10.67 19.85 -33.91
N PRO N 384 10.16 21.08 -33.82
CA PRO N 384 11.03 22.24 -33.67
C PRO N 384 11.81 22.17 -32.36
N ASN N 385 12.88 22.97 -32.29
CA ASN N 385 13.80 22.99 -31.15
C ASN N 385 14.52 21.67 -30.99
N GLU N 386 14.29 20.74 -31.91
CA GLU N 386 14.91 19.42 -31.90
C GLU N 386 15.20 19.00 -33.33
N PRO N 387 16.22 19.59 -33.94
CA PRO N 387 16.48 19.33 -35.37
C PRO N 387 17.02 17.94 -35.66
N TRP N 388 17.47 17.20 -34.65
CA TRP N 388 18.18 15.95 -34.89
C TRP N 388 17.46 14.72 -34.37
N VAL N 389 16.28 14.89 -33.76
CA VAL N 389 15.49 13.76 -33.27
C VAL N 389 14.19 13.69 -34.05
N ILE N 390 13.81 12.48 -34.45
CA ILE N 390 12.64 12.25 -35.29
C ILE N 390 11.84 11.11 -34.71
N CYS N 391 10.52 11.30 -34.59
CA CYS N 391 9.62 10.22 -34.21
C CYS N 391 9.05 9.58 -35.47
N SER N 392 8.81 8.27 -35.38
CA SER N 392 8.32 7.52 -36.51
C SER N 392 7.19 6.61 -36.07
N VAL N 393 6.31 6.27 -37.01
CA VAL N 393 5.15 5.44 -36.74
C VAL N 393 5.30 4.14 -37.52
N SER N 394 5.38 3.02 -36.80
CA SER N 394 5.52 1.72 -37.41
C SER N 394 4.19 0.98 -37.40
N GLU N 395 4.06 0.01 -38.31
CA GLU N 395 2.85 -0.80 -38.37
C GLU N 395 2.69 -1.68 -37.14
N ASP N 396 3.78 -1.92 -36.40
CA ASP N 396 3.75 -2.76 -35.20
C ASP N 396 3.42 -1.95 -33.94
N ASN N 397 2.77 -0.80 -34.10
CA ASN N 397 2.35 0.06 -32.99
C ASN N 397 3.55 0.67 -32.25
N ILE N 398 4.73 0.60 -32.85
CA ILE N 398 5.97 1.00 -32.16
C ILE N 398 6.26 2.45 -32.50
N MET N 399 6.40 3.27 -31.46
CA MET N 399 6.83 4.66 -31.64
C MET N 399 8.33 4.76 -31.39
N GLN N 400 9.07 5.21 -32.40
CA GLN N 400 10.53 5.25 -32.34
C GLN N 400 11.00 6.69 -32.27
N VAL N 401 11.76 7.01 -31.22
CA VAL N 401 12.37 8.32 -31.04
C VAL N 401 13.87 8.11 -30.94
N TRP N 402 14.62 8.78 -31.81
CA TRP N 402 16.05 8.53 -31.92
C TRP N 402 16.75 9.77 -32.46
N GLN N 403 18.02 9.92 -32.07
CA GLN N 403 18.82 11.06 -32.49
C GLN N 403 20.18 10.57 -32.96
N MET N 404 20.61 11.06 -34.12
CA MET N 404 21.86 10.60 -34.71
C MET N 404 23.06 11.25 -34.02
N ALA N 405 24.20 10.56 -34.10
CA ALA N 405 25.43 11.05 -33.48
C ALA N 405 25.89 12.34 -34.17
N GLU N 406 26.51 13.23 -33.39
CA GLU N 406 27.00 14.48 -33.94
C GLU N 406 28.18 14.27 -34.86
N ASN N 407 28.87 13.14 -34.73
CA ASN N 407 30.07 12.88 -35.53
C ASN N 407 29.78 12.87 -37.02
N ILE N 408 28.55 12.53 -37.43
CA ILE N 408 28.20 12.58 -38.85
C ILE N 408 28.20 14.01 -39.37
N TYR N 409 27.72 14.97 -38.57
CA TYR N 409 27.63 16.36 -38.97
C TYR N 409 28.52 17.22 -38.08
N ASN N 410 29.74 16.75 -37.85
CA ASN N 410 30.75 17.45 -37.05
C ASN N 410 30.29 17.62 -35.60
N ASN O 164 19.71 6.04 -11.97
CA ASN O 164 20.96 5.48 -11.46
C ASN O 164 22.16 6.06 -12.19
N LYS O 165 22.92 6.91 -11.49
CA LYS O 165 24.12 7.51 -12.09
C LYS O 165 25.23 6.47 -12.27
N ARG O 166 25.29 5.48 -11.39
CA ARG O 166 26.33 4.45 -11.45
C ARG O 166 25.96 3.27 -12.34
N ARG O 167 24.91 3.39 -13.17
CA ARG O 167 24.45 2.27 -13.97
C ARG O 167 25.52 1.85 -14.97
N LYS O 168 25.81 0.55 -15.02
CA LYS O 168 26.81 -0.01 -15.91
C LYS O 168 26.17 -0.46 -17.22
N LEU O 169 26.92 -1.23 -18.00
CA LEU O 169 26.49 -1.68 -19.31
C LEU O 169 25.30 -2.65 -19.20
N LYS O 170 24.88 -3.13 -20.37
CA LYS O 170 23.64 -3.89 -20.49
C LYS O 170 23.72 -5.30 -19.90
N ASN O 171 24.92 -5.78 -19.54
CA ASN O 171 25.11 -7.18 -19.17
C ASN O 171 24.67 -7.49 -17.74
N LYS O 172 24.04 -6.54 -17.04
CA LYS O 172 23.64 -6.75 -15.64
C LYS O 172 22.27 -7.43 -15.59
N ARG O 173 22.25 -8.72 -15.91
CA ARG O 173 21.01 -9.48 -15.81
C ARG O 173 21.13 -10.67 -14.86
N ARG O 174 22.10 -11.54 -15.09
CA ARG O 174 22.21 -12.79 -14.36
C ARG O 174 23.56 -13.42 -14.63
N ARG O 175 23.81 -14.55 -13.96
CA ARG O 175 24.95 -15.41 -14.29
C ARG O 175 24.52 -16.64 -15.07
N SER O 176 23.29 -17.12 -14.86
CA SER O 176 22.77 -18.27 -15.59
C SER O 176 21.26 -18.17 -15.61
N LEU O 177 20.67 -18.74 -16.66
CA LEU O 177 19.22 -18.73 -16.84
C LEU O 177 18.85 -19.89 -17.75
N PRO O 178 17.60 -20.37 -17.67
CA PRO O 178 17.13 -21.35 -18.65
C PRO O 178 17.05 -20.73 -20.04
N ARG O 179 17.11 -21.60 -21.05
CA ARG O 179 17.09 -21.13 -22.42
C ARG O 179 15.76 -20.46 -22.74
N PRO O 180 15.77 -19.34 -23.47
CA PRO O 180 14.51 -18.68 -23.84
C PRO O 180 13.88 -19.22 -25.11
N HIS O 181 14.36 -20.35 -25.63
CA HIS O 181 13.87 -20.99 -26.85
C HIS O 181 14.24 -20.18 -28.08
N ASP O 182 14.61 -20.87 -29.16
CA ASP O 182 15.06 -20.20 -30.38
C ASP O 182 13.88 -19.96 -31.32
N PHE O 183 13.95 -18.86 -32.05
CA PHE O 183 12.92 -18.51 -33.02
C PHE O 183 13.14 -19.19 -34.37
N PHE O 184 14.34 -19.66 -34.65
CA PHE O 184 14.65 -20.27 -35.93
C PHE O 184 14.26 -21.76 -35.94
N ASP O 185 14.06 -22.29 -37.14
CA ASP O 185 13.62 -23.67 -37.32
C ASP O 185 14.65 -24.42 -38.14
N ALA O 186 14.75 -25.74 -37.89
CA ALA O 186 15.72 -26.56 -38.59
C ALA O 186 15.30 -26.83 -40.03
N GLN O 187 14.00 -27.01 -40.30
CA GLN O 187 13.56 -27.39 -41.64
C GLN O 187 13.81 -26.28 -42.65
N THR O 188 13.64 -25.02 -42.24
CA THR O 188 13.88 -23.91 -43.16
C THR O 188 15.37 -23.75 -43.44
N LEU O 189 16.22 -24.20 -42.52
CA LEU O 189 17.66 -24.15 -42.75
C LEU O 189 18.08 -25.05 -43.90
N ASP O 190 17.49 -26.25 -43.97
CA ASP O 190 17.77 -27.16 -45.08
C ASP O 190 17.30 -26.57 -46.40
N ALA O 191 16.12 -25.96 -46.41
CA ALA O 191 15.61 -25.35 -47.63
C ALA O 191 16.51 -24.20 -48.08
N ILE O 192 16.95 -23.37 -47.13
CA ILE O 192 17.86 -22.27 -47.47
C ILE O 192 19.19 -22.82 -47.97
N ARG O 193 19.68 -23.89 -47.34
CA ARG O 193 20.94 -24.50 -47.76
C ARG O 193 20.85 -24.97 -49.20
N HIS O 194 19.82 -25.76 -49.52
CA HIS O 194 19.66 -26.23 -50.89
C HIS O 194 19.35 -25.09 -51.85
N ARG O 195 18.63 -24.07 -51.38
CA ARG O 195 18.43 -22.87 -52.19
C ARG O 195 19.76 -22.18 -52.47
N ALA O 196 20.63 -22.12 -51.46
CA ALA O 196 21.95 -21.52 -51.66
C ALA O 196 22.86 -22.44 -52.46
N ILE O 197 22.67 -23.75 -52.36
CA ILE O 197 23.51 -24.70 -53.11
C ILE O 197 23.32 -24.50 -54.61
N CYS O 198 22.07 -24.48 -55.07
CA CYS O 198 21.80 -24.22 -56.48
C CYS O 198 22.15 -22.78 -56.85
N PHE O 199 22.00 -21.85 -55.90
CA PHE O 199 22.42 -20.47 -56.13
C PHE O 199 23.92 -20.40 -56.35
N ASN O 200 24.68 -21.16 -55.57
CA ASN O 200 26.14 -21.19 -55.73
C ASN O 200 26.53 -21.89 -57.03
N LEU O 201 25.72 -22.84 -57.49
CA LEU O 201 26.04 -23.53 -58.73
C LEU O 201 25.95 -22.62 -59.94
N SER O 202 25.18 -21.53 -59.85
CA SER O 202 25.06 -20.58 -60.95
C SER O 202 25.76 -19.26 -60.70
N ALA O 203 26.06 -18.92 -59.45
CA ALA O 203 26.74 -17.68 -59.11
C ALA O 203 28.13 -17.86 -58.53
N HIS O 204 28.41 -18.97 -57.86
CA HIS O 204 29.73 -19.28 -57.32
C HIS O 204 30.23 -18.19 -56.38
N ILE O 205 29.33 -17.69 -55.52
CA ILE O 205 29.71 -16.68 -54.54
C ILE O 205 30.69 -17.28 -53.53
N GLU O 206 30.34 -18.45 -52.99
CA GLU O 206 31.16 -19.06 -51.94
C GLU O 206 32.44 -19.69 -52.50
N SER O 207 32.43 -20.13 -53.75
CA SER O 207 33.57 -20.81 -54.34
C SER O 207 34.51 -19.87 -55.08
N LEU O 208 34.00 -19.16 -56.10
CA LEU O 208 34.83 -18.30 -56.92
C LEU O 208 34.85 -16.85 -56.45
N GLY O 209 33.73 -16.33 -55.96
CA GLY O 209 33.68 -14.96 -55.47
C GLY O 209 34.13 -14.76 -54.05
N LYS O 210 34.54 -15.84 -53.36
CA LYS O 210 35.00 -15.76 -51.97
C LYS O 210 33.93 -15.18 -51.05
N GLY O 211 32.66 -15.38 -51.39
CA GLY O 211 31.55 -14.91 -50.58
C GLY O 211 31.18 -13.47 -50.77
N HIS O 212 31.86 -12.74 -51.65
CA HIS O 212 31.59 -11.32 -51.85
C HIS O 212 31.62 -10.91 -53.32
N SER O 213 31.60 -11.86 -54.25
CA SER O 213 31.68 -11.53 -55.67
C SER O 213 31.00 -12.62 -56.47
N VAL O 214 30.66 -12.30 -57.71
CA VAL O 214 30.00 -13.22 -58.63
C VAL O 214 30.75 -13.22 -59.96
N VAL O 215 30.91 -14.39 -60.54
CA VAL O 215 31.59 -14.54 -61.81
C VAL O 215 30.55 -14.59 -62.93
N PHE O 216 30.86 -13.95 -64.06
CA PHE O 216 29.98 -13.90 -65.22
C PHE O 216 30.73 -14.52 -66.40
N HIS O 217 30.18 -15.59 -66.96
CA HIS O 217 30.79 -16.27 -68.10
C HIS O 217 30.21 -15.69 -69.39
N SER O 218 31.08 -15.13 -70.23
CA SER O 218 30.63 -14.39 -71.40
C SER O 218 30.08 -15.31 -72.48
N THR O 219 29.15 -14.77 -73.28
CA THR O 219 28.58 -15.45 -74.43
C THR O 219 28.14 -14.39 -75.43
N VAL O 220 28.37 -14.67 -76.71
CA VAL O 220 28.08 -13.72 -77.78
C VAL O 220 26.74 -14.08 -78.40
N ILE O 221 25.81 -13.12 -78.41
CA ILE O 221 24.51 -13.33 -79.02
C ILE O 221 24.55 -12.97 -80.50
N ALA O 222 25.13 -11.83 -80.84
CA ALA O 222 25.17 -11.35 -82.21
C ALA O 222 26.51 -10.69 -82.49
N LYS O 223 26.92 -10.74 -83.76
CA LYS O 223 28.14 -10.09 -84.21
C LYS O 223 27.78 -8.90 -85.09
N ARG O 224 28.38 -7.75 -84.81
CA ARG O 224 28.07 -6.52 -85.50
C ARG O 224 29.30 -5.98 -86.21
N LYS O 225 29.12 -5.58 -87.47
CA LYS O 225 30.19 -5.02 -88.28
C LYS O 225 29.78 -3.65 -88.76
N GLU O 226 30.73 -2.71 -88.72
CA GLU O 226 30.47 -1.34 -89.14
C GLU O 226 30.98 -1.12 -90.56
N ASP O 227 30.88 0.12 -91.03
CA ASP O 227 31.49 0.48 -92.31
C ASP O 227 33.02 0.39 -92.22
N SER O 228 33.58 0.73 -91.07
CA SER O 228 35.00 0.60 -90.82
C SER O 228 35.32 -0.78 -90.24
N GLY O 229 36.53 -0.93 -89.73
CA GLY O 229 36.96 -2.21 -89.18
C GLY O 229 36.42 -2.47 -87.79
N LYS O 230 35.53 -1.61 -87.31
CA LYS O 230 34.92 -1.76 -85.99
C LYS O 230 33.98 -2.96 -86.02
N ILE O 231 34.41 -4.05 -85.40
CA ILE O 231 33.59 -5.25 -85.25
C ILE O 231 33.20 -5.35 -83.78
N LYS O 232 31.89 -5.40 -83.52
CA LYS O 232 31.38 -5.37 -82.16
C LYS O 232 30.51 -6.60 -81.90
N LEU O 233 30.56 -7.07 -80.65
CA LEU O 233 29.84 -8.26 -80.23
C LEU O 233 28.95 -7.92 -79.05
N LEU O 234 27.71 -8.42 -79.06
CA LEU O 234 26.77 -8.19 -77.98
C LEU O 234 26.97 -9.28 -76.93
N LEU O 235 27.55 -8.90 -75.80
CA LEU O 235 27.88 -9.88 -74.76
C LEU O 235 26.64 -10.33 -74.00
N HIS O 236 26.62 -11.60 -73.64
CA HIS O 236 25.64 -12.17 -72.73
C HIS O 236 26.38 -13.06 -71.74
N TRP O 237 25.77 -13.25 -70.57
CA TRP O 237 26.42 -14.01 -69.51
C TRP O 237 25.47 -15.09 -69.01
N MET O 238 26.06 -16.18 -68.52
CA MET O 238 25.37 -17.43 -68.14
C MET O 238 24.23 -17.27 -67.13
N PRO O 239 24.39 -16.50 -66.05
CA PRO O 239 23.35 -16.52 -64.99
C PRO O 239 21.96 -16.07 -65.46
N GLU O 240 21.88 -15.24 -66.50
CA GLU O 240 20.62 -14.79 -67.09
C GLU O 240 19.81 -13.87 -66.18
N ASP O 241 20.30 -13.64 -64.96
CA ASP O 241 19.84 -12.52 -64.14
C ASP O 241 20.84 -11.38 -64.16
N ILE O 242 21.65 -11.33 -65.21
CA ILE O 242 22.77 -10.43 -65.41
C ILE O 242 22.32 -9.02 -65.76
N LEU O 243 23.28 -8.09 -65.78
CA LEU O 243 23.10 -6.76 -66.35
C LEU O 243 22.69 -6.90 -67.81
N PRO O 244 22.04 -5.89 -68.40
CA PRO O 244 21.59 -6.03 -69.80
C PRO O 244 22.76 -6.19 -70.75
N ASP O 245 22.48 -6.86 -71.87
CA ASP O 245 23.51 -7.15 -72.87
C ASP O 245 24.12 -5.86 -73.41
N VAL O 246 25.43 -5.86 -73.57
CA VAL O 246 26.18 -4.69 -74.01
C VAL O 246 27.04 -5.07 -75.19
N TRP O 247 27.41 -4.08 -76.00
CA TRP O 247 28.22 -4.32 -77.19
C TRP O 247 29.68 -4.03 -76.90
N VAL O 248 30.55 -4.98 -77.22
CA VAL O 248 31.99 -4.83 -77.06
C VAL O 248 32.65 -5.24 -78.36
N ASN O 249 33.87 -4.73 -78.58
CA ASN O 249 34.61 -5.05 -79.78
C ASN O 249 35.26 -6.43 -79.67
N GLU O 250 35.73 -6.93 -80.82
CA GLU O 250 36.41 -8.22 -80.83
C GLU O 250 37.69 -8.19 -80.02
N SER O 251 38.35 -7.03 -79.93
CA SER O 251 39.52 -6.90 -79.08
C SER O 251 39.19 -7.10 -77.61
N GLU O 252 37.94 -6.85 -77.20
CA GLU O 252 37.51 -7.09 -75.83
C GLU O 252 37.12 -8.54 -75.59
N ARG O 253 36.97 -9.34 -76.64
CA ARG O 253 36.72 -10.76 -76.49
C ARG O 253 37.98 -11.46 -75.99
N HIS O 254 37.78 -12.56 -75.26
CA HIS O 254 38.83 -13.31 -74.57
C HIS O 254 39.43 -12.51 -73.42
N GLN O 255 38.95 -11.29 -73.23
CA GLN O 255 39.38 -10.50 -72.07
C GLN O 255 38.26 -10.39 -71.04
N LEU O 256 37.03 -10.22 -71.51
CA LEU O 256 35.86 -10.22 -70.65
C LEU O 256 35.15 -11.57 -70.62
N LYS O 257 35.88 -12.67 -70.87
CA LYS O 257 35.26 -13.99 -70.85
C LYS O 257 34.77 -14.35 -69.46
N THR O 258 35.50 -13.93 -68.42
CA THR O 258 35.14 -14.19 -67.03
C THR O 258 35.15 -12.85 -66.28
N LYS O 259 33.98 -12.25 -66.15
CA LYS O 259 33.87 -10.97 -65.46
C LYS O 259 33.38 -11.18 -64.03
N VAL O 260 34.04 -10.50 -63.09
CA VAL O 260 33.72 -10.59 -61.67
C VAL O 260 33.24 -9.21 -61.21
N VAL O 261 32.06 -9.17 -60.60
CA VAL O 261 31.43 -7.93 -60.17
C VAL O 261 31.12 -8.04 -58.68
N HIS O 262 31.46 -7.00 -57.93
CA HIS O 262 31.19 -6.96 -56.51
C HIS O 262 29.69 -6.80 -56.25
N LEU O 263 29.28 -7.12 -55.03
CA LEU O 263 27.86 -7.07 -54.68
C LEU O 263 27.34 -5.63 -54.72
N SER O 264 28.13 -4.67 -54.24
CA SER O 264 27.69 -3.28 -54.21
C SER O 264 27.51 -2.70 -55.60
N LYS O 265 28.15 -3.28 -56.62
CA LYS O 265 28.05 -2.76 -57.98
C LYS O 265 26.86 -3.35 -58.74
N LEU O 266 26.14 -4.30 -58.15
CA LEU O 266 25.04 -4.94 -58.85
C LEU O 266 23.91 -3.94 -59.09
N PRO O 267 23.17 -4.08 -60.20
CA PRO O 267 22.04 -3.18 -60.45
C PRO O 267 20.92 -3.38 -59.45
N LYS O 268 20.04 -2.38 -59.39
CA LYS O 268 18.94 -2.40 -58.43
C LYS O 268 17.99 -3.55 -58.69
N ASP O 269 17.66 -3.82 -59.95
CA ASP O 269 16.67 -4.84 -60.28
C ASP O 269 17.22 -6.25 -60.05
N THR O 270 18.53 -6.42 -60.17
CA THR O 270 19.12 -7.75 -60.03
C THR O 270 19.02 -8.28 -58.60
N ALA O 271 18.73 -7.40 -57.64
CA ALA O 271 18.61 -7.84 -56.25
C ALA O 271 17.47 -8.85 -56.09
N LEU O 272 16.33 -8.61 -56.73
CA LEU O 272 15.22 -9.55 -56.65
C LEU O 272 15.46 -10.76 -57.54
N LEU O 273 16.23 -10.61 -58.62
CA LEU O 273 16.41 -11.70 -59.58
C LEU O 273 17.25 -12.84 -59.01
N LEU O 274 18.32 -12.52 -58.29
CA LEU O 274 19.16 -13.58 -57.73
C LEU O 274 18.42 -14.37 -56.66
N ASP O 275 17.72 -13.67 -55.75
CA ASP O 275 16.98 -14.34 -54.70
C ASP O 275 15.86 -13.43 -54.19
N PRO O 276 14.60 -13.87 -54.27
CA PRO O 276 13.51 -13.06 -53.71
C PRO O 276 13.64 -12.79 -52.22
N ASN O 277 14.22 -13.73 -51.47
CA ASN O 277 14.37 -13.60 -50.03
C ASN O 277 15.31 -12.49 -49.61
N ILE O 278 16.08 -11.92 -50.55
CA ILE O 278 16.90 -10.76 -50.22
C ILE O 278 16.03 -9.59 -49.78
N TYR O 279 14.85 -9.43 -50.39
CA TYR O 279 13.87 -8.45 -49.92
C TYR O 279 12.49 -8.90 -50.38
N ARG O 280 11.63 -9.23 -49.43
CA ARG O 280 10.25 -9.57 -49.72
C ARG O 280 9.36 -8.39 -49.34
N THR O 281 8.57 -7.91 -50.29
CA THR O 281 7.61 -6.83 -50.04
C THR O 281 6.39 -7.45 -49.38
N MET O 282 6.39 -7.47 -48.05
CA MET O 282 5.42 -8.20 -47.24
C MET O 282 3.94 -7.85 -47.50
N PRO O 283 3.58 -6.66 -48.00
CA PRO O 283 2.19 -6.51 -48.46
C PRO O 283 1.83 -7.50 -49.56
N GLN O 284 2.70 -7.68 -50.56
CA GLN O 284 2.54 -8.65 -51.63
C GLN O 284 1.34 -8.32 -52.52
N LYS O 285 0.60 -7.26 -52.17
CA LYS O 285 -0.63 -6.89 -52.85
C LYS O 285 -1.15 -5.61 -52.21
N ARG O 286 -2.22 -5.08 -52.79
CA ARG O 286 -2.85 -3.86 -52.27
C ARG O 286 -4.02 -4.23 -51.36
N LEU O 287 -3.68 -4.89 -50.25
CA LEU O 287 -4.68 -5.12 -49.21
C LEU O 287 -5.12 -3.81 -48.58
N LYS O 288 -4.18 -2.90 -48.36
CA LYS O 288 -4.44 -1.59 -47.77
C LYS O 288 -3.20 -0.73 -47.95
N ARG O 289 -3.22 0.47 -47.39
CA ARG O 289 -2.07 1.36 -47.44
C ARG O 289 -1.41 1.49 -46.08
#